data_8YEO
#
_entry.id   8YEO
#
_cell.length_a   1.00
_cell.length_b   1.00
_cell.length_c   1.00
_cell.angle_alpha   90.00
_cell.angle_beta   90.00
_cell.angle_gamma   90.00
#
_symmetry.space_group_name_H-M   'P 1'
#
loop_
_entity.id
_entity.type
_entity.pdbx_description
1 polymer Cas5f
2 polymer 'Cas8f fusion with HNH'
3 polymer Cas6f
4 polymer Cas7f
5 polymer '60-nt crRNA'
6 polymer TS
7 polymer NTS
#
loop_
_entity_poly.entity_id
_entity_poly.type
_entity_poly.pdbx_seq_one_letter_code
_entity_poly.pdbx_strand_id
1 'polypeptide(L)'
;MMKGYILLEKVNIENANAFNNIIVGIPAITSFLGFARALERKLNAKEIAIRINGVGLEFHEYELKGYKNKRGQYVTSCPL
PGSIPGQNEKKLDAHIMNQAYIDLNMSFLLEVEGPHVDMSTCKSIKSTMETLRIAGGIIRNYKKIRLIDTLADIPYGYFL
TLRQDNLNDAAGDDMLDKMIHALQQEDTLVPIAVGFKALSEVGHVEGQRDPEKDHCFVESIFSLGGFECSKILEDINSCL
WRYKTEEGLYLCTII
;
A
2 'polypeptide(L)'
;MLRNKILAAISQKIPEEQKINKYIEGLFQSIDKNHLATHVAKFTETNSPGNIGAYDILSSDMNCGYLDTANAGWKEPDIV
TNDAKYKRPQGFVAMEMSDGRTVMEHLQEDSAELRHEMEELTDKYDEIRDGILNMPSMQPYRTNQFIKQVFFPVGGSYHL
LSILPSTVLNYEVSDRLYRSKIPKIRLRLLSSNAASTTGSRLVSKNKWPLVFQALPPKFLEKNLAKALDKEYLLPDINID
ELEGVDNGCLIDEALLPLIIDEGKRKGEGNYRPRHLRDERKEETVQAFLDKYGYCNIPVGYEVHHIVPLSQGGADSIKNM
IMLSIEHHERVTEAHASYFKWRNT
;
J
3 'polypeptide(L)'
;MFSQILIIKPGTGISPNIIISEDIFPVLHSLFVEHDKKFGITFPAYSFDKKGHLGNIIEVLSEDKEALASLCLEEHLAEV
TDYVKVKKEITFTDDYVLFKRIREENQYETTARRMRKRGHTELGRPLEMHIKKKNQQIFCHAYIKVKSASTGQSYNIFLA
PTDIKHGSFSAYGLLRGDTHA
;
B
4 'polypeptide(L)'
;MAANKKATNVTLKSRPENLSFARCLNTTEAKFWQTDFLKRHTFKLPLLITDKAVLASKGHEMPPDKLEKEIMDPNPQKSQ
SCTLSTECDTLRIDFGIKVLPVKESMYSCSDYNYRTAIYQKIDEYIAEDGFLTLAKRYVNNIANARFLWRNRKGAEIIET
IVTIEDKEYPSFNSKSFNLDTFVEDNATINEIAQQIADTFAGKREYLNIYVTCFVKIGCAMEVYPSQEMTFDDDDKGKKL
FKFEGSAGMHSQKINNALRTIDTWYPDYTTYEFPIPVENYGAARSIGIPFRPDTKSFYKLIDRMILKNEDLPIEDKHYVM
AILIRGGMFSKKQEK
;
I,D,E,F,G,H
5 'polyribonucleotide' UUUAGAAGGAGAAGUCAUUUAAUAAGGCCACUGUUAAAAAGUGUACCGCCGGAUAGGCGG C
6 'polydeoxyribonucleotide/polyribonucleotide hybrid'
;(DG)(DC)(DC)(DA)(DA)(DG)(DC)(DT)(DT)(DT)(DT)(DT)AACAG(DT)GGCC(DT)(DT)A(DT)(DT)AA
A(DT)GAC(DT)(DT)C(DT)CCGC(DT)AA(DT)AC
;
T
7 'polydeoxyribonucleotide/polyribonucleotide hybrid' G(DT)A(DT)(DT)AGCGGA N
#
loop_
_chem_comp.id
_chem_comp.type
_chem_comp.name
_chem_comp.formula
A RNA linking ADENOSINE-5'-MONOPHOSPHATE 'C10 H14 N5 O7 P'
C RNA linking CYTIDINE-5'-MONOPHOSPHATE 'C9 H14 N3 O8 P'
DA DNA linking 2'-DEOXYADENOSINE-5'-MONOPHOSPHATE 'C10 H14 N5 O6 P'
DC DNA linking 2'-DEOXYCYTIDINE-5'-MONOPHOSPHATE 'C9 H14 N3 O7 P'
DG DNA linking 2'-DEOXYGUANOSINE-5'-MONOPHOSPHATE 'C10 H14 N5 O7 P'
DT DNA linking THYMIDINE-5'-MONOPHOSPHATE 'C10 H15 N2 O8 P'
G RNA linking GUANOSINE-5'-MONOPHOSPHATE 'C10 H14 N5 O8 P'
U RNA linking URIDINE-5'-MONOPHOSPHATE 'C9 H13 N2 O9 P'
#
# COMPACT_ATOMS: atom_id res chain seq x y z
N MET A 1 -5.67 55.40 -2.32
CA MET A 1 -4.75 54.99 -3.38
C MET A 1 -3.84 53.85 -2.92
N MET A 2 -4.28 53.14 -1.88
CA MET A 2 -3.48 52.04 -1.36
C MET A 2 -3.45 50.87 -2.34
N LYS A 3 -2.33 50.17 -2.35
CA LYS A 3 -2.12 49.03 -3.24
C LYS A 3 -1.93 47.78 -2.40
N GLY A 4 -2.79 46.79 -2.60
CA GLY A 4 -2.68 45.50 -1.94
C GLY A 4 -2.76 44.37 -2.94
N TYR A 5 -3.09 43.17 -2.49
CA TYR A 5 -3.23 42.04 -3.40
C TYR A 5 -4.55 41.32 -3.13
N ILE A 6 -5.21 40.90 -4.20
CA ILE A 6 -6.47 40.17 -4.11
C ILE A 6 -6.29 38.81 -4.75
N LEU A 7 -6.62 37.76 -4.02
CA LEU A 7 -6.44 36.38 -4.48
C LEU A 7 -7.80 35.76 -4.73
N LEU A 8 -8.05 35.35 -5.97
CA LEU A 8 -9.18 34.52 -6.31
C LEU A 8 -8.70 33.07 -6.24
N GLU A 9 -9.21 32.32 -5.27
CA GLU A 9 -8.67 31.01 -4.94
C GLU A 9 -9.50 29.90 -5.59
N LYS A 10 -8.81 28.97 -6.26
CA LYS A 10 -9.34 27.69 -6.70
C LYS A 10 -10.59 27.86 -7.57
N VAL A 11 -10.39 28.52 -8.70
CA VAL A 11 -11.45 28.70 -9.69
C VAL A 11 -11.39 27.54 -10.66
N ASN A 12 -12.54 26.88 -10.88
CA ASN A 12 -12.64 25.75 -11.79
C ASN A 12 -13.22 26.24 -13.11
N ILE A 13 -12.48 26.02 -14.19
CA ILE A 13 -12.90 26.41 -15.54
C ILE A 13 -12.91 25.16 -16.41
N GLU A 14 -13.97 24.97 -17.17
CA GLU A 14 -14.07 23.86 -18.10
C GLU A 14 -14.30 24.35 -19.52
N ASN A 15 -13.85 23.54 -20.47
CA ASN A 15 -13.97 23.82 -21.92
C ASN A 15 -13.29 25.13 -22.31
N ALA A 16 -12.21 25.48 -21.63
CA ALA A 16 -11.40 26.62 -22.03
C ALA A 16 -10.68 26.30 -23.34
N ASN A 17 -10.54 27.32 -24.18
CA ASN A 17 -9.91 27.14 -25.49
C ASN A 17 -8.44 26.81 -25.31
N ALA A 18 -8.03 25.64 -25.81
CA ALA A 18 -6.67 25.12 -25.60
C ALA A 18 -5.89 25.03 -26.91
N PHE A 19 -6.29 25.79 -27.93
CA PHE A 19 -5.67 25.70 -29.23
C PHE A 19 -5.01 27.02 -29.60
N ASN A 20 -3.94 26.93 -30.38
CA ASN A 20 -3.24 28.09 -30.93
C ASN A 20 -2.84 27.72 -32.34
N ASN A 21 -1.94 28.50 -32.94
CA ASN A 21 -1.46 28.15 -34.28
C ASN A 21 -0.67 26.85 -34.25
N ILE A 22 0.33 26.75 -33.37
CA ILE A 22 1.09 25.51 -33.21
C ILE A 22 1.25 25.11 -31.74
N ILE A 23 0.34 25.57 -30.89
CA ILE A 23 0.37 25.25 -29.46
C ILE A 23 -0.96 24.62 -29.06
N VAL A 24 -0.89 23.47 -28.38
CA VAL A 24 -2.04 22.81 -27.80
C VAL A 24 -1.78 22.64 -26.30
N GLY A 25 -2.74 23.07 -25.48
CA GLY A 25 -2.58 22.95 -24.05
C GLY A 25 -2.94 24.20 -23.27
N ILE A 26 -1.95 24.79 -22.60
CA ILE A 26 -2.19 25.98 -21.78
C ILE A 26 -2.63 27.13 -22.67
N PRO A 27 -3.71 27.83 -22.34
CA PRO A 27 -4.15 28.95 -23.17
C PRO A 27 -3.18 30.11 -23.10
N ALA A 28 -3.32 31.01 -24.07
CA ALA A 28 -2.44 32.18 -24.15
C ALA A 28 -2.66 33.10 -22.96
N ILE A 29 -1.57 33.76 -22.54
CA ILE A 29 -1.63 34.69 -21.42
C ILE A 29 -2.50 35.89 -21.77
N THR A 30 -2.60 36.22 -23.06
CA THR A 30 -3.46 37.32 -23.49
C THR A 30 -4.91 37.08 -23.12
N SER A 31 -5.35 35.81 -23.09
CA SER A 31 -6.71 35.52 -22.66
C SER A 31 -6.93 35.87 -21.20
N PHE A 32 -5.97 35.53 -20.33
CA PHE A 32 -6.10 35.87 -18.92
C PHE A 32 -6.02 37.37 -18.69
N LEU A 33 -5.13 38.06 -19.41
CA LEU A 33 -5.06 39.51 -19.30
C LEU A 33 -6.35 40.18 -19.81
N GLY A 34 -6.93 39.64 -20.88
CA GLY A 34 -8.21 40.15 -21.35
C GLY A 34 -9.33 39.90 -20.37
N PHE A 35 -9.30 38.75 -19.69
CA PHE A 35 -10.27 38.49 -18.63
C PHE A 35 -10.13 39.50 -17.49
N ALA A 36 -8.88 39.81 -17.11
CA ALA A 36 -8.65 40.81 -16.07
C ALA A 36 -9.15 42.18 -16.50
N ARG A 37 -8.89 42.56 -17.76
CA ARG A 37 -9.33 43.86 -18.25
C ARG A 37 -10.85 43.94 -18.36
N ALA A 38 -11.49 42.84 -18.76
CA ALA A 38 -12.95 42.81 -18.80
C ALA A 38 -13.54 42.93 -17.41
N LEU A 39 -12.91 42.28 -16.43
CA LEU A 39 -13.34 42.43 -15.03
C LEU A 39 -13.18 43.87 -14.57
N GLU A 40 -12.06 44.51 -14.95
CA GLU A 40 -11.84 45.91 -14.60
C GLU A 40 -12.89 46.81 -15.23
N ARG A 41 -13.24 46.57 -16.50
CA ARG A 41 -14.25 47.37 -17.17
C ARG A 41 -15.62 47.19 -16.53
N LYS A 42 -15.98 45.94 -16.20
CA LYS A 42 -17.26 45.68 -15.56
C LYS A 42 -17.33 46.31 -14.17
N LEU A 43 -16.21 46.34 -13.45
CA LEU A 43 -16.20 47.00 -12.15
C LEU A 43 -16.30 48.51 -12.28
N ASN A 44 -15.55 49.09 -13.23
CA ASN A 44 -15.57 50.53 -13.42
C ASN A 44 -16.90 51.02 -13.99
N ALA A 45 -17.66 50.14 -14.63
CA ALA A 45 -19.04 50.49 -14.99
C ALA A 45 -19.95 50.54 -13.77
N LYS A 46 -19.51 50.02 -12.63
CA LYS A 46 -20.27 50.04 -11.38
C LYS A 46 -19.78 51.10 -10.41
N GLU A 47 -19.05 52.11 -10.91
CA GLU A 47 -18.55 53.25 -10.12
C GLU A 47 -17.65 52.79 -8.97
N ILE A 48 -16.75 51.85 -9.26
CA ILE A 48 -15.75 51.45 -8.27
C ILE A 48 -14.45 52.21 -8.47
N ALA A 49 -14.09 52.47 -9.73
CA ALA A 49 -12.96 53.33 -10.12
C ALA A 49 -11.64 52.79 -9.57
N ILE A 50 -11.33 51.55 -9.95
CA ILE A 50 -10.04 50.94 -9.65
C ILE A 50 -9.50 50.32 -10.94
N ARG A 51 -8.18 50.13 -10.96
CA ARG A 51 -7.50 49.57 -12.12
C ARG A 51 -6.56 48.45 -11.68
N ILE A 52 -6.32 47.52 -12.59
CA ILE A 52 -5.51 46.33 -12.31
C ILE A 52 -4.12 46.54 -12.90
N ASN A 53 -3.09 46.26 -12.10
CA ASN A 53 -1.71 46.45 -12.53
C ASN A 53 -1.11 45.17 -13.11
N GLY A 54 -1.07 44.12 -12.33
CA GLY A 54 -0.43 42.88 -12.76
C GLY A 54 -1.27 41.68 -12.39
N VAL A 55 -1.12 40.62 -13.19
CA VAL A 55 -1.85 39.38 -13.00
C VAL A 55 -0.86 38.25 -12.80
N GLY A 56 -1.08 37.44 -11.76
CA GLY A 56 -0.28 36.26 -11.52
C GLY A 56 -1.13 35.00 -11.55
N LEU A 57 -0.66 33.98 -12.26
CA LEU A 57 -1.41 32.76 -12.49
C LEU A 57 -0.80 31.63 -11.68
N GLU A 58 -1.64 30.86 -10.99
CA GLU A 58 -1.17 29.74 -10.19
C GLU A 58 -1.95 28.49 -10.59
N PHE A 59 -1.27 27.58 -11.28
CA PHE A 59 -1.88 26.34 -11.74
C PHE A 59 -1.89 25.30 -10.61
N HIS A 60 -3.03 24.65 -10.42
CA HIS A 60 -3.13 23.54 -9.47
C HIS A 60 -3.48 22.23 -10.16
N GLU A 61 -4.58 22.18 -10.90
CA GLU A 61 -5.00 20.97 -11.59
C GLU A 61 -5.30 21.29 -13.05
N TYR A 62 -5.12 20.29 -13.90
CA TYR A 62 -5.44 20.43 -15.32
C TYR A 62 -5.81 19.08 -15.89
N GLU A 63 -6.55 19.11 -17.00
CA GLU A 63 -6.95 17.89 -17.68
C GLU A 63 -7.24 18.25 -19.13
N LEU A 64 -6.78 17.41 -20.06
CA LEU A 64 -6.99 17.65 -21.48
C LEU A 64 -8.20 16.85 -21.95
N LYS A 65 -9.10 17.51 -22.67
CA LYS A 65 -10.33 16.88 -23.14
C LYS A 65 -9.96 15.87 -24.23
N GLY A 66 -9.89 14.61 -23.85
CA GLY A 66 -9.45 13.54 -24.74
C GLY A 66 -9.06 12.32 -23.93
N TYR A 67 -8.10 11.58 -24.48
CA TYR A 67 -7.62 10.39 -23.79
C TYR A 67 -6.19 10.10 -24.20
N LYS A 68 -5.46 9.43 -23.31
CA LYS A 68 -4.09 9.05 -23.59
C LYS A 68 -4.06 7.76 -24.40
N ASN A 69 -3.18 7.72 -25.40
CA ASN A 69 -3.05 6.55 -26.26
C ASN A 69 -2.37 5.41 -25.49
N LYS A 70 -2.38 4.24 -26.11
CA LYS A 70 -1.68 3.09 -25.52
C LYS A 70 -0.18 3.34 -25.47
N ARG A 71 0.38 3.95 -26.51
CA ARG A 71 1.80 4.28 -26.51
C ARG A 71 2.11 5.41 -25.53
N GLY A 72 1.20 6.37 -25.40
CA GLY A 72 1.38 7.42 -24.42
C GLY A 72 0.92 8.81 -24.83
N GLN A 73 0.76 9.03 -26.14
CA GLN A 73 0.38 10.35 -26.64
C GLN A 73 -1.09 10.64 -26.33
N TYR A 74 -1.45 11.92 -26.45
CA TYR A 74 -2.81 12.38 -26.22
C TYR A 74 -3.56 12.47 -27.54
N VAL A 75 -4.83 12.07 -27.51
CA VAL A 75 -5.75 12.25 -28.64
C VAL A 75 -6.94 13.05 -28.11
N THR A 76 -7.21 14.18 -28.73
CA THR A 76 -8.19 15.12 -28.24
C THR A 76 -9.57 14.85 -28.83
N SER A 77 -10.59 15.32 -28.13
CA SER A 77 -11.97 15.20 -28.56
C SER A 77 -12.51 16.57 -28.97
N CYS A 78 -13.75 16.57 -29.45
CA CYS A 78 -14.40 17.79 -29.90
C CYS A 78 -15.91 17.59 -29.84
N PRO A 79 -16.68 18.64 -29.57
CA PRO A 79 -18.13 18.51 -29.63
C PRO A 79 -18.63 18.36 -31.07
N LEU A 80 -19.81 17.79 -31.20
CA LEU A 80 -20.44 17.65 -32.50
C LEU A 80 -20.82 19.03 -33.02
N PRO A 81 -20.31 19.46 -34.17
CA PRO A 81 -20.61 20.81 -34.65
C PRO A 81 -22.08 21.01 -34.96
N GLY A 82 -22.55 22.23 -34.69
CA GLY A 82 -23.95 22.57 -34.91
C GLY A 82 -24.21 23.06 -36.32
N SER A 83 -24.80 24.25 -36.44
CA SER A 83 -25.13 24.85 -37.73
C SER A 83 -24.19 26.02 -37.96
N ILE A 84 -23.21 25.84 -38.82
CA ILE A 84 -22.25 26.91 -39.12
C ILE A 84 -22.92 27.94 -40.02
N PRO A 85 -22.87 29.23 -39.68
CA PRO A 85 -23.49 30.24 -40.54
C PRO A 85 -22.76 30.38 -41.87
N GLY A 86 -23.50 30.83 -42.87
CA GLY A 86 -22.96 31.00 -44.21
C GLY A 86 -23.60 30.05 -45.21
N GLN A 87 -22.78 29.33 -45.96
CA GLN A 87 -23.29 28.31 -46.86
C GLN A 87 -23.58 27.02 -46.08
N ASN A 88 -24.50 26.22 -46.61
CA ASN A 88 -24.89 24.93 -46.02
C ASN A 88 -25.42 25.10 -44.60
N GLU A 89 -26.22 26.15 -44.38
CA GLU A 89 -26.91 26.30 -43.10
C GLU A 89 -27.89 25.15 -42.87
N LYS A 90 -28.62 24.76 -43.91
CA LYS A 90 -29.63 23.71 -43.81
C LYS A 90 -29.04 22.31 -43.82
N LYS A 91 -27.73 22.17 -44.02
CA LYS A 91 -27.09 20.86 -43.99
C LYS A 91 -27.15 20.29 -42.58
N LEU A 92 -27.45 18.99 -42.49
CA LEU A 92 -27.61 18.35 -41.19
C LEU A 92 -26.27 18.18 -40.48
N ASP A 93 -25.22 17.84 -41.22
CA ASP A 93 -23.88 17.66 -40.67
C ASP A 93 -22.95 18.73 -41.23
N ALA A 94 -22.27 19.44 -40.34
CA ALA A 94 -21.38 20.53 -40.71
C ALA A 94 -19.92 20.09 -40.66
N HIS A 95 -19.05 20.97 -41.16
CA HIS A 95 -17.63 20.69 -41.22
C HIS A 95 -17.01 20.75 -39.82
N ILE A 96 -15.80 20.23 -39.71
CA ILE A 96 -15.08 20.16 -38.45
C ILE A 96 -13.78 20.93 -38.58
N MET A 97 -13.59 21.92 -37.72
CA MET A 97 -12.37 22.72 -37.64
C MET A 97 -11.49 22.27 -36.48
N ASN A 98 -10.22 22.65 -36.55
CA ASN A 98 -9.27 22.32 -35.51
C ASN A 98 -9.64 23.03 -34.21
N GLN A 99 -9.71 22.27 -33.13
CA GLN A 99 -10.08 22.82 -31.84
C GLN A 99 -9.58 21.90 -30.74
N ALA A 100 -9.45 22.46 -29.54
CA ALA A 100 -9.04 21.70 -28.37
C ALA A 100 -9.56 22.42 -27.14
N TYR A 101 -9.88 21.63 -26.11
CA TYR A 101 -10.47 22.16 -24.90
C TYR A 101 -9.76 21.58 -23.69
N ILE A 102 -9.72 22.37 -22.61
CA ILE A 102 -8.95 22.01 -21.42
C ILE A 102 -9.79 22.29 -20.18
N ASP A 103 -9.39 21.67 -19.07
CA ASP A 103 -10.04 21.83 -17.77
C ASP A 103 -8.98 22.29 -16.80
N LEU A 104 -9.24 23.40 -16.10
CA LEU A 104 -8.25 24.00 -15.23
C LEU A 104 -8.83 24.27 -13.85
N ASN A 105 -7.97 24.16 -12.84
CA ASN A 105 -8.25 24.58 -11.46
C ASN A 105 -7.14 25.57 -11.10
N MET A 106 -7.44 26.87 -11.23
CA MET A 106 -6.40 27.89 -11.23
C MET A 106 -6.74 29.00 -10.24
N SER A 107 -5.71 29.64 -9.72
CA SER A 107 -5.84 30.77 -8.81
C SER A 107 -5.22 32.01 -9.42
N PHE A 108 -5.83 33.16 -9.13
CA PHE A 108 -5.40 34.43 -9.70
C PHE A 108 -4.98 35.40 -8.61
N LEU A 109 -3.82 36.03 -8.78
CA LEU A 109 -3.36 37.08 -7.89
C LEU A 109 -3.40 38.41 -8.64
N LEU A 110 -4.09 39.39 -8.08
CA LEU A 110 -4.33 40.65 -8.75
C LEU A 110 -3.80 41.80 -7.90
N GLU A 111 -3.17 42.76 -8.56
CA GLU A 111 -2.70 43.99 -7.93
C GLU A 111 -3.60 45.14 -8.41
N VAL A 112 -4.13 45.91 -7.47
CA VAL A 112 -5.13 46.91 -7.77
C VAL A 112 -4.63 48.28 -7.30
N GLU A 113 -5.18 49.32 -7.92
CA GLU A 113 -4.90 50.71 -7.55
C GLU A 113 -6.20 51.48 -7.51
N GLY A 114 -6.49 52.11 -6.38
CA GLY A 114 -7.70 52.88 -6.21
C GLY A 114 -7.95 53.24 -4.77
N PRO A 115 -8.93 54.10 -4.53
CA PRO A 115 -9.22 54.54 -3.16
C PRO A 115 -9.96 53.48 -2.36
N HIS A 116 -9.78 53.56 -1.04
CA HIS A 116 -10.37 52.72 0.01
C HIS A 116 -10.57 51.26 -0.40
N VAL A 117 -9.50 50.57 -0.75
CA VAL A 117 -9.56 49.16 -1.07
C VAL A 117 -9.81 48.38 0.23
N ASP A 118 -10.96 47.76 0.35
CA ASP A 118 -11.34 47.04 1.57
C ASP A 118 -12.24 45.87 1.19
N MET A 119 -12.95 45.33 2.17
CA MET A 119 -13.79 44.15 1.95
C MET A 119 -14.99 44.44 1.06
N SER A 120 -15.41 45.70 0.95
CA SER A 120 -16.48 46.05 0.02
C SER A 120 -16.08 45.75 -1.42
N THR A 121 -14.81 45.99 -1.75
CA THR A 121 -14.30 45.61 -3.06
C THR A 121 -14.36 44.09 -3.25
N CYS A 122 -14.10 43.33 -2.18
CA CYS A 122 -14.20 41.87 -2.28
C CYS A 122 -15.65 41.43 -2.51
N LYS A 123 -16.61 42.06 -1.83
CA LYS A 123 -18.01 41.73 -2.06
C LYS A 123 -18.43 42.09 -3.48
N SER A 124 -17.98 43.25 -3.97
CA SER A 124 -18.33 43.65 -5.34
C SER A 124 -17.71 42.72 -6.37
N ILE A 125 -16.46 42.30 -6.15
CA ILE A 125 -15.81 41.40 -7.10
C ILE A 125 -16.44 40.02 -7.05
N LYS A 126 -16.93 39.59 -5.88
CA LYS A 126 -17.66 38.33 -5.80
C LYS A 126 -18.99 38.42 -6.55
N SER A 127 -19.69 39.55 -6.41
CA SER A 127 -20.97 39.71 -7.11
C SER A 127 -20.78 39.79 -8.61
N THR A 128 -19.76 40.50 -9.08
CA THR A 128 -19.58 40.71 -10.52
C THR A 128 -18.72 39.64 -11.19
N MET A 129 -18.08 38.76 -10.42
CA MET A 129 -17.15 37.80 -11.04
C MET A 129 -17.90 36.68 -11.75
N GLU A 130 -19.05 36.26 -11.23
CA GLU A 130 -19.79 35.14 -11.82
C GLU A 130 -20.63 35.60 -13.00
N THR A 131 -20.03 36.34 -13.93
CA THR A 131 -20.71 36.77 -15.14
C THR A 131 -19.81 36.73 -16.38
N LEU A 132 -18.58 36.26 -16.27
CA LEU A 132 -17.62 36.31 -17.37
C LEU A 132 -17.05 34.93 -17.61
N ARG A 133 -16.35 34.79 -18.74
CA ARG A 133 -15.70 33.55 -19.12
C ARG A 133 -14.18 33.74 -19.11
N ILE A 134 -13.48 32.71 -18.69
CA ILE A 134 -12.01 32.70 -18.68
C ILE A 134 -11.54 31.92 -19.90
N ALA A 135 -10.97 32.64 -20.87
CA ALA A 135 -10.48 32.08 -22.13
C ALA A 135 -11.57 31.29 -22.86
N GLY A 136 -12.80 31.79 -22.80
CA GLY A 136 -13.93 31.13 -23.41
C GLY A 136 -14.54 30.01 -22.59
N GLY A 137 -14.00 29.72 -21.41
CA GLY A 137 -14.50 28.66 -20.56
C GLY A 137 -15.39 29.20 -19.45
N ILE A 138 -16.50 28.51 -19.21
CA ILE A 138 -17.44 28.93 -18.18
C ILE A 138 -16.87 28.60 -16.81
N ILE A 139 -17.06 29.50 -15.86
CA ILE A 139 -16.63 29.28 -14.49
C ILE A 139 -17.68 28.45 -13.77
N ARG A 140 -17.27 27.29 -13.25
CA ARG A 140 -18.21 26.40 -12.57
C ARG A 140 -18.38 26.79 -11.11
N ASN A 141 -17.27 26.94 -10.37
CA ASN A 141 -17.31 27.36 -8.98
C ASN A 141 -15.98 28.00 -8.64
N TYR A 142 -15.83 28.35 -7.36
CA TYR A 142 -14.64 29.04 -6.86
C TYR A 142 -14.62 28.92 -5.35
N LYS A 143 -13.42 28.89 -4.79
CA LYS A 143 -13.29 28.72 -3.34
C LYS A 143 -13.70 30.00 -2.60
N LYS A 144 -12.93 31.07 -2.80
CA LYS A 144 -13.21 32.34 -2.13
C LYS A 144 -12.36 33.44 -2.76
N ILE A 145 -12.57 34.66 -2.28
CA ILE A 145 -11.76 35.83 -2.63
C ILE A 145 -11.16 36.37 -1.34
N ARG A 146 -9.84 36.57 -1.34
CA ARG A 146 -9.13 37.00 -0.15
C ARG A 146 -8.32 38.25 -0.43
N LEU A 147 -8.09 39.04 0.62
CA LEU A 147 -7.25 40.23 0.57
C LEU A 147 -5.95 39.91 1.30
N ILE A 148 -4.84 39.87 0.56
CA ILE A 148 -3.55 39.48 1.10
C ILE A 148 -2.51 40.52 0.72
N ASP A 149 -1.43 40.54 1.49
CA ASP A 149 -0.30 41.46 1.29
C ASP A 149 1.00 40.73 1.07
N THR A 150 1.33 39.74 1.90
CA THR A 150 2.61 39.07 1.85
C THR A 150 2.50 37.71 1.15
N LEU A 151 3.63 37.02 1.05
CA LEU A 151 3.70 35.72 0.38
C LEU A 151 3.42 34.56 1.31
N ALA A 152 3.28 34.80 2.62
CA ALA A 152 3.07 33.70 3.55
C ALA A 152 1.69 33.07 3.37
N ASP A 153 0.66 33.89 3.21
CA ASP A 153 -0.71 33.40 3.05
C ASP A 153 -0.99 33.15 1.56
N ILE A 154 -0.30 32.14 1.03
CA ILE A 154 -0.43 31.75 -0.37
C ILE A 154 -0.61 30.23 -0.44
N PRO A 155 -1.65 29.73 -1.10
CA PRO A 155 -1.82 28.28 -1.21
C PRO A 155 -0.77 27.67 -2.13
N TYR A 156 -0.55 26.37 -1.93
CA TYR A 156 0.42 25.65 -2.73
C TYR A 156 -0.01 25.60 -4.19
N GLY A 157 0.93 25.85 -5.09
CA GLY A 157 0.65 25.85 -6.51
C GLY A 157 1.91 26.21 -7.28
N TYR A 158 1.76 26.29 -8.59
CA TYR A 158 2.87 26.56 -9.49
C TYR A 158 2.57 27.78 -10.34
N PHE A 159 3.51 28.70 -10.39
CA PHE A 159 3.37 29.95 -11.13
C PHE A 159 4.06 29.85 -12.48
N LEU A 160 3.46 30.49 -13.48
CA LEU A 160 4.03 30.56 -14.81
C LEU A 160 4.83 31.85 -14.94
N THR A 161 6.13 31.71 -15.21
CA THR A 161 7.03 32.85 -15.32
C THR A 161 7.73 32.84 -16.67
N LEU A 162 7.87 34.01 -17.26
CA LEU A 162 8.50 34.13 -18.57
C LEU A 162 10.01 33.95 -18.45
N ARG A 163 10.54 33.03 -19.24
CA ARG A 163 11.99 32.73 -19.26
C ARG A 163 12.46 32.83 -20.70
N GLN A 164 12.82 34.03 -21.13
CA GLN A 164 13.35 34.25 -22.47
C GLN A 164 14.86 34.13 -22.54
N ASP A 165 15.55 34.10 -21.39
CA ASP A 165 17.00 33.96 -21.40
C ASP A 165 17.43 32.59 -21.92
N ASN A 166 16.75 31.53 -21.48
CA ASN A 166 17.07 30.19 -21.95
C ASN A 166 16.83 30.07 -23.45
N LEU A 167 15.78 30.73 -23.96
CA LEU A 167 15.57 30.79 -25.40
C LEU A 167 16.66 31.58 -26.10
N ASN A 168 17.17 32.64 -25.45
CA ASN A 168 18.17 33.49 -26.09
C ASN A 168 19.52 32.80 -26.21
N ASP A 169 19.98 32.17 -25.13
CA ASP A 169 21.33 31.59 -25.12
C ASP A 169 21.38 30.17 -25.66
N ALA A 170 20.29 29.68 -26.25
CA ALA A 170 20.29 28.33 -26.80
C ALA A 170 21.17 28.26 -28.05
N ALA A 171 21.48 27.03 -28.45
CA ALA A 171 22.29 26.80 -29.64
C ALA A 171 21.37 26.52 -30.84
N GLY A 172 21.58 27.27 -31.92
CA GLY A 172 20.77 27.13 -33.11
C GLY A 172 20.88 28.33 -34.03
N ASP A 173 20.80 28.09 -35.34
CA ASP A 173 20.97 29.17 -36.30
C ASP A 173 19.81 30.15 -36.28
N ASP A 174 18.58 29.65 -36.28
CA ASP A 174 17.39 30.49 -36.26
C ASP A 174 16.63 30.27 -34.95
N MET A 175 15.54 31.03 -34.81
CA MET A 175 14.81 31.07 -33.53
C MET A 175 14.12 29.74 -33.25
N LEU A 176 13.54 29.11 -34.27
CA LEU A 176 12.84 27.84 -34.05
C LEU A 176 13.80 26.73 -33.64
N ASP A 177 14.98 26.69 -34.25
CA ASP A 177 15.98 25.70 -33.84
C ASP A 177 16.47 25.96 -32.41
N LYS A 178 16.62 27.23 -32.05
CA LYS A 178 16.96 27.56 -30.66
C LYS A 178 15.88 27.08 -29.70
N MET A 179 14.61 27.28 -30.06
CA MET A 179 13.51 26.85 -29.21
C MET A 179 13.50 25.33 -29.05
N ILE A 180 13.64 24.60 -30.16
CA ILE A 180 13.58 23.14 -30.06
C ILE A 180 14.81 22.59 -29.36
N HIS A 181 15.97 23.23 -29.50
CA HIS A 181 17.16 22.78 -28.78
C HIS A 181 17.03 23.03 -27.28
N ALA A 182 16.47 24.19 -26.91
CA ALA A 182 16.24 24.50 -25.50
C ALA A 182 15.23 23.52 -24.90
N LEU A 183 14.19 23.17 -25.64
CA LEU A 183 13.24 22.18 -25.17
C LEU A 183 13.83 20.77 -25.16
N GLN A 184 14.83 20.50 -26.00
CA GLN A 184 15.49 19.21 -25.98
C GLN A 184 16.38 19.06 -24.75
N GLN A 185 17.17 20.09 -24.44
CA GLN A 185 18.10 19.99 -23.32
C GLN A 185 17.41 20.17 -21.98
N GLU A 186 16.30 20.91 -21.94
CA GLU A 186 15.55 21.16 -20.72
C GLU A 186 14.14 20.61 -20.87
N ASP A 187 13.73 19.75 -19.94
CA ASP A 187 12.45 19.06 -20.02
C ASP A 187 11.37 19.72 -19.16
N THR A 188 11.62 20.92 -18.63
CA THR A 188 10.65 21.60 -17.79
C THR A 188 10.00 22.80 -18.45
N LEU A 189 10.67 23.45 -19.40
CA LEU A 189 10.12 24.62 -20.06
C LEU A 189 9.01 24.20 -21.03
N VAL A 190 8.03 25.09 -21.19
CA VAL A 190 6.92 24.86 -22.11
C VAL A 190 6.75 26.09 -23.01
N PRO A 191 6.28 25.93 -24.25
CA PRO A 191 6.08 27.10 -25.12
C PRO A 191 4.69 27.71 -24.95
N ILE A 192 4.64 29.03 -24.78
CA ILE A 192 3.39 29.76 -24.59
C ILE A 192 3.40 30.99 -25.50
N ALA A 193 2.25 31.26 -26.12
CA ALA A 193 2.08 32.53 -26.82
C ALA A 193 2.02 33.67 -25.80
N VAL A 194 2.68 34.78 -26.12
CA VAL A 194 2.84 35.86 -25.15
C VAL A 194 2.23 37.17 -25.66
N GLY A 195 2.17 37.35 -26.96
CA GLY A 195 1.71 38.61 -27.51
C GLY A 195 1.31 38.51 -28.97
N PHE A 196 1.48 39.62 -29.69
CA PHE A 196 1.05 39.72 -31.08
C PHE A 196 2.01 40.60 -31.85
N LYS A 197 2.30 40.20 -33.10
CA LYS A 197 3.08 41.02 -34.02
C LYS A 197 2.15 42.01 -34.72
N ALA A 198 2.65 42.73 -35.73
CA ALA A 198 1.82 43.69 -36.45
C ALA A 198 1.59 43.31 -37.90
N LEU A 199 2.66 43.19 -38.70
CA LEU A 199 2.64 42.84 -40.13
C LEU A 199 1.56 43.55 -40.93
N SER A 200 1.17 44.76 -40.52
CA SER A 200 0.08 45.48 -41.16
C SER A 200 0.17 46.95 -40.77
N GLU A 201 -0.55 47.78 -41.51
CA GLU A 201 -0.65 49.21 -41.25
C GLU A 201 -2.00 49.53 -40.66
N VAL A 202 -2.01 50.39 -39.62
CA VAL A 202 -3.25 50.71 -38.92
C VAL A 202 -4.15 51.57 -39.80
N GLY A 203 -5.41 51.64 -39.41
CA GLY A 203 -6.39 52.42 -40.16
C GLY A 203 -7.80 51.96 -39.82
N HIS A 204 -8.69 52.13 -40.79
CA HIS A 204 -10.09 51.72 -40.67
C HIS A 204 -10.41 50.68 -41.72
N VAL A 205 -11.17 49.66 -41.32
CA VAL A 205 -11.49 48.53 -42.19
C VAL A 205 -12.99 48.30 -42.13
N GLU A 206 -13.50 47.60 -43.14
CA GLU A 206 -14.93 47.30 -43.23
C GLU A 206 -15.20 45.90 -42.73
N GLY A 207 -16.22 45.77 -41.88
CA GLY A 207 -16.61 44.48 -41.35
C GLY A 207 -16.09 44.16 -39.96
N GLN A 208 -15.48 45.13 -39.27
CA GLN A 208 -14.94 44.87 -37.95
C GLN A 208 -16.07 44.75 -36.92
N ARG A 209 -15.69 44.25 -35.73
CA ARG A 209 -16.65 44.13 -34.64
C ARG A 209 -17.15 45.50 -34.18
N ASP A 210 -16.25 46.46 -34.05
CA ASP A 210 -16.61 47.84 -33.71
C ASP A 210 -15.96 48.77 -34.72
N PRO A 211 -16.73 49.42 -35.61
CA PRO A 211 -16.16 50.26 -36.66
C PRO A 211 -15.83 51.69 -36.22
N GLU A 212 -15.19 51.82 -35.04
CA GLU A 212 -14.73 53.12 -34.57
C GLU A 212 -13.29 53.03 -34.09
N LYS A 213 -12.87 51.85 -33.63
CA LYS A 213 -11.54 51.68 -33.10
C LYS A 213 -10.50 51.61 -34.22
N ASP A 214 -9.25 51.79 -33.85
CA ASP A 214 -8.15 51.63 -34.78
C ASP A 214 -7.90 50.13 -35.01
N HIS A 215 -7.87 49.73 -36.28
CA HIS A 215 -7.76 48.34 -36.65
C HIS A 215 -6.38 48.03 -37.21
N CYS A 216 -5.80 46.92 -36.77
CA CYS A 216 -4.53 46.44 -37.29
C CYS A 216 -4.47 44.93 -37.12
N PHE A 217 -4.00 44.25 -38.15
CA PHE A 217 -3.83 42.80 -38.08
C PHE A 217 -2.68 42.45 -37.16
N VAL A 218 -2.64 41.19 -36.74
CA VAL A 218 -1.67 40.71 -35.76
C VAL A 218 -1.28 39.28 -36.10
N GLU A 219 -0.36 38.74 -35.31
CA GLU A 219 0.00 37.32 -35.35
C GLU A 219 0.58 36.97 -33.99
N SER A 220 0.10 35.89 -33.40
CA SER A 220 0.54 35.49 -32.07
C SER A 220 2.01 35.08 -32.09
N ILE A 221 2.78 35.63 -31.16
CA ILE A 221 4.21 35.30 -31.03
C ILE A 221 4.38 34.41 -29.82
N PHE A 222 5.36 33.53 -29.88
CA PHE A 222 5.53 32.46 -28.90
C PHE A 222 6.89 32.55 -28.23
N SER A 223 6.93 32.28 -26.93
CA SER A 223 8.17 32.25 -26.17
C SER A 223 8.11 31.08 -25.21
N LEU A 224 9.04 31.04 -24.26
CA LEU A 224 9.16 29.94 -23.31
C LEU A 224 8.63 30.35 -21.94
N GLY A 225 8.38 29.33 -21.11
CA GLY A 225 7.96 29.56 -19.74
C GLY A 225 8.28 28.34 -18.90
N GLY A 226 8.11 28.51 -17.59
CA GLY A 226 8.42 27.44 -16.66
C GLY A 226 7.54 27.51 -15.43
N PHE A 227 7.66 26.48 -14.60
CA PHE A 227 6.86 26.34 -13.38
C PHE A 227 7.77 26.26 -12.17
N GLU A 228 7.34 26.85 -11.07
CA GLU A 228 8.04 26.75 -9.80
C GLU A 228 7.04 26.88 -8.67
N CYS A 229 7.39 26.32 -7.50
CA CYS A 229 6.46 26.26 -6.39
C CYS A 229 6.29 27.62 -5.74
N SER A 230 5.31 27.71 -4.84
CA SER A 230 4.99 28.98 -4.20
C SER A 230 6.08 29.40 -3.21
N LYS A 231 6.61 28.45 -2.42
CA LYS A 231 7.62 28.80 -1.43
C LYS A 231 8.95 29.20 -2.06
N ILE A 232 9.23 28.73 -3.28
CA ILE A 232 10.47 29.09 -3.97
C ILE A 232 10.44 30.52 -4.48
N LEU A 233 9.28 31.17 -4.48
CA LEU A 233 9.18 32.54 -4.96
C LEU A 233 9.90 33.49 -4.00
N GLU A 234 10.70 34.40 -4.57
CA GLU A 234 11.44 35.36 -3.75
C GLU A 234 10.57 36.54 -3.36
N ASP A 235 10.09 37.29 -4.34
CA ASP A 235 9.26 38.47 -4.10
C ASP A 235 7.92 38.33 -4.80
N ILE A 236 6.90 38.95 -4.22
CA ILE A 236 5.54 38.83 -4.73
C ILE A 236 5.36 39.60 -6.04
N ASN A 237 6.29 40.49 -6.39
CA ASN A 237 6.19 41.26 -7.62
C ASN A 237 6.84 40.57 -8.81
N SER A 238 7.58 39.49 -8.58
CA SER A 238 8.26 38.81 -9.68
C SER A 238 7.28 38.08 -10.58
N CYS A 239 6.25 37.47 -10.01
CA CYS A 239 5.25 36.73 -10.79
C CYS A 239 4.03 37.64 -11.00
N LEU A 240 4.18 38.63 -11.88
CA LEU A 240 3.10 39.56 -12.18
C LEU A 240 3.17 39.90 -13.66
N TRP A 241 2.34 39.24 -14.47
CA TRP A 241 2.27 39.55 -15.89
C TRP A 241 1.61 40.90 -16.11
N ARG A 242 2.06 41.61 -17.14
CA ARG A 242 1.52 42.93 -17.43
C ARG A 242 1.65 43.21 -18.92
N TYR A 243 0.85 44.17 -19.38
CA TYR A 243 0.83 44.55 -20.79
C TYR A 243 2.12 45.28 -21.17
N LYS A 244 2.41 45.31 -22.47
CA LYS A 244 3.52 46.08 -23.00
C LYS A 244 3.22 46.37 -24.46
N THR A 245 2.92 47.62 -24.77
CA THR A 245 2.66 48.06 -26.13
C THR A 245 3.85 48.82 -26.67
N GLU A 246 4.11 48.66 -27.96
CA GLU A 246 5.20 49.33 -28.64
C GLU A 246 4.76 49.63 -30.07
N GLU A 247 5.69 50.15 -30.87
CA GLU A 247 5.42 50.41 -32.28
C GLU A 247 5.37 49.07 -33.01
N GLY A 248 4.15 48.56 -33.22
CA GLY A 248 3.97 47.28 -33.87
C GLY A 248 4.00 46.07 -32.95
N LEU A 249 4.14 46.27 -31.64
CA LEU A 249 4.17 45.18 -30.67
C LEU A 249 3.03 45.34 -29.67
N TYR A 250 2.41 44.22 -29.33
CA TYR A 250 1.27 44.15 -28.41
C TYR A 250 1.47 43.03 -27.41
N LEU A 251 2.64 42.97 -26.78
CA LEU A 251 3.00 41.77 -26.04
C LEU A 251 2.64 41.89 -24.56
N CYS A 252 2.86 40.80 -23.84
CA CYS A 252 2.74 40.75 -22.40
C CYS A 252 4.04 40.22 -21.82
N THR A 253 4.47 40.80 -20.70
CA THR A 253 5.76 40.47 -20.13
C THR A 253 5.64 40.27 -18.62
N ILE A 254 6.59 39.50 -18.08
CA ILE A 254 6.64 39.29 -16.64
C ILE A 254 7.33 40.45 -15.93
N ILE A 255 8.01 41.31 -16.67
CA ILE A 255 8.70 42.46 -16.08
C ILE A 255 7.72 43.60 -15.85
N MET B 1 8.60 12.11 -70.13
CA MET B 1 7.67 11.22 -69.45
C MET B 1 6.60 12.00 -68.71
N LEU B 2 6.68 13.33 -68.78
CA LEU B 2 5.70 14.19 -68.13
C LEU B 2 4.31 14.06 -68.75
N ARG B 3 4.22 13.65 -70.02
CA ARG B 3 2.92 13.45 -70.66
C ARG B 3 2.13 12.34 -69.98
N ASN B 4 2.82 11.32 -69.47
CA ASN B 4 2.14 10.25 -68.75
C ASN B 4 1.54 10.77 -67.44
N LYS B 5 2.27 11.62 -66.73
CA LYS B 5 1.76 12.22 -65.51
C LYS B 5 0.58 13.14 -65.79
N ILE B 6 0.66 13.91 -66.89
CA ILE B 6 -0.44 14.80 -67.25
C ILE B 6 -1.69 13.99 -67.60
N LEU B 7 -1.50 12.88 -68.33
CA LEU B 7 -2.64 12.02 -68.65
C LEU B 7 -3.21 11.35 -67.40
N ALA B 8 -2.34 10.97 -66.47
CA ALA B 8 -2.82 10.36 -65.22
C ALA B 8 -3.56 11.36 -64.34
N ALA B 9 -3.18 12.64 -64.42
CA ALA B 9 -3.85 13.67 -63.63
C ALA B 9 -5.27 13.96 -64.11
N ILE B 10 -5.66 13.48 -65.28
CA ILE B 10 -7.00 13.66 -65.82
C ILE B 10 -7.71 12.31 -65.83
N SER B 11 -8.92 12.27 -65.30
CA SER B 11 -9.72 11.05 -65.22
C SER B 11 -11.03 11.29 -65.95
N GLN B 12 -11.02 11.03 -67.25
CA GLN B 12 -12.21 11.20 -68.09
C GLN B 12 -12.17 10.16 -69.20
N LYS B 13 -13.23 10.14 -70.00
CA LYS B 13 -13.36 9.20 -71.10
C LYS B 13 -12.86 9.76 -72.43
N ILE B 14 -12.39 11.00 -72.46
CA ILE B 14 -11.90 11.63 -73.67
C ILE B 14 -10.58 10.99 -74.08
N PRO B 15 -10.20 11.04 -75.37
CA PRO B 15 -8.92 10.45 -75.79
C PRO B 15 -7.70 11.18 -75.26
N GLU B 16 -6.52 10.73 -75.69
CA GLU B 16 -5.26 11.20 -75.12
C GLU B 16 -5.04 12.69 -75.38
N GLU B 17 -5.28 13.14 -76.62
CA GLU B 17 -4.99 14.53 -76.96
C GLU B 17 -5.93 15.50 -76.23
N GLN B 18 -7.20 15.13 -76.07
CA GLN B 18 -8.12 16.00 -75.34
C GLN B 18 -7.80 16.01 -73.86
N LYS B 19 -7.40 14.86 -73.31
CA LYS B 19 -6.96 14.80 -71.92
C LYS B 19 -5.72 15.67 -71.70
N ILE B 20 -4.85 15.77 -72.71
CA ILE B 20 -3.72 16.69 -72.62
C ILE B 20 -4.21 18.14 -72.65
N ASN B 21 -5.12 18.46 -73.59
CA ASN B 21 -5.52 19.85 -73.80
C ASN B 21 -6.32 20.41 -72.63
N LYS B 22 -7.04 19.55 -71.90
CA LYS B 22 -7.80 20.05 -70.75
C LYS B 22 -6.87 20.60 -69.67
N TYR B 23 -5.72 19.95 -69.44
CA TYR B 23 -4.77 20.45 -68.47
C TYR B 23 -4.20 21.81 -68.87
N ILE B 24 -3.89 21.98 -70.15
CA ILE B 24 -3.37 23.26 -70.64
C ILE B 24 -4.43 24.35 -70.51
N GLU B 25 -5.67 24.04 -70.86
CA GLU B 25 -6.75 25.02 -70.73
C GLU B 25 -6.98 25.42 -69.28
N GLY B 26 -6.97 24.44 -68.37
CA GLY B 26 -7.12 24.74 -66.96
C GLY B 26 -5.97 25.59 -66.42
N LEU B 27 -4.74 25.27 -66.81
CA LEU B 27 -3.60 26.10 -66.43
C LEU B 27 -3.76 27.52 -66.93
N PHE B 28 -4.02 27.68 -68.23
CA PHE B 28 -4.12 29.01 -68.83
C PHE B 28 -5.29 29.81 -68.27
N GLN B 29 -6.32 29.14 -67.76
CA GLN B 29 -7.43 29.86 -67.13
C GLN B 29 -7.19 30.15 -65.65
N SER B 30 -6.40 29.33 -64.95
CA SER B 30 -6.28 29.44 -63.51
C SER B 30 -4.93 29.96 -63.03
N ILE B 31 -4.05 30.42 -63.93
CA ILE B 31 -2.83 31.10 -63.47
C ILE B 31 -3.16 32.35 -62.66
N ASP B 32 -4.07 33.18 -63.18
CA ASP B 32 -4.28 34.50 -62.60
C ASP B 32 -4.97 34.46 -61.25
N LYS B 33 -5.80 33.43 -61.00
CA LYS B 33 -6.56 33.37 -59.74
C LYS B 33 -5.67 33.08 -58.54
N ASN B 34 -4.62 32.27 -58.71
CA ASN B 34 -3.79 31.84 -57.60
C ASN B 34 -2.87 32.97 -57.15
N HIS B 35 -2.47 32.92 -55.88
CA HIS B 35 -1.59 33.90 -55.27
C HIS B 35 -0.62 33.19 -54.32
N LEU B 36 0.37 33.94 -53.84
CA LEU B 36 1.34 33.42 -52.88
C LEU B 36 1.20 34.16 -51.57
N ALA B 37 1.37 33.44 -50.46
CA ALA B 37 1.13 34.00 -49.13
C ALA B 37 1.92 33.21 -48.09
N THR B 38 1.98 33.79 -46.90
CA THR B 38 2.55 33.14 -45.73
C THR B 38 1.62 33.11 -44.53
N HIS B 39 0.65 34.02 -44.48
CA HIS B 39 -0.26 34.17 -43.34
C HIS B 39 -1.70 34.23 -43.83
N VAL B 40 -2.09 33.26 -44.67
CA VAL B 40 -3.39 33.30 -45.30
C VAL B 40 -4.50 33.06 -44.27
N ALA B 41 -5.67 33.64 -44.55
CA ALA B 41 -6.87 33.40 -43.78
C ALA B 41 -7.51 32.10 -44.28
N LYS B 42 -8.78 31.87 -43.90
CA LYS B 42 -9.57 30.70 -44.26
C LYS B 42 -9.00 29.41 -43.68
N PHE B 43 -8.00 29.50 -42.80
CA PHE B 43 -7.42 28.34 -42.14
C PHE B 43 -8.12 28.02 -40.83
N THR B 44 -8.59 29.04 -40.12
CA THR B 44 -9.37 28.83 -38.91
C THR B 44 -10.86 28.65 -39.19
N GLU B 45 -11.32 28.93 -40.41
CA GLU B 45 -12.72 28.77 -40.78
C GLU B 45 -12.80 28.82 -42.30
N THR B 46 -13.39 27.78 -42.90
CA THR B 46 -13.52 27.73 -44.35
C THR B 46 -14.60 28.67 -44.88
N ASN B 47 -15.46 29.20 -44.02
CA ASN B 47 -16.58 30.02 -44.46
C ASN B 47 -16.21 31.49 -44.63
N SER B 48 -14.96 31.86 -44.44
CA SER B 48 -14.55 33.25 -44.64
C SER B 48 -14.55 33.57 -46.13
N PRO B 49 -15.30 34.57 -46.58
CA PRO B 49 -15.35 34.87 -48.02
C PRO B 49 -14.06 35.49 -48.50
N GLY B 50 -13.77 35.26 -49.78
CA GLY B 50 -12.58 35.83 -50.40
C GLY B 50 -11.30 35.18 -49.92
N ASN B 51 -10.19 35.76 -50.35
CA ASN B 51 -8.86 35.32 -49.95
C ASN B 51 -8.15 36.47 -49.25
N ILE B 52 -7.67 36.20 -48.04
CA ILE B 52 -6.99 37.20 -47.22
C ILE B 52 -5.69 36.62 -46.72
N GLY B 53 -4.59 37.34 -46.95
CA GLY B 53 -3.28 36.91 -46.52
C GLY B 53 -2.43 38.12 -46.19
N ALA B 54 -1.18 37.86 -45.79
CA ALA B 54 -0.26 38.92 -45.44
C ALA B 54 0.99 38.92 -46.31
N TYR B 55 1.63 37.75 -46.48
CA TYR B 55 2.90 37.61 -47.20
C TYR B 55 3.97 38.52 -46.60
N ASP B 56 4.31 38.24 -45.34
CA ASP B 56 5.28 39.05 -44.61
C ASP B 56 6.69 38.58 -44.96
N ILE B 57 7.46 39.45 -45.61
CA ILE B 57 8.85 39.18 -45.95
C ILE B 57 9.69 40.23 -45.25
N LEU B 58 10.24 39.88 -44.08
CA LEU B 58 11.03 40.81 -43.30
C LEU B 58 12.35 40.16 -42.87
N SER B 59 13.09 40.83 -41.99
CA SER B 59 14.37 40.34 -41.51
C SER B 59 14.19 39.62 -40.18
N SER B 60 15.15 38.74 -39.87
CA SER B 60 15.14 37.99 -38.63
C SER B 60 15.93 38.76 -37.58
N ASP B 61 15.24 39.19 -36.52
CA ASP B 61 15.89 39.97 -35.48
C ASP B 61 16.88 39.12 -34.68
N MET B 62 16.45 37.91 -34.29
CA MET B 62 17.28 36.90 -33.63
C MET B 62 17.78 37.35 -32.26
N ASN B 63 17.25 38.45 -31.73
CA ASN B 63 17.63 38.94 -30.41
C ASN B 63 16.41 39.07 -29.52
N CYS B 64 15.24 39.26 -30.12
CA CYS B 64 14.01 39.33 -29.38
C CYS B 64 13.65 37.96 -28.81
N GLY B 65 13.01 37.98 -27.64
CA GLY B 65 12.66 36.75 -26.97
C GLY B 65 11.33 36.16 -27.37
N TYR B 66 11.08 36.05 -28.68
CA TYR B 66 9.86 35.43 -29.17
C TYR B 66 10.10 34.91 -30.58
N LEU B 67 9.05 34.31 -31.15
CA LEU B 67 9.12 33.66 -32.45
C LEU B 67 7.93 34.09 -33.31
N ASP B 68 8.18 34.31 -34.60
CA ASP B 68 7.14 34.68 -35.53
C ASP B 68 7.56 34.26 -36.94
N THR B 69 6.91 34.80 -37.97
CA THR B 69 7.29 34.46 -39.34
C THR B 69 8.42 35.36 -39.83
N ALA B 70 9.20 34.83 -40.79
CA ALA B 70 10.47 35.42 -41.23
C ALA B 70 11.44 35.55 -40.06
N ASN B 71 11.29 34.66 -39.08
CA ASN B 71 12.22 34.51 -37.97
C ASN B 71 12.64 33.07 -37.76
N ALA B 72 11.86 32.10 -38.23
CA ALA B 72 12.27 30.71 -38.28
C ALA B 72 12.88 30.39 -39.63
N GLY B 73 13.46 29.21 -39.74
CA GLY B 73 14.17 28.83 -40.95
C GLY B 73 13.30 28.27 -42.05
N TRP B 74 12.11 28.85 -42.25
CA TRP B 74 11.24 28.44 -43.34
C TRP B 74 11.79 28.93 -44.67
N LYS B 75 11.61 28.13 -45.72
CA LYS B 75 12.18 28.43 -47.02
C LYS B 75 11.17 28.53 -48.14
N GLU B 76 10.05 27.80 -48.08
CA GLU B 76 9.11 27.73 -49.17
C GLU B 76 7.88 28.58 -48.87
N PRO B 77 7.61 29.63 -49.64
CA PRO B 77 6.35 30.37 -49.47
C PRO B 77 5.16 29.53 -49.88
N ASP B 78 4.01 29.81 -49.27
CA ASP B 78 2.80 29.06 -49.53
C ASP B 78 2.10 29.60 -50.77
N ILE B 79 1.40 28.70 -51.48
CA ILE B 79 0.59 29.07 -52.64
C ILE B 79 -0.86 28.78 -52.31
N VAL B 80 -1.70 29.80 -52.42
CA VAL B 80 -3.10 29.71 -52.03
C VAL B 80 -3.97 30.37 -53.09
N THR B 81 -5.09 29.74 -53.42
CA THR B 81 -6.09 30.29 -54.30
C THR B 81 -7.35 30.63 -53.50
N ASN B 82 -8.33 31.24 -54.18
CA ASN B 82 -9.59 31.58 -53.56
C ASN B 82 -10.60 30.46 -53.59
N ASP B 83 -10.60 29.64 -54.63
CA ASP B 83 -11.54 28.54 -54.78
C ASP B 83 -10.78 27.25 -55.10
N ALA B 84 -11.31 26.13 -54.62
CA ALA B 84 -10.72 24.83 -54.90
C ALA B 84 -10.87 24.44 -56.36
N LYS B 85 -11.73 25.11 -57.11
CA LYS B 85 -11.84 24.87 -58.55
C LYS B 85 -10.53 25.22 -59.26
N TYR B 86 -9.92 26.35 -58.89
CA TYR B 86 -8.68 26.80 -59.50
C TYR B 86 -7.47 26.32 -58.69
N LYS B 87 -7.39 25.00 -58.54
CA LYS B 87 -6.31 24.37 -57.77
C LYS B 87 -5.37 23.56 -58.65
N ARG B 88 -5.56 23.60 -59.96
CA ARG B 88 -4.70 22.82 -60.87
C ARG B 88 -3.23 23.24 -60.84
N PRO B 89 -2.86 24.54 -60.90
CA PRO B 89 -1.43 24.87 -60.81
C PRO B 89 -0.79 24.52 -59.47
N GLN B 90 -1.58 24.46 -58.39
CA GLN B 90 -1.00 24.07 -57.11
C GLN B 90 -0.62 22.59 -57.07
N GLY B 91 -1.19 21.77 -57.95
CA GLY B 91 -0.73 20.41 -58.11
C GLY B 91 0.28 20.30 -59.23
N PHE B 92 0.27 21.28 -60.13
CA PHE B 92 1.22 21.30 -61.23
C PHE B 92 2.61 21.68 -60.74
N VAL B 93 2.68 22.51 -59.69
CA VAL B 93 3.98 22.89 -59.15
C VAL B 93 4.65 21.76 -58.39
N ALA B 94 3.88 20.76 -57.96
CA ALA B 94 4.43 19.59 -57.29
C ALA B 94 4.27 18.39 -58.22
N MET B 95 5.22 18.25 -59.15
CA MET B 95 5.25 17.13 -60.07
C MET B 95 6.69 16.64 -60.17
N GLU B 96 6.91 15.34 -60.24
CA GLU B 96 8.27 14.83 -60.25
C GLU B 96 8.78 14.48 -61.63
N MET B 97 9.93 15.03 -62.00
CA MET B 97 10.52 14.69 -63.29
C MET B 97 11.42 13.47 -63.15
N SER B 98 12.14 13.13 -64.21
CA SER B 98 13.02 11.97 -64.18
C SER B 98 13.77 11.80 -62.87
N ASP B 99 14.73 12.68 -62.60
CA ASP B 99 15.54 12.55 -61.40
C ASP B 99 14.92 13.37 -60.27
N GLY B 100 15.55 13.30 -59.10
CA GLY B 100 14.98 13.86 -57.89
C GLY B 100 15.05 15.38 -57.80
N ARG B 101 14.18 16.06 -58.57
CA ARG B 101 14.10 17.51 -58.53
C ARG B 101 12.70 17.94 -58.92
N THR B 102 12.13 18.87 -58.15
CA THR B 102 10.82 19.41 -58.46
C THR B 102 10.92 20.41 -59.61
N VAL B 103 9.75 20.81 -60.13
CA VAL B 103 9.72 21.67 -61.32
C VAL B 103 10.05 23.12 -61.03
N MET B 104 10.14 23.52 -59.76
CA MET B 104 10.64 24.87 -59.45
C MET B 104 12.09 25.03 -59.88
N GLU B 105 12.94 24.07 -59.50
CA GLU B 105 14.37 24.16 -59.79
C GLU B 105 14.66 24.13 -61.28
N HIS B 106 13.79 23.50 -62.08
CA HIS B 106 13.86 23.63 -63.52
C HIS B 106 13.07 24.83 -64.04
N LEU B 107 12.31 25.49 -63.17
CA LEU B 107 11.37 26.54 -63.60
C LEU B 107 12.01 27.93 -63.53
N GLN B 108 12.47 28.34 -62.35
CA GLN B 108 13.07 29.67 -62.29
C GLN B 108 14.51 29.69 -62.77
N GLU B 109 15.15 28.53 -62.92
CA GLU B 109 16.47 28.45 -63.51
C GLU B 109 16.43 28.27 -65.02
N ASP B 110 15.23 28.20 -65.62
CA ASP B 110 15.04 28.09 -67.07
C ASP B 110 15.76 26.89 -67.65
N SER B 111 15.63 25.75 -66.97
CA SER B 111 16.24 24.51 -67.47
C SER B 111 15.55 24.07 -68.75
N ALA B 112 16.35 23.77 -69.77
CA ALA B 112 15.80 23.41 -71.07
C ALA B 112 15.15 22.04 -71.07
N GLU B 113 15.52 21.15 -70.14
CA GLU B 113 14.93 19.81 -70.11
C GLU B 113 13.43 19.86 -69.83
N LEU B 114 13.01 20.73 -68.92
CA LEU B 114 11.59 20.97 -68.70
C LEU B 114 10.96 21.64 -69.92
N ARG B 115 11.73 22.53 -70.56
CA ARG B 115 11.26 23.23 -71.75
C ARG B 115 10.98 22.27 -72.90
N HIS B 116 11.67 21.13 -72.97
CA HIS B 116 11.33 20.10 -73.96
C HIS B 116 9.88 19.67 -73.82
N GLU B 117 9.47 19.32 -72.61
CA GLU B 117 8.10 18.84 -72.41
C GLU B 117 7.08 19.95 -72.63
N MET B 118 7.31 21.12 -72.05
CA MET B 118 6.32 22.18 -72.21
C MET B 118 6.41 22.94 -73.53
N GLU B 119 7.34 22.57 -74.43
CA GLU B 119 7.31 23.09 -75.78
C GLU B 119 6.95 22.04 -76.82
N GLU B 120 7.02 20.76 -76.47
CA GLU B 120 6.55 19.70 -77.35
C GLU B 120 5.07 19.38 -77.13
N LEU B 121 4.60 19.44 -75.88
CA LEU B 121 3.20 19.17 -75.61
C LEU B 121 2.31 20.28 -76.16
N THR B 122 2.71 21.53 -75.97
CA THR B 122 1.98 22.70 -76.45
C THR B 122 2.98 23.85 -76.58
N ASP B 123 2.48 25.00 -77.05
CA ASP B 123 3.30 26.21 -77.14
C ASP B 123 2.56 27.33 -76.41
N LYS B 124 2.66 27.33 -75.08
CA LYS B 124 2.27 28.46 -74.25
C LYS B 124 3.20 28.63 -73.05
N TYR B 125 4.33 27.93 -73.03
CA TYR B 125 5.10 27.75 -71.80
C TYR B 125 5.72 29.05 -71.31
N ASP B 126 6.13 29.92 -72.24
CA ASP B 126 6.79 31.17 -71.84
C ASP B 126 5.83 32.08 -71.07
N GLU B 127 4.59 32.21 -71.55
CA GLU B 127 3.61 33.04 -70.85
C GLU B 127 3.24 32.44 -69.51
N ILE B 128 3.12 31.11 -69.44
CA ILE B 128 2.82 30.44 -68.17
C ILE B 128 3.94 30.67 -67.16
N ARG B 129 5.19 30.53 -67.61
CA ARG B 129 6.34 30.77 -66.74
C ARG B 129 6.39 32.23 -66.27
N ASP B 130 6.08 33.17 -67.17
CA ASP B 130 6.03 34.57 -66.78
C ASP B 130 4.94 34.82 -65.74
N GLY B 131 3.78 34.18 -65.90
CA GLY B 131 2.70 34.36 -64.94
C GLY B 131 3.01 33.76 -63.58
N ILE B 132 3.66 32.59 -63.56
CA ILE B 132 3.90 31.90 -62.29
C ILE B 132 5.21 32.28 -61.62
N LEU B 133 6.11 32.98 -62.32
CA LEU B 133 7.35 33.41 -61.68
C LEU B 133 7.12 34.65 -60.84
N ASN B 134 6.63 35.72 -61.46
CA ASN B 134 6.23 36.94 -60.74
C ASN B 134 4.74 36.83 -60.45
N MET B 135 4.40 36.77 -59.17
CA MET B 135 3.09 36.34 -58.73
C MET B 135 2.49 37.35 -57.76
N PRO B 136 1.20 37.69 -57.91
CA PRO B 136 0.63 38.76 -57.07
C PRO B 136 0.55 38.37 -55.61
N SER B 137 0.86 39.33 -54.74
CA SER B 137 0.87 39.14 -53.30
C SER B 137 -0.44 39.60 -52.68
N MET B 138 -0.61 39.29 -51.39
CA MET B 138 -1.83 39.60 -50.67
C MET B 138 -1.80 41.00 -50.05
N GLN B 139 -2.97 41.61 -50.00
CA GLN B 139 -3.23 42.77 -49.17
C GLN B 139 -4.43 42.42 -48.29
N PRO B 140 -4.29 42.38 -46.97
CA PRO B 140 -5.41 41.94 -46.14
C PRO B 140 -6.54 42.95 -46.09
N TYR B 141 -7.23 43.13 -47.22
CA TYR B 141 -8.38 44.02 -47.28
C TYR B 141 -9.59 43.35 -46.62
N ARG B 142 -10.39 44.18 -45.94
CA ARG B 142 -11.69 43.82 -45.36
C ARG B 142 -11.60 42.74 -44.27
N THR B 143 -12.68 42.57 -43.50
CA THR B 143 -12.75 41.55 -42.48
C THR B 143 -14.18 41.02 -42.44
N ASN B 144 -14.34 39.80 -41.93
CA ASN B 144 -15.65 39.19 -41.80
C ASN B 144 -15.90 38.76 -40.36
N GLN B 145 -17.02 38.07 -40.12
CA GLN B 145 -17.36 37.62 -38.78
C GLN B 145 -16.63 36.35 -38.37
N PHE B 146 -15.98 35.66 -39.30
CA PHE B 146 -15.32 34.41 -39.00
C PHE B 146 -13.88 34.60 -38.52
N ILE B 147 -13.21 35.66 -38.97
CA ILE B 147 -11.87 35.97 -38.47
C ILE B 147 -11.98 36.49 -37.05
N LYS B 148 -11.15 35.96 -36.16
CA LYS B 148 -11.20 36.34 -34.75
C LYS B 148 -10.75 37.78 -34.57
N GLN B 149 -11.56 38.55 -33.84
CA GLN B 149 -11.25 39.94 -33.52
C GLN B 149 -11.27 40.11 -32.00
N VAL B 150 -10.24 40.77 -31.48
CA VAL B 150 -10.09 40.99 -30.04
C VAL B 150 -9.80 42.46 -29.80
N PHE B 151 -9.82 42.83 -28.51
CA PHE B 151 -9.55 44.20 -28.09
C PHE B 151 -8.31 44.19 -27.21
N PHE B 152 -7.38 45.11 -27.50
CA PHE B 152 -6.14 45.22 -26.73
C PHE B 152 -6.01 46.62 -26.15
N PRO B 153 -5.72 46.76 -24.87
CA PRO B 153 -5.54 48.10 -24.28
C PRO B 153 -4.22 48.71 -24.72
N VAL B 154 -4.30 49.89 -25.34
CA VAL B 154 -3.14 50.64 -25.79
C VAL B 154 -3.20 51.99 -25.09
N GLY B 155 -2.37 52.16 -24.06
CA GLY B 155 -2.41 53.39 -23.29
C GLY B 155 -3.75 53.55 -22.60
N GLY B 156 -4.39 54.70 -22.82
CA GLY B 156 -5.71 54.96 -22.33
C GLY B 156 -6.83 54.58 -23.29
N SER B 157 -6.50 53.92 -24.40
CA SER B 157 -7.52 53.58 -25.40
C SER B 157 -7.50 52.09 -25.71
N TYR B 158 -8.27 51.67 -26.70
CA TYR B 158 -8.33 50.27 -27.10
C TYR B 158 -8.09 50.16 -28.60
N HIS B 159 -7.56 49.01 -29.00
CA HIS B 159 -7.27 48.72 -30.39
C HIS B 159 -7.96 47.43 -30.79
N LEU B 160 -8.54 47.41 -31.99
CA LEU B 160 -9.17 46.22 -32.54
C LEU B 160 -8.13 45.42 -33.31
N LEU B 161 -7.96 44.15 -32.93
CA LEU B 161 -6.91 43.31 -33.47
C LEU B 161 -7.55 42.12 -34.19
N SER B 162 -7.15 41.90 -35.43
CA SER B 162 -7.64 40.77 -36.23
C SER B 162 -6.52 39.77 -36.41
N ILE B 163 -6.73 38.54 -35.94
CA ILE B 163 -5.69 37.54 -35.87
C ILE B 163 -5.72 36.68 -37.12
N LEU B 164 -4.54 36.47 -37.71
CA LEU B 164 -4.38 35.60 -38.86
C LEU B 164 -3.34 34.51 -38.53
N PRO B 165 -3.54 33.29 -39.01
CA PRO B 165 -2.62 32.20 -38.69
C PRO B 165 -1.37 32.26 -39.57
N SER B 166 -0.52 31.25 -39.40
CA SER B 166 0.74 31.14 -40.13
C SER B 166 0.85 29.74 -40.73
N THR B 167 0.64 29.63 -42.04
CA THR B 167 0.69 28.33 -42.69
C THR B 167 2.12 27.80 -42.80
N VAL B 168 3.05 28.66 -43.22
CA VAL B 168 4.43 28.23 -43.42
C VAL B 168 5.07 27.85 -42.09
N LEU B 169 4.80 28.64 -41.04
CA LEU B 169 5.33 28.32 -39.73
C LEU B 169 4.74 27.01 -39.20
N ASN B 170 3.46 26.78 -39.50
CA ASN B 170 2.82 25.52 -39.10
C ASN B 170 3.47 24.32 -39.80
N TYR B 171 3.73 24.44 -41.11
CA TYR B 171 4.39 23.35 -41.83
C TYR B 171 5.80 23.11 -41.32
N GLU B 172 6.55 24.19 -41.05
CA GLU B 172 7.91 24.05 -40.53
C GLU B 172 7.90 23.39 -39.17
N VAL B 173 6.99 23.80 -38.28
CA VAL B 173 6.86 23.17 -36.98
C VAL B 173 6.51 21.70 -37.13
N SER B 174 5.61 21.38 -38.07
CA SER B 174 5.22 19.99 -38.30
C SER B 174 6.42 19.12 -38.66
N ASP B 175 7.23 19.55 -39.63
CA ASP B 175 8.36 18.70 -40.03
C ASP B 175 9.43 18.66 -38.96
N ARG B 176 9.75 19.80 -38.34
CA ARG B 176 10.80 19.83 -37.33
C ARG B 176 10.46 18.96 -36.13
N LEU B 177 9.19 18.99 -35.69
CA LEU B 177 8.77 18.07 -34.64
C LEU B 177 8.67 16.63 -35.14
N TYR B 178 8.42 16.43 -36.43
CA TYR B 178 8.40 15.07 -36.97
C TYR B 178 9.77 14.41 -36.81
N ARG B 179 10.83 15.16 -37.07
CA ARG B 179 12.19 14.65 -36.82
C ARG B 179 12.72 15.18 -35.48
N SER B 180 12.08 14.75 -34.40
CA SER B 180 12.53 15.15 -33.06
C SER B 180 12.00 14.14 -32.04
N LYS B 181 12.30 14.40 -30.76
CA LYS B 181 11.86 13.55 -29.66
C LYS B 181 11.04 14.31 -28.61
N ILE B 182 10.55 15.50 -28.94
CA ILE B 182 9.66 16.29 -28.08
C ILE B 182 8.34 15.52 -27.98
N PRO B 183 7.60 15.62 -26.84
CA PRO B 183 6.30 14.94 -26.71
C PRO B 183 5.34 15.07 -27.89
N LYS B 184 4.98 16.30 -28.27
CA LYS B 184 4.12 16.62 -29.41
C LYS B 184 2.69 16.10 -29.31
N ILE B 185 1.81 16.68 -30.11
CA ILE B 185 0.44 16.20 -30.30
C ILE B 185 0.17 16.17 -31.81
N ARG B 186 -0.43 15.07 -32.28
CA ARG B 186 -0.70 14.96 -33.71
C ARG B 186 -1.88 15.81 -34.14
N LEU B 187 -3.03 15.64 -33.49
CA LEU B 187 -4.21 16.43 -33.81
C LEU B 187 -4.70 16.17 -35.23
N ARG B 188 -5.07 14.93 -35.52
CA ARG B 188 -5.58 14.58 -36.85
C ARG B 188 -7.10 14.62 -36.75
N LEU B 189 -7.69 15.70 -37.28
CA LEU B 189 -9.15 15.80 -37.33
C LEU B 189 -9.67 16.54 -38.55
N LEU B 190 -8.84 16.85 -39.54
CA LEU B 190 -9.26 17.63 -40.69
C LEU B 190 -9.50 16.72 -41.89
N SER B 191 -10.68 16.83 -42.49
CA SER B 191 -11.03 16.02 -43.63
C SER B 191 -10.27 16.48 -44.88
N SER B 192 -10.20 15.59 -45.86
CA SER B 192 -9.51 15.91 -47.11
C SER B 192 -10.22 17.01 -47.88
N ASN B 193 -11.56 16.98 -47.91
CA ASN B 193 -12.31 17.98 -48.65
C ASN B 193 -12.19 19.35 -47.99
N ALA B 194 -12.20 19.41 -46.66
CA ALA B 194 -12.00 20.69 -45.97
C ALA B 194 -10.62 21.25 -46.24
N ALA B 195 -9.60 20.39 -46.22
CA ALA B 195 -8.24 20.83 -46.53
C ALA B 195 -8.12 21.30 -47.98
N SER B 196 -8.86 20.66 -48.90
CA SER B 196 -8.87 21.14 -50.28
C SER B 196 -9.56 22.49 -50.40
N THR B 197 -10.65 22.69 -49.66
CA THR B 197 -11.40 23.94 -49.73
C THR B 197 -10.78 25.06 -48.91
N THR B 198 -9.74 24.77 -48.11
CA THR B 198 -9.03 25.86 -47.43
C THR B 198 -8.33 26.77 -48.43
N GLY B 199 -7.97 26.24 -49.60
CA GLY B 199 -7.44 27.02 -50.69
C GLY B 199 -5.93 27.02 -50.83
N SER B 200 -5.20 26.66 -49.78
CA SER B 200 -3.76 26.67 -49.83
C SER B 200 -3.23 25.33 -50.33
N ARG B 201 -1.91 25.21 -50.41
CA ARG B 201 -1.27 23.98 -50.85
C ARG B 201 -0.46 23.29 -49.76
N LEU B 202 -0.07 24.01 -48.71
CA LEU B 202 0.62 23.37 -47.59
C LEU B 202 -0.35 22.51 -46.78
N VAL B 203 -1.58 23.00 -46.59
CA VAL B 203 -2.58 22.21 -45.87
C VAL B 203 -3.01 21.01 -46.69
N SER B 204 -3.05 21.13 -48.01
CA SER B 204 -3.34 19.98 -48.85
C SER B 204 -2.23 18.94 -48.76
N LYS B 205 -0.98 19.39 -48.72
CA LYS B 205 0.15 18.47 -48.57
C LYS B 205 0.20 17.88 -47.16
N ASN B 206 -0.13 18.70 -46.16
CA ASN B 206 -0.08 18.29 -44.75
C ASN B 206 -1.38 18.72 -44.08
N LYS B 207 -2.38 17.83 -44.12
CA LYS B 207 -3.66 18.13 -43.50
C LYS B 207 -3.67 17.83 -42.01
N TRP B 208 -2.79 16.95 -41.54
CA TRP B 208 -2.70 16.57 -40.13
C TRP B 208 -1.31 16.97 -39.65
N PRO B 209 -1.14 18.16 -39.09
CA PRO B 209 0.20 18.64 -38.71
C PRO B 209 0.74 17.96 -37.46
N LEU B 210 1.86 18.46 -36.95
CA LEU B 210 2.39 18.05 -35.65
C LEU B 210 2.52 19.30 -34.80
N VAL B 211 1.99 19.24 -33.59
CA VAL B 211 1.78 20.40 -32.74
C VAL B 211 2.57 20.25 -31.45
N PHE B 212 3.16 21.35 -30.99
CA PHE B 212 3.82 21.39 -29.69
C PHE B 212 2.84 21.03 -28.57
N GLN B 213 3.33 20.28 -27.59
CA GLN B 213 2.56 20.00 -26.38
C GLN B 213 3.01 20.97 -25.30
N ALA B 214 2.06 21.79 -24.82
CA ALA B 214 2.33 22.81 -23.80
C ALA B 214 1.40 22.52 -22.63
N LEU B 215 1.85 21.67 -21.72
CA LEU B 215 1.03 21.20 -20.61
C LEU B 215 1.77 21.39 -19.30
N PRO B 216 1.05 21.52 -18.20
CA PRO B 216 1.67 21.56 -16.88
C PRO B 216 2.38 20.26 -16.55
N PRO B 217 3.21 20.22 -15.51
CA PRO B 217 3.91 18.97 -15.15
C PRO B 217 2.96 17.81 -14.86
N LYS B 218 3.55 16.62 -14.82
CA LYS B 218 2.77 15.38 -14.85
C LYS B 218 1.98 15.17 -13.57
N PHE B 219 2.43 15.72 -12.45
CA PHE B 219 1.74 15.47 -11.18
C PHE B 219 0.54 16.39 -10.95
N LEU B 220 0.17 17.21 -11.93
CA LEU B 220 -0.95 18.12 -11.80
C LEU B 220 -2.20 17.66 -12.55
N GLU B 221 -2.17 16.46 -13.13
CA GLU B 221 -3.33 15.94 -13.83
C GLU B 221 -4.41 15.52 -12.84
N LYS B 222 -5.66 15.80 -13.19
CA LYS B 222 -6.79 15.33 -12.38
C LYS B 222 -7.01 13.84 -12.60
N ASN B 223 -7.20 13.10 -11.52
CA ASN B 223 -7.41 11.66 -11.60
C ASN B 223 -8.49 11.29 -10.59
N LEU B 224 -8.63 9.99 -10.33
CA LEU B 224 -9.72 9.51 -9.47
C LEU B 224 -9.46 9.85 -8.01
N ALA B 225 -8.23 9.67 -7.55
CA ALA B 225 -7.94 9.87 -6.12
C ALA B 225 -8.08 11.32 -5.70
N LYS B 226 -7.60 12.25 -6.53
CA LYS B 226 -7.66 13.67 -6.19
C LYS B 226 -9.10 14.16 -6.07
N ALA B 227 -9.98 13.70 -6.96
CA ALA B 227 -11.39 14.04 -6.83
C ALA B 227 -12.04 13.26 -5.71
N LEU B 228 -11.51 12.08 -5.37
CA LEU B 228 -12.14 11.25 -4.36
C LEU B 228 -11.94 11.81 -2.95
N ASP B 229 -10.70 12.20 -2.63
CA ASP B 229 -10.45 12.67 -1.26
C ASP B 229 -10.99 14.09 -1.05
N LYS B 230 -10.56 15.02 -1.90
CA LYS B 230 -11.01 16.43 -1.90
C LYS B 230 -10.69 17.04 -0.53
N GLU B 231 -11.64 17.69 0.14
CA GLU B 231 -11.36 18.37 1.40
C GLU B 231 -12.65 18.40 2.21
N TYR B 232 -12.52 18.83 3.46
CA TYR B 232 -13.65 18.83 4.40
C TYR B 232 -14.62 19.96 4.07
N LEU B 233 -15.76 19.94 4.76
CA LEU B 233 -16.88 20.83 4.46
C LEU B 233 -17.07 21.85 5.57
N LEU B 234 -17.45 23.07 5.17
CA LEU B 234 -17.70 24.17 6.08
C LEU B 234 -19.05 24.82 5.75
N PRO B 235 -19.75 25.35 6.74
CA PRO B 235 -21.04 25.98 6.45
C PRO B 235 -20.89 27.30 5.74
N ASP B 236 -21.92 27.67 4.97
CA ASP B 236 -21.96 28.93 4.28
C ASP B 236 -22.59 30.04 5.11
N ILE B 237 -22.98 29.74 6.35
CA ILE B 237 -23.63 30.69 7.25
C ILE B 237 -22.65 31.03 8.35
N ASN B 238 -22.36 32.32 8.51
CA ASN B 238 -21.48 32.80 9.57
C ASN B 238 -22.30 33.19 10.78
N ILE B 239 -21.81 32.80 11.96
CA ILE B 239 -22.58 32.98 13.20
C ILE B 239 -22.69 34.45 13.55
N ASP B 240 -21.61 35.23 13.36
CA ASP B 240 -21.57 36.61 13.82
C ASP B 240 -22.54 37.51 13.06
N GLU B 241 -22.95 37.13 11.86
CA GLU B 241 -23.80 37.99 11.03
C GLU B 241 -25.29 37.71 11.18
N LEU B 242 -25.68 36.79 12.06
CA LEU B 242 -27.09 36.46 12.27
C LEU B 242 -27.63 37.15 13.51
N GLU B 243 -28.93 37.43 13.48
CA GLU B 243 -29.62 37.97 14.65
C GLU B 243 -29.89 36.86 15.66
N GLY B 244 -29.88 37.23 16.93
CA GLY B 244 -30.15 36.30 18.00
C GLY B 244 -29.10 35.21 18.18
N VAL B 245 -27.82 35.56 18.03
CA VAL B 245 -26.75 34.61 18.28
C VAL B 245 -26.06 34.86 19.62
N ASP B 246 -26.18 36.07 20.18
CA ASP B 246 -25.72 36.41 21.53
C ASP B 246 -24.25 36.03 21.75
N ASN B 247 -23.43 36.33 20.75
CA ASN B 247 -22.01 35.93 20.63
C ASN B 247 -21.79 34.49 21.12
N GLY B 248 -22.49 33.56 20.46
CA GLY B 248 -22.32 32.15 20.73
C GLY B 248 -23.38 31.55 21.64
N CYS B 249 -24.61 32.05 21.55
CA CYS B 249 -25.70 31.56 22.40
C CYS B 249 -27.00 31.73 21.63
N LEU B 250 -27.47 30.65 21.00
CA LEU B 250 -28.72 30.68 20.26
C LEU B 250 -29.89 30.85 21.22
N ILE B 251 -30.78 31.80 20.91
CA ILE B 251 -31.92 32.12 21.75
C ILE B 251 -33.23 31.90 21.00
N ASP B 252 -33.38 32.54 19.84
CA ASP B 252 -34.60 32.40 19.05
C ASP B 252 -34.71 30.99 18.49
N GLU B 253 -35.94 30.45 18.53
CA GLU B 253 -36.20 29.10 18.05
C GLU B 253 -36.39 29.03 16.54
N ALA B 254 -36.49 30.18 15.86
CA ALA B 254 -36.72 30.18 14.42
C ALA B 254 -35.48 29.77 13.63
N LEU B 255 -34.29 29.81 14.26
CA LEU B 255 -33.08 29.41 13.57
C LEU B 255 -32.91 27.91 13.49
N LEU B 256 -33.65 27.13 14.29
CA LEU B 256 -33.52 25.68 14.27
C LEU B 256 -33.87 25.05 12.93
N PRO B 257 -35.00 25.39 12.25
CA PRO B 257 -35.19 24.83 10.90
C PRO B 257 -34.11 25.25 9.91
N LEU B 258 -33.60 26.49 10.02
CA LEU B 258 -32.51 26.91 9.16
C LEU B 258 -31.24 26.11 9.44
N ILE B 259 -30.95 25.86 10.73
CA ILE B 259 -29.76 25.11 11.10
C ILE B 259 -29.84 23.67 10.59
N ILE B 260 -31.00 23.02 10.78
CA ILE B 260 -31.11 21.63 10.35
C ILE B 260 -31.15 21.55 8.82
N ASP B 261 -31.69 22.57 8.14
CA ASP B 261 -31.67 22.56 6.68
C ASP B 261 -30.25 22.74 6.15
N GLU B 262 -29.47 23.64 6.77
CA GLU B 262 -28.09 23.82 6.36
C GLU B 262 -27.25 22.58 6.63
N GLY B 263 -27.54 21.89 7.74
CA GLY B 263 -26.86 20.63 8.00
C GLY B 263 -27.23 19.55 7.02
N LYS B 264 -28.51 19.46 6.66
CA LYS B 264 -28.96 18.38 5.78
C LYS B 264 -28.55 18.61 4.34
N ARG B 265 -28.66 19.85 3.85
CA ARG B 265 -28.44 20.12 2.43
C ARG B 265 -26.96 20.16 2.05
N LYS B 266 -26.05 20.23 3.02
CA LYS B 266 -24.63 20.26 2.73
C LYS B 266 -23.94 18.93 2.94
N GLY B 267 -24.40 18.13 3.90
CA GLY B 267 -23.82 16.84 4.19
C GLY B 267 -24.46 15.67 3.46
N GLU B 268 -25.34 15.93 2.51
CA GLU B 268 -26.02 14.86 1.80
C GLU B 268 -25.07 14.15 0.85
N GLY B 269 -25.02 12.83 0.92
CA GLY B 269 -24.19 12.05 0.04
C GLY B 269 -22.70 12.25 0.22
N ASN B 270 -22.24 12.45 1.45
CA ASN B 270 -20.83 12.68 1.74
C ASN B 270 -20.39 11.88 2.95
N TYR B 271 -20.96 10.68 3.12
CA TYR B 271 -20.58 9.83 4.24
C TYR B 271 -19.20 9.22 4.01
N ARG B 272 -18.39 9.23 5.07
CA ARG B 272 -17.08 8.59 5.08
C ARG B 272 -16.93 7.85 6.39
N PRO B 273 -16.21 6.73 6.40
CA PRO B 273 -16.06 5.96 7.64
C PRO B 273 -15.14 6.63 8.64
N ARG B 274 -15.01 6.04 9.83
CA ARG B 274 -14.14 6.61 10.87
C ARG B 274 -12.68 6.61 10.46
N HIS B 275 -12.27 5.74 9.53
CA HIS B 275 -10.91 5.76 9.04
C HIS B 275 -10.63 7.04 8.25
N LEU B 276 -11.59 7.50 7.45
CA LEU B 276 -11.47 8.75 6.72
C LEU B 276 -12.08 9.94 7.44
N ARG B 277 -12.73 9.73 8.58
CA ARG B 277 -13.40 10.81 9.28
C ARG B 277 -12.40 11.73 9.96
N ASP B 278 -12.80 12.98 10.13
CA ASP B 278 -11.99 13.94 10.87
C ASP B 278 -12.10 13.67 12.37
N GLU B 279 -11.17 14.24 13.13
CA GLU B 279 -11.12 14.08 14.58
C GLU B 279 -11.52 15.39 15.23
N ARG B 280 -12.41 15.30 16.22
CA ARG B 280 -12.88 16.48 16.96
C ARG B 280 -11.86 16.76 18.07
N LYS B 281 -10.89 17.62 17.77
CA LYS B 281 -9.82 17.92 18.71
C LYS B 281 -10.30 18.86 19.80
N GLU B 282 -9.42 19.16 20.74
CA GLU B 282 -9.76 19.97 21.91
C GLU B 282 -9.34 21.43 21.79
N GLU B 283 -8.27 21.72 21.04
CA GLU B 283 -7.84 23.11 20.89
C GLU B 283 -8.76 23.90 19.96
N THR B 284 -9.40 23.22 19.00
CA THR B 284 -10.36 23.91 18.13
C THR B 284 -11.58 24.34 18.91
N VAL B 285 -12.04 23.51 19.86
CA VAL B 285 -13.16 23.90 20.71
C VAL B 285 -12.75 25.03 21.63
N GLN B 286 -11.56 24.90 22.25
CA GLN B 286 -11.11 25.87 23.25
C GLN B 286 -10.83 27.25 22.64
N ALA B 287 -10.34 27.27 21.40
CA ALA B 287 -10.07 28.54 20.74
C ALA B 287 -11.36 29.31 20.47
N PHE B 288 -12.49 28.62 20.35
CA PHE B 288 -13.77 29.31 20.19
C PHE B 288 -14.10 30.16 21.40
N LEU B 289 -14.02 29.58 22.60
CA LEU B 289 -14.28 30.37 23.80
C LEU B 289 -13.17 31.36 24.07
N ASP B 290 -11.95 31.09 23.58
CA ASP B 290 -10.88 32.08 23.70
C ASP B 290 -11.19 33.32 22.87
N LYS B 291 -11.63 33.14 21.62
CA LYS B 291 -11.91 34.28 20.75
C LYS B 291 -13.19 34.99 21.16
N TYR B 292 -14.23 34.24 21.47
CA TYR B 292 -15.52 34.85 21.83
C TYR B 292 -15.51 35.45 23.23
N GLY B 293 -14.52 35.13 24.06
CA GLY B 293 -14.42 35.72 25.39
C GLY B 293 -15.10 34.90 26.47
N TYR B 294 -14.78 33.62 26.54
CA TYR B 294 -15.31 32.73 27.57
C TYR B 294 -14.18 31.90 28.15
N CYS B 295 -14.22 31.69 29.48
CA CYS B 295 -13.22 30.89 30.15
C CYS B 295 -13.61 29.42 30.26
N ASN B 296 -14.90 29.11 30.22
CA ASN B 296 -15.38 27.74 30.34
C ASN B 296 -16.72 27.60 29.64
N ILE B 297 -17.12 26.36 29.42
CA ILE B 297 -18.37 26.08 28.70
C ILE B 297 -19.56 26.52 29.56
N PRO B 298 -20.51 27.27 29.00
CA PRO B 298 -21.68 27.69 29.78
C PRO B 298 -22.54 26.50 30.18
N VAL B 299 -23.20 26.64 31.34
CA VAL B 299 -24.06 25.58 31.85
C VAL B 299 -25.31 25.48 31.01
N GLY B 300 -25.69 24.26 30.64
CA GLY B 300 -26.84 24.03 29.80
C GLY B 300 -26.59 24.21 28.32
N TYR B 301 -25.35 24.48 27.91
CA TYR B 301 -25.01 24.70 26.51
C TYR B 301 -23.89 23.75 26.11
N GLU B 302 -24.01 23.18 24.91
CA GLU B 302 -23.02 22.24 24.40
C GLU B 302 -22.58 22.67 23.00
N VAL B 303 -21.43 22.15 22.59
CA VAL B 303 -20.86 22.45 21.27
C VAL B 303 -21.46 21.49 20.26
N HIS B 304 -22.06 22.03 19.20
CA HIS B 304 -22.63 21.24 18.12
C HIS B 304 -22.19 21.79 16.78
N HIS B 305 -21.61 20.93 15.95
CA HIS B 305 -21.20 21.33 14.62
C HIS B 305 -22.40 21.40 13.68
N ILE B 306 -22.50 22.48 12.91
CA ILE B 306 -23.59 22.63 11.97
C ILE B 306 -23.51 21.57 10.87
N VAL B 307 -22.31 21.38 10.32
CA VAL B 307 -22.05 20.28 9.38
C VAL B 307 -21.66 19.06 10.20
N PRO B 308 -22.37 17.94 10.07
CA PRO B 308 -22.00 16.75 10.85
C PRO B 308 -20.62 16.23 10.46
N LEU B 309 -19.87 15.78 11.46
CA LEU B 309 -18.54 15.23 11.20
C LEU B 309 -18.63 13.89 10.49
N SER B 310 -19.69 13.13 10.72
CA SER B 310 -19.86 11.84 10.06
C SER B 310 -20.11 11.98 8.56
N GLN B 311 -20.55 13.15 8.11
CA GLN B 311 -20.79 13.42 6.70
C GLN B 311 -19.77 14.39 6.14
N GLY B 312 -18.52 14.27 6.57
CA GLY B 312 -17.46 15.11 6.05
C GLY B 312 -17.32 16.48 6.67
N GLY B 313 -17.64 16.61 7.95
CA GLY B 313 -17.47 17.88 8.62
C GLY B 313 -16.02 18.22 8.85
N ALA B 314 -15.77 19.50 9.13
CA ALA B 314 -14.42 20.01 9.36
C ALA B 314 -14.24 20.38 10.82
N ASP B 315 -13.03 20.14 11.33
CA ASP B 315 -12.69 20.50 12.70
C ASP B 315 -11.98 21.86 12.72
N SER B 316 -12.72 22.88 12.30
CA SER B 316 -12.25 24.25 12.29
C SER B 316 -13.19 25.10 13.13
N ILE B 317 -12.75 26.33 13.44
CA ILE B 317 -13.49 27.21 14.34
C ILE B 317 -14.85 27.55 13.76
N LYS B 318 -14.92 27.76 12.44
CA LYS B 318 -16.13 28.21 11.76
C LYS B 318 -17.16 27.10 11.55
N ASN B 319 -17.06 25.97 12.25
CA ASN B 319 -17.91 24.82 11.95
C ASN B 319 -18.97 24.53 13.00
N MET B 320 -18.92 25.17 14.18
CA MET B 320 -19.90 24.88 15.21
C MET B 320 -20.41 26.16 15.86
N ILE B 321 -21.58 26.04 16.47
CA ILE B 321 -22.20 27.08 17.29
C ILE B 321 -22.82 26.40 18.50
N MET B 322 -22.63 27.01 19.68
CA MET B 322 -23.23 26.46 20.89
C MET B 322 -24.76 26.58 20.83
N LEU B 323 -25.43 25.55 21.35
CA LEU B 323 -26.88 25.46 21.31
C LEU B 323 -27.40 25.03 22.67
N SER B 324 -28.71 25.07 22.82
CA SER B 324 -29.36 24.69 24.07
C SER B 324 -29.23 23.19 24.31
N ILE B 325 -29.47 22.79 25.56
CA ILE B 325 -29.39 21.37 25.92
C ILE B 325 -30.49 20.55 25.25
N GLU B 326 -31.60 21.19 24.85
CA GLU B 326 -32.69 20.52 24.16
C GLU B 326 -32.56 20.60 22.65
N HIS B 327 -32.19 21.78 22.12
CA HIS B 327 -32.07 21.95 20.68
C HIS B 327 -30.95 21.10 20.09
N HIS B 328 -29.90 20.83 20.86
CA HIS B 328 -28.87 19.89 20.43
C HIS B 328 -29.47 18.51 20.18
N GLU B 329 -30.31 18.04 21.11
CA GLU B 329 -30.94 16.74 20.94
C GLU B 329 -31.92 16.76 19.76
N ARG B 330 -32.65 17.85 19.58
CA ARG B 330 -33.58 17.92 18.45
C ARG B 330 -32.86 17.89 17.12
N VAL B 331 -31.76 18.65 16.98
CA VAL B 331 -30.99 18.64 15.75
C VAL B 331 -30.37 17.25 15.52
N THR B 332 -29.86 16.62 16.58
CA THR B 332 -29.27 15.30 16.45
C THR B 332 -30.31 14.27 16.01
N GLU B 333 -31.51 14.29 16.61
CA GLU B 333 -32.54 13.35 16.24
C GLU B 333 -33.03 13.58 14.83
N ALA B 334 -33.17 14.84 14.41
CA ALA B 334 -33.58 15.13 13.04
C ALA B 334 -32.54 14.66 12.04
N HIS B 335 -31.25 14.87 12.33
CA HIS B 335 -30.20 14.44 11.41
C HIS B 335 -30.11 12.91 11.37
N ALA B 336 -30.29 12.24 12.51
CA ALA B 336 -30.29 10.79 12.52
C ALA B 336 -31.48 10.23 11.75
N SER B 337 -32.64 10.89 11.86
CA SER B 337 -33.82 10.44 11.11
C SER B 337 -33.65 10.67 9.61
N TYR B 338 -33.04 11.78 9.22
CA TYR B 338 -32.86 12.05 7.79
C TYR B 338 -31.86 11.09 7.17
N PHE B 339 -30.68 10.95 7.77
CA PHE B 339 -29.66 10.07 7.20
C PHE B 339 -29.99 8.61 7.44
N LYS B 340 -30.02 8.19 8.70
CA LYS B 340 -30.26 6.79 9.04
C LYS B 340 -31.73 6.55 9.34
N MET C 1 -18.98 41.10 64.36
CA MET C 1 -18.39 40.10 63.49
C MET C 1 -16.92 39.86 63.82
N PHE C 2 -16.64 39.58 65.09
CA PHE C 2 -15.31 39.15 65.49
C PHE C 2 -14.98 37.81 64.88
N SER C 3 -13.77 37.69 64.34
CA SER C 3 -13.36 36.53 63.56
C SER C 3 -12.11 35.90 64.16
N GLN C 4 -12.14 34.58 64.29
CA GLN C 4 -10.99 33.78 64.69
C GLN C 4 -10.46 33.04 63.47
N ILE C 5 -9.14 32.95 63.37
CA ILE C 5 -8.49 32.44 62.16
C ILE C 5 -7.69 31.18 62.49
N LEU C 6 -7.73 30.23 61.56
CA LEU C 6 -6.93 29.02 61.62
C LEU C 6 -6.22 28.85 60.29
N ILE C 7 -4.95 28.45 60.32
CA ILE C 7 -4.15 28.30 59.11
C ILE C 7 -3.72 26.84 58.98
N ILE C 8 -4.01 26.25 57.83
CA ILE C 8 -3.60 24.88 57.55
C ILE C 8 -2.12 24.87 57.21
N LYS C 9 -1.34 24.10 57.94
CA LYS C 9 0.09 24.02 57.69
C LYS C 9 0.36 23.27 56.40
N PRO C 10 1.06 23.86 55.44
CA PRO C 10 1.30 23.18 54.16
C PRO C 10 2.62 22.39 54.17
N GLY C 11 2.78 21.58 53.13
CA GLY C 11 3.98 20.78 52.98
C GLY C 11 4.17 19.74 54.05
N THR C 12 3.10 19.05 54.46
CA THR C 12 3.15 18.05 55.50
C THR C 12 3.11 16.63 54.94
N GLY C 13 2.16 16.35 54.04
CA GLY C 13 2.03 15.03 53.47
C GLY C 13 0.57 14.62 53.32
N ILE C 14 -0.32 15.39 53.94
CA ILE C 14 -1.76 15.17 53.85
C ILE C 14 -2.38 16.40 53.19
N SER C 15 -3.30 16.15 52.26
CA SER C 15 -3.99 17.24 51.58
C SER C 15 -4.80 18.04 52.59
N PRO C 16 -4.91 19.36 52.41
CA PRO C 16 -5.67 20.17 53.38
C PRO C 16 -7.14 19.80 53.46
N ASN C 17 -7.72 19.27 52.38
CA ASN C 17 -9.11 18.86 52.40
C ASN C 17 -9.35 17.72 53.38
N ILE C 18 -8.41 16.77 53.46
CA ILE C 18 -8.55 15.65 54.38
C ILE C 18 -8.49 16.15 55.83
N ILE C 19 -7.59 17.10 56.11
CA ILE C 19 -7.50 17.66 57.45
C ILE C 19 -8.76 18.45 57.79
N ILE C 20 -9.33 19.13 56.80
CA ILE C 20 -10.58 19.87 57.04
C ILE C 20 -11.72 18.91 57.35
N SER C 21 -11.86 17.87 56.55
CA SER C 21 -12.99 16.95 56.67
C SER C 21 -12.78 15.86 57.72
N GLU C 22 -11.61 15.80 58.36
CA GLU C 22 -11.33 14.74 59.32
C GLU C 22 -11.54 15.19 60.76
N ASP C 23 -10.85 16.26 61.18
CA ASP C 23 -10.87 16.68 62.58
C ASP C 23 -11.53 18.03 62.81
N ILE C 24 -11.28 19.02 61.95
CA ILE C 24 -11.79 20.37 62.19
C ILE C 24 -13.30 20.41 62.07
N PHE C 25 -13.84 19.84 60.99
CA PHE C 25 -15.27 19.93 60.72
C PHE C 25 -16.14 19.24 61.76
N PRO C 26 -15.89 17.99 62.19
CA PRO C 26 -16.72 17.44 63.27
C PRO C 26 -16.63 18.21 64.57
N VAL C 27 -15.44 18.73 64.90
CA VAL C 27 -15.27 19.48 66.14
C VAL C 27 -16.09 20.77 66.10
N LEU C 28 -16.01 21.51 64.98
CA LEU C 28 -16.77 22.74 64.88
C LEU C 28 -18.26 22.47 64.78
N HIS C 29 -18.66 21.37 64.16
CA HIS C 29 -20.07 21.02 64.09
C HIS C 29 -20.63 20.71 65.47
N SER C 30 -19.87 19.95 66.28
CA SER C 30 -20.30 19.66 67.65
C SER C 30 -20.34 20.93 68.49
N LEU C 31 -19.35 21.80 68.34
CA LEU C 31 -19.35 23.06 69.07
C LEU C 31 -20.51 23.96 68.64
N PHE C 32 -20.91 23.89 67.37
CA PHE C 32 -22.01 24.71 66.90
C PHE C 32 -23.35 24.19 67.42
N VAL C 33 -23.56 22.88 67.37
CA VAL C 33 -24.82 22.33 67.87
C VAL C 33 -24.90 22.42 69.39
N GLU C 34 -23.76 22.43 70.08
CA GLU C 34 -23.79 22.68 71.52
C GLU C 34 -24.17 24.12 71.83
N HIS C 35 -23.59 25.07 71.08
CA HIS C 35 -23.78 26.49 71.32
C HIS C 35 -24.96 27.02 70.51
N ASP C 36 -25.13 28.34 70.38
CA ASP C 36 -26.33 28.88 69.68
C ASP C 36 -26.31 28.63 68.18
N LYS C 37 -25.15 28.33 67.61
CA LYS C 37 -24.91 28.06 66.18
C LYS C 37 -24.75 29.35 65.37
N LYS C 38 -24.86 30.52 66.01
CA LYS C 38 -24.74 31.80 65.32
C LYS C 38 -23.37 32.04 64.69
N PHE C 39 -22.35 31.26 65.06
CA PHE C 39 -21.04 31.41 64.44
C PHE C 39 -21.08 30.98 62.98
N GLY C 40 -20.38 31.74 62.13
CA GLY C 40 -20.36 31.45 60.71
C GLY C 40 -19.00 31.02 60.20
N ILE C 41 -18.97 30.38 59.04
CA ILE C 41 -17.74 29.82 58.47
C ILE C 41 -17.35 30.64 57.25
N THR C 42 -16.07 30.99 57.14
CA THR C 42 -15.54 31.77 56.04
C THR C 42 -14.25 31.15 55.53
N PHE C 43 -14.03 31.27 54.22
CA PHE C 43 -12.87 30.72 53.54
C PHE C 43 -12.17 31.85 52.81
N PRO C 44 -11.23 32.55 53.47
CA PRO C 44 -10.61 33.71 52.82
C PRO C 44 -9.47 33.33 51.88
N ALA C 45 -9.66 32.25 51.15
CA ALA C 45 -8.74 31.90 50.06
C ALA C 45 -9.49 31.35 48.86
N TYR C 46 -10.81 31.48 48.80
CA TYR C 46 -11.61 30.82 47.78
C TYR C 46 -11.28 31.37 46.40
N SER C 47 -11.21 30.46 45.43
CA SER C 47 -10.85 30.81 44.05
C SER C 47 -11.61 29.87 43.12
N PHE C 48 -12.76 30.30 42.62
CA PHE C 48 -13.51 29.48 41.68
C PHE C 48 -12.82 29.47 40.32
N ASP C 49 -12.95 28.34 39.63
CA ASP C 49 -12.30 28.10 38.36
C ASP C 49 -13.09 27.00 37.66
N LYS C 50 -12.47 26.36 36.66
CA LYS C 50 -13.02 25.12 36.12
C LYS C 50 -13.32 24.12 37.23
N LYS C 51 -12.43 24.01 38.21
CA LYS C 51 -12.68 23.29 39.45
C LYS C 51 -12.69 24.28 40.60
N GLY C 52 -13.65 24.12 41.51
CA GLY C 52 -13.81 25.03 42.63
C GLY C 52 -12.86 24.77 43.78
N HIS C 53 -11.61 25.18 43.63
CA HIS C 53 -10.60 24.97 44.66
C HIS C 53 -10.98 25.71 45.95
N LEU C 54 -10.69 25.08 47.09
CA LEU C 54 -11.17 25.59 48.37
C LEU C 54 -10.28 26.69 48.93
N GLY C 55 -9.03 26.37 49.22
CA GLY C 55 -8.12 27.31 49.84
C GLY C 55 -7.37 26.65 50.98
N ASN C 56 -6.80 27.47 51.86
CA ASN C 56 -5.97 26.97 52.95
C ASN C 56 -6.28 27.60 54.31
N ILE C 57 -7.21 28.54 54.39
CA ILE C 57 -7.43 29.33 55.60
C ILE C 57 -8.87 29.16 56.06
N ILE C 58 -9.05 28.94 57.37
CA ILE C 58 -10.36 28.78 57.99
C ILE C 58 -10.63 30.02 58.82
N GLU C 59 -11.84 30.57 58.71
CA GLU C 59 -12.25 31.69 59.54
C GLU C 59 -13.60 31.39 60.17
N VAL C 60 -13.76 31.76 61.44
CA VAL C 60 -15.04 31.64 62.12
C VAL C 60 -15.46 33.02 62.60
N LEU C 61 -16.76 33.28 62.55
CA LEU C 61 -17.31 34.61 62.83
C LEU C 61 -18.36 34.51 63.93
N SER C 62 -18.42 35.57 64.74
CA SER C 62 -19.45 35.69 65.77
C SER C 62 -19.81 37.16 65.95
N GLU C 63 -21.05 37.39 66.39
CA GLU C 63 -21.45 38.75 66.75
C GLU C 63 -20.68 39.24 67.97
N ASP C 64 -20.43 38.36 68.93
CA ASP C 64 -19.88 38.73 70.23
C ASP C 64 -18.46 38.21 70.35
N LYS C 65 -17.56 39.06 70.83
CA LYS C 65 -16.18 38.65 71.09
C LYS C 65 -16.12 37.61 72.20
N GLU C 66 -16.93 37.79 73.26
CA GLU C 66 -16.95 36.85 74.37
C GLU C 66 -17.53 35.50 73.94
N ALA C 67 -18.40 35.48 72.93
CA ALA C 67 -18.88 34.21 72.40
C ALA C 67 -17.75 33.41 71.77
N LEU C 68 -16.90 34.07 70.97
CA LEU C 68 -15.75 33.38 70.39
C LEU C 68 -14.73 33.00 71.46
N ALA C 69 -14.60 33.83 72.51
CA ALA C 69 -13.74 33.46 73.63
C ALA C 69 -14.25 32.21 74.34
N SER C 70 -15.56 32.12 74.55
CA SER C 70 -16.15 30.94 75.17
C SER C 70 -16.15 29.72 74.26
N LEU C 71 -16.07 29.93 72.93
CA LEU C 71 -15.94 28.81 72.01
C LEU C 71 -14.61 28.08 72.19
N CYS C 72 -13.61 28.75 72.74
CA CYS C 72 -12.30 28.20 73.12
C CYS C 72 -11.69 27.32 72.03
N LEU C 73 -11.41 27.96 70.89
CA LEU C 73 -10.72 27.26 69.81
C LEU C 73 -9.29 26.92 70.19
N GLU C 74 -8.69 27.69 71.11
CA GLU C 74 -7.39 27.32 71.66
C GLU C 74 -7.48 26.01 72.45
N GLU C 75 -8.57 25.84 73.18
CA GLU C 75 -8.83 24.57 73.83
C GLU C 75 -9.09 23.49 72.80
N HIS C 76 -8.84 22.24 73.20
CA HIS C 76 -8.78 21.08 72.30
C HIS C 76 -7.76 21.31 71.20
N LEU C 77 -7.86 20.54 70.11
CA LEU C 77 -6.97 20.65 68.95
C LEU C 77 -5.50 20.49 69.34
N ALA C 78 -5.23 19.74 70.41
CA ALA C 78 -3.87 19.54 70.88
C ALA C 78 -3.13 18.43 70.15
N GLU C 79 -3.81 17.72 69.24
CA GLU C 79 -3.20 16.67 68.45
C GLU C 79 -3.05 17.06 66.99
N VAL C 80 -3.52 18.24 66.60
CA VAL C 80 -3.40 18.73 65.24
C VAL C 80 -2.51 19.97 65.18
N THR C 81 -1.66 20.17 66.19
CA THR C 81 -0.74 21.30 66.19
C THR C 81 0.28 21.23 65.07
N ASP C 82 0.57 20.03 64.57
CA ASP C 82 1.49 19.85 63.45
C ASP C 82 0.82 19.95 62.10
N TYR C 83 -0.49 20.19 62.07
CA TYR C 83 -1.23 20.27 60.81
C TYR C 83 -2.02 21.56 60.66
N VAL C 84 -2.56 22.10 61.76
CA VAL C 84 -3.26 23.38 61.74
C VAL C 84 -2.73 24.22 62.88
N LYS C 85 -2.73 25.54 62.67
CA LYS C 85 -2.28 26.49 63.68
C LYS C 85 -3.41 27.46 64.00
N VAL C 86 -3.68 27.62 65.30
CA VAL C 86 -4.64 28.57 65.84
C VAL C 86 -3.87 29.76 66.39
N LYS C 87 -4.48 30.93 66.35
CA LYS C 87 -3.88 32.15 66.88
C LYS C 87 -4.87 32.84 67.81
N LYS C 88 -4.36 33.41 68.89
CA LYS C 88 -5.20 34.09 69.89
C LYS C 88 -5.38 35.55 69.55
N GLU C 89 -5.81 35.82 68.31
CA GLU C 89 -6.07 37.18 67.85
C GLU C 89 -7.45 37.19 67.19
N ILE C 90 -8.40 37.91 67.80
CA ILE C 90 -9.77 38.00 67.30
C ILE C 90 -10.09 39.48 67.09
N THR C 91 -10.68 39.81 65.95
CA THR C 91 -11.05 41.18 65.65
C THR C 91 -12.24 41.20 64.72
N PHE C 92 -12.94 42.32 64.72
CA PHE C 92 -14.06 42.51 63.81
C PHE C 92 -13.55 42.69 62.39
N THR C 93 -14.15 41.97 61.45
CA THR C 93 -13.70 41.98 60.06
C THR C 93 -14.56 42.92 59.22
N ASP C 94 -13.90 43.63 58.30
CA ASP C 94 -14.61 44.50 57.38
C ASP C 94 -15.47 43.70 56.41
N ASP C 95 -14.96 42.57 55.93
CA ASP C 95 -15.65 41.72 54.98
C ASP C 95 -15.87 40.34 55.58
N TYR C 96 -17.07 39.81 55.37
CA TYR C 96 -17.44 38.48 55.89
C TYR C 96 -18.33 37.80 54.85
N VAL C 97 -17.71 37.03 53.96
CA VAL C 97 -18.42 36.36 52.87
C VAL C 97 -19.02 35.07 53.42
N LEU C 98 -20.35 34.96 53.38
CA LEU C 98 -21.01 33.76 53.85
C LEU C 98 -21.10 32.73 52.73
N PHE C 99 -21.33 31.48 53.12
CA PHE C 99 -21.39 30.36 52.18
C PHE C 99 -22.72 29.64 52.31
N LYS C 100 -23.26 29.22 51.17
CA LYS C 100 -24.54 28.54 51.10
C LYS C 100 -24.38 27.15 50.49
N ARG C 101 -25.18 26.22 50.99
CA ARG C 101 -25.18 24.83 50.56
C ARG C 101 -26.00 24.67 49.29
N ILE C 102 -25.54 23.77 48.41
CA ILE C 102 -26.16 23.58 47.09
C ILE C 102 -26.61 22.12 46.98
N ARG C 103 -27.12 21.57 48.09
CA ARG C 103 -27.62 20.20 48.10
C ARG C 103 -28.68 19.99 47.01
N GLU C 104 -28.56 18.87 46.30
CA GLU C 104 -29.37 18.65 45.10
C GLU C 104 -29.71 17.18 44.87
N GLU C 105 -30.09 16.86 43.63
CA GLU C 105 -30.47 15.51 43.20
C GLU C 105 -29.49 14.45 43.69
N ASN C 106 -30.04 13.30 44.08
CA ASN C 106 -29.27 12.25 44.75
C ASN C 106 -28.74 11.19 43.78
N GLN C 107 -29.66 10.47 43.13
CA GLN C 107 -29.33 9.37 42.23
C GLN C 107 -30.62 8.92 41.53
N TYR C 108 -30.46 7.99 40.58
CA TYR C 108 -31.61 7.45 39.86
C TYR C 108 -32.39 6.47 40.72
N GLU C 109 -31.77 5.34 41.08
CA GLU C 109 -32.46 4.33 41.87
C GLU C 109 -32.74 4.80 43.29
N THR C 110 -31.97 5.77 43.79
CA THR C 110 -32.26 6.36 45.10
C THR C 110 -33.60 7.08 45.07
N THR C 111 -33.80 7.95 44.07
CA THR C 111 -35.03 8.71 43.97
C THR C 111 -36.16 7.93 43.33
N ALA C 112 -35.89 6.72 42.82
CA ALA C 112 -36.91 5.98 42.07
C ALA C 112 -38.14 5.66 42.92
N ARG C 113 -37.93 5.06 44.11
CA ARG C 113 -39.08 4.66 44.91
C ARG C 113 -39.79 5.86 45.53
N ARG C 114 -39.04 6.88 45.97
CA ARG C 114 -39.66 8.03 46.58
C ARG C 114 -40.31 8.95 45.55
N MET C 115 -39.99 8.79 44.26
CA MET C 115 -40.72 9.49 43.21
C MET C 115 -41.89 8.67 42.70
N ARG C 116 -41.83 7.35 42.82
CA ARG C 116 -42.97 6.52 42.43
C ARG C 116 -44.03 6.42 43.52
N LYS C 117 -43.69 6.72 44.78
CA LYS C 117 -44.68 6.67 45.84
C LYS C 117 -45.58 7.90 45.88
N ARG C 118 -45.20 8.99 45.21
CA ARG C 118 -46.06 10.15 45.04
C ARG C 118 -46.37 10.43 43.59
N GLY C 119 -45.35 10.54 42.74
CA GLY C 119 -45.53 10.69 41.31
C GLY C 119 -45.74 9.36 40.63
N HIS C 120 -46.96 8.83 40.70
CA HIS C 120 -47.29 7.50 40.21
C HIS C 120 -47.19 7.37 38.68
N THR C 121 -46.74 8.42 38.00
CA THR C 121 -46.71 8.42 36.54
C THR C 121 -45.73 7.40 35.98
N GLU C 122 -44.64 7.12 36.69
CA GLU C 122 -43.58 6.20 36.26
C GLU C 122 -43.02 6.63 34.89
N LEU C 123 -42.40 7.81 34.91
CA LEU C 123 -41.88 8.39 33.67
C LEU C 123 -40.76 7.56 33.06
N GLY C 124 -39.87 7.03 33.89
CA GLY C 124 -38.85 6.12 33.39
C GLY C 124 -37.63 6.85 32.86
N ARG C 125 -37.11 6.36 31.73
CA ARG C 125 -35.87 6.88 31.18
C ARG C 125 -35.89 8.34 30.73
N PRO C 126 -36.85 8.81 29.93
CA PRO C 126 -36.66 10.13 29.29
C PRO C 126 -36.66 11.29 30.27
N LEU C 127 -35.86 12.31 29.91
CA LEU C 127 -35.68 13.59 30.60
C LEU C 127 -34.99 13.44 31.95
N GLU C 128 -34.75 12.22 32.41
CA GLU C 128 -33.98 12.01 33.64
C GLU C 128 -32.51 12.28 33.44
N MET C 129 -32.04 12.33 32.19
CA MET C 129 -30.71 12.88 31.90
C MET C 129 -30.59 14.33 32.31
N HIS C 130 -31.71 14.99 32.63
CA HIS C 130 -31.64 16.32 33.24
C HIS C 130 -30.84 16.30 34.54
N ILE C 131 -30.83 15.18 35.27
CA ILE C 131 -29.97 15.11 36.45
C ILE C 131 -28.51 15.18 36.03
N LYS C 132 -28.15 14.52 34.92
CA LYS C 132 -26.81 14.65 34.35
C LYS C 132 -26.51 16.09 33.95
N LYS C 133 -27.56 16.89 33.70
CA LYS C 133 -27.35 18.33 33.56
C LYS C 133 -26.88 18.94 34.86
N LYS C 134 -27.68 18.81 35.93
CA LYS C 134 -27.48 19.67 37.10
C LYS C 134 -26.17 19.36 37.82
N ASN C 135 -25.89 18.07 38.05
CA ASN C 135 -24.61 17.68 38.63
C ASN C 135 -23.43 18.18 37.82
N GLN C 136 -23.59 18.30 36.49
CA GLN C 136 -22.51 18.79 35.64
C GLN C 136 -22.01 20.15 36.10
N GLN C 137 -22.91 20.99 36.63
CA GLN C 137 -22.44 22.22 37.25
C GLN C 137 -22.02 21.97 38.69
N ILE C 138 -22.84 21.23 39.43
CA ILE C 138 -22.65 21.14 40.88
C ILE C 138 -21.39 20.34 41.20
N PHE C 139 -20.95 19.48 40.29
CA PHE C 139 -19.65 18.86 40.45
C PHE C 139 -18.57 19.77 39.88
N CYS C 140 -18.62 21.05 40.24
CA CYS C 140 -17.56 21.99 39.94
C CYS C 140 -17.28 22.95 41.09
N HIS C 141 -17.96 22.82 42.22
CA HIS C 141 -17.78 23.68 43.38
C HIS C 141 -16.98 22.95 44.46
N ALA C 142 -16.62 23.70 45.49
CA ALA C 142 -15.95 23.12 46.64
C ALA C 142 -16.95 22.35 47.49
N TYR C 143 -16.47 21.27 48.12
CA TYR C 143 -17.31 20.41 48.93
C TYR C 143 -16.52 19.93 50.14
N ILE C 144 -17.21 19.21 51.02
CA ILE C 144 -16.63 18.62 52.21
C ILE C 144 -17.22 17.22 52.40
N LYS C 145 -16.36 16.23 52.62
CA LYS C 145 -16.81 14.88 52.94
C LYS C 145 -17.16 14.81 54.42
N VAL C 146 -18.38 14.37 54.72
CA VAL C 146 -18.86 14.30 56.10
C VAL C 146 -19.63 13.00 56.28
N LYS C 147 -19.39 12.31 57.40
CA LYS C 147 -20.15 11.12 57.74
C LYS C 147 -21.41 11.51 58.48
N SER C 148 -22.51 10.81 58.18
CA SER C 148 -23.78 11.06 58.85
C SER C 148 -23.68 10.60 60.30
N ALA C 149 -23.68 11.57 61.22
CA ALA C 149 -23.51 11.25 62.63
C ALA C 149 -24.71 10.45 63.17
N SER C 150 -25.91 10.78 62.73
CA SER C 150 -27.10 10.09 63.21
C SER C 150 -27.44 8.87 62.37
N THR C 151 -27.67 9.06 61.07
CA THR C 151 -28.14 7.97 60.22
C THR C 151 -26.99 7.24 59.52
N GLY C 152 -25.95 6.92 60.29
CA GLY C 152 -24.89 5.97 59.94
C GLY C 152 -24.40 5.88 58.51
N GLN C 153 -24.20 7.01 57.85
CA GLN C 153 -23.88 7.00 56.42
C GLN C 153 -22.86 8.13 56.20
N SER C 154 -22.56 8.46 54.94
CA SER C 154 -21.62 9.52 54.62
C SER C 154 -22.08 10.20 53.33
N TYR C 155 -21.83 11.50 53.23
CA TYR C 155 -22.23 12.26 52.05
C TYR C 155 -21.31 13.46 51.86
N ASN C 156 -21.56 14.21 50.80
CA ASN C 156 -20.77 15.37 50.43
C ASN C 156 -21.62 16.63 50.57
N ILE C 157 -21.05 17.66 51.17
CA ILE C 157 -21.70 18.97 51.32
C ILE C 157 -21.03 19.93 50.37
N PHE C 158 -21.77 20.40 49.37
CA PHE C 158 -21.27 21.34 48.38
C PHE C 158 -21.63 22.76 48.80
N LEU C 159 -20.68 23.68 48.69
CA LEU C 159 -20.93 25.04 49.15
C LEU C 159 -20.38 26.05 48.16
N ALA C 160 -20.97 27.24 48.17
CA ALA C 160 -20.52 28.34 47.33
C ALA C 160 -20.74 29.65 48.06
N PRO C 161 -19.90 30.66 47.83
CA PRO C 161 -20.12 31.95 48.49
C PRO C 161 -21.38 32.65 47.98
N THR C 162 -21.98 33.44 48.86
CA THR C 162 -23.19 34.20 48.57
C THR C 162 -23.03 35.62 49.08
N ASP C 163 -23.80 36.53 48.48
CA ASP C 163 -23.69 37.95 48.77
C ASP C 163 -24.53 38.41 49.95
N ILE C 164 -25.38 37.55 50.50
CA ILE C 164 -26.21 37.94 51.64
C ILE C 164 -25.33 38.08 52.87
N LYS C 165 -25.26 39.30 53.41
CA LYS C 165 -24.33 39.60 54.50
C LYS C 165 -24.83 39.14 55.86
N HIS C 166 -26.12 38.81 55.99
CA HIS C 166 -26.68 38.39 57.26
C HIS C 166 -27.75 37.34 57.02
N GLY C 167 -28.03 36.57 58.05
CA GLY C 167 -29.05 35.53 57.96
C GLY C 167 -28.90 34.54 59.11
N SER C 168 -29.53 33.38 58.92
CA SER C 168 -29.51 32.30 59.90
C SER C 168 -28.60 31.18 59.41
N PHE C 169 -27.71 30.73 60.27
CA PHE C 169 -26.74 29.70 59.91
C PHE C 169 -27.30 28.32 60.25
N SER C 170 -26.75 27.31 59.57
CA SER C 170 -27.15 25.93 59.76
C SER C 170 -26.38 25.34 60.95
N ALA C 171 -26.57 24.03 61.18
CA ALA C 171 -25.83 23.37 62.25
C ALA C 171 -24.35 23.26 61.94
N TYR C 172 -24.00 23.07 60.67
CA TYR C 172 -22.59 23.01 60.29
C TYR C 172 -21.94 24.38 60.25
N GLY C 173 -22.67 25.40 59.82
CA GLY C 173 -22.13 26.75 59.77
C GLY C 173 -22.52 27.50 58.52
N LEU C 174 -23.03 26.79 57.52
CA LEU C 174 -23.43 27.42 56.27
C LEU C 174 -24.72 28.21 56.46
N LEU C 175 -24.92 29.19 55.58
CA LEU C 175 -26.10 30.05 55.63
C LEU C 175 -27.36 29.27 55.29
N LEU D 12 -33.23 51.76 -41.16
CA LEU D 12 -32.69 50.41 -41.08
C LEU D 12 -32.96 49.64 -42.36
N LYS D 13 -31.96 48.91 -42.84
CA LYS D 13 -32.09 48.15 -44.08
C LYS D 13 -31.88 46.66 -43.90
N SER D 14 -30.89 46.24 -43.12
CA SER D 14 -30.57 44.82 -42.99
C SER D 14 -29.88 44.58 -41.67
N ARG D 15 -29.57 43.31 -41.40
CA ARG D 15 -28.88 42.94 -40.18
C ARG D 15 -27.45 43.48 -40.20
N PRO D 16 -26.88 43.76 -39.03
CA PRO D 16 -25.50 44.27 -38.99
C PRO D 16 -24.49 43.22 -39.43
N GLU D 17 -23.33 43.72 -39.87
CA GLU D 17 -22.28 42.83 -40.37
C GLU D 17 -21.63 42.01 -39.26
N ASN D 18 -21.84 42.37 -38.00
CA ASN D 18 -21.24 41.62 -36.89
C ASN D 18 -22.22 41.69 -35.71
N LEU D 19 -23.07 40.67 -35.60
CA LEU D 19 -23.98 40.53 -34.48
C LEU D 19 -23.76 39.15 -33.86
N SER D 20 -23.63 39.12 -32.54
CA SER D 20 -23.27 37.88 -31.85
C SER D 20 -23.75 37.94 -30.42
N PHE D 21 -24.53 36.94 -30.01
CA PHE D 21 -25.04 36.80 -28.67
C PHE D 21 -24.24 35.75 -27.90
N ALA D 22 -24.67 35.45 -26.68
CA ALA D 22 -24.10 34.38 -25.87
C ALA D 22 -25.21 33.41 -25.49
N ARG D 23 -24.85 32.43 -24.66
CA ARG D 23 -25.81 31.42 -24.21
C ARG D 23 -26.25 31.79 -22.80
N CYS D 24 -27.56 31.91 -22.60
CA CYS D 24 -28.12 32.35 -21.34
C CYS D 24 -28.38 31.22 -20.35
N LEU D 25 -28.17 29.97 -20.76
CA LEU D 25 -28.37 28.81 -19.90
C LEU D 25 -27.12 27.95 -19.97
N ASN D 26 -26.14 28.26 -19.12
CA ASN D 26 -24.88 27.51 -19.11
C ASN D 26 -25.03 26.27 -18.24
N THR D 27 -24.48 25.15 -18.71
CA THR D 27 -24.54 23.90 -17.98
C THR D 27 -23.15 23.30 -17.88
N THR D 28 -22.84 22.72 -16.72
CA THR D 28 -21.57 22.07 -16.50
C THR D 28 -21.63 20.62 -16.97
N GLU D 29 -20.54 19.88 -16.78
CA GLU D 29 -20.52 18.47 -17.13
C GLU D 29 -21.05 17.64 -15.97
N ALA D 30 -21.93 16.69 -16.28
CA ALA D 30 -22.52 15.85 -15.25
C ALA D 30 -21.50 14.81 -14.78
N LYS D 31 -21.78 14.25 -13.60
CA LYS D 31 -20.95 13.21 -13.02
C LYS D 31 -21.85 12.07 -12.56
N PHE D 32 -21.34 10.84 -12.65
CA PHE D 32 -22.10 9.64 -12.37
C PHE D 32 -21.65 9.03 -11.04
N TRP D 33 -22.60 8.74 -10.18
CA TRP D 33 -22.35 8.02 -8.93
C TRP D 33 -23.40 6.93 -8.77
N GLN D 34 -23.03 5.88 -8.05
CA GLN D 34 -23.91 4.74 -7.82
C GLN D 34 -24.09 4.53 -6.33
N THR D 35 -25.29 4.11 -5.93
CA THR D 35 -25.63 3.91 -4.53
C THR D 35 -26.86 3.01 -4.46
N ASP D 36 -27.37 2.82 -3.25
CA ASP D 36 -28.59 2.07 -3.01
C ASP D 36 -29.74 3.05 -2.79
N PHE D 37 -30.94 2.64 -3.25
CA PHE D 37 -32.08 3.55 -3.23
C PHE D 37 -32.52 3.88 -1.82
N LEU D 38 -32.47 2.92 -0.91
CA LEU D 38 -32.91 3.17 0.46
C LEU D 38 -31.97 4.09 1.21
N LYS D 39 -30.68 4.08 0.85
CA LYS D 39 -29.67 4.92 1.48
C LYS D 39 -29.14 5.94 0.48
N ARG D 40 -30.01 6.48 -0.38
CA ARG D 40 -29.57 7.39 -1.43
C ARG D 40 -29.17 8.75 -0.91
N HIS D 41 -29.56 9.11 0.32
CA HIS D 41 -29.25 10.41 0.89
C HIS D 41 -28.05 10.38 1.83
N THR D 42 -27.32 9.27 1.89
CA THR D 42 -26.21 9.12 2.83
C THR D 42 -24.87 9.00 2.13
N PHE D 43 -24.71 8.02 1.23
CA PHE D 43 -23.41 7.71 0.67
C PHE D 43 -23.55 7.47 -0.83
N LYS D 44 -22.41 7.60 -1.52
CA LYS D 44 -22.34 7.35 -2.95
C LYS D 44 -21.01 6.69 -3.26
N LEU D 45 -20.96 5.98 -4.39
CA LEU D 45 -19.76 5.27 -4.80
C LEU D 45 -19.40 5.67 -6.22
N PRO D 46 -18.10 5.72 -6.54
CA PRO D 46 -17.70 6.08 -7.90
C PRO D 46 -18.09 5.02 -8.92
N LEU D 47 -18.37 5.49 -10.13
CA LEU D 47 -18.71 4.63 -11.26
C LEU D 47 -17.60 4.70 -12.29
N LEU D 48 -17.03 3.55 -12.63
CA LEU D 48 -15.87 3.49 -13.51
C LEU D 48 -16.22 2.85 -14.85
N ILE D 49 -15.44 3.21 -15.86
CA ILE D 49 -15.64 2.73 -17.23
C ILE D 49 -14.57 1.69 -17.52
N THR D 50 -14.99 0.52 -17.99
CA THR D 50 -14.09 -0.58 -18.27
C THR D 50 -13.96 -0.80 -19.77
N ASP D 51 -12.82 -1.35 -20.18
CA ASP D 51 -12.62 -1.72 -21.56
C ASP D 51 -13.24 -3.07 -21.85
N LYS D 52 -13.39 -3.39 -23.14
CA LYS D 52 -14.08 -4.60 -23.53
C LYS D 52 -13.64 -4.99 -24.93
N ALA D 53 -13.51 -6.29 -25.17
CA ALA D 53 -13.19 -6.81 -26.49
C ALA D 53 -14.22 -7.87 -26.86
N VAL D 54 -14.62 -7.88 -28.13
CA VAL D 54 -15.66 -8.77 -28.60
C VAL D 54 -15.21 -9.45 -29.89
N LEU D 55 -15.82 -10.61 -30.16
CA LEU D 55 -15.57 -11.36 -31.39
C LEU D 55 -16.91 -11.59 -32.07
N ALA D 56 -17.21 -10.79 -33.09
CA ALA D 56 -18.47 -10.85 -33.80
C ALA D 56 -18.27 -11.45 -35.18
N SER D 57 -19.34 -11.45 -35.97
CA SER D 57 -19.31 -11.91 -37.35
C SER D 57 -19.52 -10.72 -38.29
N LYS D 58 -19.37 -10.98 -39.59
CA LYS D 58 -19.54 -9.96 -40.62
C LYS D 58 -21.03 -9.83 -40.92
N GLY D 59 -21.73 -9.07 -40.07
CA GLY D 59 -23.16 -8.89 -40.21
C GLY D 59 -23.59 -7.71 -41.04
N HIS D 60 -22.68 -6.86 -41.45
CA HIS D 60 -23.03 -5.69 -42.26
C HIS D 60 -23.35 -6.10 -43.68
N GLU D 61 -24.12 -5.25 -44.37
CA GLU D 61 -24.49 -5.51 -45.75
C GLU D 61 -23.27 -5.39 -46.65
N MET D 62 -23.18 -6.29 -47.62
CA MET D 62 -22.03 -6.39 -48.50
C MET D 62 -22.49 -6.66 -49.93
N PRO D 63 -21.69 -6.28 -50.92
CA PRO D 63 -21.94 -6.70 -52.30
C PRO D 63 -21.81 -8.20 -52.44
N PRO D 64 -22.47 -8.81 -53.44
CA PRO D 64 -22.53 -10.27 -53.51
C PRO D 64 -21.18 -10.98 -53.58
N ASP D 65 -20.19 -10.41 -54.26
CA ASP D 65 -18.87 -11.04 -54.29
C ASP D 65 -18.18 -10.95 -52.94
N LYS D 66 -18.17 -9.76 -52.33
CA LYS D 66 -17.62 -9.61 -51.00
C LYS D 66 -18.40 -10.42 -49.97
N LEU D 67 -19.72 -10.53 -50.15
CA LEU D 67 -20.53 -11.35 -49.26
C LEU D 67 -20.15 -12.82 -49.38
N GLU D 68 -20.08 -13.33 -50.61
CA GLU D 68 -19.77 -14.75 -50.80
C GLU D 68 -18.33 -15.08 -50.44
N LYS D 69 -17.45 -14.09 -50.37
CA LYS D 69 -16.11 -14.37 -49.87
C LYS D 69 -16.06 -14.31 -48.35
N GLU D 70 -16.51 -13.21 -47.75
CA GLU D 70 -16.37 -12.98 -46.31
C GLU D 70 -17.66 -13.26 -45.55
N ILE D 71 -18.39 -14.31 -45.95
CA ILE D 71 -19.65 -14.64 -45.28
C ILE D 71 -19.39 -15.14 -43.85
N MET D 72 -18.35 -15.95 -43.66
CA MET D 72 -18.14 -16.62 -42.39
C MET D 72 -16.80 -16.28 -41.78
N ASP D 73 -16.44 -15.02 -41.78
CA ASP D 73 -15.18 -14.68 -41.14
C ASP D 73 -15.41 -14.15 -39.73
N PRO D 74 -14.48 -14.39 -38.81
CA PRO D 74 -14.56 -13.73 -37.49
C PRO D 74 -14.26 -12.24 -37.63
N ASN D 75 -14.49 -11.52 -36.53
CA ASN D 75 -14.37 -10.07 -36.52
C ASN D 75 -14.03 -9.61 -35.11
N PRO D 76 -12.75 -9.35 -34.82
CA PRO D 76 -12.38 -8.82 -33.50
C PRO D 76 -12.64 -7.32 -33.43
N GLN D 77 -13.30 -6.88 -32.36
CA GLN D 77 -13.64 -5.48 -32.19
C GLN D 77 -13.37 -5.06 -30.76
N LYS D 78 -13.13 -3.76 -30.57
CA LYS D 78 -12.85 -3.16 -29.28
C LYS D 78 -13.96 -2.18 -28.93
N SER D 79 -14.23 -2.05 -27.63
CA SER D 79 -15.28 -1.16 -27.15
C SER D 79 -15.04 -0.87 -25.68
N GLN D 80 -15.92 -0.06 -25.10
CA GLN D 80 -15.92 0.22 -23.67
C GLN D 80 -17.33 0.08 -23.14
N SER D 81 -17.45 -0.19 -21.84
CA SER D 81 -18.74 -0.39 -21.21
C SER D 81 -18.69 0.14 -19.78
N CYS D 82 -19.85 0.60 -19.31
CA CYS D 82 -20.03 1.03 -17.94
C CYS D 82 -21.27 0.34 -17.37
N THR D 83 -21.16 -0.13 -16.14
CA THR D 83 -22.24 -0.92 -15.55
C THR D 83 -22.20 -0.78 -14.04
N LEU D 84 -23.32 -1.15 -13.42
CA LEU D 84 -23.46 -1.13 -11.97
C LEU D 84 -22.63 -2.25 -11.34
N SER D 85 -22.50 -2.18 -10.02
CA SER D 85 -21.94 -3.29 -9.26
C SER D 85 -23.05 -4.26 -8.88
N THR D 86 -22.71 -5.26 -8.09
CA THR D 86 -23.68 -6.26 -7.65
C THR D 86 -24.34 -5.89 -6.32
N GLU D 87 -24.01 -4.74 -5.74
CA GLU D 87 -24.56 -4.31 -4.46
C GLU D 87 -25.27 -2.97 -4.53
N CYS D 88 -25.42 -2.38 -5.72
CA CYS D 88 -26.11 -1.11 -5.87
C CYS D 88 -27.12 -1.21 -7.01
N ASP D 89 -28.21 -0.45 -6.88
CA ASP D 89 -29.26 -0.47 -7.89
C ASP D 89 -29.81 0.93 -8.17
N THR D 90 -28.97 1.96 -8.04
CA THR D 90 -29.43 3.32 -8.26
C THR D 90 -28.29 4.15 -8.83
N LEU D 91 -28.54 4.79 -9.97
CA LEU D 91 -27.60 5.69 -10.60
C LEU D 91 -27.92 7.13 -10.21
N ARG D 92 -26.90 7.90 -9.88
CA ARG D 92 -27.06 9.27 -9.39
C ARG D 92 -26.32 10.23 -10.31
N ILE D 93 -26.99 11.30 -10.72
CA ILE D 93 -26.42 12.30 -11.61
C ILE D 93 -26.54 13.66 -10.94
N ASP D 94 -25.40 14.35 -10.80
CA ASP D 94 -25.35 15.69 -10.20
C ASP D 94 -24.78 16.67 -11.20
N PHE D 95 -25.44 17.81 -11.37
CA PHE D 95 -24.92 18.88 -12.22
C PHE D 95 -25.54 20.20 -11.81
N GLY D 96 -25.20 21.25 -12.54
CA GLY D 96 -25.65 22.59 -12.20
C GLY D 96 -25.85 23.46 -13.43
N ILE D 97 -26.72 24.45 -13.28
CA ILE D 97 -27.07 25.37 -14.36
C ILE D 97 -26.88 26.80 -13.87
N LYS D 98 -26.39 27.66 -14.76
CA LYS D 98 -26.25 29.10 -14.50
C LYS D 98 -27.09 29.87 -15.50
N VAL D 99 -27.91 30.78 -15.00
CA VAL D 99 -28.83 31.57 -15.81
C VAL D 99 -28.37 33.02 -15.78
N LEU D 100 -28.29 33.64 -16.97
CA LEU D 100 -27.80 34.99 -17.18
C LEU D 100 -28.87 35.83 -17.88
N PRO D 101 -28.88 37.14 -17.65
CA PRO D 101 -29.88 38.00 -18.30
C PRO D 101 -29.70 38.06 -19.81
N VAL D 102 -30.81 38.23 -20.51
CA VAL D 102 -30.81 38.21 -21.97
C VAL D 102 -30.22 39.51 -22.52
N LYS D 103 -30.57 40.65 -21.94
CA LYS D 103 -30.13 41.94 -22.47
C LYS D 103 -28.62 42.10 -22.37
N GLU D 104 -28.02 41.62 -21.27
CA GLU D 104 -26.58 41.67 -21.12
C GLU D 104 -25.86 40.52 -21.80
N SER D 105 -26.60 39.59 -22.40
CA SER D 105 -25.99 38.45 -23.06
C SER D 105 -25.49 38.75 -24.47
N MET D 106 -25.83 39.92 -25.02
CA MET D 106 -25.33 40.28 -26.34
C MET D 106 -23.86 40.68 -26.23
N TYR D 107 -23.02 40.02 -27.02
CA TYR D 107 -21.58 40.24 -26.94
C TYR D 107 -21.04 41.15 -28.04
N SER D 108 -21.69 41.22 -29.19
CA SER D 108 -21.19 42.04 -30.27
C SER D 108 -22.34 42.55 -31.12
N CYS D 109 -22.32 43.85 -31.42
CA CYS D 109 -23.31 44.46 -32.32
C CYS D 109 -22.65 45.69 -32.94
N SER D 110 -22.22 45.54 -34.20
CA SER D 110 -21.53 46.64 -34.87
C SER D 110 -22.44 47.85 -35.07
N ASP D 111 -23.69 47.61 -35.49
CA ASP D 111 -24.63 48.68 -35.67
C ASP D 111 -25.15 49.18 -34.33
N TYR D 112 -25.57 50.44 -34.30
CA TYR D 112 -26.13 51.06 -33.10
C TYR D 112 -27.65 51.13 -33.13
N ASN D 113 -28.23 51.53 -34.27
CA ASN D 113 -29.68 51.58 -34.38
C ASN D 113 -30.30 50.19 -34.29
N TYR D 114 -29.60 49.18 -34.83
CA TYR D 114 -30.07 47.81 -34.68
C TYR D 114 -30.06 47.38 -33.22
N ARG D 115 -29.02 47.76 -32.47
CA ARG D 115 -28.97 47.45 -31.04
C ARG D 115 -30.10 48.14 -30.30
N THR D 116 -30.39 49.40 -30.65
CA THR D 116 -31.49 50.12 -30.01
C THR D 116 -32.83 49.46 -30.32
N ALA D 117 -33.04 49.04 -31.57
CA ALA D 117 -34.28 48.37 -31.93
C ALA D 117 -34.42 47.01 -31.23
N ILE D 118 -33.31 46.28 -31.11
CA ILE D 118 -33.33 45.00 -30.40
C ILE D 118 -33.70 45.20 -28.94
N TYR D 119 -33.10 46.21 -28.31
CA TYR D 119 -33.41 46.51 -26.92
C TYR D 119 -34.87 46.92 -26.75
N GLN D 120 -35.39 47.73 -27.67
CA GLN D 120 -36.78 48.17 -27.58
C GLN D 120 -37.75 47.00 -27.76
N LYS D 121 -37.45 46.09 -28.69
CA LYS D 121 -38.34 44.95 -28.90
C LYS D 121 -38.29 43.99 -27.72
N ILE D 122 -37.10 43.79 -27.14
CA ILE D 122 -36.99 42.95 -25.94
C ILE D 122 -37.76 43.59 -24.79
N ASP D 123 -37.70 44.92 -24.66
CA ASP D 123 -38.47 45.62 -23.64
C ASP D 123 -39.97 45.45 -23.86
N GLU D 124 -40.42 45.52 -25.11
CA GLU D 124 -41.83 45.28 -25.41
C GLU D 124 -42.23 43.86 -25.03
N TYR D 125 -41.36 42.88 -25.31
CA TYR D 125 -41.69 41.50 -24.98
C TYR D 125 -41.77 41.28 -23.47
N ILE D 126 -40.82 41.82 -22.70
CA ILE D 126 -40.85 41.60 -21.26
C ILE D 126 -42.03 42.33 -20.64
N ALA D 127 -42.37 43.53 -21.16
CA ALA D 127 -43.56 44.22 -20.67
C ALA D 127 -44.84 43.47 -21.04
N GLU D 128 -44.84 42.75 -22.16
CA GLU D 128 -46.03 42.03 -22.59
C GLU D 128 -46.23 40.76 -21.78
N ASP D 129 -45.27 39.83 -21.85
CA ASP D 129 -45.39 38.53 -21.21
C ASP D 129 -44.51 38.41 -19.97
N GLY D 130 -43.21 38.61 -20.11
CA GLY D 130 -42.29 38.53 -19.00
C GLY D 130 -41.51 37.24 -18.88
N PHE D 131 -41.27 36.53 -19.99
CA PHE D 131 -40.42 35.33 -20.05
C PHE D 131 -40.93 34.19 -19.16
N LEU D 132 -42.22 34.19 -18.81
CA LEU D 132 -42.74 33.14 -17.94
C LEU D 132 -42.95 31.83 -18.70
N THR D 133 -43.38 31.90 -19.96
CA THR D 133 -43.69 30.70 -20.72
C THR D 133 -42.44 29.85 -20.97
N LEU D 134 -41.36 30.50 -21.43
CA LEU D 134 -40.14 29.76 -21.71
C LEU D 134 -39.51 29.22 -20.43
N ALA D 135 -39.61 29.97 -19.33
CA ALA D 135 -39.13 29.48 -18.04
C ALA D 135 -39.92 28.26 -17.60
N LYS D 136 -41.24 28.28 -17.76
CA LYS D 136 -42.07 27.13 -17.41
C LYS D 136 -41.72 25.92 -18.27
N ARG D 137 -41.50 26.14 -19.56
CA ARG D 137 -41.15 25.03 -20.46
C ARG D 137 -39.78 24.45 -20.12
N TYR D 138 -38.81 25.31 -19.78
CA TYR D 138 -37.49 24.83 -19.41
C TYR D 138 -37.53 24.03 -18.11
N VAL D 139 -38.26 24.52 -17.10
CA VAL D 139 -38.35 23.76 -15.86
C VAL D 139 -39.20 22.52 -16.04
N ASN D 140 -40.10 22.49 -17.03
CA ASN D 140 -40.83 21.27 -17.34
C ASN D 140 -39.91 20.24 -17.97
N ASN D 141 -39.03 20.67 -18.88
CA ASN D 141 -38.04 19.76 -19.45
C ASN D 141 -37.03 19.30 -18.39
N ILE D 142 -36.82 20.11 -17.36
CA ILE D 142 -36.02 19.66 -16.22
C ILE D 142 -36.78 18.61 -15.42
N ALA D 143 -38.08 18.81 -15.22
CA ALA D 143 -38.84 18.00 -14.27
C ALA D 143 -39.05 16.57 -14.77
N ASN D 144 -39.25 16.38 -16.07
CA ASN D 144 -39.55 15.06 -16.59
C ASN D 144 -38.31 14.24 -16.89
N ALA D 145 -37.12 14.76 -16.55
CA ALA D 145 -35.84 14.05 -16.70
C ALA D 145 -35.60 13.62 -18.15
N ARG D 146 -35.76 14.57 -19.07
CA ARG D 146 -35.45 14.31 -20.46
C ARG D 146 -33.96 14.16 -20.71
N PHE D 147 -33.12 14.68 -19.80
CA PHE D 147 -31.68 14.64 -19.97
C PHE D 147 -31.09 13.25 -19.76
N LEU D 148 -31.88 12.29 -19.26
CA LEU D 148 -31.37 10.94 -19.08
C LEU D 148 -31.16 10.21 -20.39
N TRP D 149 -31.87 10.63 -21.46
CA TRP D 149 -31.79 10.03 -22.78
C TRP D 149 -32.05 8.54 -22.76
N ARG D 150 -31.00 7.73 -22.98
CA ARG D 150 -31.15 6.28 -22.99
C ARG D 150 -31.20 5.68 -21.60
N ASN D 151 -30.86 6.44 -20.57
CA ASN D 151 -30.96 5.94 -19.20
C ASN D 151 -32.38 5.99 -18.66
N ARG D 152 -33.29 6.71 -19.33
CA ARG D 152 -34.66 6.78 -18.88
C ARG D 152 -35.45 5.49 -19.16
N LYS D 153 -35.11 4.80 -20.24
CA LYS D 153 -35.82 3.58 -20.61
C LYS D 153 -35.52 2.47 -19.61
N GLY D 154 -36.56 1.73 -19.23
CA GLY D 154 -36.40 0.63 -18.30
C GLY D 154 -36.20 1.02 -16.86
N ALA D 155 -36.53 2.25 -16.49
CA ALA D 155 -36.35 2.72 -15.12
C ALA D 155 -37.56 2.34 -14.27
N GLU D 156 -37.31 2.14 -12.98
CA GLU D 156 -38.36 1.83 -12.02
C GLU D 156 -38.85 3.06 -11.26
N ILE D 157 -37.94 3.81 -10.66
CA ILE D 157 -38.26 5.02 -9.93
C ILE D 157 -37.27 6.11 -10.33
N ILE D 158 -37.79 7.25 -10.77
CA ILE D 158 -36.98 8.40 -11.14
C ILE D 158 -37.37 9.56 -10.23
N GLU D 159 -36.42 10.01 -9.41
CA GLU D 159 -36.65 11.10 -8.46
C GLU D 159 -35.71 12.24 -8.80
N THR D 160 -36.24 13.46 -8.91
CA THR D 160 -35.45 14.63 -9.25
C THR D 160 -35.69 15.71 -8.19
N ILE D 161 -34.61 16.27 -7.67
CA ILE D 161 -34.68 17.37 -6.73
C ILE D 161 -33.97 18.57 -7.35
N VAL D 162 -34.37 19.77 -6.90
CA VAL D 162 -33.84 21.02 -7.42
C VAL D 162 -33.49 21.91 -6.24
N THR D 163 -32.26 22.42 -6.22
CA THR D 163 -31.79 23.32 -5.17
C THR D 163 -31.42 24.65 -5.82
N ILE D 164 -31.99 25.73 -5.32
CA ILE D 164 -31.69 27.09 -5.78
C ILE D 164 -31.05 27.83 -4.62
N GLU D 165 -29.81 28.29 -4.81
CA GLU D 165 -29.01 28.98 -3.80
C GLU D 165 -28.92 28.17 -2.52
N ASP D 166 -29.77 28.49 -1.54
CA ASP D 166 -29.79 27.80 -0.25
C ASP D 166 -31.15 27.22 0.08
N LYS D 167 -32.12 27.30 -0.83
CA LYS D 167 -33.46 26.80 -0.60
C LYS D 167 -33.65 25.49 -1.36
N GLU D 168 -34.14 24.48 -0.67
CA GLU D 168 -34.35 23.16 -1.26
C GLU D 168 -35.83 22.97 -1.57
N TYR D 169 -36.14 22.81 -2.84
CA TYR D 169 -37.51 22.61 -3.29
C TYR D 169 -37.92 21.15 -3.14
N PRO D 170 -39.22 20.86 -3.04
CA PRO D 170 -39.66 19.47 -2.91
C PRO D 170 -39.31 18.63 -4.14
N SER D 171 -39.06 17.35 -3.90
CA SER D 171 -38.63 16.45 -4.96
C SER D 171 -39.75 16.19 -5.96
N PHE D 172 -39.35 15.81 -7.17
CA PHE D 172 -40.26 15.56 -8.27
C PHE D 172 -40.47 14.07 -8.44
N ASN D 173 -41.22 13.69 -9.49
CA ASN D 173 -41.36 12.30 -9.88
C ASN D 173 -41.56 12.29 -11.40
N SER D 174 -40.47 12.05 -12.13
CA SER D 174 -40.49 12.19 -13.58
C SER D 174 -41.30 11.08 -14.26
N LYS D 175 -41.60 9.99 -13.56
CA LYS D 175 -42.37 8.92 -14.16
C LYS D 175 -43.80 9.35 -14.45
N SER D 176 -44.39 10.13 -13.55
CA SER D 176 -45.77 10.58 -13.74
C SER D 176 -45.88 11.62 -14.86
N PHE D 177 -44.85 12.46 -15.03
CA PHE D 177 -44.89 13.49 -16.06
C PHE D 177 -44.82 12.87 -17.45
N ASN D 178 -45.64 13.38 -18.36
CA ASN D 178 -45.60 12.95 -19.74
C ASN D 178 -44.45 13.63 -20.47
N LEU D 179 -43.94 12.96 -21.49
CA LEU D 179 -42.83 13.47 -22.29
C LEU D 179 -43.29 14.24 -23.52
N ASP D 180 -44.60 14.44 -23.68
CA ASP D 180 -45.14 15.10 -24.86
C ASP D 180 -45.90 16.38 -24.55
N THR D 181 -46.63 16.41 -23.44
CA THR D 181 -47.41 17.58 -23.06
C THR D 181 -46.58 18.51 -22.17
N PHE D 182 -47.23 19.51 -21.58
CA PHE D 182 -46.56 20.44 -20.69
C PHE D 182 -47.49 20.79 -19.55
N VAL D 183 -46.94 20.85 -18.33
CA VAL D 183 -47.71 21.11 -17.12
C VAL D 183 -47.45 22.55 -16.69
N GLU D 184 -48.53 23.32 -16.51
CA GLU D 184 -48.43 24.72 -16.13
C GLU D 184 -49.16 25.02 -14.81
N ASP D 185 -49.47 24.00 -14.02
CA ASP D 185 -50.19 24.19 -12.77
C ASP D 185 -49.48 23.63 -11.56
N ASN D 186 -48.31 23.03 -11.72
CA ASN D 186 -47.54 22.55 -10.57
C ASN D 186 -46.96 23.73 -9.80
N ALA D 187 -47.12 23.71 -8.48
CA ALA D 187 -46.68 24.84 -7.66
C ALA D 187 -45.17 25.01 -7.70
N THR D 188 -44.42 23.91 -7.59
CA THR D 188 -42.96 23.98 -7.66
C THR D 188 -42.48 24.45 -9.02
N ILE D 189 -43.16 24.00 -10.08
CA ILE D 189 -42.79 24.41 -11.44
C ILE D 189 -42.95 25.91 -11.61
N ASN D 190 -44.09 26.46 -11.16
CA ASN D 190 -44.30 27.90 -11.26
C ASN D 190 -43.35 28.67 -10.35
N GLU D 191 -43.06 28.14 -9.17
CA GLU D 191 -42.15 28.81 -8.25
C GLU D 191 -40.74 28.93 -8.82
N ILE D 192 -40.24 27.85 -9.43
CA ILE D 192 -38.92 27.90 -10.03
C ILE D 192 -38.93 28.76 -11.30
N ALA D 193 -39.99 28.65 -12.11
CA ALA D 193 -40.07 29.41 -13.34
C ALA D 193 -40.19 30.91 -13.07
N GLN D 194 -40.72 31.29 -11.92
CA GLN D 194 -40.73 32.71 -11.55
C GLN D 194 -39.32 33.26 -11.41
N GLN D 195 -38.46 32.51 -10.71
CA GLN D 195 -37.07 32.93 -10.56
C GLN D 195 -36.34 32.92 -11.91
N ILE D 196 -36.64 31.91 -12.75
CA ILE D 196 -35.99 31.83 -14.06
C ILE D 196 -36.41 33.02 -14.93
N ALA D 197 -37.69 33.37 -14.91
CA ALA D 197 -38.17 34.51 -15.68
C ALA D 197 -37.63 35.82 -15.13
N ASP D 198 -37.45 35.92 -13.82
CA ASP D 198 -36.83 37.11 -13.24
C ASP D 198 -35.37 37.25 -13.67
N THR D 199 -34.63 36.15 -13.69
CA THR D 199 -33.23 36.20 -14.10
C THR D 199 -33.10 36.50 -15.59
N PHE D 200 -33.99 35.92 -16.42
CA PHE D 200 -34.03 36.27 -17.83
C PHE D 200 -34.43 37.73 -18.03
N ALA D 201 -35.28 38.25 -17.14
CA ALA D 201 -35.79 39.61 -17.27
C ALA D 201 -34.69 40.64 -17.08
N GLY D 202 -33.79 40.40 -16.13
CA GLY D 202 -32.79 41.38 -15.76
C GLY D 202 -32.95 41.96 -14.37
N LYS D 203 -34.01 41.57 -13.65
CA LYS D 203 -34.18 42.01 -12.27
C LYS D 203 -33.05 41.49 -11.39
N ARG D 204 -32.67 40.23 -11.57
CA ARG D 204 -31.50 39.69 -10.91
C ARG D 204 -30.27 39.92 -11.79
N GLU D 205 -29.14 39.35 -11.36
CA GLU D 205 -27.90 39.40 -12.12
C GLU D 205 -27.41 38.03 -12.54
N TYR D 206 -27.69 36.99 -11.76
CA TYR D 206 -27.39 35.61 -12.15
C TYR D 206 -28.31 34.70 -11.34
N LEU D 207 -28.38 33.44 -11.79
CA LEU D 207 -29.07 32.41 -11.00
C LEU D 207 -28.28 31.12 -11.08
N ASN D 208 -28.22 30.39 -9.97
CA ASN D 208 -27.53 29.12 -9.89
C ASN D 208 -28.49 28.04 -9.43
N ILE D 209 -28.62 26.98 -10.21
CA ILE D 209 -29.49 25.85 -9.92
C ILE D 209 -28.63 24.61 -9.78
N TYR D 210 -28.90 23.79 -8.77
CA TYR D 210 -28.19 22.54 -8.55
C TYR D 210 -29.19 21.40 -8.69
N VAL D 211 -28.90 20.47 -9.60
CA VAL D 211 -29.81 19.39 -9.93
C VAL D 211 -29.17 18.06 -9.55
N THR D 212 -29.92 17.25 -8.81
CA THR D 212 -29.52 15.90 -8.42
C THR D 212 -30.65 14.94 -8.79
N CYS D 213 -30.31 13.89 -9.52
CA CYS D 213 -31.29 12.94 -10.03
C CYS D 213 -30.91 11.52 -9.62
N PHE D 214 -31.88 10.80 -9.05
CA PHE D 214 -31.73 9.39 -8.72
C PHE D 214 -32.62 8.58 -9.65
N VAL D 215 -32.07 7.50 -10.20
CA VAL D 215 -32.83 6.59 -11.04
C VAL D 215 -32.53 5.16 -10.60
N LYS D 216 -33.59 4.38 -10.39
CA LYS D 216 -33.45 2.99 -9.96
C LYS D 216 -33.65 2.08 -11.17
N ILE D 217 -32.62 1.31 -11.50
CA ILE D 217 -32.65 0.44 -12.66
C ILE D 217 -32.44 -1.03 -12.33
N GLY D 218 -32.05 -1.36 -11.10
CA GLY D 218 -31.75 -2.71 -10.72
C GLY D 218 -30.26 -2.96 -10.60
N CYS D 219 -29.93 -4.08 -9.96
CA CYS D 219 -28.54 -4.40 -9.69
C CYS D 219 -27.83 -4.85 -10.96
N ALA D 220 -26.57 -4.41 -11.09
CA ALA D 220 -25.65 -4.84 -12.16
C ALA D 220 -26.17 -4.50 -13.54
N MET D 221 -27.02 -3.48 -13.66
CA MET D 221 -27.56 -3.09 -14.96
C MET D 221 -26.53 -2.23 -15.70
N GLU D 222 -26.95 -1.67 -16.83
CA GLU D 222 -26.05 -0.92 -17.71
C GLU D 222 -26.45 0.55 -17.75
N VAL D 223 -25.44 1.42 -17.74
CA VAL D 223 -25.64 2.85 -17.90
C VAL D 223 -24.98 3.29 -19.19
N TYR D 224 -25.39 4.46 -19.68
CA TYR D 224 -25.00 4.94 -21.00
C TYR D 224 -24.47 6.37 -20.90
N PRO D 225 -23.18 6.54 -20.61
CA PRO D 225 -22.59 7.87 -20.63
C PRO D 225 -22.33 8.34 -22.05
N SER D 226 -21.90 9.59 -22.16
CA SER D 226 -21.66 10.20 -23.46
C SER D 226 -20.48 9.55 -24.17
N GLN D 227 -20.59 9.41 -25.48
CA GLN D 227 -19.54 8.83 -26.31
C GLN D 227 -18.77 9.95 -26.99
N GLU D 228 -17.46 9.98 -26.77
CA GLU D 228 -16.64 11.04 -27.31
C GLU D 228 -16.42 10.86 -28.82
N MET D 229 -16.12 11.98 -29.48
CA MET D 229 -15.73 11.98 -30.89
C MET D 229 -14.21 12.09 -30.96
N THR D 230 -13.57 11.07 -31.51
CA THR D 230 -12.11 11.04 -31.65
C THR D 230 -11.75 10.52 -33.02
N PHE D 231 -10.53 10.83 -33.45
CA PHE D 231 -9.97 10.31 -34.69
C PHE D 231 -8.58 9.78 -34.40
N ASP D 232 -8.32 8.55 -34.84
CA ASP D 232 -7.06 7.90 -34.53
C ASP D 232 -6.75 6.87 -35.61
N ASP D 233 -5.48 6.47 -35.65
CA ASP D 233 -5.03 5.46 -36.61
C ASP D 233 -5.08 4.09 -35.94
N ASP D 234 -5.70 3.13 -36.63
CA ASP D 234 -5.83 1.74 -36.17
C ASP D 234 -6.56 1.65 -34.83
N ASP D 235 -7.52 2.56 -34.59
CA ASP D 235 -8.34 2.52 -33.38
C ASP D 235 -9.66 3.22 -33.69
N LYS D 236 -10.69 2.44 -33.96
CA LYS D 236 -12.03 2.96 -34.23
C LYS D 236 -13.04 2.49 -33.19
N GLY D 237 -12.58 2.03 -32.04
CA GLY D 237 -13.48 1.51 -31.03
C GLY D 237 -14.27 2.60 -30.32
N LYS D 238 -15.27 2.16 -29.56
CA LYS D 238 -16.11 3.09 -28.82
C LYS D 238 -15.35 3.62 -27.61
N LYS D 239 -15.35 4.94 -27.46
CA LYS D 239 -14.69 5.61 -26.35
C LYS D 239 -15.71 6.41 -25.56
N LEU D 240 -15.75 6.19 -24.25
CA LEU D 240 -16.72 6.83 -23.38
C LEU D 240 -16.10 8.02 -22.66
N PHE D 241 -16.95 8.97 -22.29
CA PHE D 241 -16.49 10.22 -21.70
C PHE D 241 -16.18 9.99 -20.23
N LYS D 242 -14.90 10.08 -19.87
CA LYS D 242 -14.46 10.00 -18.49
C LYS D 242 -14.24 11.42 -17.95
N PHE D 243 -14.82 11.71 -16.80
CA PHE D 243 -14.71 13.02 -16.16
C PHE D 243 -14.07 12.82 -14.80
N GLU D 244 -12.77 13.14 -14.70
CA GLU D 244 -11.98 12.96 -13.48
C GLU D 244 -12.04 11.52 -12.98
N GLY D 245 -11.94 10.57 -13.90
CA GLY D 245 -11.99 9.15 -13.58
C GLY D 245 -13.36 8.52 -13.67
N SER D 246 -14.40 9.24 -13.24
CA SER D 246 -15.75 8.74 -13.26
C SER D 246 -16.42 9.05 -14.60
N ALA D 247 -17.54 8.37 -14.84
CA ALA D 247 -18.30 8.59 -16.05
C ALA D 247 -19.17 9.84 -15.93
N GLY D 248 -19.59 10.36 -17.07
CA GLY D 248 -20.39 11.56 -17.07
C GLY D 248 -21.01 11.81 -18.44
N MET D 249 -21.62 12.99 -18.57
CA MET D 249 -22.26 13.41 -19.80
C MET D 249 -21.71 14.77 -20.22
N HIS D 250 -21.69 15.00 -21.53
CA HIS D 250 -21.26 16.27 -22.07
C HIS D 250 -22.28 17.36 -21.75
N SER D 251 -21.79 18.60 -21.64
CA SER D 251 -22.66 19.73 -21.37
C SER D 251 -23.63 19.97 -22.52
N GLN D 252 -23.15 19.85 -23.76
CA GLN D 252 -24.00 20.04 -24.92
C GLN D 252 -25.05 18.93 -25.06
N LYS D 253 -24.82 17.77 -24.45
CA LYS D 253 -25.85 16.72 -24.45
C LYS D 253 -26.99 17.08 -23.51
N ILE D 254 -26.67 17.62 -22.33
CA ILE D 254 -27.71 18.02 -21.39
C ILE D 254 -28.44 19.25 -21.91
N ASN D 255 -27.71 20.20 -22.49
CA ASN D 255 -28.33 21.44 -22.99
C ASN D 255 -29.30 21.17 -24.13
N ASN D 256 -29.03 20.16 -24.96
CA ASN D 256 -29.94 19.84 -26.06
C ASN D 256 -31.27 19.34 -25.54
N ALA D 257 -31.27 18.56 -24.46
CA ALA D 257 -32.51 18.04 -23.90
C ALA D 257 -33.35 19.14 -23.26
N LEU D 258 -32.71 20.12 -22.63
CA LEU D 258 -33.44 21.17 -21.92
C LEU D 258 -34.25 22.04 -22.86
N ARG D 259 -33.68 22.40 -24.01
CA ARG D 259 -34.31 23.33 -24.92
C ARG D 259 -35.21 22.64 -25.95
N THR D 260 -35.70 21.44 -25.65
CA THR D 260 -36.67 20.76 -26.51
C THR D 260 -38.08 21.21 -26.11
N ILE D 261 -38.41 22.43 -26.53
CA ILE D 261 -39.66 23.07 -26.11
C ILE D 261 -40.45 23.56 -27.30
N ASP D 262 -39.87 23.49 -28.50
CA ASP D 262 -40.51 24.07 -29.69
C ASP D 262 -41.66 23.18 -30.12
N THR D 263 -42.89 23.64 -29.87
CA THR D 263 -44.11 22.98 -30.35
C THR D 263 -44.89 23.86 -31.31
N TRP D 264 -44.24 24.88 -31.88
CA TRP D 264 -44.91 25.87 -32.70
C TRP D 264 -44.47 25.83 -34.16
N TYR D 265 -43.80 24.77 -34.58
CA TYR D 265 -43.39 24.63 -35.96
C TYR D 265 -44.62 24.30 -36.83
N PRO D 266 -44.53 24.55 -38.14
CA PRO D 266 -45.63 24.14 -39.02
C PRO D 266 -45.84 22.63 -39.00
N ASP D 267 -47.10 22.24 -39.20
CA ASP D 267 -47.54 20.84 -39.15
C ASP D 267 -47.22 20.19 -37.81
N TYR D 268 -47.39 20.95 -36.73
CA TYR D 268 -47.22 20.38 -35.40
C TYR D 268 -48.34 19.38 -35.08
N THR D 269 -49.55 19.65 -35.54
CA THR D 269 -50.68 18.78 -35.26
C THR D 269 -50.56 17.42 -35.92
N THR D 270 -49.65 17.25 -36.88
CA THR D 270 -49.41 15.95 -37.48
C THR D 270 -48.43 15.13 -36.64
N TYR D 271 -47.21 15.63 -36.47
CA TYR D 271 -46.18 14.88 -35.77
C TYR D 271 -46.44 14.84 -34.26
N GLU D 272 -46.75 16.00 -33.67
CA GLU D 272 -47.10 16.14 -32.25
C GLU D 272 -45.99 15.64 -31.32
N PHE D 273 -44.81 16.24 -31.47
CA PHE D 273 -43.77 16.10 -30.47
C PHE D 273 -42.91 17.36 -30.46
N PRO D 274 -42.46 17.80 -29.29
CA PRO D 274 -41.58 18.97 -29.24
C PRO D 274 -40.21 18.68 -29.84
N ILE D 275 -39.59 19.72 -30.37
CA ILE D 275 -38.25 19.62 -30.97
C ILE D 275 -37.38 20.69 -30.32
N PRO D 276 -36.05 20.52 -30.37
CA PRO D 276 -35.16 21.59 -29.93
C PRO D 276 -35.24 22.79 -30.86
N VAL D 277 -34.70 23.91 -30.39
CA VAL D 277 -34.80 25.18 -31.08
C VAL D 277 -33.52 25.41 -31.87
N GLU D 278 -33.61 25.31 -33.20
CA GLU D 278 -32.53 25.69 -34.11
C GLU D 278 -33.00 26.84 -34.99
N ASN D 279 -32.06 27.37 -35.77
CA ASN D 279 -32.37 28.48 -36.67
C ASN D 279 -33.37 28.06 -37.73
N TYR D 280 -33.21 26.87 -38.30
CA TYR D 280 -34.09 26.37 -39.35
C TYR D 280 -35.03 25.29 -38.84
N GLY D 281 -35.09 25.06 -37.52
CA GLY D 281 -35.96 24.04 -36.98
C GLY D 281 -35.56 22.63 -37.32
N ALA D 282 -34.30 22.39 -37.62
CA ALA D 282 -33.83 21.08 -38.03
C ALA D 282 -33.28 20.31 -36.83
N ALA D 283 -33.83 19.12 -36.60
CA ALA D 283 -33.35 18.22 -35.56
C ALA D 283 -32.70 17.02 -36.20
N ARG D 284 -31.67 16.49 -35.52
CA ARG D 284 -30.93 15.34 -36.05
C ARG D 284 -31.58 14.02 -35.64
N SER D 285 -32.89 13.93 -35.90
CA SER D 285 -33.62 12.68 -35.75
C SER D 285 -34.71 12.49 -36.79
N ILE D 286 -34.94 13.48 -37.64
CA ILE D 286 -35.95 13.38 -38.70
C ILE D 286 -35.26 13.56 -40.05
N GLY D 287 -34.14 14.28 -40.05
CA GLY D 287 -33.44 14.52 -41.29
C GLY D 287 -34.11 15.52 -42.21
N ILE D 288 -35.14 16.21 -41.75
CA ILE D 288 -35.85 17.21 -42.54
C ILE D 288 -36.11 18.41 -41.65
N PRO D 289 -35.68 19.61 -42.06
CA PRO D 289 -35.93 20.80 -41.22
C PRO D 289 -37.42 21.13 -41.18
N PHE D 290 -37.90 21.45 -39.98
CA PHE D 290 -39.32 21.77 -39.79
C PHE D 290 -39.65 23.22 -40.11
N ARG D 291 -38.65 24.09 -40.24
CA ARG D 291 -38.86 25.50 -40.60
C ARG D 291 -37.91 25.84 -41.74
N PRO D 292 -38.17 25.35 -42.96
CA PRO D 292 -37.20 25.52 -44.05
C PRO D 292 -36.96 26.96 -44.50
N ASP D 293 -38.00 27.66 -44.98
CA ASP D 293 -37.84 29.02 -45.48
C ASP D 293 -38.78 30.03 -44.83
N THR D 294 -40.04 29.67 -44.59
CA THR D 294 -41.07 30.64 -44.23
C THR D 294 -41.27 30.78 -42.73
N LYS D 295 -40.59 29.95 -41.92
CA LYS D 295 -40.67 30.05 -40.47
C LYS D 295 -39.30 30.00 -39.82
N SER D 296 -38.24 30.25 -40.60
CA SER D 296 -36.90 30.31 -40.05
C SER D 296 -36.73 31.56 -39.19
N PHE D 297 -35.73 31.51 -38.31
CA PHE D 297 -35.49 32.61 -37.40
C PHE D 297 -35.04 33.88 -38.13
N TYR D 298 -34.32 33.72 -39.24
CA TYR D 298 -33.73 34.88 -39.92
C TYR D 298 -34.80 35.80 -40.48
N LYS D 299 -35.75 35.27 -41.24
CA LYS D 299 -36.79 36.12 -41.79
C LYS D 299 -37.77 36.60 -40.73
N LEU D 300 -37.98 35.80 -39.68
CA LEU D 300 -38.85 36.23 -38.60
C LEU D 300 -38.27 37.43 -37.85
N ILE D 301 -36.95 37.40 -37.59
CA ILE D 301 -36.31 38.53 -36.95
C ILE D 301 -36.10 39.68 -37.92
N ASP D 302 -36.11 39.43 -39.23
CA ASP D 302 -36.11 40.52 -40.19
C ASP D 302 -37.44 41.25 -40.17
N ARG D 303 -38.54 40.51 -40.15
CA ARG D 303 -39.86 41.14 -40.11
C ARG D 303 -40.15 41.75 -38.74
N MET D 304 -39.55 41.22 -37.68
CA MET D 304 -39.71 41.82 -36.36
C MET D 304 -39.02 43.16 -36.27
N ILE D 305 -37.83 43.30 -36.87
CA ILE D 305 -36.98 44.46 -36.66
C ILE D 305 -37.07 45.43 -37.84
N LEU D 306 -36.69 44.96 -39.03
CA LEU D 306 -36.54 45.86 -40.17
C LEU D 306 -37.88 46.42 -40.62
N LYS D 307 -38.88 45.55 -40.82
CA LYS D 307 -40.21 46.02 -41.20
C LYS D 307 -41.04 46.48 -40.02
N ASN D 308 -40.63 46.12 -38.79
CA ASN D 308 -41.32 46.50 -37.56
C ASN D 308 -42.78 46.06 -37.58
N GLU D 309 -43.04 44.90 -38.17
CA GLU D 309 -44.38 44.35 -38.29
C GLU D 309 -44.65 43.41 -37.13
N ASP D 310 -45.78 43.61 -36.45
CA ASP D 310 -46.14 42.79 -35.30
C ASP D 310 -46.40 41.35 -35.73
N LEU D 311 -46.06 40.42 -34.86
CA LEU D 311 -46.17 38.99 -35.11
C LEU D 311 -46.96 38.33 -34.00
N PRO D 312 -47.56 37.17 -34.26
CA PRO D 312 -48.25 36.44 -33.19
C PRO D 312 -47.30 36.01 -32.09
N ILE D 313 -47.88 35.71 -30.93
CA ILE D 313 -47.08 35.43 -29.73
C ILE D 313 -46.24 34.16 -29.88
N GLU D 314 -46.65 33.23 -30.74
CA GLU D 314 -45.85 32.02 -30.97
C GLU D 314 -44.52 32.35 -31.64
N ASP D 315 -44.54 33.25 -32.63
CA ASP D 315 -43.32 33.66 -33.29
C ASP D 315 -42.40 34.42 -32.33
N LYS D 316 -42.98 35.25 -31.47
CA LYS D 316 -42.19 35.93 -30.45
C LYS D 316 -41.56 34.93 -29.48
N HIS D 317 -42.31 33.90 -29.10
CA HIS D 317 -41.76 32.84 -28.25
C HIS D 317 -40.60 32.13 -28.92
N TYR D 318 -40.74 31.80 -30.21
CA TYR D 318 -39.68 31.12 -30.94
C TYR D 318 -38.44 32.01 -31.07
N VAL D 319 -38.65 33.30 -31.35
CA VAL D 319 -37.53 34.23 -31.49
C VAL D 319 -36.79 34.40 -30.16
N MET D 320 -37.54 34.53 -29.06
CA MET D 320 -36.91 34.63 -27.76
C MET D 320 -36.18 33.35 -27.37
N ALA D 321 -36.73 32.19 -27.76
CA ALA D 321 -36.05 30.93 -27.50
C ALA D 321 -34.74 30.83 -28.28
N ILE D 322 -34.74 31.31 -29.53
CA ILE D 322 -33.50 31.37 -30.30
C ILE D 322 -32.50 32.31 -29.64
N LEU D 323 -32.96 33.48 -29.20
CA LEU D 323 -32.07 34.44 -28.56
C LEU D 323 -31.49 33.91 -27.26
N ILE D 324 -32.24 33.08 -26.54
CA ILE D 324 -31.74 32.48 -25.31
C ILE D 324 -30.58 31.53 -25.61
N ARG D 325 -30.70 30.72 -26.66
CA ARG D 325 -29.65 29.76 -27.01
C ARG D 325 -28.37 30.48 -27.45
N GLY D 326 -28.51 31.50 -28.30
CA GLY D 326 -27.37 32.26 -28.77
C GLY D 326 -26.78 31.69 -30.05
N GLY D 327 -25.93 32.50 -30.68
CA GLY D 327 -25.32 32.11 -31.93
C GLY D 327 -24.67 33.29 -32.61
N MET D 328 -24.55 33.21 -33.93
CA MET D 328 -23.93 34.23 -34.76
C MET D 328 -24.96 34.70 -35.78
N PHE D 329 -25.80 35.66 -35.40
CA PHE D 329 -26.87 36.15 -36.25
C PHE D 329 -26.44 37.43 -36.98
N SER D 330 -25.36 37.32 -37.75
CA SER D 330 -24.91 38.43 -38.58
C SER D 330 -25.50 38.32 -39.98
N LYS D 331 -25.28 39.37 -40.76
CA LYS D 331 -25.77 39.39 -42.13
C LYS D 331 -24.94 38.45 -43.00
N LYS D 332 -25.45 38.17 -44.20
CA LYS D 332 -24.73 37.35 -45.16
C LYS D 332 -23.45 38.07 -45.58
N GLN D 333 -22.32 37.43 -45.36
CA GLN D 333 -21.03 38.07 -45.57
C GLN D 333 -20.70 38.17 -47.05
N GLU D 334 -19.95 39.20 -47.41
CA GLU D 334 -19.54 39.46 -48.77
C GLU D 334 -18.02 39.48 -48.88
N LYS D 335 -17.52 39.16 -50.08
CA LYS D 335 -16.09 39.16 -50.33
C LYS D 335 -15.62 40.55 -50.77
N LEU G 12 37.09 23.00 30.13
CA LEU G 12 35.86 23.13 30.91
C LEU G 12 35.02 24.31 30.42
N LYS G 13 34.29 24.08 29.32
CA LYS G 13 33.44 25.11 28.76
C LYS G 13 31.95 24.79 28.86
N SER G 14 31.59 23.52 28.97
CA SER G 14 30.20 23.11 29.11
C SER G 14 30.16 21.73 29.74
N ARG G 15 28.96 21.31 30.15
CA ARG G 15 28.78 19.97 30.67
C ARG G 15 29.01 18.94 29.55
N PRO G 16 29.55 17.77 29.89
CA PRO G 16 29.87 16.79 28.85
C PRO G 16 28.62 16.16 28.26
N GLU G 17 28.85 15.35 27.22
CA GLU G 17 27.75 14.69 26.53
C GLU G 17 27.05 13.67 27.43
N ASN G 18 27.83 12.93 28.23
CA ASN G 18 27.29 11.93 29.14
C ASN G 18 27.75 12.23 30.56
N LEU G 19 26.81 12.34 31.48
CA LEU G 19 27.11 12.54 32.88
C LEU G 19 25.97 11.95 33.70
N SER G 20 26.28 10.98 34.55
CA SER G 20 25.27 10.28 35.32
C SER G 20 25.84 9.88 36.67
N PHE G 21 25.11 10.22 37.73
CA PHE G 21 25.51 9.96 39.10
C PHE G 21 24.57 8.95 39.74
N ALA G 22 25.14 7.88 40.27
CA ALA G 22 24.35 6.92 41.04
C ALA G 22 24.02 7.49 42.41
N ARG G 23 22.92 7.02 42.99
CA ARG G 23 22.50 7.53 44.28
C ARG G 23 23.42 7.02 45.39
N CYS G 24 23.45 7.76 46.49
CA CYS G 24 24.28 7.43 47.64
C CYS G 24 23.46 6.99 48.84
N LEU G 25 22.14 6.89 48.70
CA LEU G 25 21.25 6.53 49.81
C LEU G 25 20.19 5.57 49.26
N ASN G 26 20.50 4.27 49.31
CA ASN G 26 19.57 3.25 48.83
C ASN G 26 18.64 2.85 49.96
N THR G 27 17.36 2.68 49.64
CA THR G 27 16.34 2.33 50.63
C THR G 27 15.63 1.06 50.22
N THR G 28 15.50 0.14 51.17
CA THR G 28 14.77 -1.10 50.94
C THR G 28 13.27 -0.85 50.98
N GLU G 29 12.52 -1.74 50.35
CA GLU G 29 11.07 -1.70 50.43
C GLU G 29 10.62 -2.01 51.86
N ALA G 30 9.50 -1.41 52.25
CA ALA G 30 8.97 -1.60 53.60
C ALA G 30 7.89 -2.67 53.61
N LYS G 31 7.60 -3.16 54.81
CA LYS G 31 6.53 -4.12 55.01
C LYS G 31 5.90 -3.88 56.37
N PHE G 32 4.65 -4.30 56.50
CA PHE G 32 3.86 -3.99 57.70
C PHE G 32 3.65 -5.24 58.54
N TRP G 33 3.41 -5.02 59.83
CA TRP G 33 3.13 -6.09 60.77
C TRP G 33 2.12 -5.58 61.79
N GLN G 34 1.44 -6.52 62.44
CA GLN G 34 0.49 -6.21 63.49
C GLN G 34 0.98 -6.78 64.81
N THR G 35 0.80 -6.02 65.89
CA THR G 35 1.26 -6.43 67.21
C THR G 35 0.48 -5.64 68.25
N ASP G 36 0.85 -5.82 69.52
CA ASP G 36 0.31 -5.08 70.64
C ASP G 36 1.42 -4.28 71.29
N PHE G 37 1.07 -3.12 71.85
CA PHE G 37 2.08 -2.22 72.41
C PHE G 37 2.80 -2.85 73.60
N LEU G 38 2.07 -3.56 74.46
CA LEU G 38 2.69 -4.16 75.62
C LEU G 38 3.55 -5.37 75.26
N LYS G 39 3.29 -6.01 74.12
CA LYS G 39 4.02 -7.21 73.70
C LYS G 39 4.65 -7.03 72.33
N ARG G 40 5.04 -5.80 71.99
CA ARG G 40 5.66 -5.55 70.69
C ARG G 40 7.06 -6.13 70.59
N HIS G 41 7.72 -6.38 71.71
CA HIS G 41 9.06 -6.95 71.72
C HIS G 41 9.05 -8.47 71.65
N THR G 42 7.88 -9.10 71.62
CA THR G 42 7.77 -10.55 71.66
C THR G 42 7.25 -11.13 70.34
N PHE G 43 6.09 -10.68 69.86
CA PHE G 43 5.43 -11.32 68.74
C PHE G 43 5.01 -10.27 67.71
N LYS G 44 4.75 -10.76 66.50
CA LYS G 44 4.34 -9.91 65.38
C LYS G 44 3.50 -10.75 64.43
N LEU G 45 2.40 -10.16 63.94
CA LEU G 45 1.49 -10.85 63.05
C LEU G 45 1.45 -10.17 61.69
N PRO G 46 1.31 -10.93 60.60
CA PRO G 46 1.27 -10.32 59.27
C PRO G 46 0.01 -9.49 59.06
N LEU G 47 0.15 -8.46 58.21
CA LEU G 47 -0.93 -7.55 57.89
C LEU G 47 -1.27 -7.76 56.41
N LEU G 48 -2.23 -8.64 56.15
CA LEU G 48 -2.61 -9.00 54.80
C LEU G 48 -3.43 -7.88 54.16
N ILE G 49 -3.55 -7.95 52.84
CA ILE G 49 -4.32 -6.99 52.06
C ILE G 49 -5.70 -7.60 51.80
N THR G 50 -6.74 -6.89 52.21
CA THR G 50 -8.12 -7.32 52.01
C THR G 50 -8.66 -6.71 50.73
N SER G 79 -10.63 -2.26 44.11
CA SER G 79 -10.77 -1.26 45.15
C SER G 79 -10.31 -1.79 46.50
N GLN G 80 -9.43 -2.78 46.49
CA GLN G 80 -8.90 -3.34 47.73
C GLN G 80 -8.56 -2.22 48.72
N SER G 81 -8.78 -2.50 50.00
CA SER G 81 -8.47 -1.55 51.07
C SER G 81 -8.06 -2.33 52.30
N CYS G 82 -6.83 -2.11 52.76
CA CYS G 82 -6.33 -2.81 53.93
C CYS G 82 -6.93 -2.22 55.20
N THR G 83 -7.00 -3.04 56.24
CA THR G 83 -7.47 -2.62 57.54
C THR G 83 -6.81 -3.46 58.62
N LEU G 84 -6.75 -2.91 59.82
CA LEU G 84 -6.11 -3.57 60.95
C LEU G 84 -7.11 -4.52 61.62
N SER G 85 -6.59 -5.61 62.17
CA SER G 85 -7.42 -6.65 62.76
C SER G 85 -8.11 -6.15 64.03
N THR G 86 -9.01 -6.98 64.55
CA THR G 86 -9.91 -6.58 65.63
C THR G 86 -9.37 -6.92 67.02
N GLU G 87 -8.18 -7.50 67.13
CA GLU G 87 -7.59 -7.83 68.42
C GLU G 87 -6.36 -7.00 68.74
N CYS G 88 -5.36 -7.01 67.85
CA CYS G 88 -4.17 -6.18 68.02
C CYS G 88 -4.51 -4.71 67.76
N ASP G 89 -3.61 -3.83 68.20
CA ASP G 89 -3.86 -2.40 68.05
C ASP G 89 -2.60 -1.60 67.70
N THR G 90 -1.54 -2.24 67.22
CA THR G 90 -0.29 -1.56 66.92
C THR G 90 0.22 -1.99 65.55
N LEU G 91 0.74 -1.04 64.79
CA LEU G 91 1.30 -1.29 63.46
C LEU G 91 2.80 -1.07 63.49
N ARG G 92 3.55 -2.00 62.91
CA ARG G 92 5.00 -1.98 62.92
C ARG G 92 5.51 -1.92 61.49
N ILE G 93 6.46 -1.01 61.23
CA ILE G 93 7.07 -0.86 59.91
C ILE G 93 8.57 -1.01 60.06
N ASP G 94 9.16 -1.88 59.22
CA ASP G 94 10.61 -2.13 59.20
C ASP G 94 11.16 -1.86 57.81
N PHE G 95 12.34 -1.24 57.75
CA PHE G 95 13.03 -1.04 56.49
C PHE G 95 14.50 -0.75 56.78
N GLY G 96 15.26 -0.49 55.72
CA GLY G 96 16.70 -0.30 55.86
C GLY G 96 17.25 0.65 54.80
N ILE G 97 18.42 1.20 55.11
CA ILE G 97 19.13 2.13 54.26
C ILE G 97 20.58 1.67 54.10
N LYS G 98 21.08 1.73 52.88
CA LYS G 98 22.49 1.50 52.59
C LYS G 98 23.11 2.81 52.10
N VAL G 99 24.25 3.17 52.66
CA VAL G 99 24.90 4.44 52.38
C VAL G 99 26.31 4.18 51.87
N LEU G 100 26.70 4.90 50.82
CA LEU G 100 27.99 4.84 50.14
C LEU G 100 28.63 6.23 50.14
N PRO G 101 29.96 6.30 50.07
CA PRO G 101 30.63 7.60 49.98
C PRO G 101 30.29 8.33 48.68
N VAL G 102 30.32 9.66 48.75
CA VAL G 102 29.89 10.50 47.63
C VAL G 102 30.95 10.64 46.55
N LYS G 103 32.23 10.48 46.89
CA LYS G 103 33.30 10.80 45.94
C LYS G 103 33.29 9.85 44.75
N GLU G 104 33.23 8.55 44.99
CA GLU G 104 33.24 7.57 43.92
C GLU G 104 31.83 7.22 43.42
N SER G 105 30.81 7.90 43.93
CA SER G 105 29.43 7.61 43.57
C SER G 105 29.08 8.02 42.14
N MET G 106 29.96 8.75 41.45
CA MET G 106 29.73 9.09 40.05
C MET G 106 29.78 7.83 39.20
N TYR G 107 28.75 7.61 38.40
CA TYR G 107 28.69 6.40 37.58
C TYR G 107 29.38 6.60 36.23
N SER G 108 28.94 7.58 35.45
CA SER G 108 29.44 7.76 34.10
C SER G 108 29.76 9.22 33.84
N CYS G 109 30.86 9.46 33.13
CA CYS G 109 31.22 10.80 32.68
C CYS G 109 31.99 10.68 31.37
N SER G 110 32.03 11.78 30.61
CA SER G 110 32.63 11.76 29.29
C SER G 110 33.94 12.55 29.20
N ASP G 111 34.25 13.40 30.17
CA ASP G 111 35.47 14.19 30.16
C ASP G 111 36.19 14.02 31.49
N TYR G 112 37.50 13.83 31.42
CA TYR G 112 38.30 13.66 32.64
C TYR G 112 38.47 14.97 33.39
N ASN G 113 38.54 16.10 32.67
CA ASN G 113 38.71 17.39 33.33
C ASN G 113 37.50 17.73 34.18
N TYR G 114 36.29 17.41 33.67
CA TYR G 114 35.08 17.62 34.46
C TYR G 114 35.09 16.75 35.72
N ARG G 115 35.54 15.50 35.59
CA ARG G 115 35.62 14.63 36.76
C ARG G 115 36.60 15.18 37.79
N THR G 116 37.76 15.66 37.34
CA THR G 116 38.73 16.24 38.27
C THR G 116 38.17 17.48 38.95
N ALA G 117 37.46 18.33 38.20
CA ALA G 117 36.86 19.52 38.79
C ALA G 117 35.81 19.16 39.83
N ILE G 118 34.97 18.17 39.53
CA ILE G 118 33.95 17.72 40.47
C ILE G 118 34.59 17.15 41.73
N TYR G 119 35.65 16.35 41.56
CA TYR G 119 36.36 15.79 42.71
C TYR G 119 36.98 16.88 43.56
N GLN G 120 37.54 17.91 42.92
CA GLN G 120 38.15 19.02 43.65
C GLN G 120 37.11 19.79 44.46
N LYS G 121 35.95 20.07 43.84
CA LYS G 121 34.89 20.79 44.57
C LYS G 121 34.35 19.96 45.72
N ILE G 122 34.21 18.64 45.52
CA ILE G 122 33.76 17.77 46.61
C ILE G 122 34.77 17.76 47.74
N ASP G 123 36.06 17.73 47.41
CA ASP G 123 37.10 17.78 48.44
C ASP G 123 37.06 19.09 49.20
N GLU G 124 36.82 20.21 48.50
CA GLU G 124 36.69 21.50 49.16
C GLU G 124 35.50 21.51 50.11
N TYR G 125 34.36 20.94 49.68
CA TYR G 125 33.20 20.87 50.55
C TYR G 125 33.45 19.98 51.77
N ILE G 126 34.19 18.90 51.58
CA ILE G 126 34.53 18.01 52.69
C ILE G 126 35.42 18.74 53.69
N ALA G 127 36.44 19.44 53.20
CA ALA G 127 37.34 20.19 54.07
C ALA G 127 36.66 21.38 54.71
N GLU G 128 35.57 21.88 54.13
CA GLU G 128 34.88 23.03 54.71
C GLU G 128 34.06 22.64 55.93
N ASP G 129 33.08 21.75 55.77
CA ASP G 129 32.19 21.36 56.85
C ASP G 129 32.31 19.89 57.21
N GLY G 130 32.18 19.00 56.24
CA GLY G 130 32.28 17.57 56.50
C GLY G 130 30.94 16.85 56.47
N PHE G 131 30.01 17.35 55.66
CA PHE G 131 28.71 16.74 55.39
C PHE G 131 27.85 16.61 56.65
N LEU G 132 28.13 17.41 57.68
CA LEU G 132 27.41 17.24 58.94
C LEU G 132 26.00 17.81 58.90
N THR G 133 25.78 18.89 58.14
CA THR G 133 24.46 19.53 58.13
C THR G 133 23.43 18.64 57.44
N LEU G 134 23.76 18.12 56.26
CA LEU G 134 22.85 17.23 55.54
C LEU G 134 22.62 15.94 56.33
N ALA G 135 23.67 15.44 56.98
CA ALA G 135 23.53 14.24 57.81
C ALA G 135 22.57 14.48 58.96
N LYS G 136 22.70 15.63 59.63
CA LYS G 136 21.81 15.97 60.73
C LYS G 136 20.37 16.13 60.24
N ARG G 137 20.20 16.74 59.07
CA ARG G 137 18.86 16.90 58.52
C ARG G 137 18.23 15.56 58.17
N TYR G 138 19.01 14.65 57.59
CA TYR G 138 18.49 13.32 57.26
C TYR G 138 18.12 12.54 58.51
N VAL G 139 18.98 12.57 59.53
CA VAL G 139 18.65 11.85 60.76
C VAL G 139 17.49 12.51 61.51
N ASN G 140 17.28 13.82 61.31
CA ASN G 140 16.09 14.45 61.89
C ASN G 140 14.83 14.06 61.14
N ASN G 141 14.93 13.91 59.82
CA ASN G 141 13.79 13.41 59.05
C ASN G 141 13.46 11.97 59.41
N ILE G 142 14.48 11.18 59.77
CA ILE G 142 14.22 9.84 60.30
C ILE G 142 13.57 9.95 61.69
N ALA G 143 14.07 10.85 62.53
CA ALA G 143 13.62 10.94 63.92
C ALA G 143 12.15 11.39 64.01
N ASN G 144 11.75 12.37 63.19
CA ASN G 144 10.39 12.88 63.26
C ASN G 144 9.39 12.01 62.52
N ALA G 145 9.85 10.94 61.86
CA ALA G 145 9.00 9.94 61.20
C ALA G 145 8.11 10.57 60.13
N ARG G 146 8.75 11.26 59.19
CA ARG G 146 8.05 11.80 58.03
C ARG G 146 7.69 10.72 57.03
N PHE G 147 8.19 9.50 57.19
CA PHE G 147 7.89 8.40 56.29
C PHE G 147 6.54 7.73 56.59
N LEU G 148 5.89 8.10 57.70
CA LEU G 148 4.59 7.51 58.01
C LEU G 148 3.50 8.05 57.10
N TRP G 149 3.67 9.26 56.60
CA TRP G 149 2.76 9.91 55.64
C TRP G 149 1.38 10.02 56.25
N ARG G 150 0.32 9.53 55.61
CA ARG G 150 -1.04 9.67 56.12
C ARG G 150 -1.26 8.90 57.41
N ASN G 151 -0.48 7.84 57.66
CA ASN G 151 -0.63 7.06 58.89
C ASN G 151 -0.13 7.83 60.11
N ARG G 152 0.64 8.90 59.91
CA ARG G 152 1.11 9.69 61.04
C ARG G 152 -0.04 10.39 61.77
N LYS G 153 -0.99 10.93 61.00
CA LYS G 153 -2.09 11.67 61.60
C LYS G 153 -3.05 10.73 62.33
N GLY G 154 -3.54 11.18 63.48
CA GLY G 154 -4.48 10.42 64.28
C GLY G 154 -3.85 9.43 65.23
N ALA G 155 -2.54 9.23 65.16
CA ALA G 155 -1.88 8.30 66.08
C ALA G 155 -1.81 8.90 67.48
N GLU G 156 -1.78 8.02 68.47
CA GLU G 156 -1.67 8.45 69.86
C GLU G 156 -0.27 8.25 70.43
N ILE G 157 0.53 7.34 69.88
CA ILE G 157 1.92 7.18 70.28
C ILE G 157 2.70 6.57 69.11
N ILE G 158 3.94 7.04 68.96
CA ILE G 158 4.87 6.56 67.95
C ILE G 158 6.22 6.34 68.62
N GLU G 159 6.89 5.25 68.25
CA GLU G 159 8.21 4.97 68.81
C GLU G 159 9.05 4.25 67.76
N THR G 160 10.18 4.85 67.39
CA THR G 160 11.05 4.31 66.35
C THR G 160 12.38 3.87 66.97
N ILE G 161 12.90 2.75 66.47
CA ILE G 161 14.16 2.17 66.93
C ILE G 161 15.09 2.04 65.74
N VAL G 162 16.31 2.56 65.89
CA VAL G 162 17.33 2.47 64.86
C VAL G 162 18.53 1.71 65.42
N THR G 163 19.02 0.75 64.66
CA THR G 163 20.13 -0.11 65.08
C THR G 163 21.26 -0.01 64.06
N ILE G 164 22.45 0.35 64.53
CA ILE G 164 23.63 0.46 63.69
C ILE G 164 24.66 -0.53 64.19
N GLU G 165 25.01 -1.50 63.33
CA GLU G 165 26.04 -2.51 63.62
C GLU G 165 25.74 -3.27 64.92
N ASP G 166 24.57 -3.92 64.92
CA ASP G 166 23.98 -4.63 66.07
C ASP G 166 24.18 -3.87 67.38
N LYS G 167 23.78 -2.61 67.37
CA LYS G 167 23.79 -1.76 68.57
C LYS G 167 22.47 -1.01 68.62
N GLU G 168 21.68 -1.28 69.66
CA GLU G 168 20.34 -0.70 69.78
C GLU G 168 20.45 0.68 70.41
N TYR G 169 20.20 1.72 69.60
CA TYR G 169 20.23 3.09 70.09
C TYR G 169 19.00 3.38 70.94
N PRO G 170 19.06 4.39 71.79
CA PRO G 170 17.88 4.75 72.60
C PRO G 170 16.69 5.15 71.73
N SER G 171 15.50 4.87 72.25
CA SER G 171 14.27 5.04 71.49
C SER G 171 13.95 6.51 71.27
N PHE G 172 13.07 6.76 70.30
CA PHE G 172 12.62 8.10 69.95
C PHE G 172 11.15 8.25 70.28
N ASN G 173 10.80 9.39 70.88
CA ASN G 173 9.40 9.80 71.02
C ASN G 173 9.12 10.73 69.86
N SER G 174 8.66 10.16 68.74
CA SER G 174 8.50 10.91 67.51
C SER G 174 7.33 11.88 67.54
N LYS G 175 6.45 11.79 68.54
CA LYS G 175 5.36 12.73 68.64
C LYS G 175 5.84 14.14 68.99
N SER G 176 6.90 14.24 69.80
CA SER G 176 7.44 15.54 70.21
C SER G 176 8.51 16.01 69.22
N PHE G 177 8.06 16.24 67.98
CA PHE G 177 8.96 16.68 66.91
C PHE G 177 8.14 17.44 65.89
N ASN G 178 8.32 18.76 65.83
CA ASN G 178 7.66 19.57 64.82
C ASN G 178 8.22 19.25 63.43
N LEU G 179 7.33 19.25 62.44
CA LEU G 179 7.73 18.89 61.08
C LEU G 179 8.64 19.93 60.43
N ASP G 180 8.71 21.15 60.97
CA ASP G 180 9.53 22.19 60.38
C ASP G 180 10.82 22.49 61.14
N THR G 181 10.93 22.07 62.39
CA THR G 181 12.16 22.26 63.15
C THR G 181 13.23 21.27 62.68
N PHE G 182 14.48 21.67 62.86
CA PHE G 182 15.65 20.88 62.47
C PHE G 182 16.68 20.86 63.59
N VAL G 183 16.21 20.55 64.80
CA VAL G 183 17.02 20.67 66.02
C VAL G 183 18.27 19.80 65.92
N GLU G 184 19.42 20.38 66.26
CA GLU G 184 20.71 19.71 66.21
C GLU G 184 21.30 19.54 67.61
N ASP G 185 20.45 19.28 68.61
CA ASP G 185 20.90 19.22 69.99
C ASP G 185 20.71 17.87 70.65
N ASN G 186 19.98 16.94 70.04
CA ASN G 186 19.81 15.62 70.64
C ASN G 186 21.11 14.82 70.57
N ALA G 187 21.46 14.17 71.68
CA ALA G 187 22.74 13.50 71.78
C ALA G 187 22.83 12.29 70.85
N THR G 188 21.80 11.46 70.84
CA THR G 188 21.79 10.30 69.95
C THR G 188 21.71 10.72 68.48
N ILE G 189 21.02 11.83 68.21
CA ILE G 189 20.96 12.36 66.86
C ILE G 189 22.36 12.74 66.39
N ASN G 190 23.14 13.41 67.24
CA ASN G 190 24.51 13.75 66.89
C ASN G 190 25.38 12.50 66.77
N GLU G 191 25.15 11.50 67.62
CA GLU G 191 25.92 10.28 67.56
C GLU G 191 25.72 9.55 66.24
N ILE G 192 24.47 9.47 65.77
CA ILE G 192 24.21 8.86 64.47
C ILE G 192 24.73 9.78 63.35
N ALA G 193 24.60 11.09 63.53
CA ALA G 193 24.96 12.05 62.49
C ALA G 193 26.45 12.02 62.19
N GLN G 194 27.28 11.88 63.23
CA GLN G 194 28.72 11.81 63.01
C GLN G 194 29.09 10.59 62.17
N GLN G 195 28.49 9.43 62.49
CA GLN G 195 28.77 8.22 61.73
C GLN G 195 28.32 8.33 60.28
N ILE G 196 27.11 8.86 60.05
CA ILE G 196 26.62 8.92 58.68
C ILE G 196 27.40 9.95 57.87
N ALA G 197 27.81 11.06 58.50
CA ALA G 197 28.65 12.04 57.80
C ALA G 197 30.03 11.47 57.48
N ASP G 198 30.61 10.71 58.41
CA ASP G 198 31.91 10.09 58.15
C ASP G 198 31.80 9.07 57.01
N THR G 199 30.71 8.31 56.97
CA THR G 199 30.48 7.41 55.85
C THR G 199 30.33 8.18 54.55
N PHE G 200 29.68 9.34 54.62
CA PHE G 200 29.49 10.17 53.43
C PHE G 200 30.82 10.65 52.86
N ALA G 201 31.65 11.26 53.70
CA ALA G 201 32.84 11.93 53.18
C ALA G 201 33.88 10.97 52.59
N GLY G 202 34.64 10.27 53.44
CA GLY G 202 35.56 9.27 52.94
C GLY G 202 35.94 8.15 53.90
N LYS G 203 35.34 8.13 55.09
CA LYS G 203 35.94 7.37 56.18
C LYS G 203 35.76 5.87 56.04
N ARG G 204 34.56 5.42 55.65
CA ARG G 204 34.29 4.00 55.51
C ARG G 204 33.57 3.75 54.18
N GLU G 205 33.73 2.52 53.69
CA GLU G 205 33.24 2.18 52.36
C GLU G 205 31.73 1.99 52.29
N TYR G 206 31.07 1.73 53.42
CA TYR G 206 29.64 1.50 53.41
C TYR G 206 29.08 1.69 54.81
N LEU G 207 27.76 1.87 54.88
CA LEU G 207 27.05 1.83 56.15
C LEU G 207 25.67 1.24 55.93
N ASN G 208 25.21 0.47 56.91
CA ASN G 208 23.88 -0.13 56.90
C ASN G 208 23.10 0.35 58.11
N ILE G 209 21.90 0.87 57.86
CA ILE G 209 21.01 1.39 58.88
C ILE G 209 19.72 0.59 58.82
N TYR G 210 19.22 0.15 59.97
CA TYR G 210 17.97 -0.59 60.02
C TYR G 210 17.00 0.12 60.95
N VAL G 211 15.82 0.46 60.42
CA VAL G 211 14.83 1.26 61.14
C VAL G 211 13.57 0.42 61.32
N THR G 212 13.05 0.41 62.54
CA THR G 212 11.75 -0.16 62.86
C THR G 212 10.96 0.85 63.68
N CYS G 213 9.64 0.79 63.55
CA CYS G 213 8.79 1.74 64.26
C CYS G 213 7.45 1.12 64.59
N PHE G 214 6.99 1.37 65.81
CA PHE G 214 5.66 1.00 66.27
C PHE G 214 4.80 2.25 66.39
N VAL G 215 3.64 2.23 65.75
CA VAL G 215 2.68 3.32 65.81
C VAL G 215 1.35 2.76 66.29
N LYS G 216 0.75 3.42 67.28
CA LYS G 216 -0.54 2.99 67.82
C LYS G 216 -1.64 3.86 67.20
N ILE G 217 -2.57 3.22 66.51
CA ILE G 217 -3.69 3.92 65.89
C ILE G 217 -5.03 3.47 66.44
N GLY G 218 -5.07 2.46 67.29
CA GLY G 218 -6.32 1.92 67.82
C GLY G 218 -6.58 0.52 67.29
N CYS G 219 -7.76 0.02 67.62
CA CYS G 219 -8.17 -1.32 67.25
C CYS G 219 -9.14 -1.28 66.08
N ALA G 220 -8.94 -2.19 65.13
CA ALA G 220 -9.79 -2.34 63.94
C ALA G 220 -9.89 -1.05 63.13
N MET G 221 -8.77 -0.33 63.04
CA MET G 221 -8.71 0.89 62.26
C MET G 221 -8.25 0.58 60.84
N GLU G 222 -7.96 1.62 60.06
CA GLU G 222 -7.57 1.47 58.66
C GLU G 222 -6.19 2.06 58.45
N VAL G 223 -5.33 1.32 57.76
CA VAL G 223 -4.00 1.77 57.43
C VAL G 223 -3.97 2.18 55.96
N TYR G 224 -2.91 2.88 55.57
CA TYR G 224 -2.80 3.46 54.22
C TYR G 224 -1.49 3.02 53.58
N PRO G 225 -1.49 1.89 52.88
CA PRO G 225 -0.31 1.47 52.13
C PRO G 225 -0.17 2.28 50.84
N SER G 226 0.84 1.92 50.06
CA SER G 226 1.10 2.61 48.80
C SER G 226 0.14 2.10 47.72
N GLN G 227 0.36 2.57 46.49
CA GLN G 227 -0.47 2.16 45.36
C GLN G 227 0.41 1.83 44.15
N GLU G 228 -0.22 1.57 43.01
CA GLU G 228 0.50 1.20 41.80
C GLU G 228 -0.09 1.96 40.62
N MET G 229 0.57 1.82 39.47
CA MET G 229 0.04 2.43 38.25
C MET G 229 -1.21 1.69 37.80
N THR G 230 -2.08 2.39 37.09
CA THR G 230 -3.30 1.81 36.52
C THR G 230 -3.32 2.13 35.04
N PHE G 231 -2.64 1.28 34.25
CA PHE G 231 -2.75 1.32 32.80
C PHE G 231 -3.87 0.42 32.28
N ASP G 232 -4.55 -0.29 33.18
CA ASP G 232 -5.65 -1.15 32.78
C ASP G 232 -6.85 -0.33 32.32
N ASP G 233 -7.49 -0.78 31.25
CA ASP G 233 -8.69 -0.11 30.75
C ASP G 233 -9.94 -0.46 31.53
N ASP G 234 -9.88 -1.44 32.41
CA ASP G 234 -11.00 -1.83 33.26
C ASP G 234 -10.53 -1.96 34.70
N ASP G 235 -11.49 -1.91 35.62
CA ASP G 235 -11.25 -1.99 37.06
C ASP G 235 -10.29 -0.89 37.52
N LYS G 236 -10.74 0.36 37.37
CA LYS G 236 -9.95 1.54 37.72
C LYS G 236 -9.85 1.78 39.22
N GLY G 237 -10.27 0.85 40.07
CA GLY G 237 -10.12 1.02 41.50
C GLY G 237 -8.67 0.90 41.93
N LYS G 238 -8.43 1.31 43.17
CA LYS G 238 -7.07 1.33 43.70
C LYS G 238 -6.53 -0.08 43.87
N LYS G 239 -5.26 -0.28 43.51
CA LYS G 239 -4.55 -1.52 43.71
C LYS G 239 -3.38 -1.25 44.63
N LEU G 240 -3.46 -1.74 45.86
CA LEU G 240 -2.46 -1.45 46.86
C LEU G 240 -1.19 -2.26 46.61
N PHE G 241 -0.13 -1.92 47.34
CA PHE G 241 1.17 -2.52 47.16
C PHE G 241 1.28 -3.76 48.03
N LYS G 242 1.44 -4.93 47.40
CA LYS G 242 1.56 -6.21 48.08
C LYS G 242 3.03 -6.65 48.00
N PHE G 243 3.76 -6.44 49.08
CA PHE G 243 5.17 -6.78 49.15
C PHE G 243 5.34 -8.05 49.98
N GLU G 244 5.84 -9.11 49.34
CA GLU G 244 6.09 -10.41 49.98
C GLU G 244 4.81 -10.97 50.61
N GLY G 245 3.68 -10.75 49.95
CA GLY G 245 2.39 -11.24 50.41
C GLY G 245 1.69 -10.33 51.40
N SER G 246 2.44 -9.55 52.17
CA SER G 246 1.86 -8.65 53.15
C SER G 246 1.65 -7.27 52.52
N ALA G 247 1.33 -6.28 53.35
CA ALA G 247 1.16 -4.91 52.92
C ALA G 247 2.44 -4.13 53.16
N GLY G 248 2.84 -3.33 52.16
CA GLY G 248 4.09 -2.61 52.23
C GLY G 248 3.98 -1.24 51.56
N MET G 249 5.08 -0.50 51.65
CA MET G 249 5.18 0.84 51.08
C MET G 249 6.38 0.89 50.15
N HIS G 250 6.25 1.67 49.08
CA HIS G 250 7.32 1.77 48.08
C HIS G 250 8.56 2.42 48.68
N SER G 251 9.72 2.03 48.15
CA SER G 251 10.97 2.62 48.59
C SER G 251 11.11 4.07 48.12
N GLN G 252 10.53 4.40 46.97
CA GLN G 252 10.58 5.76 46.45
C GLN G 252 9.86 6.72 47.38
N LYS G 253 8.73 6.29 47.95
CA LYS G 253 8.00 7.13 48.89
C LYS G 253 8.83 7.40 50.15
N ILE G 254 9.51 6.37 50.67
CA ILE G 254 10.34 6.54 51.86
C ILE G 254 11.51 7.48 51.55
N ASN G 255 12.13 7.33 50.38
CA ASN G 255 13.23 8.21 50.01
C ASN G 255 12.76 9.65 49.85
N ASN G 256 11.58 9.84 49.23
CA ASN G 256 11.03 11.19 49.06
C ASN G 256 10.72 11.82 50.41
N ALA G 257 10.21 11.04 51.36
CA ALA G 257 10.00 11.55 52.70
C ALA G 257 11.32 11.90 53.38
N LEU G 258 12.36 11.09 53.14
CA LEU G 258 13.63 11.30 53.83
C LEU G 258 14.36 12.53 53.32
N ARG G 259 14.35 12.76 52.00
CA ARG G 259 15.09 13.87 51.43
C ARG G 259 14.31 15.18 51.43
N THR G 260 13.28 15.29 52.28
CA THR G 260 12.54 16.54 52.42
C THR G 260 13.25 17.42 53.46
N ILE G 261 14.36 18.01 53.03
CA ILE G 261 15.22 18.81 53.90
C ILE G 261 15.58 20.16 53.30
N ASP G 262 15.08 20.50 52.11
CA ASP G 262 15.47 21.72 51.44
C ASP G 262 14.76 22.90 52.09
N THR G 263 15.53 23.80 52.70
CA THR G 263 15.01 25.04 53.27
C THR G 263 15.67 26.29 52.72
N TRP G 264 16.77 26.16 51.99
CA TRP G 264 17.52 27.30 51.47
C TRP G 264 16.97 27.81 50.14
N TYR G 265 15.77 27.40 49.76
CA TYR G 265 15.15 27.91 48.55
C TYR G 265 14.74 29.36 48.75
N PRO G 266 14.65 30.14 47.68
CA PRO G 266 14.17 31.52 47.81
C PRO G 266 12.73 31.58 48.25
N ASP G 267 12.36 32.73 48.84
CA ASP G 267 11.05 32.96 49.44
C ASP G 267 10.73 31.92 50.52
N TYR G 268 11.76 31.41 51.20
CA TYR G 268 11.51 30.49 52.32
C TYR G 268 10.91 31.22 53.51
N THR G 269 11.33 32.46 53.74
CA THR G 269 10.80 33.23 54.87
C THR G 269 9.33 33.61 54.69
N THR G 270 8.80 33.49 53.48
CA THR G 270 7.39 33.75 53.25
C THR G 270 6.53 32.49 53.36
N TYR G 271 7.14 31.32 53.48
CA TYR G 271 6.39 30.07 53.56
C TYR G 271 6.72 29.25 54.80
N GLU G 272 8.00 29.15 55.17
CA GLU G 272 8.46 28.49 56.40
C GLU G 272 8.03 27.02 56.45
N PHE G 273 8.46 26.26 55.44
CA PHE G 273 8.31 24.81 55.47
C PHE G 273 9.33 24.18 54.54
N PRO G 274 9.98 23.09 54.94
CA PRO G 274 10.93 22.43 54.05
C PRO G 274 10.23 21.74 52.88
N ILE G 275 10.95 21.61 51.78
CA ILE G 275 10.42 20.98 50.57
C ILE G 275 11.36 19.82 50.22
N PRO G 276 10.86 18.83 49.49
CA PRO G 276 11.75 17.76 49.02
C PRO G 276 12.75 18.28 48.00
N VAL G 277 13.94 17.67 48.01
CA VAL G 277 15.02 18.10 47.13
C VAL G 277 14.72 17.65 45.70
N GLU G 278 14.78 18.60 44.77
CA GLU G 278 14.49 18.32 43.37
C GLU G 278 15.27 19.30 42.51
N ASN G 279 15.40 18.97 41.22
CA ASN G 279 16.16 19.79 40.29
C ASN G 279 15.59 21.21 40.21
N TYR G 280 14.35 21.33 39.77
CA TYR G 280 13.68 22.62 39.67
C TYR G 280 13.02 23.05 40.97
N GLY G 281 13.08 22.23 42.02
CA GLY G 281 12.49 22.60 43.29
C GLY G 281 10.98 22.59 43.29
N ALA G 282 10.36 21.89 42.35
CA ALA G 282 8.90 21.87 42.25
C ALA G 282 8.30 21.10 43.43
N ALA G 283 7.24 21.66 44.00
CA ALA G 283 6.52 21.05 45.10
C ALA G 283 5.06 20.87 44.69
N ARG G 284 4.64 19.61 44.57
CA ARG G 284 3.27 19.32 44.14
C ARG G 284 2.25 19.59 45.23
N SER G 285 2.67 19.78 46.49
CA SER G 285 1.73 20.05 47.56
C SER G 285 1.05 21.41 47.40
N ILE G 286 1.76 22.39 46.83
CA ILE G 286 1.23 23.73 46.61
C ILE G 286 1.06 24.03 45.13
N GLY G 287 2.12 23.86 44.35
CA GLY G 287 2.05 24.07 42.92
C GLY G 287 2.89 25.22 42.41
N ILE G 288 3.90 25.62 43.17
CA ILE G 288 4.80 26.70 42.80
C ILE G 288 6.21 26.13 42.74
N PRO G 289 6.94 26.30 41.63
CA PRO G 289 8.34 25.88 41.57
C PRO G 289 9.24 26.90 42.27
N PHE G 290 9.79 26.51 43.41
CA PHE G 290 10.55 27.44 44.24
C PHE G 290 11.92 27.76 43.68
N ARG G 291 12.41 26.98 42.71
CA ARG G 291 13.68 27.24 42.04
C ARG G 291 13.48 27.16 40.54
N PRO G 292 12.67 28.06 39.96
CA PRO G 292 12.30 27.91 38.55
C PRO G 292 13.43 28.17 37.57
N ASP G 293 14.06 29.34 37.62
CA ASP G 293 15.13 29.68 36.69
C ASP G 293 16.44 30.01 37.38
N THR G 294 16.44 30.97 38.32
CA THR G 294 17.70 31.50 38.83
C THR G 294 18.37 30.53 39.79
N LYS G 295 17.59 29.70 40.47
CA LYS G 295 18.14 28.75 41.44
C LYS G 295 17.89 27.30 41.03
N SER G 296 17.64 27.04 39.75
CA SER G 296 17.60 25.67 39.26
C SER G 296 19.00 25.09 39.23
N PHE G 297 19.11 23.79 39.56
CA PHE G 297 20.40 23.16 39.83
C PHE G 297 21.37 23.26 38.66
N TYR G 298 20.85 23.29 37.43
CA TYR G 298 21.72 23.32 36.26
C TYR G 298 22.57 24.59 36.23
N LYS G 299 21.96 25.74 36.51
CA LYS G 299 22.71 26.98 36.46
C LYS G 299 23.67 27.12 37.64
N LEU G 300 23.29 26.62 38.82
CA LEU G 300 24.24 26.60 39.93
C LEU G 300 25.45 25.73 39.63
N ILE G 301 25.23 24.54 39.07
CA ILE G 301 26.38 23.69 38.78
C ILE G 301 27.22 24.26 37.64
N ASP G 302 26.59 24.95 36.69
CA ASP G 302 27.35 25.60 35.62
C ASP G 302 28.21 26.73 36.16
N ARG G 303 27.64 27.57 37.03
CA ARG G 303 28.43 28.66 37.63
C ARG G 303 29.50 28.11 38.57
N MET G 304 29.23 26.98 39.21
CA MET G 304 30.19 26.41 40.17
C MET G 304 31.38 25.78 39.45
N ILE G 305 31.13 25.11 38.33
CA ILE G 305 32.20 24.36 37.66
C ILE G 305 32.84 25.20 36.55
N LEU G 306 32.03 25.65 35.59
CA LEU G 306 32.58 26.31 34.41
C LEU G 306 33.15 27.68 34.75
N LYS G 307 32.39 28.50 35.47
CA LYS G 307 32.85 29.83 35.82
C LYS G 307 33.75 29.85 37.05
N ASN G 308 33.73 28.76 37.83
CA ASN G 308 34.55 28.60 39.04
C ASN G 308 34.30 29.70 40.07
N GLU G 309 33.14 30.35 40.03
CA GLU G 309 32.83 31.41 40.99
C GLU G 309 32.50 30.80 42.35
N ASP G 310 32.78 31.56 43.39
CA ASP G 310 32.44 31.12 44.74
C ASP G 310 30.94 31.22 44.96
N LEU G 311 30.44 30.38 45.86
CA LEU G 311 29.01 30.29 46.14
C LEU G 311 28.76 30.36 47.63
N PRO G 312 27.58 30.83 48.04
CA PRO G 312 27.22 30.76 49.46
C PRO G 312 27.06 29.32 49.93
N ILE G 313 27.14 29.15 51.24
CA ILE G 313 27.09 27.81 51.82
C ILE G 313 25.74 27.15 51.58
N GLU G 314 24.68 27.94 51.41
CA GLU G 314 23.37 27.37 51.12
C GLU G 314 23.34 26.71 49.76
N ASP G 315 23.94 27.35 48.76
CA ASP G 315 24.02 26.76 47.42
C ASP G 315 24.89 25.52 47.42
N LYS G 316 25.97 25.52 48.19
CA LYS G 316 26.79 24.32 48.35
C LYS G 316 25.98 23.19 48.97
N HIS G 317 25.18 23.50 49.99
CA HIS G 317 24.33 22.48 50.61
C HIS G 317 23.35 21.90 49.60
N TYR G 318 22.72 22.77 48.80
CA TYR G 318 21.74 22.29 47.82
C TYR G 318 22.40 21.44 46.75
N VAL G 319 23.56 21.86 46.26
CA VAL G 319 24.24 21.10 45.21
C VAL G 319 24.71 19.75 45.72
N MET G 320 25.28 19.70 46.93
CA MET G 320 25.69 18.43 47.51
C MET G 320 24.49 17.53 47.81
N ALA G 321 23.36 18.10 48.23
CA ALA G 321 22.17 17.27 48.43
C ALA G 321 21.66 16.68 47.11
N ILE G 322 21.68 17.47 46.04
CA ILE G 322 21.26 16.96 44.73
C ILE G 322 22.21 15.86 44.27
N LEU G 323 23.52 16.06 44.45
CA LEU G 323 24.49 15.03 44.08
C LEU G 323 24.33 13.78 44.93
N ILE G 324 23.90 13.94 46.18
CA ILE G 324 23.58 12.78 47.01
C ILE G 324 22.39 12.03 46.43
N ARG G 325 21.36 12.76 45.98
CA ARG G 325 20.19 12.11 45.39
C ARG G 325 20.55 11.40 44.09
N GLY G 326 21.34 12.04 43.23
CA GLY G 326 21.74 11.46 41.97
C GLY G 326 20.78 11.76 40.83
N GLY G 327 21.25 11.47 39.62
CA GLY G 327 20.47 11.73 38.43
C GLY G 327 21.31 11.52 37.18
N MET G 328 20.86 12.11 36.07
CA MET G 328 21.58 12.03 34.80
C MET G 328 21.68 13.47 34.24
N PHE G 329 22.33 14.32 35.04
CA PHE G 329 22.51 15.72 34.66
C PHE G 329 23.45 15.77 33.46
N SER G 330 22.89 15.50 32.29
CA SER G 330 23.63 15.46 31.03
C SER G 330 23.33 16.70 30.21
N LYS G 331 24.00 16.81 29.07
CA LYS G 331 23.93 18.01 28.25
C LYS G 331 23.91 17.61 26.78
N LYS G 332 23.31 18.47 25.96
CA LYS G 332 23.35 18.32 24.51
C LYS G 332 24.77 18.53 23.99
N GLN G 333 24.93 18.43 22.67
CA GLN G 333 26.26 18.52 22.06
C GLN G 333 26.91 19.88 22.24
N GLU G 334 26.13 20.93 22.44
CA GLU G 334 26.69 22.26 22.69
C GLU G 334 27.21 22.37 24.12
N LEU H 12 54.19 -11.34 1.53
CA LEU H 12 53.29 -10.76 2.52
C LEU H 12 53.24 -9.25 2.39
N LYS H 13 52.22 -8.74 1.72
CA LYS H 13 52.07 -7.31 1.50
C LYS H 13 50.99 -6.67 2.37
N SER H 14 49.91 -7.41 2.67
CA SER H 14 48.83 -6.87 3.49
C SER H 14 48.07 -8.03 4.12
N ARG H 15 47.14 -7.69 4.99
CA ARG H 15 46.31 -8.70 5.63
C ARG H 15 45.37 -9.33 4.61
N PRO H 16 45.01 -10.60 4.80
CA PRO H 16 44.11 -11.27 3.85
C PRO H 16 42.69 -10.69 3.91
N GLU H 17 41.91 -11.04 2.90
CA GLU H 17 40.57 -10.51 2.76
C GLU H 17 39.55 -11.15 3.70
N ASN H 18 39.90 -12.25 4.36
CA ASN H 18 38.93 -12.94 5.21
C ASN H 18 39.57 -13.42 6.52
N LEU H 19 40.54 -12.68 7.04
CA LEU H 19 41.18 -13.06 8.29
C LEU H 19 40.26 -12.77 9.47
N SER H 20 40.10 -13.75 10.35
CA SER H 20 39.28 -13.60 11.54
C SER H 20 39.71 -14.63 12.57
N PHE H 21 39.27 -14.41 13.81
CA PHE H 21 39.64 -15.27 14.93
C PHE H 21 38.41 -15.60 15.77
N ALA H 22 38.52 -16.71 16.49
CA ALA H 22 37.49 -17.13 17.44
C ALA H 22 38.05 -17.02 18.85
N ARG H 23 37.17 -16.68 19.79
CA ARG H 23 37.60 -16.43 21.16
C ARG H 23 38.10 -17.72 21.82
N CYS H 24 39.12 -17.58 22.66
CA CYS H 24 39.69 -18.68 23.41
C CYS H 24 39.27 -18.69 24.87
N LEU H 25 38.30 -17.85 25.23
CA LEU H 25 37.80 -17.77 26.61
C LEU H 25 36.29 -17.57 26.52
N ASN H 26 35.54 -18.67 26.56
CA ASN H 26 34.09 -18.62 26.48
C ASN H 26 33.51 -18.59 27.88
N THR H 27 32.53 -17.72 28.10
CA THR H 27 31.91 -17.55 29.41
C THR H 27 30.42 -17.81 29.32
N THR H 28 29.90 -18.51 30.33
CA THR H 28 28.48 -18.79 30.40
C THR H 28 27.74 -17.65 31.09
N GLU H 29 26.43 -17.59 30.86
CA GLU H 29 25.61 -16.58 31.52
C GLU H 29 25.51 -16.88 33.02
N ALA H 30 25.63 -15.83 33.81
CA ALA H 30 25.53 -15.97 35.26
C ALA H 30 24.09 -16.16 35.69
N LYS H 31 23.89 -16.90 36.78
CA LYS H 31 22.59 -17.10 37.37
C LYS H 31 22.65 -16.69 38.83
N PHE H 32 21.59 -16.02 39.30
CA PHE H 32 21.58 -15.42 40.62
C PHE H 32 20.77 -16.26 41.59
N TRP H 33 21.34 -16.49 42.77
CA TRP H 33 20.65 -17.16 43.86
C TRP H 33 20.85 -16.34 45.14
N GLN H 34 19.83 -16.35 45.99
CA GLN H 34 19.88 -15.62 47.26
C GLN H 34 19.89 -16.62 48.41
N THR H 35 20.97 -16.61 49.19
CA THR H 35 21.11 -17.49 50.34
C THR H 35 21.39 -16.69 51.60
N ASP H 36 21.73 -17.40 52.68
CA ASP H 36 22.20 -16.79 53.91
C ASP H 36 23.69 -17.10 54.07
N PHE H 37 24.44 -16.15 54.63
CA PHE H 37 25.88 -16.33 54.71
C PHE H 37 26.27 -17.41 55.71
N LEU H 38 25.52 -17.55 56.81
CA LEU H 38 25.86 -18.57 57.80
C LEU H 38 25.60 -19.98 57.29
N LYS H 39 24.62 -20.13 56.40
CA LYS H 39 24.26 -21.42 55.83
C LYS H 39 24.40 -21.41 54.31
N ARG H 40 25.50 -20.83 53.81
CA ARG H 40 25.69 -20.72 52.37
C ARG H 40 26.05 -22.04 51.71
N HIS H 41 26.54 -23.01 52.49
CA HIS H 41 26.93 -24.31 51.95
C HIS H 41 25.82 -25.35 52.06
N THR H 42 24.63 -24.96 52.48
CA THR H 42 23.53 -25.89 52.72
C THR H 42 22.35 -25.71 51.79
N PHE H 43 22.00 -24.48 51.44
CA PHE H 43 20.76 -24.24 50.70
C PHE H 43 20.88 -22.97 49.87
N LYS H 44 19.96 -22.83 48.92
CA LYS H 44 19.90 -21.66 48.05
C LYS H 44 18.47 -21.47 47.56
N LEU H 45 18.10 -20.21 47.34
CA LEU H 45 16.78 -19.85 46.86
C LEU H 45 16.88 -19.11 45.53
N PRO H 46 15.88 -19.24 44.66
CA PRO H 46 15.88 -18.46 43.41
C PRO H 46 15.61 -16.99 43.68
N LEU H 47 16.11 -16.15 42.79
CA LEU H 47 15.94 -14.70 42.87
C LEU H 47 15.14 -14.25 41.66
N LEU H 48 14.00 -13.61 41.91
CA LEU H 48 13.07 -13.23 40.85
C LEU H 48 13.11 -11.72 40.62
N ILE H 49 12.67 -11.33 39.42
CA ILE H 49 12.64 -9.94 38.99
C ILE H 49 11.20 -9.45 39.06
N THR H 50 10.99 -8.33 39.74
CA THR H 50 9.67 -7.75 39.88
C THR H 50 9.54 -6.50 39.02
N ASP H 51 8.30 -6.11 38.76
CA ASP H 51 7.98 -4.96 37.93
C ASP H 51 7.60 -3.78 38.82
N LYS H 52 8.25 -2.64 38.61
CA LYS H 52 8.03 -1.45 39.43
C LYS H 52 7.42 -0.35 38.58
N ALA H 53 6.63 0.49 39.24
CA ALA H 53 5.98 1.64 38.62
C ALA H 53 6.28 2.88 39.45
N VAL H 54 6.63 3.97 38.77
CA VAL H 54 7.12 5.17 39.45
C VAL H 54 6.33 6.38 38.98
N LEU H 55 6.08 7.31 39.89
CA LEU H 55 5.53 8.61 39.58
C LEU H 55 6.53 9.68 40.02
N ALA H 56 6.80 10.64 39.15
CA ALA H 56 7.81 11.65 39.42
C ALA H 56 7.40 12.95 38.76
N SER H 57 8.34 13.88 38.67
CA SER H 57 8.15 15.16 38.01
C SER H 57 9.02 15.24 36.76
N LYS H 58 8.81 16.30 35.99
CA LYS H 58 9.61 16.57 34.79
C LYS H 58 10.86 17.31 35.22
N GLY H 59 11.83 16.55 35.75
CA GLY H 59 13.02 17.12 36.32
C GLY H 59 14.22 17.15 35.40
N HIS H 60 13.99 17.02 34.10
CA HIS H 60 15.06 17.06 33.12
C HIS H 60 15.22 18.46 32.54
N GLU H 61 16.33 18.67 31.86
CA GLU H 61 16.61 19.97 31.26
C GLU H 61 15.75 20.19 30.02
N MET H 62 15.07 21.32 29.97
CA MET H 62 14.16 21.67 28.90
C MET H 62 14.44 23.10 28.45
N PRO H 63 14.07 23.44 27.22
CA PRO H 63 14.19 24.83 26.79
C PRO H 63 13.33 25.74 27.64
N PRO H 64 13.75 26.98 27.86
CA PRO H 64 13.07 27.84 28.85
C PRO H 64 11.69 28.32 28.45
N ASP H 65 11.17 27.90 27.30
CA ASP H 65 9.78 28.22 26.94
C ASP H 65 8.80 27.19 27.46
N LYS H 66 9.20 25.92 27.55
CA LYS H 66 8.34 24.85 28.04
C LYS H 66 8.27 24.78 29.56
N LEU H 67 9.15 25.49 30.26
CA LEU H 67 9.17 25.45 31.72
C LEU H 67 7.94 26.10 32.34
N GLU H 68 7.25 26.96 31.60
CA GLU H 68 6.06 27.64 32.11
C GLU H 68 4.78 26.85 31.89
N LYS H 69 4.85 25.69 31.26
CA LYS H 69 3.66 24.89 31.01
C LYS H 69 3.83 23.44 31.42
N GLU H 70 5.08 22.95 31.44
CA GLU H 70 5.35 21.55 31.70
C GLU H 70 6.34 21.38 32.84
N ILE H 71 6.09 22.09 33.95
CA ILE H 71 6.90 21.95 35.15
C ILE H 71 6.12 21.35 36.33
N MET H 72 4.79 21.42 36.34
CA MET H 72 3.97 20.68 37.29
C MET H 72 3.30 19.45 36.67
N ASP H 73 3.60 19.13 35.42
CA ASP H 73 3.05 17.93 34.81
C ASP H 73 3.69 16.70 35.45
N PRO H 74 2.90 15.76 35.96
CA PRO H 74 3.47 14.54 36.54
C PRO H 74 4.04 13.64 35.45
N ASN H 75 4.82 12.66 35.88
CA ASN H 75 5.51 11.74 34.98
C ASN H 75 5.32 10.32 35.47
N PRO H 76 4.43 9.55 34.85
CA PRO H 76 4.32 8.12 35.17
C PRO H 76 5.22 7.27 34.29
N GLN H 77 6.05 6.43 34.92
CA GLN H 77 6.97 5.57 34.17
C GLN H 77 6.95 4.17 34.76
N LYS H 78 7.46 3.22 33.98
CA LYS H 78 7.53 1.82 34.37
C LYS H 78 8.97 1.34 34.25
N SER H 79 9.32 0.34 35.07
CA SER H 79 10.65 -0.23 35.05
C SER H 79 10.60 -1.59 35.72
N GLN H 80 11.76 -2.21 35.89
CA GLN H 80 11.87 -3.48 36.60
C GLN H 80 12.96 -3.35 37.65
N SER H 81 12.85 -4.18 38.69
CA SER H 81 13.81 -4.14 39.79
C SER H 81 14.01 -5.55 40.32
N CYS H 82 15.12 -5.74 41.02
CA CYS H 82 15.45 -6.99 41.67
C CYS H 82 15.98 -6.70 43.06
N THR H 83 15.55 -7.48 44.05
CA THR H 83 15.96 -7.24 45.43
C THR H 83 15.92 -8.55 46.19
N LEU H 84 16.71 -8.60 47.26
CA LEU H 84 16.76 -9.77 48.11
C LEU H 84 15.51 -9.84 49.00
N SER H 85 15.20 -11.05 49.45
CA SER H 85 14.08 -11.24 50.37
C SER H 85 14.46 -10.76 51.77
N THR H 86 13.47 -10.79 52.67
CA THR H 86 13.67 -10.29 54.02
C THR H 86 14.35 -11.30 54.94
N GLU H 87 14.64 -12.50 54.46
CA GLU H 87 15.32 -13.52 55.25
C GLU H 87 16.65 -13.96 54.66
N CYS H 88 17.07 -13.38 53.54
CA CYS H 88 18.34 -13.71 52.91
C CYS H 88 19.18 -12.46 52.77
N ASP H 89 20.48 -12.59 52.99
CA ASP H 89 21.40 -11.45 52.94
C ASP H 89 22.70 -11.81 52.22
N THR H 90 22.65 -12.73 51.26
CA THR H 90 23.84 -13.17 50.56
C THR H 90 23.50 -13.46 49.10
N LEU H 91 23.92 -12.58 48.20
CA LEU H 91 23.83 -12.85 46.78
C LEU H 91 24.85 -13.91 46.38
N ARG H 92 24.44 -14.82 45.52
CA ARG H 92 25.30 -15.89 45.03
C ARG H 92 25.29 -15.88 43.51
N ILE H 93 26.48 -15.89 42.92
CA ILE H 93 26.63 -15.85 41.46
C ILE H 93 27.45 -17.06 41.04
N ASP H 94 26.88 -17.88 40.16
CA ASP H 94 27.55 -19.08 39.66
C ASP H 94 27.69 -18.96 38.15
N PHE H 95 28.90 -19.19 37.63
CA PHE H 95 29.09 -19.27 36.19
C PHE H 95 30.35 -20.08 35.90
N GLY H 96 30.71 -20.16 34.62
CA GLY H 96 31.81 -21.01 34.20
C GLY H 96 32.51 -20.47 32.98
N ILE H 97 33.76 -20.89 32.82
CA ILE H 97 34.62 -20.49 31.72
C ILE H 97 35.17 -21.74 31.05
N LYS H 98 35.31 -21.68 29.73
CA LYS H 98 35.97 -22.72 28.95
C LYS H 98 37.10 -22.08 28.15
N VAL H 99 38.29 -22.66 28.26
CA VAL H 99 39.48 -22.12 27.62
C VAL H 99 40.07 -23.18 26.69
N LEU H 100 40.42 -22.76 25.48
CA LEU H 100 40.89 -23.57 24.37
C LEU H 100 42.26 -23.07 23.91
N PRO H 101 43.04 -23.91 23.22
CA PRO H 101 44.35 -23.46 22.72
C PRO H 101 44.25 -22.30 21.75
N VAL H 102 45.26 -21.42 21.79
CA VAL H 102 45.25 -20.22 20.97
C VAL H 102 45.48 -20.57 19.50
N LYS H 103 46.43 -21.46 19.22
CA LYS H 103 46.83 -21.74 17.84
C LYS H 103 45.73 -22.41 17.04
N GLU H 104 44.79 -23.09 17.68
CA GLU H 104 43.70 -23.77 17.00
C GLU H 104 42.43 -22.93 16.95
N SER H 105 42.56 -21.61 16.92
CA SER H 105 41.41 -20.72 16.97
C SER H 105 41.29 -19.78 15.78
N MET H 106 42.22 -19.84 14.82
CA MET H 106 42.11 -19.01 13.62
C MET H 106 41.00 -19.56 12.75
N TYR H 107 39.82 -18.94 12.80
CA TYR H 107 38.65 -19.50 12.15
C TYR H 107 38.75 -19.41 10.63
N SER H 108 39.12 -18.24 10.11
CA SER H 108 39.15 -18.04 8.67
C SER H 108 40.40 -17.27 8.28
N CYS H 109 41.01 -17.67 7.17
CA CYS H 109 42.19 -17.00 6.63
C CYS H 109 42.30 -17.36 5.16
N SER H 110 42.21 -16.35 4.29
CA SER H 110 42.22 -16.56 2.85
C SER H 110 43.62 -16.64 2.27
N ASP H 111 44.66 -16.52 3.09
CA ASP H 111 46.03 -16.64 2.63
C ASP H 111 46.76 -17.69 3.47
N TYR H 112 47.67 -18.41 2.83
CA TYR H 112 48.42 -19.47 3.49
C TYR H 112 49.72 -18.97 4.11
N ASN H 113 50.43 -18.09 3.42
CA ASN H 113 51.68 -17.54 3.94
C ASN H 113 51.42 -16.72 5.20
N TYR H 114 50.34 -15.94 5.21
CA TYR H 114 49.96 -15.19 6.40
C TYR H 114 49.65 -16.12 7.57
N ARG H 115 48.96 -17.23 7.30
CA ARG H 115 48.64 -18.19 8.34
C ARG H 115 49.91 -18.82 8.91
N THR H 116 50.86 -19.18 8.05
CA THR H 116 52.11 -19.76 8.54
C THR H 116 52.93 -18.74 9.33
N ALA H 117 52.90 -17.47 8.91
CA ALA H 117 53.61 -16.44 9.65
C ALA H 117 53.00 -16.24 11.04
N ILE H 118 51.67 -16.23 11.13
CA ILE H 118 51.00 -16.12 12.41
C ILE H 118 51.34 -17.33 13.30
N TYR H 119 51.36 -18.53 12.70
CA TYR H 119 51.73 -19.73 13.45
C TYR H 119 53.14 -19.63 13.99
N GLN H 120 54.09 -19.15 13.17
CA GLN H 120 55.47 -19.03 13.62
C GLN H 120 55.61 -18.00 14.74
N LYS H 121 54.90 -16.86 14.63
CA LYS H 121 54.99 -15.86 15.68
C LYS H 121 54.38 -16.36 16.99
N ILE H 122 53.26 -17.09 16.90
CA ILE H 122 52.65 -17.66 18.10
C ILE H 122 53.58 -18.69 18.73
N ASP H 123 54.24 -19.51 17.90
CA ASP H 123 55.19 -20.49 18.43
C ASP H 123 56.37 -19.81 19.10
N GLU H 124 56.86 -18.71 18.50
CA GLU H 124 57.95 -17.96 19.11
C GLU H 124 57.55 -17.37 20.45
N TYR H 125 56.33 -16.83 20.55
CA TYR H 125 55.85 -16.30 21.82
C TYR H 125 55.66 -17.42 22.85
N ILE H 126 55.22 -18.59 22.40
CA ILE H 126 55.03 -19.72 23.31
C ILE H 126 56.37 -20.17 23.89
N ALA H 127 57.38 -20.30 23.03
CA ALA H 127 58.70 -20.72 23.49
C ALA H 127 59.34 -19.66 24.36
N GLU H 128 59.19 -18.39 24.01
CA GLU H 128 59.89 -17.31 24.71
C GLU H 128 59.28 -17.01 26.07
N ASP H 129 57.96 -16.96 26.16
CA ASP H 129 57.27 -16.54 27.38
C ASP H 129 56.49 -17.67 28.03
N GLY H 130 55.57 -18.30 27.32
CA GLY H 130 54.80 -19.39 27.87
C GLY H 130 53.44 -19.04 28.42
N PHE H 131 52.91 -17.86 28.09
CA PHE H 131 51.55 -17.41 28.43
C PHE H 131 51.32 -17.34 29.94
N LEU H 132 52.38 -17.22 30.74
CA LEU H 132 52.22 -17.21 32.19
C LEU H 132 51.65 -15.88 32.69
N THR H 133 52.13 -14.76 32.14
CA THR H 133 51.73 -13.46 32.64
C THR H 133 50.26 -13.17 32.39
N LEU H 134 49.79 -13.46 31.17
CA LEU H 134 48.39 -13.22 30.84
C LEU H 134 47.47 -14.10 31.67
N ALA H 135 47.84 -15.37 31.87
CA ALA H 135 47.05 -16.26 32.70
C ALA H 135 47.01 -15.77 34.15
N LYS H 136 48.15 -15.30 34.66
CA LYS H 136 48.19 -14.75 36.02
C LYS H 136 47.29 -13.54 36.14
N ARG H 137 47.30 -12.66 35.13
CA ARG H 137 46.45 -11.48 35.17
C ARG H 137 44.97 -11.85 35.10
N TYR H 138 44.62 -12.86 34.29
CA TYR H 138 43.23 -13.29 34.22
C TYR H 138 42.76 -13.89 35.55
N VAL H 139 43.60 -14.70 36.19
CA VAL H 139 43.21 -15.27 37.48
C VAL H 139 43.16 -14.17 38.54
N ASN H 140 44.01 -13.14 38.42
CA ASN H 140 43.91 -12.00 39.32
C ASN H 140 42.59 -11.25 39.14
N ASN H 141 42.16 -11.07 37.89
CA ASN H 141 40.88 -10.42 37.63
C ASN H 141 39.72 -11.29 38.11
N ILE H 142 39.91 -12.60 38.15
CA ILE H 142 38.91 -13.47 38.77
C ILE H 142 38.90 -13.28 40.28
N ALA H 143 40.08 -13.19 40.89
CA ALA H 143 40.20 -13.24 42.34
C ALA H 143 39.63 -12.00 43.01
N ASN H 144 39.87 -10.81 42.44
CA ASN H 144 39.41 -9.58 43.07
C ASN H 144 37.93 -9.30 42.82
N ALA H 145 37.24 -10.19 42.10
CA ALA H 145 35.81 -10.10 41.83
C ALA H 145 35.44 -8.79 41.12
N ARG H 146 36.16 -8.51 40.03
CA ARG H 146 35.84 -7.36 39.20
C ARG H 146 34.53 -7.55 38.44
N PHE H 147 34.08 -8.80 38.27
CA PHE H 147 32.88 -9.07 37.50
C PHE H 147 31.60 -8.68 38.23
N LEU H 148 31.68 -8.29 39.50
CA LEU H 148 30.48 -7.93 40.25
C LEU H 148 29.88 -6.61 39.76
N TRP H 149 30.71 -5.74 39.18
CA TRP H 149 30.31 -4.43 38.65
C TRP H 149 29.68 -3.62 39.77
N ARG H 150 28.44 -3.17 39.64
CA ARG H 150 27.83 -2.31 40.66
C ARG H 150 27.51 -3.07 41.94
N ASN H 151 27.49 -4.40 41.91
CA ASN H 151 27.24 -5.17 43.11
C ASN H 151 28.43 -5.17 44.06
N ARG H 152 29.61 -4.78 43.59
CA ARG H 152 30.79 -4.76 44.44
C ARG H 152 30.72 -3.64 45.48
N LYS H 153 30.11 -2.52 45.14
CA LYS H 153 30.03 -1.39 46.05
C LYS H 153 29.12 -1.71 47.23
N GLY H 154 29.59 -1.34 48.42
CA GLY H 154 28.82 -1.54 49.64
C GLY H 154 28.86 -2.94 50.21
N ALA H 155 29.58 -3.86 49.58
CA ALA H 155 29.63 -5.24 50.06
C ALA H 155 30.45 -5.33 51.34
N GLU H 156 29.99 -6.17 52.27
CA GLU H 156 30.69 -6.36 53.53
C GLU H 156 31.72 -7.48 53.42
N ILE H 157 31.29 -8.66 52.97
CA ILE H 157 32.17 -9.81 52.80
C ILE H 157 31.99 -10.35 51.38
N ILE H 158 33.09 -10.51 50.66
CA ILE H 158 33.09 -11.10 49.33
C ILE H 158 34.00 -12.32 49.35
N GLU H 159 33.47 -13.47 48.95
CA GLU H 159 34.25 -14.69 48.89
C GLU H 159 34.05 -15.35 47.53
N THR H 160 35.08 -16.08 47.09
CA THR H 160 35.08 -16.68 45.76
C THR H 160 35.57 -18.12 45.85
N ILE H 161 34.91 -19.00 45.10
CA ILE H 161 35.25 -20.41 45.02
C ILE H 161 35.57 -20.74 43.56
N VAL H 162 36.72 -21.38 43.33
CA VAL H 162 37.13 -21.81 42.00
C VAL H 162 37.31 -23.32 42.04
N THR H 163 36.63 -24.02 41.12
CA THR H 163 36.62 -25.47 41.09
C THR H 163 37.10 -25.96 39.73
N ILE H 164 38.11 -26.83 39.73
CA ILE H 164 38.60 -27.49 38.53
C ILE H 164 38.26 -28.97 38.65
N GLU H 165 37.50 -29.48 37.68
CA GLU H 165 37.06 -30.88 37.63
C GLU H 165 36.33 -31.25 38.92
N ASP H 166 37.05 -31.86 39.86
CA ASP H 166 36.50 -32.15 41.19
C ASP H 166 37.40 -31.59 42.30
N LYS H 167 38.34 -30.71 41.94
CA LYS H 167 39.26 -30.12 42.90
C LYS H 167 38.77 -28.74 43.29
N GLU H 168 38.59 -28.51 44.58
CA GLU H 168 38.14 -27.24 45.11
C GLU H 168 39.34 -26.55 45.74
N TYR H 169 39.64 -25.34 45.28
CA TYR H 169 40.76 -24.55 45.75
C TYR H 169 40.35 -23.72 46.95
N PRO H 170 41.30 -23.30 47.79
CA PRO H 170 40.97 -22.50 48.97
C PRO H 170 40.27 -21.19 48.59
N SER H 171 39.34 -20.78 49.45
CA SER H 171 38.49 -19.63 49.16
C SER H 171 39.31 -18.34 49.12
N PHE H 172 38.93 -17.45 48.22
CA PHE H 172 39.59 -16.16 48.09
C PHE H 172 38.96 -15.16 49.05
N ASN H 173 39.49 -13.93 49.03
CA ASN H 173 38.91 -12.83 49.79
C ASN H 173 39.16 -11.56 48.97
N SER H 174 38.19 -11.18 48.16
CA SER H 174 38.37 -10.08 47.22
C SER H 174 38.48 -8.73 47.91
N LYS H 175 38.06 -8.63 49.17
CA LYS H 175 38.19 -7.38 49.90
C LYS H 175 39.64 -7.04 50.22
N SER H 176 40.52 -8.04 50.26
CA SER H 176 41.94 -7.83 50.50
C SER H 176 42.74 -7.64 49.21
N PHE H 177 42.08 -7.63 48.07
CA PHE H 177 42.74 -7.47 46.78
C PHE H 177 42.52 -6.06 46.25
N ASN H 178 43.60 -5.39 45.87
CA ASN H 178 43.50 -4.07 45.27
C ASN H 178 43.15 -4.19 43.80
N LEU H 179 42.21 -3.36 43.35
CA LEU H 179 41.75 -3.39 41.97
C LEU H 179 42.75 -2.81 40.99
N ASP H 180 43.83 -2.18 41.47
CA ASP H 180 44.78 -1.50 40.61
C ASP H 180 46.05 -2.31 40.36
N THR H 181 46.59 -2.96 41.38
CA THR H 181 47.83 -3.72 41.24
C THR H 181 47.54 -5.10 40.68
N PHE H 182 48.56 -5.95 40.65
CA PHE H 182 48.44 -7.32 40.16
C PHE H 182 49.31 -8.22 41.02
N VAL H 183 48.68 -9.11 41.78
CA VAL H 183 49.42 -10.00 42.67
C VAL H 183 50.05 -11.11 41.84
N GLU H 184 51.37 -11.26 41.98
CA GLU H 184 52.13 -12.25 41.22
C GLU H 184 52.89 -13.19 42.15
N ASP H 185 52.40 -13.37 43.37
CA ASP H 185 53.07 -14.21 44.35
C ASP H 185 52.14 -15.17 45.09
N ASN H 186 50.83 -15.04 44.94
CA ASN H 186 49.90 -15.93 45.62
C ASN H 186 49.99 -17.34 45.02
N ALA H 187 49.91 -18.35 45.90
CA ALA H 187 50.10 -19.72 45.46
C ALA H 187 48.94 -20.22 44.59
N THR H 188 47.71 -19.92 45.00
CA THR H 188 46.53 -20.41 44.26
C THR H 188 46.46 -19.77 42.87
N ILE H 189 46.79 -18.48 42.78
CA ILE H 189 46.76 -17.78 41.50
C ILE H 189 47.74 -18.42 40.52
N ASN H 190 48.97 -18.67 40.97
CA ASN H 190 49.96 -19.30 40.12
C ASN H 190 49.57 -20.73 39.77
N GLU H 191 48.99 -21.45 40.74
CA GLU H 191 48.59 -22.84 40.51
C GLU H 191 47.52 -22.93 39.42
N ILE H 192 46.53 -22.05 39.47
CA ILE H 192 45.49 -22.06 38.43
C ILE H 192 46.04 -21.54 37.11
N ALA H 193 46.88 -20.48 37.17
CA ALA H 193 47.41 -19.88 35.95
C ALA H 193 48.35 -20.83 35.21
N GLN H 194 49.00 -21.75 35.92
CA GLN H 194 49.82 -22.75 35.24
C GLN H 194 48.98 -23.63 34.33
N GLN H 195 47.86 -24.14 34.85
CA GLN H 195 46.95 -24.94 34.03
C GLN H 195 46.37 -24.11 32.90
N ILE H 196 46.03 -22.84 33.18
CA ILE H 196 45.45 -21.99 32.14
C ILE H 196 46.45 -21.75 31.01
N ALA H 197 47.71 -21.49 31.36
CA ALA H 197 48.73 -21.26 30.33
C ALA H 197 49.04 -22.54 29.56
N ASP H 198 49.04 -23.69 30.24
CA ASP H 198 49.25 -24.96 29.55
C ASP H 198 48.12 -25.23 28.57
N THR H 199 46.88 -24.96 28.97
CA THR H 199 45.76 -25.07 28.03
C THR H 199 45.86 -24.05 26.92
N PHE H 200 46.46 -22.88 27.20
CA PHE H 200 46.61 -21.84 26.19
C PHE H 200 47.57 -22.27 25.09
N ALA H 201 48.83 -22.54 25.45
CA ALA H 201 49.85 -22.73 24.42
C ALA H 201 49.64 -23.96 23.55
N GLY H 202 49.93 -25.15 24.08
CA GLY H 202 49.63 -26.37 23.35
C GLY H 202 49.38 -27.59 24.20
N LYS H 203 49.46 -27.45 25.52
CA LYS H 203 49.67 -28.59 26.40
C LYS H 203 48.38 -29.29 26.81
N ARG H 204 47.21 -28.79 26.42
CA ARG H 204 45.97 -29.42 26.81
C ARG H 204 44.92 -29.16 25.74
N GLU H 205 43.94 -30.06 25.66
CA GLU H 205 42.88 -29.91 24.68
C GLU H 205 41.90 -28.82 25.06
N TYR H 206 41.53 -28.76 26.34
CA TYR H 206 40.53 -27.82 26.82
C TYR H 206 40.62 -27.75 28.33
N LEU H 207 40.04 -26.70 28.90
CA LEU H 207 39.91 -26.63 30.35
C LEU H 207 38.64 -25.90 30.73
N ASN H 208 37.97 -26.41 31.77
CA ASN H 208 36.71 -25.86 32.25
C ASN H 208 36.87 -25.41 33.70
N ILE H 209 36.40 -24.21 34.00
CA ILE H 209 36.47 -23.64 35.35
C ILE H 209 35.04 -23.30 35.76
N TYR H 210 34.65 -23.74 36.96
CA TYR H 210 33.35 -23.38 37.53
C TYR H 210 33.59 -22.52 38.76
N VAL H 211 32.98 -21.33 38.77
CA VAL H 211 33.27 -20.31 39.77
C VAL H 211 31.98 -19.85 40.42
N THR H 212 31.99 -19.77 41.75
CA THR H 212 30.85 -19.35 42.56
C THR H 212 31.32 -18.26 43.51
N CYS H 213 30.61 -17.13 43.53
CA CYS H 213 30.95 -15.98 44.33
C CYS H 213 29.81 -15.67 45.30
N PHE H 214 30.16 -15.43 46.56
CA PHE H 214 29.21 -15.05 47.60
C PHE H 214 29.47 -13.61 48.00
N VAL H 215 28.41 -12.80 48.01
CA VAL H 215 28.48 -11.40 48.40
C VAL H 215 27.49 -11.19 49.54
N LYS H 216 27.96 -10.58 50.63
CA LYS H 216 27.10 -10.29 51.79
C LYS H 216 26.71 -8.82 51.73
N ILE H 217 25.65 -8.53 50.99
CA ILE H 217 25.17 -7.16 50.86
C ILE H 217 24.42 -6.73 52.11
N GLY H 218 23.34 -7.43 52.44
CA GLY H 218 22.51 -7.08 53.57
C GLY H 218 21.12 -7.62 53.39
N CYS H 219 20.35 -7.53 54.48
CA CYS H 219 19.00 -8.06 54.47
C CYS H 219 18.07 -7.17 53.65
N ALA H 220 17.35 -7.79 52.72
CA ALA H 220 16.33 -7.14 51.88
C ALA H 220 16.91 -5.98 51.08
N MET H 221 18.17 -6.07 50.68
CA MET H 221 18.80 -5.02 49.90
C MET H 221 18.52 -5.26 48.41
N GLU H 222 19.16 -4.48 47.55
CA GLU H 222 18.88 -4.49 46.12
C GLU H 222 20.13 -4.92 45.35
N VAL H 223 19.94 -5.83 44.41
CA VAL H 223 21.01 -6.27 43.53
C VAL H 223 20.82 -5.63 42.17
N TYR H 224 21.86 -5.68 41.34
CA TYR H 224 21.88 -5.00 40.05
C TYR H 224 22.29 -5.97 38.95
N PRO H 225 21.33 -6.69 38.38
CA PRO H 225 21.64 -7.59 37.25
C PRO H 225 21.84 -6.79 35.98
N SER H 226 22.23 -7.50 34.93
CA SER H 226 22.41 -6.88 33.63
C SER H 226 21.08 -6.42 33.06
N GLN H 227 21.12 -5.37 32.25
CA GLN H 227 19.93 -4.74 31.69
C GLN H 227 19.84 -5.07 30.21
N GLU H 228 18.66 -5.50 29.77
CA GLU H 228 18.46 -5.86 28.38
C GLU H 228 18.56 -4.63 27.48
N MET H 229 19.15 -4.82 26.30
CA MET H 229 19.26 -3.77 25.30
C MET H 229 18.09 -3.89 24.34
N THR H 230 17.25 -2.86 24.29
CA THR H 230 16.03 -2.88 23.50
C THR H 230 16.22 -2.11 22.21
N PHE H 231 15.41 -2.47 21.22
CA PHE H 231 15.47 -1.84 19.89
C PHE H 231 14.08 -1.44 19.44
N ASP H 232 14.01 -0.34 18.71
CA ASP H 232 12.78 0.24 18.14
C ASP H 232 11.81 0.49 19.31
N ASP H 233 10.53 0.13 19.16
CA ASP H 233 9.52 0.22 20.22
C ASP H 233 9.32 1.64 20.73
N ASP H 234 8.50 1.78 21.77
CA ASP H 234 8.33 3.06 22.44
C ASP H 234 8.23 2.93 23.95
N ASP H 235 8.38 1.73 24.50
CA ASP H 235 8.26 1.55 25.95
C ASP H 235 9.39 2.24 26.70
N LYS H 236 10.64 1.97 26.29
CA LYS H 236 11.83 2.56 26.88
C LYS H 236 11.94 2.30 28.38
N GLY H 237 11.32 1.22 28.86
CA GLY H 237 11.41 0.87 30.25
C GLY H 237 12.65 0.06 30.57
N LYS H 238 12.98 0.00 31.84
CA LYS H 238 14.15 -0.75 32.29
C LYS H 238 13.82 -2.24 32.24
N LYS H 239 14.19 -2.89 31.14
CA LYS H 239 14.00 -4.32 30.97
C LYS H 239 15.25 -5.04 31.44
N LEU H 240 15.12 -5.85 32.48
CA LEU H 240 16.25 -6.57 33.03
C LEU H 240 16.44 -7.90 32.30
N PHE H 241 17.41 -8.69 32.75
CA PHE H 241 17.79 -9.93 32.10
C PHE H 241 17.35 -11.11 32.95
N LYS H 242 16.54 -11.98 32.36
CA LYS H 242 16.05 -13.18 33.03
C LYS H 242 16.69 -14.40 32.40
N PHE H 243 17.33 -15.22 33.24
CA PHE H 243 17.97 -16.46 32.80
C PHE H 243 17.24 -17.62 33.44
N GLU H 244 16.43 -18.33 32.63
CA GLU H 244 15.60 -19.45 33.09
C GLU H 244 14.70 -19.04 34.25
N GLY H 245 14.12 -17.85 34.16
CA GLY H 245 13.25 -17.30 35.19
C GLY H 245 13.95 -16.44 36.21
N SER H 246 15.14 -16.86 36.64
CA SER H 246 15.89 -16.10 37.64
C SER H 246 16.67 -14.97 36.97
N ALA H 247 17.11 -14.03 37.80
CA ALA H 247 17.91 -12.92 37.30
C ALA H 247 19.34 -13.38 37.00
N GLY H 248 20.02 -12.61 36.15
CA GLY H 248 21.36 -12.97 35.78
C GLY H 248 22.06 -11.85 35.04
N MET H 249 23.25 -12.16 34.54
CA MET H 249 24.06 -11.20 33.80
C MET H 249 24.45 -11.78 32.46
N HIS H 250 24.73 -10.89 31.51
CA HIS H 250 25.13 -11.30 30.18
C HIS H 250 26.50 -11.98 30.22
N SER H 251 26.74 -12.85 29.23
CA SER H 251 28.02 -13.52 29.13
C SER H 251 29.14 -12.54 28.78
N GLN H 252 28.86 -11.59 27.90
CA GLN H 252 29.87 -10.63 27.48
C GLN H 252 30.16 -9.59 28.53
N LYS H 253 29.23 -9.33 29.46
CA LYS H 253 29.47 -8.37 30.52
C LYS H 253 30.52 -8.89 31.50
N ILE H 254 30.44 -10.17 31.86
CA ILE H 254 31.45 -10.76 32.73
C ILE H 254 32.78 -10.86 32.01
N ASN H 255 32.75 -11.19 30.71
CA ASN H 255 33.99 -11.33 29.94
C ASN H 255 34.72 -10.01 29.80
N ASN H 256 34.00 -8.88 29.80
CA ASN H 256 34.65 -7.58 29.73
C ASN H 256 35.46 -7.30 31.00
N ALA H 257 34.94 -7.68 32.16
CA ALA H 257 35.65 -7.45 33.41
C ALA H 257 36.86 -8.35 33.55
N LEU H 258 36.87 -9.51 32.91
CA LEU H 258 38.01 -10.43 33.04
C LEU H 258 39.22 -9.93 32.26
N ARG H 259 39.00 -9.39 31.05
CA ARG H 259 40.09 -8.96 30.20
C ARG H 259 40.50 -7.51 30.44
N THR H 260 40.21 -6.97 31.62
CA THR H 260 40.69 -5.64 32.01
C THR H 260 42.10 -5.77 32.57
N ILE H 261 43.05 -5.98 31.66
CA ILE H 261 44.43 -6.29 32.03
C ILE H 261 45.44 -5.42 31.32
N ASP H 262 45.02 -4.53 30.42
CA ASP H 262 45.96 -3.73 29.64
C ASP H 262 46.57 -2.65 30.52
N THR H 263 47.87 -2.80 30.82
CA THR H 263 48.62 -1.82 31.60
C THR H 263 49.80 -1.25 30.84
N TRP H 264 49.93 -1.56 29.55
CA TRP H 264 51.08 -1.16 28.76
C TRP H 264 50.74 -0.13 27.69
N TYR H 265 49.63 0.58 27.85
CA TYR H 265 49.24 1.60 26.90
C TYR H 265 50.13 2.83 27.08
N PRO H 266 50.25 3.67 26.04
CA PRO H 266 51.00 4.92 26.19
C PRO H 266 50.34 5.84 27.20
N ASP H 267 51.17 6.70 27.80
CA ASP H 267 50.76 7.61 28.89
C ASP H 267 50.16 6.82 30.06
N TYR H 268 50.73 5.65 30.33
CA TYR H 268 50.27 4.84 31.45
C TYR H 268 50.63 5.48 32.78
N THR H 269 51.81 6.10 32.86
CA THR H 269 52.25 6.71 34.10
C THR H 269 51.40 7.90 34.52
N THR H 270 50.77 8.58 33.56
CA THR H 270 49.91 9.71 33.89
C THR H 270 48.63 9.27 34.60
N TYR H 271 48.12 8.10 34.26
CA TYR H 271 46.84 7.62 34.76
C TYR H 271 46.97 6.44 35.72
N GLU H 272 47.74 5.43 35.36
CA GLU H 272 48.13 4.32 36.25
C GLU H 272 46.91 3.52 36.73
N PHE H 273 46.21 2.90 35.78
CA PHE H 273 45.19 1.90 36.08
C PHE H 273 44.99 1.01 34.86
N PRO H 274 44.66 -0.26 35.05
CA PRO H 274 44.41 -1.14 33.90
C PRO H 274 43.12 -0.78 33.18
N ILE H 275 43.10 -1.12 31.89
CA ILE H 275 41.94 -0.88 31.03
C ILE H 275 41.64 -2.17 30.28
N PRO H 276 40.40 -2.34 29.80
CA PRO H 276 40.11 -3.49 28.95
C PRO H 276 40.87 -3.44 27.63
N VAL H 277 40.81 -4.54 26.90
CA VAL H 277 41.60 -4.74 25.69
C VAL H 277 40.68 -4.59 24.49
N GLU H 278 40.90 -3.55 23.69
CA GLU H 278 40.20 -3.34 22.43
C GLU H 278 41.21 -3.05 21.33
N ASN H 279 40.70 -2.82 20.11
CA ASN H 279 41.58 -2.51 18.99
C ASN H 279 42.25 -1.15 19.18
N TYR H 280 41.45 -0.10 19.34
CA TYR H 280 41.96 1.25 19.51
C TYR H 280 42.14 1.64 20.97
N GLY H 281 41.97 0.70 21.88
CA GLY H 281 42.13 0.99 23.30
C GLY H 281 41.09 1.94 23.86
N ALA H 282 39.82 1.77 23.45
CA ALA H 282 38.76 2.63 23.93
C ALA H 282 38.52 2.42 25.42
N ALA H 283 38.19 3.51 26.11
CA ALA H 283 37.99 3.54 27.55
C ALA H 283 36.70 4.29 27.88
N ARG H 284 35.60 3.83 27.26
CA ARG H 284 34.32 4.53 27.29
C ARG H 284 33.83 4.80 28.72
N SER H 285 34.20 3.95 29.67
CA SER H 285 33.85 4.19 31.07
C SER H 285 34.47 5.47 31.61
N ILE H 286 35.63 5.88 31.09
CA ILE H 286 36.28 7.11 31.54
C ILE H 286 36.56 8.09 30.42
N GLY H 287 36.53 7.69 29.15
CA GLY H 287 36.99 8.57 28.08
C GLY H 287 38.48 8.38 27.83
N ILE H 288 39.08 9.38 27.20
CA ILE H 288 40.52 9.44 26.91
C ILE H 288 41.00 8.19 26.16
N PRO H 289 40.75 8.09 24.84
CA PRO H 289 41.20 6.90 24.10
C PRO H 289 42.72 6.76 24.16
N PHE H 290 43.18 5.52 24.30
CA PHE H 290 44.54 5.26 24.72
C PHE H 290 45.45 4.71 23.63
N ARG H 291 44.91 4.11 22.58
CA ARG H 291 45.70 3.63 21.44
C ARG H 291 45.08 4.10 20.14
N PRO H 292 45.10 5.40 19.86
CA PRO H 292 44.57 5.92 18.60
C PRO H 292 45.61 6.06 17.49
N ASP H 293 46.78 5.46 17.64
CA ASP H 293 47.94 5.80 16.83
C ASP H 293 48.77 4.54 16.64
N THR H 294 50.06 4.70 16.33
CA THR H 294 50.96 3.60 16.00
C THR H 294 51.00 2.50 17.07
N LYS H 295 50.53 2.77 18.28
CA LYS H 295 50.46 1.76 19.33
C LYS H 295 49.16 1.00 19.34
N SER H 296 48.29 1.20 18.36
CA SER H 296 47.07 0.41 18.24
C SER H 296 47.40 -0.98 17.72
N PHE H 297 46.38 -1.84 17.72
CA PHE H 297 46.59 -3.23 17.32
C PHE H 297 46.90 -3.34 15.83
N TYR H 298 46.28 -2.49 15.00
CA TYR H 298 46.46 -2.59 13.56
C TYR H 298 47.90 -2.31 13.15
N LYS H 299 48.45 -1.20 13.64
CA LYS H 299 49.83 -0.84 13.29
C LYS H 299 50.82 -1.86 13.85
N LEU H 300 50.58 -2.35 15.07
CA LEU H 300 51.48 -3.34 15.66
C LEU H 300 51.47 -4.65 14.89
N ILE H 301 50.28 -5.11 14.48
CA ILE H 301 50.21 -6.36 13.72
C ILE H 301 50.70 -6.17 12.29
N ASP H 302 50.67 -4.94 11.76
CA ASP H 302 51.26 -4.70 10.46
C ASP H 302 52.79 -4.70 10.53
N ARG H 303 53.35 -4.08 11.58
CA ARG H 303 54.79 -4.07 11.75
C ARG H 303 55.33 -5.46 12.06
N MET H 304 54.61 -6.22 12.89
CA MET H 304 55.12 -7.51 13.35
C MET H 304 55.08 -8.56 12.24
N ILE H 305 54.00 -8.58 11.46
CA ILE H 305 53.79 -9.66 10.49
C ILE H 305 54.37 -9.32 9.13
N LEU H 306 53.99 -8.15 8.58
CA LEU H 306 54.38 -7.82 7.22
C LEU H 306 55.86 -7.45 7.14
N LYS H 307 56.28 -6.43 7.88
CA LYS H 307 57.66 -5.98 7.83
C LYS H 307 58.59 -6.84 8.69
N ASN H 308 58.04 -7.78 9.46
CA ASN H 308 58.82 -8.70 10.30
C ASN H 308 59.67 -7.96 11.33
N GLU H 309 59.18 -6.80 11.78
CA GLU H 309 59.91 -5.98 12.74
C GLU H 309 59.63 -6.47 14.15
N ASP H 310 60.69 -6.69 14.92
CA ASP H 310 60.55 -7.13 16.30
C ASP H 310 59.97 -6.02 17.17
N LEU H 311 59.24 -6.42 18.21
CA LEU H 311 58.57 -5.51 19.12
C LEU H 311 59.01 -5.79 20.55
N PRO H 312 58.89 -4.81 21.45
CA PRO H 312 59.14 -5.07 22.86
C PRO H 312 58.10 -6.02 23.44
N ILE H 313 58.42 -6.56 24.61
CA ILE H 313 57.60 -7.61 25.21
C ILE H 313 56.23 -7.08 25.61
N GLU H 314 56.10 -5.78 25.87
CA GLU H 314 54.81 -5.20 26.20
C GLU H 314 53.87 -5.22 24.99
N ASP H 315 54.40 -4.85 23.82
CA ASP H 315 53.60 -4.91 22.60
C ASP H 315 53.26 -6.35 22.23
N LYS H 316 54.18 -7.28 22.50
CA LYS H 316 53.87 -8.69 22.30
C LYS H 316 52.74 -9.15 23.21
N HIS H 317 52.77 -8.73 24.47
CA HIS H 317 51.69 -9.07 25.39
C HIS H 317 50.36 -8.50 24.91
N TYR H 318 50.35 -7.25 24.47
CA TYR H 318 49.10 -6.64 24.00
C TYR H 318 48.58 -7.31 22.74
N VAL H 319 49.47 -7.64 21.80
CA VAL H 319 49.03 -8.22 20.55
C VAL H 319 48.60 -9.68 20.75
N MET H 320 49.15 -10.35 21.77
CA MET H 320 48.68 -11.69 22.08
C MET H 320 47.36 -11.66 22.84
N ALA H 321 47.12 -10.63 23.65
CA ALA H 321 45.86 -10.54 24.39
C ALA H 321 44.69 -10.26 23.46
N ILE H 322 44.93 -9.65 22.30
CA ILE H 322 43.86 -9.42 21.35
C ILE H 322 43.39 -10.74 20.73
N LEU H 323 44.33 -11.63 20.40
CA LEU H 323 43.98 -12.88 19.75
C LEU H 323 43.13 -13.79 20.64
N ILE H 324 43.26 -13.66 21.96
CA ILE H 324 42.38 -14.40 22.86
C ILE H 324 40.96 -13.87 22.77
N ARG H 325 40.80 -12.56 22.62
CA ARG H 325 39.47 -11.98 22.47
C ARG H 325 38.84 -12.34 21.14
N GLY H 326 39.61 -12.34 20.07
CA GLY H 326 39.10 -12.58 18.74
C GLY H 326 38.53 -11.33 18.10
N GLY H 327 38.15 -11.47 16.84
CA GLY H 327 37.61 -10.34 16.09
C GLY H 327 37.50 -10.68 14.62
N MET H 328 37.37 -9.62 13.81
CA MET H 328 37.21 -9.75 12.37
C MET H 328 38.27 -8.84 11.73
N PHE H 329 39.53 -9.06 12.12
CA PHE H 329 40.62 -8.24 11.61
C PHE H 329 40.87 -8.55 10.14
N SER H 330 40.26 -7.79 9.25
CA SER H 330 40.39 -7.98 7.81
C SER H 330 40.85 -6.68 7.15
N LYS H 331 41.09 -6.75 5.85
CA LYS H 331 41.56 -5.61 5.07
C LYS H 331 40.73 -5.47 3.80
N LYS H 332 40.43 -4.23 3.44
CA LYS H 332 39.66 -3.97 2.22
C LYS H 332 40.45 -4.34 0.97
N GLN H 333 41.74 -4.02 0.95
CA GLN H 333 42.63 -4.25 -0.20
C GLN H 333 42.09 -3.62 -1.48
N LEU I 12 30.57 -40.09 -30.35
CA LEU I 12 30.91 -39.32 -29.15
C LEU I 12 31.98 -38.28 -29.46
N LYS I 13 31.54 -37.04 -29.70
CA LYS I 13 32.46 -35.97 -30.07
C LYS I 13 32.56 -34.86 -29.04
N SER I 14 31.53 -34.68 -28.20
CA SER I 14 31.53 -33.63 -27.20
C SER I 14 30.53 -33.98 -26.12
N ARG I 15 30.61 -33.25 -25.00
CA ARG I 15 29.67 -33.44 -23.91
C ARG I 15 28.26 -33.05 -24.36
N PRO I 16 27.23 -33.72 -23.86
CA PRO I 16 25.86 -33.45 -24.33
C PRO I 16 25.41 -32.07 -23.89
N GLU I 17 24.42 -31.54 -24.61
CA GLU I 17 24.08 -30.14 -24.43
C GLU I 17 23.14 -29.92 -23.26
N ASN I 18 22.66 -31.00 -22.63
CA ASN I 18 21.88 -30.94 -21.40
C ASN I 18 22.28 -32.17 -20.58
N LEU I 19 22.92 -31.95 -19.44
CA LEU I 19 23.40 -33.07 -18.63
C LEU I 19 23.40 -32.67 -17.18
N SER I 20 22.71 -33.46 -16.35
CA SER I 20 22.65 -33.21 -14.92
C SER I 20 22.56 -34.54 -14.19
N PHE I 21 23.05 -34.56 -12.95
CA PHE I 21 23.07 -35.76 -12.13
C PHE I 21 22.35 -35.47 -10.81
N ALA I 22 21.43 -36.36 -10.44
CA ALA I 22 20.76 -36.26 -9.16
C ALA I 22 21.71 -36.70 -8.05
N ARG I 23 21.53 -36.11 -6.88
CA ARG I 23 22.36 -36.45 -5.72
C ARG I 23 22.07 -37.88 -5.27
N CYS I 24 23.12 -38.66 -5.03
CA CYS I 24 23.01 -40.06 -4.64
C CYS I 24 23.19 -40.27 -3.15
N LEU I 25 23.24 -39.20 -2.36
CA LEU I 25 23.42 -39.31 -0.91
C LEU I 25 22.66 -38.15 -0.27
N ASN I 26 21.41 -38.39 0.09
CA ASN I 26 20.54 -37.36 0.63
C ASN I 26 20.68 -37.31 2.14
N THR I 27 20.82 -36.10 2.68
CA THR I 27 20.97 -35.88 4.12
C THR I 27 19.85 -34.99 4.61
N THR I 28 19.22 -35.37 5.72
CA THR I 28 18.14 -34.62 6.31
C THR I 28 18.67 -33.55 7.25
N GLU I 29 17.78 -32.64 7.66
CA GLU I 29 18.14 -31.62 8.64
C GLU I 29 18.44 -32.25 9.99
N ALA I 30 19.35 -31.62 10.73
CA ALA I 30 19.67 -32.06 12.08
C ALA I 30 18.79 -31.36 13.10
N LYS I 31 18.57 -32.02 14.23
CA LYS I 31 17.79 -31.46 15.32
C LYS I 31 18.58 -31.59 16.61
N PHE I 32 18.56 -30.54 17.43
CA PHE I 32 19.38 -30.46 18.63
C PHE I 32 18.54 -30.75 19.86
N TRP I 33 19.05 -31.61 20.73
CA TRP I 33 18.43 -31.89 22.02
C TRP I 33 19.49 -31.81 23.11
N GLN I 34 19.06 -31.41 24.30
CA GLN I 34 19.93 -31.36 25.46
C GLN I 34 19.53 -32.44 26.45
N THR I 35 20.53 -33.06 27.08
CA THR I 35 20.29 -34.14 28.02
C THR I 35 21.51 -34.24 28.95
N ASP I 36 21.47 -35.23 29.83
CA ASP I 36 22.58 -35.55 30.71
C ASP I 36 23.30 -36.78 30.18
N PHE I 37 24.59 -36.88 30.48
CA PHE I 37 25.40 -37.95 29.91
C PHE I 37 25.09 -39.30 30.54
N LEU I 38 24.84 -39.32 31.86
CA LEU I 38 24.56 -40.57 32.55
C LEU I 38 23.23 -41.17 32.09
N LYS I 39 22.22 -40.34 31.91
CA LYS I 39 20.90 -40.78 31.47
C LYS I 39 20.64 -40.43 30.01
N ARG I 40 21.70 -40.54 29.18
CA ARG I 40 21.59 -40.18 27.77
C ARG I 40 20.71 -41.14 26.99
N HIS I 41 20.48 -42.35 27.49
CA HIS I 41 19.66 -43.33 26.81
C HIS I 41 18.20 -43.29 27.28
N THR I 42 17.84 -42.36 28.16
CA THR I 42 16.52 -42.33 28.76
C THR I 42 15.70 -41.10 28.37
N PHE I 43 16.24 -39.90 28.57
CA PHE I 43 15.45 -38.68 28.48
C PHE I 43 16.16 -37.63 27.63
N LYS I 44 15.39 -36.69 27.12
CA LYS I 44 15.92 -35.59 26.32
C LYS I 44 14.99 -34.38 26.48
N LEU I 45 15.55 -33.21 26.20
CA LEU I 45 14.82 -31.95 26.28
C LEU I 45 15.05 -31.14 25.00
N PRO I 46 14.10 -30.31 24.62
CA PRO I 46 14.30 -29.45 23.45
C PRO I 46 15.34 -28.37 23.72
N LEU I 47 15.99 -27.93 22.65
CA LEU I 47 16.96 -26.85 22.70
C LEU I 47 16.44 -25.68 21.86
N LEU I 48 16.35 -24.50 22.47
CA LEU I 48 15.72 -23.35 21.85
C LEU I 48 16.74 -22.24 21.60
N ILE I 49 16.42 -21.40 20.62
CA ILE I 49 17.28 -20.29 20.21
C ILE I 49 16.78 -19.03 20.92
N THR I 50 17.69 -18.31 21.57
CA THR I 50 17.35 -17.14 22.36
C THR I 50 17.91 -15.88 21.71
N ASP I 51 17.05 -14.87 21.57
CA ASP I 51 17.48 -13.58 21.05
C ASP I 51 18.44 -12.91 22.03
N LYS I 52 19.29 -12.03 21.49
CA LYS I 52 20.29 -11.36 22.31
C LYS I 52 20.61 -10.00 21.68
N ALA I 53 21.16 -9.11 22.50
CA ALA I 53 21.52 -7.79 22.01
C ALA I 53 22.79 -7.34 22.70
N VAL I 54 23.64 -6.64 21.95
CA VAL I 54 24.96 -6.26 22.42
C VAL I 54 25.18 -4.77 22.17
N LEU I 55 26.05 -4.18 23.00
CA LEU I 55 26.49 -2.80 22.85
C LEU I 55 28.00 -2.83 22.67
N ALA I 56 28.44 -2.88 21.42
CA ALA I 56 29.85 -2.92 21.09
C ALA I 56 30.39 -1.50 20.92
N SER I 57 31.60 -1.39 20.37
CA SER I 57 32.21 -0.12 20.05
C SER I 57 32.53 -0.08 18.55
N LYS I 58 33.20 0.98 18.12
CA LYS I 58 33.64 1.12 16.73
C LYS I 58 35.07 0.63 16.64
N GLY I 59 35.21 -0.70 16.57
CA GLY I 59 36.50 -1.36 16.53
C GLY I 59 37.00 -1.76 15.16
N HIS I 60 36.40 -1.26 14.08
CA HIS I 60 36.83 -1.62 12.75
C HIS I 60 37.80 -0.59 12.20
N GLU I 61 38.31 -0.85 11.00
CA GLU I 61 39.28 0.05 10.38
C GLU I 61 38.56 1.24 9.76
N MET I 62 38.98 2.44 10.15
CA MET I 62 38.39 3.69 9.70
C MET I 62 39.48 4.62 9.20
N PRO I 63 39.15 5.54 8.30
CA PRO I 63 40.08 6.61 7.94
C PRO I 63 40.36 7.50 9.14
N PRO I 64 41.51 8.20 9.16
CA PRO I 64 41.90 8.94 10.38
C PRO I 64 40.88 9.99 10.83
N ASP I 65 40.22 10.68 9.90
CA ASP I 65 39.21 11.65 10.30
C ASP I 65 37.99 10.96 10.91
N LYS I 66 37.51 9.90 10.26
CA LYS I 66 36.38 9.16 10.79
C LYS I 66 36.74 8.46 12.09
N LEU I 67 37.96 7.93 12.18
CA LEU I 67 38.42 7.31 13.42
C LEU I 67 38.48 8.33 14.55
N GLU I 68 38.97 9.54 14.28
CA GLU I 68 39.03 10.57 15.30
C GLU I 68 37.63 11.00 15.74
N LYS I 69 36.70 11.12 14.79
CA LYS I 69 35.35 11.55 15.13
C LYS I 69 34.58 10.49 15.90
N GLU I 70 34.76 9.22 15.54
CA GLU I 70 33.93 8.15 16.09
C GLU I 70 34.74 7.14 16.90
N ILE I 71 35.64 7.62 17.77
CA ILE I 71 36.51 6.71 18.48
C ILE I 71 35.82 6.06 19.69
N MET I 72 34.77 6.68 20.23
CA MET I 72 33.93 6.07 21.26
C MET I 72 32.46 6.21 20.94
N ASP I 73 32.11 6.06 19.68
CA ASP I 73 30.71 5.97 19.32
C ASP I 73 30.19 4.58 19.66
N PRO I 74 29.17 4.44 20.50
CA PRO I 74 28.67 3.11 20.84
C PRO I 74 27.98 2.45 19.66
N ASN I 75 27.95 1.12 19.70
CA ASN I 75 27.45 0.28 18.60
C ASN I 75 26.34 -0.63 19.11
N PRO I 76 25.10 -0.16 19.15
CA PRO I 76 23.98 -1.03 19.54
C PRO I 76 23.58 -1.95 18.40
N GLN I 77 23.66 -3.26 18.63
CA GLN I 77 23.29 -4.23 17.61
C GLN I 77 22.61 -5.44 18.24
N LYS I 78 22.01 -6.27 17.39
CA LYS I 78 21.24 -7.44 17.82
C LYS I 78 21.87 -8.70 17.24
N SER I 79 21.51 -9.84 17.83
CA SER I 79 22.00 -11.14 17.40
C SER I 79 21.13 -12.22 18.03
N GLN I 80 21.50 -13.48 17.80
CA GLN I 80 20.85 -14.61 18.44
C GLN I 80 21.93 -15.58 18.93
N SER I 81 21.58 -16.35 19.96
CA SER I 81 22.54 -17.28 20.54
C SER I 81 21.78 -18.47 21.09
N CYS I 82 22.49 -19.60 21.19
CA CYS I 82 21.94 -20.84 21.73
C CYS I 82 22.92 -21.42 22.73
N THR I 83 22.41 -21.89 23.86
CA THR I 83 23.25 -22.44 24.91
C THR I 83 22.47 -23.48 25.69
N LEU I 84 23.21 -24.38 26.33
CA LEU I 84 22.60 -25.43 27.13
C LEU I 84 22.10 -24.87 28.46
N SER I 85 21.20 -25.61 29.08
CA SER I 85 20.67 -25.22 30.38
C SER I 85 21.71 -25.48 31.47
N THR I 86 21.40 -24.99 32.68
CA THR I 86 22.33 -25.11 33.80
C THR I 86 22.38 -26.51 34.38
N GLU I 87 21.49 -27.41 33.96
CA GLU I 87 21.44 -28.76 34.50
C GLU I 87 21.67 -29.84 33.45
N CYS I 88 21.99 -29.47 32.22
CA CYS I 88 22.28 -30.42 31.16
C CYS I 88 23.65 -30.12 30.56
N ASP I 89 24.42 -31.18 30.29
CA ASP I 89 25.78 -31.03 29.82
C ASP I 89 26.06 -31.83 28.54
N THR I 90 25.04 -32.37 27.90
CA THR I 90 25.23 -33.19 26.71
C THR I 90 24.35 -32.66 25.59
N LEU I 91 24.96 -32.43 24.43
CA LEU I 91 24.26 -32.04 23.21
C LEU I 91 24.03 -33.28 22.36
N ARG I 92 22.79 -33.46 21.90
CA ARG I 92 22.39 -34.63 21.14
C ARG I 92 21.94 -34.21 19.76
N ILE I 93 22.51 -34.82 18.72
CA ILE I 93 22.22 -34.50 17.33
C ILE I 93 21.70 -35.75 16.65
N ASP I 94 20.55 -35.64 15.99
CA ASP I 94 19.95 -36.74 15.26
C ASP I 94 19.75 -36.34 13.81
N PHE I 95 20.18 -37.19 12.88
CA PHE I 95 19.91 -36.96 11.47
C PHE I 95 19.91 -38.28 10.72
N GLY I 96 19.67 -38.21 9.42
CA GLY I 96 19.52 -39.40 8.61
C GLY I 96 20.06 -39.21 7.21
N ILE I 97 20.46 -40.33 6.60
CA ILE I 97 21.01 -40.36 5.25
C ILE I 97 20.27 -41.43 4.46
N LYS I 98 19.97 -41.12 3.20
CA LYS I 98 19.38 -42.07 2.27
C LYS I 98 20.30 -42.19 1.06
N VAL I 99 20.64 -43.42 0.71
CA VAL I 99 21.61 -43.69 -0.36
C VAL I 99 20.93 -44.55 -1.42
N LEU I 100 21.12 -44.17 -2.68
CA LEU I 100 20.52 -44.71 -3.88
C LEU I 100 21.61 -45.17 -4.84
N PRO I 101 21.30 -46.06 -5.80
CA PRO I 101 22.31 -46.50 -6.75
C PRO I 101 22.80 -45.37 -7.64
N VAL I 102 24.07 -45.46 -8.04
CA VAL I 102 24.69 -44.41 -8.83
C VAL I 102 24.13 -44.37 -10.25
N LYS I 103 23.87 -45.54 -10.83
CA LYS I 103 23.34 -45.59 -12.20
C LYS I 103 21.95 -44.99 -12.29
N GLU I 104 21.17 -45.07 -11.22
CA GLU I 104 19.84 -44.45 -11.17
C GLU I 104 19.91 -43.02 -10.68
N SER I 105 20.79 -42.23 -11.30
CA SER I 105 20.92 -40.81 -10.97
C SER I 105 21.07 -39.93 -12.19
N MET I 106 21.10 -40.49 -13.40
CA MET I 106 21.23 -39.70 -14.61
C MET I 106 19.91 -39.00 -14.90
N TYR I 107 19.76 -37.77 -14.42
CA TYR I 107 18.46 -37.12 -14.47
C TYR I 107 18.10 -36.68 -15.89
N SER I 108 19.04 -36.06 -16.59
CA SER I 108 18.76 -35.50 -17.91
C SER I 108 19.90 -35.80 -18.86
N CYS I 109 19.56 -35.97 -20.14
CA CYS I 109 20.54 -36.14 -21.19
C CYS I 109 19.93 -35.73 -22.52
N SER I 110 20.78 -35.22 -23.41
CA SER I 110 20.36 -34.84 -24.75
C SER I 110 20.90 -35.79 -25.81
N ASP I 111 21.51 -36.90 -25.41
CA ASP I 111 22.06 -37.87 -26.34
C ASP I 111 22.00 -39.24 -25.69
N TYR I 112 21.62 -40.25 -26.48
CA TYR I 112 21.57 -41.62 -25.95
C TYR I 112 22.95 -42.24 -25.86
N ASN I 113 23.84 -41.90 -26.80
CA ASN I 113 25.17 -42.51 -26.83
C ASN I 113 25.98 -42.13 -25.60
N TYR I 114 25.86 -40.88 -25.15
CA TYR I 114 26.54 -40.47 -23.92
C TYR I 114 26.03 -41.23 -22.72
N ARG I 115 24.71 -41.46 -22.65
CA ARG I 115 24.15 -42.23 -21.55
C ARG I 115 24.65 -43.66 -21.56
N THR I 116 24.71 -44.28 -22.74
CA THR I 116 25.23 -45.65 -22.84
C THR I 116 26.70 -45.72 -22.45
N ALA I 117 27.50 -44.73 -22.87
CA ALA I 117 28.91 -44.71 -22.51
C ALA I 117 29.11 -44.52 -21.02
N ILE I 118 28.31 -43.64 -20.40
CA ILE I 118 28.41 -43.43 -18.96
C ILE I 118 28.04 -44.70 -18.21
N TYR I 119 26.97 -45.39 -18.67
CA TYR I 119 26.58 -46.65 -18.04
C TYR I 119 27.67 -47.70 -18.18
N GLN I 120 28.31 -47.77 -19.35
CA GLN I 120 29.37 -48.74 -19.56
C GLN I 120 30.58 -48.46 -18.66
N LYS I 121 30.96 -47.19 -18.55
CA LYS I 121 32.10 -46.85 -17.68
C LYS I 121 31.80 -47.12 -16.22
N ILE I 122 30.57 -46.82 -15.78
CA ILE I 122 30.19 -47.11 -14.40
C ILE I 122 30.18 -48.61 -14.15
N ASP I 123 29.73 -49.40 -15.12
CA ASP I 123 29.76 -50.85 -14.99
C ASP I 123 31.20 -51.38 -14.91
N GLU I 124 32.10 -50.80 -15.71
CA GLU I 124 33.50 -51.19 -15.65
C GLU I 124 34.10 -50.86 -14.29
N TYR I 125 33.77 -49.68 -13.74
CA TYR I 125 34.27 -49.31 -12.42
C TYR I 125 33.72 -50.23 -11.34
N ILE I 126 32.45 -50.62 -11.47
CA ILE I 126 31.85 -51.54 -10.51
C ILE I 126 32.54 -52.89 -10.55
N ALA I 127 32.78 -53.41 -11.76
CA ALA I 127 33.46 -54.69 -11.91
C ALA I 127 34.92 -54.61 -11.48
N GLU I 128 35.53 -53.44 -11.52
CA GLU I 128 36.93 -53.29 -11.13
C GLU I 128 37.09 -53.24 -9.62
N ASP I 129 36.44 -52.27 -8.97
CA ASP I 129 36.59 -52.04 -7.54
C ASP I 129 35.32 -52.36 -6.76
N GLY I 130 34.19 -51.78 -7.14
CA GLY I 130 32.94 -52.01 -6.45
C GLY I 130 32.56 -51.02 -5.37
N PHE I 131 33.07 -49.79 -5.45
CA PHE I 131 32.70 -48.67 -4.56
C PHE I 131 33.03 -48.95 -3.09
N LEU I 132 33.96 -49.86 -2.82
CA LEU I 132 34.29 -50.16 -1.43
C LEU I 132 35.14 -49.08 -0.79
N THR I 133 36.01 -48.42 -1.56
CA THR I 133 36.88 -47.40 -1.00
C THR I 133 36.09 -46.16 -0.61
N LEU I 134 35.24 -45.67 -1.51
CA LEU I 134 34.48 -44.44 -1.23
C LEU I 134 33.50 -44.64 -0.08
N ALA I 135 32.86 -45.80 -0.01
CA ALA I 135 31.97 -46.09 1.11
C ALA I 135 32.75 -46.13 2.42
N LYS I 136 33.96 -46.69 2.40
CA LYS I 136 34.80 -46.70 3.59
C LYS I 136 35.16 -45.30 4.03
N ARG I 137 35.49 -44.42 3.06
CA ARG I 137 35.82 -43.04 3.41
C ARG I 137 34.61 -42.29 3.96
N TYR I 138 33.43 -42.53 3.38
CA TYR I 138 32.22 -41.87 3.89
C TYR I 138 31.87 -42.33 5.30
N VAL I 139 32.00 -43.64 5.57
CA VAL I 139 31.77 -44.13 6.93
C VAL I 139 32.83 -43.58 7.88
N ASN I 140 34.07 -43.41 7.39
CA ASN I 140 35.10 -42.81 8.22
C ASN I 140 34.77 -41.37 8.58
N ASN I 141 34.26 -40.60 7.61
CA ASN I 141 33.84 -39.22 7.89
C ASN I 141 32.63 -39.18 8.79
N ILE I 142 31.80 -40.22 8.77
CA ILE I 142 30.71 -40.32 9.74
C ILE I 142 31.26 -40.58 11.14
N ALA I 143 32.24 -41.49 11.25
CA ALA I 143 32.66 -42.00 12.54
C ALA I 143 33.46 -40.97 13.34
N ASN I 144 34.31 -40.19 12.66
CA ASN I 144 35.17 -39.26 13.37
C ASN I 144 34.46 -37.96 13.74
N ALA I 145 33.16 -37.85 13.48
CA ALA I 145 32.33 -36.72 13.87
C ALA I 145 32.84 -35.41 13.27
N ARG I 146 33.18 -35.45 11.98
CA ARG I 146 33.58 -34.24 11.28
C ARG I 146 32.42 -33.30 11.03
N PHE I 147 31.18 -33.78 11.15
CA PHE I 147 30.00 -32.96 10.92
C PHE I 147 29.69 -32.02 12.08
N LEU I 148 30.39 -32.14 13.21
CA LEU I 148 30.14 -31.26 14.34
C LEU I 148 30.66 -29.86 14.13
N TRP I 149 31.66 -29.69 13.26
CA TRP I 149 32.30 -28.41 12.98
C TRP I 149 32.82 -27.74 14.25
N ARG I 150 32.27 -26.59 14.61
CA ARG I 150 32.77 -25.85 15.77
C ARG I 150 32.42 -26.53 17.08
N ASN I 151 31.36 -27.33 17.11
CA ASN I 151 31.01 -28.05 18.34
C ASN I 151 32.01 -29.15 18.68
N ARG I 152 32.81 -29.58 17.70
CA ARG I 152 33.83 -30.59 17.97
C ARG I 152 34.95 -30.06 18.85
N LYS I 153 35.29 -28.78 18.69
CA LYS I 153 36.40 -28.21 19.45
C LYS I 153 36.05 -28.11 20.93
N GLY I 154 37.00 -28.48 21.79
CA GLY I 154 36.80 -28.40 23.21
C GLY I 154 35.74 -29.32 23.76
N ALA I 155 35.58 -30.50 23.18
CA ALA I 155 34.59 -31.47 23.62
C ALA I 155 35.26 -32.53 24.50
N GLU I 156 34.54 -32.96 25.54
CA GLU I 156 35.08 -33.94 26.46
C GLU I 156 34.94 -35.36 25.92
N ILE I 157 33.70 -35.81 25.69
CA ILE I 157 33.42 -37.16 25.22
C ILE I 157 32.46 -37.05 24.04
N ILE I 158 32.80 -37.74 22.95
CA ILE I 158 31.95 -37.83 21.77
C ILE I 158 31.56 -39.28 21.59
N GLU I 159 30.31 -39.53 21.19
CA GLU I 159 29.83 -40.88 20.98
C GLU I 159 28.84 -40.89 19.82
N THR I 160 29.11 -41.71 18.80
CA THR I 160 28.29 -41.76 17.60
C THR I 160 27.66 -43.14 17.47
N ILE I 161 26.36 -43.17 17.20
CA ILE I 161 25.60 -44.42 17.08
C ILE I 161 24.91 -44.42 15.72
N VAL I 162 25.01 -45.53 15.00
CA VAL I 162 24.48 -45.68 13.66
C VAL I 162 23.49 -46.84 13.66
N THR I 163 22.29 -46.60 13.15
CA THR I 163 21.25 -47.62 13.04
C THR I 163 20.81 -47.72 11.59
N ILE I 164 20.52 -48.93 11.13
CA ILE I 164 20.07 -49.08 9.74
C ILE I 164 18.55 -49.16 9.71
N GLU I 165 17.99 -50.24 10.26
CA GLU I 165 16.56 -50.26 10.55
C GLU I 165 16.26 -50.79 11.95
N ASP I 166 17.00 -51.79 12.41
CA ASP I 166 16.91 -52.27 13.79
C ASP I 166 18.26 -52.55 14.42
N LYS I 167 19.32 -52.74 13.64
CA LYS I 167 20.63 -53.11 14.17
C LYS I 167 21.30 -51.87 14.74
N GLU I 168 21.35 -51.78 16.06
CA GLU I 168 22.12 -50.73 16.73
C GLU I 168 23.56 -51.21 16.78
N TYR I 169 24.39 -50.67 15.89
CA TYR I 169 25.78 -51.08 15.79
C TYR I 169 26.56 -50.64 17.03
N PRO I 170 27.68 -51.28 17.32
CA PRO I 170 28.51 -50.85 18.46
C PRO I 170 28.93 -49.40 18.34
N SER I 171 28.93 -48.71 19.47
CA SER I 171 29.16 -47.27 19.49
C SER I 171 30.59 -46.93 19.11
N PHE I 172 30.76 -45.82 18.41
CA PHE I 172 32.08 -45.33 18.04
C PHE I 172 32.69 -44.55 19.19
N ASN I 173 33.84 -43.95 18.94
CA ASN I 173 34.53 -43.14 19.94
C ASN I 173 34.74 -41.70 19.51
N SER I 174 35.11 -41.48 18.24
CA SER I 174 35.23 -40.18 17.58
C SER I 174 36.33 -39.30 18.17
N LYS I 175 37.02 -39.75 19.21
CA LYS I 175 38.16 -39.02 19.75
C LYS I 175 39.49 -39.66 19.39
N SER I 176 39.54 -40.99 19.28
CA SER I 176 40.71 -41.68 18.75
C SER I 176 40.63 -41.81 17.23
N PHE I 177 40.39 -40.67 16.57
CA PHE I 177 40.22 -40.62 15.12
C PHE I 177 40.80 -39.30 14.63
N ASN I 178 42.06 -39.35 14.20
CA ASN I 178 42.70 -38.17 13.64
C ASN I 178 42.04 -37.81 12.31
N LEU I 179 41.77 -36.53 12.12
CA LEU I 179 41.13 -36.07 10.88
C LEU I 179 42.18 -35.81 9.79
N ASP I 180 43.08 -36.77 9.61
CA ASP I 180 44.03 -36.74 8.50
C ASP I 180 44.26 -38.12 7.90
N THR I 181 43.67 -39.17 8.47
CA THR I 181 43.88 -40.52 8.01
C THR I 181 42.54 -41.24 7.95
N PHE I 182 42.46 -42.25 7.07
CA PHE I 182 41.25 -43.03 6.89
C PHE I 182 41.55 -44.47 7.30
N VAL I 183 40.92 -44.92 8.38
CA VAL I 183 41.14 -46.27 8.89
C VAL I 183 40.43 -47.27 8.00
N GLU I 184 41.13 -48.32 7.61
CA GLU I 184 40.59 -49.41 6.81
C GLU I 184 40.67 -50.73 7.57
N ASP I 185 40.48 -50.68 8.88
CA ASP I 185 40.63 -51.85 9.73
C ASP I 185 39.51 -52.05 10.74
N ASN I 186 38.67 -51.04 10.99
CA ASN I 186 37.60 -51.19 11.97
C ASN I 186 36.50 -52.10 11.43
N ALA I 187 36.08 -53.06 12.26
CA ALA I 187 35.11 -54.06 11.80
C ALA I 187 33.75 -53.43 11.51
N THR I 188 33.27 -52.54 12.39
CA THR I 188 31.98 -51.91 12.19
C THR I 188 31.99 -51.00 10.96
N ILE I 189 33.11 -50.30 10.73
CA ILE I 189 33.23 -49.43 9.56
C ILE I 189 33.14 -50.25 8.28
N ASN I 190 33.84 -51.39 8.22
CA ASN I 190 33.75 -52.26 7.06
C ASN I 190 32.36 -52.84 6.91
N GLU I 191 31.72 -53.21 8.02
CA GLU I 191 30.38 -53.80 7.97
C GLU I 191 29.37 -52.81 7.38
N ILE I 192 29.42 -51.55 7.81
CA ILE I 192 28.50 -50.55 7.27
C ILE I 192 28.88 -50.21 5.83
N ALA I 193 30.18 -50.09 5.54
CA ALA I 193 30.64 -49.70 4.21
C ALA I 193 30.32 -50.74 3.16
N GLN I 194 30.26 -52.02 3.55
CA GLN I 194 29.87 -53.05 2.59
C GLN I 194 28.43 -52.86 2.14
N GLN I 195 27.53 -52.58 3.07
CA GLN I 195 26.14 -52.30 2.70
C GLN I 195 26.04 -51.03 1.87
N ILE I 196 26.80 -50.00 2.22
CA ILE I 196 26.76 -48.76 1.45
C ILE I 196 27.27 -48.96 0.04
N ALA I 197 28.35 -49.74 -0.13
CA ALA I 197 28.88 -50.02 -1.45
C ALA I 197 27.94 -50.90 -2.26
N ASP I 198 27.26 -51.85 -1.61
CA ASP I 198 26.28 -52.66 -2.30
C ASP I 198 25.11 -51.82 -2.79
N THR I 199 24.67 -50.86 -1.96
CA THR I 199 23.62 -49.95 -2.40
C THR I 199 24.10 -49.05 -3.54
N PHE I 200 25.37 -48.63 -3.50
CA PHE I 200 25.93 -47.81 -4.56
C PHE I 200 25.98 -48.57 -5.88
N ALA I 201 26.41 -49.83 -5.84
CA ALA I 201 26.57 -50.61 -7.07
C ALA I 201 25.22 -50.93 -7.71
N GLY I 202 24.21 -51.25 -6.90
CA GLY I 202 22.91 -51.57 -7.43
C GLY I 202 22.40 -52.92 -7.00
N LYS I 203 23.15 -53.61 -6.13
CA LYS I 203 22.68 -54.87 -5.58
C LYS I 203 21.42 -54.67 -4.75
N ARG I 204 21.38 -53.61 -3.96
CA ARG I 204 20.19 -53.19 -3.24
C ARG I 204 19.51 -52.05 -3.99
N GLU I 205 18.33 -51.67 -3.52
CA GLU I 205 17.57 -50.59 -4.15
C GLU I 205 17.73 -49.25 -3.44
N TYR I 206 17.89 -49.27 -2.11
CA TYR I 206 18.04 -48.06 -1.31
C TYR I 206 18.56 -48.47 0.05
N LEU I 207 19.05 -47.49 0.80
CA LEU I 207 19.41 -47.77 2.19
C LEU I 207 19.25 -46.50 3.02
N ASN I 208 18.72 -46.67 4.23
CA ASN I 208 18.50 -45.58 5.18
C ASN I 208 19.35 -45.80 6.41
N ILE I 209 20.11 -44.77 6.79
CA ILE I 209 21.00 -44.79 7.94
C ILE I 209 20.61 -43.66 8.87
N TYR I 210 20.47 -43.95 10.15
CA TYR I 210 20.11 -42.95 11.16
C TYR I 210 21.29 -42.78 12.11
N VAL I 211 21.73 -41.54 12.28
CA VAL I 211 22.93 -41.22 13.05
C VAL I 211 22.53 -40.37 14.24
N THR I 212 23.01 -40.76 15.43
CA THR I 212 22.78 -40.04 16.67
C THR I 212 24.12 -39.80 17.35
N CYS I 213 24.42 -38.54 17.64
CA CYS I 213 25.70 -38.14 18.22
C CYS I 213 25.49 -37.46 19.56
N PHE I 214 26.22 -37.92 20.57
CA PHE I 214 26.25 -37.32 21.89
C PHE I 214 27.59 -36.61 22.08
N VAL I 215 27.55 -35.35 22.49
CA VAL I 215 28.74 -34.55 22.75
C VAL I 215 28.65 -34.03 24.19
N LYS I 216 29.74 -34.18 24.93
CA LYS I 216 29.81 -33.65 26.29
C LYS I 216 30.60 -32.35 26.28
N ILE I 217 29.95 -31.25 26.66
CA ILE I 217 30.57 -29.94 26.61
C ILE I 217 30.70 -29.36 28.01
N GLY I 218 29.80 -29.76 28.90
CA GLY I 218 29.74 -29.17 30.23
C GLY I 218 28.46 -28.42 30.47
N CYS I 219 28.14 -28.16 31.72
CA CYS I 219 26.87 -27.52 32.07
C CYS I 219 26.85 -26.07 31.62
N ALA I 220 25.71 -25.66 31.05
CA ALA I 220 25.44 -24.28 30.64
C ALA I 220 26.45 -23.76 29.61
N MET I 221 27.03 -24.66 28.82
CA MET I 221 27.97 -24.24 27.78
C MET I 221 27.20 -23.75 26.55
N GLU I 222 27.94 -23.44 25.49
CA GLU I 222 27.39 -22.81 24.31
C GLU I 222 27.50 -23.75 23.11
N VAL I 223 26.40 -23.90 22.38
CA VAL I 223 26.39 -24.69 21.16
C VAL I 223 26.37 -23.74 19.97
N TYR I 224 26.67 -24.26 18.78
CA TYR I 224 26.84 -23.46 17.58
C TYR I 224 26.01 -24.05 16.43
N PRO I 225 24.73 -23.72 16.37
CA PRO I 225 23.93 -24.13 15.20
C PRO I 225 24.32 -23.31 13.98
N SER I 226 23.82 -23.76 12.82
CA SER I 226 24.11 -23.08 11.57
C SER I 226 23.43 -21.73 11.51
N GLN I 227 24.07 -20.78 10.85
CA GLN I 227 23.58 -19.42 10.73
C GLN I 227 22.90 -19.24 9.38
N GLU I 228 21.68 -18.69 9.42
CA GLU I 228 20.95 -18.43 8.18
C GLU I 228 21.62 -17.31 7.38
N MET I 229 21.39 -17.35 6.07
CA MET I 229 21.94 -16.35 5.16
C MET I 229 20.86 -15.32 4.84
N THR I 230 21.20 -14.04 5.04
CA THR I 230 20.27 -12.95 4.85
C THR I 230 20.60 -12.21 3.55
N PHE I 231 19.58 -11.95 2.75
CA PHE I 231 19.73 -11.30 1.46
C PHE I 231 19.22 -9.87 1.57
N ASP I 232 20.14 -8.94 1.86
CA ASP I 232 19.87 -7.50 1.96
C ASP I 232 18.83 -7.28 3.04
N ASP I 233 17.71 -6.61 2.76
CA ASP I 233 16.58 -6.33 3.68
C ASP I 233 17.03 -5.77 5.02
N ASP I 234 18.22 -5.13 5.06
CA ASP I 234 18.89 -4.69 6.29
C ASP I 234 18.92 -5.81 7.32
N ASP I 235 18.74 -5.45 8.60
CA ASP I 235 18.68 -6.40 9.71
C ASP I 235 19.92 -7.30 9.74
N LYS I 236 21.06 -6.67 9.93
CA LYS I 236 22.35 -7.35 9.85
C LYS I 236 22.65 -8.21 11.07
N GLY I 237 21.71 -8.38 11.99
CA GLY I 237 21.94 -9.22 13.15
C GLY I 237 21.99 -10.68 12.80
N LYS I 238 22.52 -11.47 13.73
CA LYS I 238 22.64 -12.90 13.54
C LYS I 238 21.27 -13.56 13.55
N LYS I 239 21.10 -14.59 12.72
CA LYS I 239 19.87 -15.35 12.63
C LYS I 239 20.24 -16.82 12.49
N LEU I 240 20.04 -17.58 13.55
CA LEU I 240 20.39 -19.00 13.56
C LEU I 240 19.27 -19.83 12.93
N PHE I 241 19.64 -21.01 12.45
CA PHE I 241 18.68 -21.91 11.81
C PHE I 241 17.79 -22.56 12.85
N LYS I 242 16.49 -22.51 12.63
CA LYS I 242 15.51 -23.09 13.53
C LYS I 242 14.77 -24.20 12.80
N PHE I 243 14.77 -25.40 13.38
CA PHE I 243 14.12 -26.56 12.80
C PHE I 243 13.02 -27.03 13.73
N GLU I 244 11.76 -26.84 13.32
CA GLU I 244 10.57 -27.19 14.10
C GLU I 244 10.60 -26.55 15.48
N GLY I 245 11.01 -25.29 15.54
CA GLY I 245 11.11 -24.58 16.80
C GLY I 245 12.34 -24.87 17.61
N SER I 246 13.25 -25.72 17.12
CA SER I 246 14.47 -26.07 17.82
C SER I 246 15.67 -25.77 16.93
N ALA I 247 16.81 -25.55 17.57
CA ALA I 247 18.04 -25.30 16.83
C ALA I 247 18.47 -26.56 16.08
N GLY I 248 19.15 -26.35 14.96
CA GLY I 248 19.59 -27.48 14.14
C GLY I 248 20.61 -27.04 13.11
N MET I 249 21.16 -28.02 12.41
CA MET I 249 22.15 -27.79 11.39
C MET I 249 21.54 -27.95 10.00
N HIS I 250 22.12 -27.26 9.03
CA HIS I 250 21.62 -27.32 7.67
C HIS I 250 21.95 -28.66 7.02
N SER I 251 21.27 -28.94 5.90
CA SER I 251 21.53 -30.18 5.18
C SER I 251 22.87 -30.15 4.47
N GLN I 252 23.21 -29.03 3.84
CA GLN I 252 24.49 -28.91 3.15
C GLN I 252 25.64 -28.85 4.14
N LYS I 253 25.40 -28.34 5.35
CA LYS I 253 26.46 -28.30 6.36
C LYS I 253 26.90 -29.70 6.75
N ILE I 254 25.95 -30.61 6.95
CA ILE I 254 26.29 -32.00 7.23
C ILE I 254 26.86 -32.68 5.99
N ASN I 255 26.29 -32.36 4.82
CA ASN I 255 26.72 -33.02 3.58
C ASN I 255 28.13 -32.62 3.18
N ASN I 256 28.54 -31.38 3.45
CA ASN I 256 29.88 -30.94 3.08
C ASN I 256 30.95 -31.66 3.89
N ALA I 257 30.68 -31.90 5.18
CA ALA I 257 31.66 -32.58 6.02
C ALA I 257 31.84 -34.04 5.62
N LEU I 258 30.76 -34.70 5.19
CA LEU I 258 30.84 -36.12 4.83
C LEU I 258 31.72 -36.34 3.61
N ARG I 259 31.63 -35.45 2.62
CA ARG I 259 32.36 -35.63 1.36
C ARG I 259 33.73 -34.96 1.37
N THR I 260 34.34 -34.80 2.54
CA THR I 260 35.72 -34.30 2.63
C THR I 260 36.68 -35.49 2.61
N ILE I 261 36.81 -36.07 1.42
CA ILE I 261 37.57 -37.31 1.24
C ILE I 261 38.61 -37.22 0.13
N ASP I 262 38.73 -36.08 -0.55
CA ASP I 262 39.63 -35.98 -1.70
C ASP I 262 41.07 -35.90 -1.22
N THR I 263 41.81 -36.99 -1.40
CA THR I 263 43.24 -37.05 -1.10
C THR I 263 44.05 -37.39 -2.34
N TRP I 264 43.60 -36.92 -3.51
CA TRP I 264 44.19 -37.34 -4.77
C TRP I 264 44.60 -36.18 -5.67
N TYR I 265 44.54 -34.94 -5.17
CA TYR I 265 45.03 -33.81 -5.94
C TYR I 265 46.56 -33.87 -5.99
N PRO I 266 47.18 -33.29 -7.03
CA PRO I 266 48.65 -33.36 -7.14
C PRO I 266 49.37 -32.37 -6.24
N ASP I 267 48.96 -32.31 -4.97
CA ASP I 267 49.68 -31.55 -3.95
C ASP I 267 49.55 -32.19 -2.58
N TYR I 268 49.06 -33.43 -2.50
CA TYR I 268 48.78 -34.06 -1.22
C TYR I 268 50.05 -34.34 -0.43
N THR I 269 51.18 -34.56 -1.11
CA THR I 269 52.43 -34.86 -0.41
C THR I 269 52.97 -33.68 0.38
N THR I 270 52.59 -32.44 0.01
CA THR I 270 53.10 -31.26 0.67
C THR I 270 52.12 -30.62 1.64
N TYR I 271 50.87 -31.10 1.70
CA TYR I 271 49.89 -30.57 2.64
C TYR I 271 49.32 -31.63 3.56
N GLU I 272 48.99 -32.81 3.04
CA GLU I 272 48.60 -33.98 3.81
C GLU I 272 47.33 -33.74 4.65
N PHE I 273 46.25 -33.40 3.96
CA PHE I 273 44.91 -33.41 4.54
C PHE I 273 43.88 -33.44 3.42
N PRO I 274 42.75 -34.11 3.61
CA PRO I 274 41.73 -34.16 2.57
C PRO I 274 41.00 -32.85 2.41
N ILE I 275 40.42 -32.67 1.24
CA ILE I 275 39.60 -31.50 0.92
C ILE I 275 38.25 -32.01 0.44
N PRO I 276 37.20 -31.18 0.54
CA PRO I 276 35.91 -31.58 -0.03
C PRO I 276 35.98 -31.68 -1.55
N VAL I 277 35.14 -32.54 -2.09
CA VAL I 277 35.15 -32.81 -3.53
C VAL I 277 34.46 -31.66 -4.26
N GLU I 278 35.15 -31.09 -5.24
CA GLU I 278 34.63 -30.01 -6.05
C GLU I 278 35.12 -30.16 -7.48
N ASN I 279 34.46 -29.45 -8.40
CA ASN I 279 34.85 -29.53 -9.80
C ASN I 279 36.25 -28.98 -10.04
N TYR I 280 36.59 -27.86 -9.40
CA TYR I 280 37.91 -27.27 -9.53
C TYR I 280 38.77 -27.49 -8.29
N GLY I 281 38.27 -28.22 -7.30
CA GLY I 281 39.03 -28.47 -6.09
C GLY I 281 39.29 -27.24 -5.25
N ALA I 282 38.30 -26.36 -5.11
CA ALA I 282 38.46 -25.16 -4.32
C ALA I 282 38.48 -25.51 -2.83
N ALA I 283 39.48 -25.00 -2.12
CA ALA I 283 39.64 -25.23 -0.69
C ALA I 283 39.26 -23.95 0.06
N ARG I 284 38.11 -23.99 0.73
CA ARG I 284 37.67 -22.82 1.48
C ARG I 284 38.53 -22.59 2.72
N SER I 285 39.01 -23.66 3.34
CA SER I 285 39.76 -23.54 4.60
C SER I 285 41.07 -22.81 4.41
N ILE I 286 41.79 -23.08 3.33
CA ILE I 286 43.13 -22.52 3.13
C ILE I 286 43.23 -21.61 1.92
N GLY I 287 42.20 -21.53 1.08
CA GLY I 287 42.17 -20.54 0.01
C GLY I 287 43.19 -20.70 -1.10
N ILE I 288 43.42 -21.92 -1.59
CA ILE I 288 44.27 -22.15 -2.75
C ILE I 288 43.64 -23.25 -3.59
N PRO I 289 43.39 -23.02 -4.88
CA PRO I 289 42.80 -24.08 -5.72
C PRO I 289 43.76 -25.24 -5.91
N PHE I 290 43.19 -26.43 -6.03
CA PHE I 290 43.97 -27.66 -6.12
C PHE I 290 43.78 -28.43 -7.41
N ARG I 291 42.70 -28.20 -8.15
CA ARG I 291 42.50 -28.80 -9.46
C ARG I 291 42.09 -27.72 -10.46
N PRO I 292 42.97 -26.75 -10.73
CA PRO I 292 42.57 -25.61 -11.57
C PRO I 292 42.54 -25.89 -13.06
N ASP I 293 43.54 -26.60 -13.58
CA ASP I 293 43.80 -26.63 -15.02
C ASP I 293 43.59 -28.00 -15.64
N THR I 294 44.29 -29.03 -15.16
CA THR I 294 44.30 -30.32 -15.81
C THR I 294 43.71 -31.45 -14.97
N LYS I 295 43.57 -31.27 -13.66
CA LYS I 295 42.96 -32.28 -12.81
C LYS I 295 41.54 -31.91 -12.40
N SER I 296 40.94 -30.93 -13.08
CA SER I 296 39.54 -30.61 -12.83
C SER I 296 38.64 -31.72 -13.36
N PHE I 297 37.38 -31.69 -12.93
CA PHE I 297 36.45 -32.73 -13.34
C PHE I 297 36.14 -32.68 -14.83
N TYR I 298 36.07 -31.48 -15.39
CA TYR I 298 35.72 -31.33 -16.80
C TYR I 298 36.77 -31.95 -17.71
N LYS I 299 38.04 -31.64 -17.46
CA LYS I 299 39.12 -32.19 -18.27
C LYS I 299 39.22 -33.70 -18.13
N LEU I 300 39.07 -34.21 -16.91
CA LEU I 300 39.14 -35.66 -16.69
C LEU I 300 37.99 -36.39 -17.38
N ILE I 301 36.78 -35.85 -17.28
CA ILE I 301 35.63 -36.52 -17.91
C ILE I 301 35.71 -36.42 -19.42
N ASP I 302 36.28 -35.33 -19.95
CA ASP I 302 36.47 -35.23 -21.40
C ASP I 302 37.56 -36.18 -21.87
N ARG I 303 38.61 -36.36 -21.08
CA ARG I 303 39.67 -37.30 -21.44
C ARG I 303 39.18 -38.74 -21.38
N MET I 304 38.31 -39.07 -20.43
CA MET I 304 37.89 -40.45 -20.28
C MET I 304 36.74 -40.82 -21.21
N ILE I 305 35.74 -39.96 -21.37
CA ILE I 305 34.52 -40.33 -22.08
C ILE I 305 34.65 -40.11 -23.57
N LEU I 306 35.13 -38.92 -23.98
CA LEU I 306 35.13 -38.57 -25.40
C LEU I 306 36.09 -39.45 -26.19
N LYS I 307 37.31 -39.61 -25.71
CA LYS I 307 38.27 -40.54 -26.30
C LYS I 307 38.54 -41.66 -25.31
N ASN I 308 38.45 -42.89 -25.78
CA ASN I 308 38.52 -44.06 -24.90
C ASN I 308 39.95 -44.25 -24.41
N GLU I 309 40.20 -43.90 -23.15
CA GLU I 309 41.50 -44.13 -22.53
C GLU I 309 41.27 -44.56 -21.08
N ASP I 310 42.29 -45.18 -20.51
CA ASP I 310 42.27 -45.60 -19.13
C ASP I 310 43.02 -44.61 -18.25
N LEU I 311 42.56 -44.48 -17.01
CA LEU I 311 43.12 -43.55 -16.05
C LEU I 311 43.54 -44.30 -14.79
N PRO I 312 44.47 -43.74 -14.00
CA PRO I 312 44.77 -44.31 -12.69
C PRO I 312 43.54 -44.29 -11.77
N ILE I 313 43.58 -45.16 -10.77
CA ILE I 313 42.41 -45.42 -9.94
C ILE I 313 42.01 -44.19 -9.12
N GLU I 314 42.95 -43.30 -8.82
CA GLU I 314 42.63 -42.09 -8.08
C GLU I 314 41.71 -41.16 -8.88
N ASP I 315 41.96 -41.02 -10.18
CA ASP I 315 41.09 -40.20 -11.02
C ASP I 315 39.69 -40.78 -11.12
N LYS I 316 39.59 -42.11 -11.23
CA LYS I 316 38.29 -42.75 -11.22
C LYS I 316 37.57 -42.55 -9.89
N HIS I 317 38.32 -42.60 -8.78
CA HIS I 317 37.73 -42.34 -7.48
C HIS I 317 37.17 -40.92 -7.40
N TYR I 318 37.93 -39.94 -7.88
CA TYR I 318 37.47 -38.55 -7.86
C TYR I 318 36.25 -38.36 -8.76
N VAL I 319 36.25 -38.99 -9.93
CA VAL I 319 35.12 -38.88 -10.85
C VAL I 319 33.86 -39.50 -10.26
N MET I 320 34.00 -40.68 -9.65
CA MET I 320 32.85 -41.31 -9.02
C MET I 320 32.35 -40.53 -7.82
N ALA I 321 33.25 -39.91 -7.06
CA ALA I 321 32.80 -39.06 -5.96
C ALA I 321 32.02 -37.85 -6.46
N ILE I 322 32.49 -37.24 -7.56
CA ILE I 322 31.77 -36.11 -8.15
C ILE I 322 30.40 -36.56 -8.64
N LEU I 323 30.34 -37.72 -9.30
CA LEU I 323 29.05 -38.22 -9.80
C LEU I 323 28.11 -38.59 -8.66
N ILE I 324 28.65 -39.04 -7.53
CA ILE I 324 27.83 -39.25 -6.34
C ILE I 324 27.27 -37.92 -5.84
N ARG I 325 28.10 -36.87 -5.82
CA ARG I 325 27.63 -35.56 -5.38
C ARG I 325 26.56 -35.01 -6.32
N GLY I 326 26.78 -35.14 -7.63
CA GLY I 326 25.85 -34.62 -8.62
C GLY I 326 26.05 -33.14 -8.90
N GLY I 327 25.36 -32.66 -9.93
CA GLY I 327 25.49 -31.28 -10.31
C GLY I 327 24.85 -31.02 -11.67
N MET I 328 25.35 -29.98 -12.34
CA MET I 328 24.86 -29.57 -13.66
C MET I 328 26.06 -29.47 -14.59
N PHE I 329 26.41 -30.60 -15.19
CA PHE I 329 27.60 -30.69 -16.05
C PHE I 329 27.21 -30.59 -17.53
N SER I 330 26.70 -29.42 -17.89
CA SER I 330 26.28 -29.17 -19.27
C SER I 330 27.44 -28.57 -20.06
N LYS I 331 27.14 -28.11 -21.27
CA LYS I 331 28.16 -27.58 -22.19
C LYS I 331 27.68 -26.23 -22.73
N LYS I 332 28.60 -25.54 -23.42
CA LYS I 332 28.35 -24.20 -23.94
C LYS I 332 27.25 -24.20 -24.99
N GLN I 333 27.02 -25.33 -25.66
CA GLN I 333 26.11 -25.47 -26.81
C GLN I 333 26.55 -24.56 -27.97
N GLU I 334 27.73 -24.88 -28.49
CA GLU I 334 28.25 -24.26 -29.70
C GLU I 334 28.06 -25.17 -30.91
N LEU J 12 -12.56 -32.49 -48.65
CA LEU J 12 -12.01 -33.77 -48.25
C LEU J 12 -10.56 -33.92 -48.72
N LYS J 13 -10.02 -32.85 -49.29
CA LYS J 13 -8.65 -32.85 -49.79
C LYS J 13 -7.66 -32.20 -48.85
N SER J 14 -8.12 -31.55 -47.78
CA SER J 14 -7.22 -30.90 -46.84
C SER J 14 -7.92 -30.72 -45.50
N ARG J 15 -7.12 -30.48 -44.47
CA ARG J 15 -7.68 -30.22 -43.15
C ARG J 15 -8.34 -28.85 -43.12
N PRO J 16 -9.40 -28.68 -42.33
CA PRO J 16 -10.09 -27.39 -42.27
C PRO J 16 -9.24 -26.32 -41.60
N GLU J 17 -9.66 -25.07 -41.81
CA GLU J 17 -8.92 -23.93 -41.29
C GLU J 17 -8.97 -23.82 -39.77
N ASN J 18 -10.01 -24.37 -39.15
CA ASN J 18 -10.17 -24.30 -37.69
C ASN J 18 -10.61 -25.68 -37.21
N LEU J 19 -9.64 -26.53 -36.89
CA LEU J 19 -9.90 -27.87 -36.37
C LEU J 19 -9.20 -28.00 -35.03
N SER J 20 -9.98 -28.30 -33.99
CA SER J 20 -9.43 -28.40 -32.64
C SER J 20 -10.32 -29.29 -31.79
N PHE J 21 -9.69 -30.18 -31.03
CA PHE J 21 -10.37 -31.10 -30.14
C PHE J 21 -10.23 -30.64 -28.69
N ALA J 22 -11.12 -31.15 -27.84
CA ALA J 22 -11.03 -30.93 -26.41
C ALA J 22 -10.20 -32.05 -25.80
N ARG J 23 -10.14 -32.10 -24.47
CA ARG J 23 -9.37 -33.10 -23.76
C ARG J 23 -10.33 -34.04 -23.03
N CYS J 24 -10.17 -35.34 -23.25
CA CYS J 24 -11.07 -36.35 -22.69
C CYS J 24 -10.58 -36.90 -21.36
N LEU J 25 -9.43 -36.45 -20.86
CA LEU J 25 -8.88 -36.92 -19.59
C LEU J 25 -8.50 -35.69 -18.76
N ASN J 26 -9.48 -35.16 -18.03
CA ASN J 26 -9.23 -33.99 -17.18
C ASN J 26 -8.66 -34.46 -15.85
N THR J 27 -7.60 -33.79 -15.40
CA THR J 27 -6.93 -34.15 -14.15
C THR J 27 -6.81 -32.92 -13.27
N THR J 28 -7.08 -33.10 -11.99
CA THR J 28 -6.95 -32.02 -11.02
C THR J 28 -5.53 -31.98 -10.45
N GLU J 29 -5.17 -30.82 -9.91
CA GLU J 29 -3.86 -30.65 -9.30
C GLU J 29 -3.75 -31.50 -8.04
N ALA J 30 -2.59 -32.15 -7.88
CA ALA J 30 -2.36 -33.01 -6.73
C ALA J 30 -2.06 -32.16 -5.49
N LYS J 31 -2.40 -32.72 -4.33
CA LYS J 31 -2.12 -32.09 -3.05
C LYS J 31 -1.35 -33.06 -2.18
N PHE J 32 -0.50 -32.52 -1.31
CA PHE J 32 0.42 -33.30 -0.52
C PHE J 32 0.01 -33.31 0.94
N TRP J 33 0.12 -34.47 1.58
CA TRP J 33 -0.09 -34.63 3.01
C TRP J 33 0.95 -35.57 3.57
N GLN J 34 1.12 -35.53 4.89
CA GLN J 34 2.06 -36.40 5.57
C GLN J 34 1.36 -37.06 6.77
N THR J 35 1.72 -38.32 7.03
CA THR J 35 1.13 -39.08 8.11
C THR J 35 2.05 -40.27 8.41
N ASP J 36 1.65 -41.06 9.41
CA ASP J 36 2.35 -42.30 9.73
C ASP J 36 1.73 -43.45 8.93
N PHE J 37 2.55 -44.46 8.66
CA PHE J 37 2.10 -45.58 7.82
C PHE J 37 1.07 -46.44 8.53
N LEU J 38 1.28 -46.71 9.82
CA LEU J 38 0.37 -47.59 10.54
C LEU J 38 -1.00 -46.97 10.73
N LYS J 39 -1.07 -45.66 10.93
CA LYS J 39 -2.32 -44.93 11.09
C LYS J 39 -2.63 -44.08 9.87
N ARG J 40 -2.32 -44.60 8.68
CA ARG J 40 -2.51 -43.80 7.46
C ARG J 40 -3.98 -43.62 7.12
N HIS J 41 -4.84 -44.54 7.53
CA HIS J 41 -6.26 -44.42 7.23
C HIS J 41 -7.00 -43.50 8.18
N THR J 42 -6.41 -43.14 9.31
CA THR J 42 -7.09 -42.37 10.35
C THR J 42 -6.84 -40.87 10.24
N PHE J 43 -5.58 -40.45 10.32
CA PHE J 43 -5.25 -39.04 10.42
C PHE J 43 -4.23 -38.65 9.37
N LYS J 44 -4.25 -37.38 9.00
CA LYS J 44 -3.30 -36.81 8.05
C LYS J 44 -2.90 -35.42 8.52
N LEU J 45 -1.76 -34.96 8.03
CA LEU J 45 -1.24 -33.66 8.41
C LEU J 45 -0.81 -32.88 7.18
N PRO J 46 -0.95 -31.56 7.19
CA PRO J 46 -0.55 -30.77 6.03
C PRO J 46 0.96 -30.72 5.86
N LEU J 47 1.38 -30.60 4.60
CA LEU J 47 2.78 -30.41 4.24
C LEU J 47 2.98 -28.98 3.80
N LEU J 48 4.13 -28.41 4.15
CA LEU J 48 4.40 -27.00 3.90
C LEU J 48 5.74 -26.84 3.18
N ILE J 49 5.86 -25.74 2.44
CA ILE J 49 7.05 -25.42 1.67
C ILE J 49 7.84 -24.37 2.44
N THR J 50 9.12 -24.63 2.65
CA THR J 50 9.99 -23.72 3.37
C THR J 50 11.02 -23.10 2.43
N ASP J 51 11.54 -21.96 2.83
CA ASP J 51 12.57 -21.32 2.02
C ASP J 51 13.90 -21.92 2.40
N LYS J 52 14.96 -21.45 1.75
CA LYS J 52 16.30 -21.92 2.03
C LYS J 52 17.29 -20.99 1.35
N ALA J 53 18.35 -20.65 2.06
CA ALA J 53 19.42 -19.82 1.53
C ALA J 53 20.71 -20.61 1.56
N VAL J 54 21.37 -20.70 0.41
CA VAL J 54 22.56 -21.55 0.28
C VAL J 54 23.77 -20.66 -0.02
N LEU J 55 24.93 -21.15 0.39
CA LEU J 55 26.21 -20.55 0.02
C LEU J 55 27.06 -21.61 -0.65
N ALA J 56 27.52 -21.32 -1.87
CA ALA J 56 28.27 -22.29 -2.64
C ALA J 56 29.53 -21.66 -3.22
N SER J 57 30.19 -22.38 -4.12
CA SER J 57 31.36 -21.89 -4.83
C SER J 57 31.06 -21.79 -6.32
N LYS J 58 31.95 -21.11 -7.04
CA LYS J 58 31.81 -20.96 -8.49
C LYS J 58 32.34 -22.21 -9.18
N GLY J 59 31.60 -23.30 -9.04
CA GLY J 59 31.96 -24.59 -9.59
C GLY J 59 31.52 -24.83 -11.01
N HIS J 60 30.88 -23.86 -11.65
CA HIS J 60 30.45 -24.03 -13.03
C HIS J 60 31.62 -23.85 -13.98
N GLU J 61 31.41 -24.26 -15.22
CA GLU J 61 32.45 -24.12 -16.25
C GLU J 61 32.60 -22.66 -16.64
N MET J 62 33.85 -22.20 -16.70
CA MET J 62 34.15 -20.80 -17.01
C MET J 62 35.31 -20.74 -17.98
N PRO J 63 35.38 -19.68 -18.78
CA PRO J 63 36.59 -19.46 -19.58
C PRO J 63 37.78 -19.23 -18.69
N PRO J 64 38.98 -19.61 -19.15
CA PRO J 64 40.17 -19.52 -18.28
C PRO J 64 40.49 -18.12 -17.79
N ASP J 65 40.25 -17.09 -18.61
CA ASP J 65 40.52 -15.72 -18.18
C ASP J 65 39.63 -15.32 -16.99
N LYS J 66 38.36 -15.68 -17.05
CA LYS J 66 37.47 -15.44 -15.92
C LYS J 66 37.71 -16.43 -14.79
N LEU J 67 38.17 -17.65 -15.12
CA LEU J 67 38.41 -18.66 -14.10
C LEU J 67 39.59 -18.26 -13.21
N GLU J 68 40.60 -17.60 -13.77
CA GLU J 68 41.78 -17.22 -13.01
C GLU J 68 41.49 -16.17 -11.94
N LYS J 69 40.34 -15.50 -11.99
CA LYS J 69 39.99 -14.49 -11.00
C LYS J 69 38.67 -14.71 -10.29
N GLU J 70 37.82 -15.62 -10.77
CA GLU J 70 36.52 -15.88 -10.16
C GLU J 70 36.46 -17.26 -9.51
N ILE J 71 37.59 -17.76 -8.99
CA ILE J 71 37.67 -19.15 -8.55
C ILE J 71 37.36 -19.32 -7.06
N MET J 72 37.37 -18.24 -6.26
CA MET J 72 36.99 -18.32 -4.86
C MET J 72 35.95 -17.28 -4.45
N ASP J 73 35.21 -16.73 -5.40
CA ASP J 73 34.12 -15.85 -5.05
C ASP J 73 32.96 -16.67 -4.49
N PRO J 74 32.51 -16.41 -3.26
CA PRO J 74 31.36 -17.15 -2.73
C PRO J 74 30.09 -16.85 -3.51
N ASN J 75 29.18 -17.82 -3.50
CA ASN J 75 27.95 -17.76 -4.29
C ASN J 75 26.76 -17.84 -3.36
N PRO J 76 26.21 -16.70 -2.93
CA PRO J 76 24.98 -16.71 -2.13
C PRO J 76 23.77 -16.82 -3.05
N GLN J 77 22.95 -17.86 -2.83
CA GLN J 77 21.80 -18.10 -3.68
C GLN J 77 20.58 -18.43 -2.83
N LYS J 78 19.41 -18.26 -3.45
CA LYS J 78 18.13 -18.54 -2.82
C LYS J 78 17.51 -19.79 -3.43
N SER J 79 16.68 -20.48 -2.64
CA SER J 79 16.01 -21.68 -3.10
C SER J 79 14.84 -21.97 -2.17
N GLN J 80 14.05 -22.96 -2.55
CA GLN J 80 12.95 -23.44 -1.72
C GLN J 80 13.04 -24.96 -1.62
N SER J 81 12.56 -25.49 -0.50
CA SER J 81 12.63 -26.93 -0.27
C SER J 81 11.41 -27.36 0.55
N CYS J 82 11.07 -28.64 0.40
CA CYS J 82 9.98 -29.24 1.16
C CYS J 82 10.44 -30.60 1.67
N THR J 83 10.11 -30.90 2.92
CA THR J 83 10.51 -32.15 3.53
C THR J 83 9.51 -32.52 4.62
N LEU J 84 9.47 -33.81 4.94
CA LEU J 84 8.56 -34.31 5.96
C LEU J 84 9.05 -33.89 7.34
N SER J 85 8.14 -33.99 8.32
CA SER J 85 8.49 -33.70 9.70
C SER J 85 9.24 -34.88 10.31
N THR J 86 9.62 -34.73 11.58
CA THR J 86 10.38 -35.75 12.27
C THR J 86 9.51 -36.77 12.98
N GLU J 87 8.19 -36.71 12.81
CA GLU J 87 7.28 -37.66 13.43
C GLU J 87 6.46 -38.44 12.43
N CYS J 88 6.56 -38.13 11.14
CA CYS J 88 5.82 -38.83 10.10
C CYS J 88 6.80 -39.39 9.07
N ASP J 89 6.38 -40.45 8.38
CA ASP J 89 7.27 -41.12 7.44
C ASP J 89 6.59 -41.51 6.12
N THR J 90 5.38 -41.02 5.84
CA THR J 90 4.69 -41.38 4.61
C THR J 90 4.14 -40.14 3.92
N LEU J 91 4.36 -40.06 2.62
CA LEU J 91 3.73 -39.04 1.79
C LEU J 91 2.33 -39.49 1.40
N ARG J 92 1.47 -38.51 1.12
CA ARG J 92 0.09 -38.79 0.72
C ARG J 92 -0.28 -37.86 -0.43
N ILE J 93 -0.61 -38.44 -1.58
CA ILE J 93 -0.96 -37.70 -2.77
C ILE J 93 -2.37 -38.09 -3.19
N ASP J 94 -3.23 -37.10 -3.39
CA ASP J 94 -4.60 -37.35 -3.81
C ASP J 94 -4.99 -36.37 -4.90
N PHE J 95 -5.59 -36.88 -5.97
CA PHE J 95 -6.07 -36.05 -7.07
C PHE J 95 -7.32 -36.71 -7.64
N GLY J 96 -7.80 -36.18 -8.76
CA GLY J 96 -9.03 -36.68 -9.36
C GLY J 96 -8.94 -36.65 -10.87
N ILE J 97 -9.65 -37.59 -11.49
CA ILE J 97 -9.68 -37.74 -12.95
C ILE J 97 -11.13 -37.76 -13.40
N LYS J 98 -11.43 -37.03 -14.48
CA LYS J 98 -12.74 -37.02 -15.12
C LYS J 98 -12.57 -37.39 -16.58
N VAL J 99 -13.44 -38.29 -17.07
CA VAL J 99 -13.37 -38.78 -18.43
C VAL J 99 -14.68 -38.47 -19.14
N LEU J 100 -14.58 -38.13 -20.43
CA LEU J 100 -15.70 -37.73 -21.26
C LEU J 100 -15.68 -38.52 -22.56
N PRO J 101 -16.85 -38.71 -23.20
CA PRO J 101 -16.88 -39.46 -24.47
C PRO J 101 -16.05 -38.79 -25.55
N VAL J 102 -15.38 -39.62 -26.36
CA VAL J 102 -14.45 -39.11 -27.37
C VAL J 102 -15.21 -38.41 -28.49
N LYS J 103 -16.31 -39.01 -28.96
CA LYS J 103 -17.06 -38.44 -30.08
C LYS J 103 -17.67 -37.09 -29.71
N GLU J 104 -18.13 -36.94 -28.46
CA GLU J 104 -18.70 -35.69 -27.99
C GLU J 104 -17.66 -34.76 -27.38
N SER J 105 -16.39 -34.89 -27.76
CA SER J 105 -15.32 -34.06 -27.24
C SER J 105 -14.49 -33.48 -28.39
N MET J 106 -15.17 -32.95 -29.39
CA MET J 106 -14.54 -32.27 -30.51
C MET J 106 -15.04 -30.83 -30.51
N TYR J 107 -14.12 -29.88 -30.35
CA TYR J 107 -14.52 -28.50 -30.08
C TYR J 107 -14.92 -27.75 -31.33
N SER J 108 -13.98 -27.60 -32.27
CA SER J 108 -14.22 -26.73 -33.43
C SER J 108 -13.84 -27.44 -34.72
N CYS J 109 -14.73 -27.37 -35.71
CA CYS J 109 -14.46 -27.83 -37.06
C CYS J 109 -14.92 -26.77 -38.05
N SER J 110 -13.99 -26.26 -38.86
CA SER J 110 -14.37 -25.28 -39.87
C SER J 110 -15.17 -25.94 -40.99
N ASP J 111 -14.84 -27.17 -41.35
CA ASP J 111 -15.57 -27.92 -42.36
C ASP J 111 -16.64 -28.78 -41.69
N TYR J 112 -17.60 -29.22 -42.50
CA TYR J 112 -18.69 -30.07 -42.01
C TYR J 112 -18.54 -31.53 -42.40
N ASN J 113 -18.11 -31.80 -43.64
CA ASN J 113 -17.91 -33.18 -44.06
C ASN J 113 -16.82 -33.86 -43.25
N TYR J 114 -15.72 -33.13 -42.99
CA TYR J 114 -14.65 -33.64 -42.13
C TYR J 114 -15.19 -34.04 -40.77
N ARG J 115 -16.00 -33.17 -40.17
CA ARG J 115 -16.65 -33.47 -38.89
C ARG J 115 -17.47 -34.75 -38.97
N THR J 116 -18.09 -35.02 -40.13
CA THR J 116 -18.77 -36.29 -40.30
C THR J 116 -17.77 -37.44 -40.36
N ALA J 117 -16.73 -37.29 -41.20
CA ALA J 117 -15.85 -38.41 -41.51
C ALA J 117 -15.14 -38.92 -40.28
N ILE J 118 -14.62 -38.00 -39.45
CA ILE J 118 -13.97 -38.37 -38.19
C ILE J 118 -14.92 -39.21 -37.35
N TYR J 119 -16.18 -38.76 -37.25
CA TYR J 119 -17.19 -39.47 -36.49
C TYR J 119 -17.28 -40.92 -36.95
N GLN J 120 -17.34 -41.12 -38.27
CA GLN J 120 -17.47 -42.47 -38.81
C GLN J 120 -16.29 -43.33 -38.39
N LYS J 121 -15.08 -42.78 -38.48
CA LYS J 121 -13.90 -43.55 -38.10
C LYS J 121 -13.95 -43.93 -36.63
N ILE J 122 -14.45 -43.01 -35.78
CA ILE J 122 -14.57 -43.31 -34.36
C ILE J 122 -15.50 -44.49 -34.15
N ASP J 123 -16.62 -44.51 -34.90
CA ASP J 123 -17.55 -45.62 -34.80
C ASP J 123 -16.87 -46.93 -35.19
N GLU J 124 -16.01 -46.88 -36.21
CA GLU J 124 -15.28 -48.07 -36.62
C GLU J 124 -14.41 -48.59 -35.48
N TYR J 125 -13.79 -47.67 -34.73
CA TYR J 125 -13.00 -48.09 -33.57
C TYR J 125 -13.89 -48.77 -32.54
N ILE J 126 -15.09 -48.25 -32.32
CA ILE J 126 -16.02 -48.90 -31.40
C ILE J 126 -16.45 -50.25 -31.97
N ALA J 127 -16.46 -50.40 -33.29
CA ALA J 127 -16.75 -51.69 -33.88
C ALA J 127 -15.57 -52.65 -33.80
N GLU J 128 -14.36 -52.15 -33.52
CA GLU J 128 -13.17 -52.99 -33.52
C GLU J 128 -12.72 -53.36 -32.11
N ASP J 129 -12.45 -52.37 -31.27
CA ASP J 129 -11.93 -52.60 -29.93
C ASP J 129 -12.78 -52.02 -28.83
N GLY J 130 -13.43 -50.88 -29.07
CA GLY J 130 -14.19 -50.21 -28.02
C GLY J 130 -13.34 -49.64 -26.91
N PHE J 131 -12.15 -49.14 -27.24
CA PHE J 131 -11.28 -48.42 -26.31
C PHE J 131 -10.85 -49.28 -25.12
N LEU J 132 -10.82 -50.60 -25.30
CA LEU J 132 -10.41 -51.47 -24.20
C LEU J 132 -8.91 -51.42 -23.97
N THR J 133 -8.12 -51.41 -25.05
CA THR J 133 -6.68 -51.43 -24.93
C THR J 133 -6.15 -50.14 -24.30
N LEU J 134 -6.64 -48.99 -24.76
CA LEU J 134 -6.18 -47.72 -24.22
C LEU J 134 -6.60 -47.56 -22.75
N ALA J 135 -7.81 -47.99 -22.41
CA ALA J 135 -8.25 -47.94 -21.01
C ALA J 135 -7.39 -48.84 -20.15
N LYS J 136 -7.07 -50.05 -20.64
CA LYS J 136 -6.22 -50.95 -19.87
C LYS J 136 -4.83 -50.36 -19.67
N ARG J 137 -4.29 -49.71 -20.69
CA ARG J 137 -2.96 -49.10 -20.57
C ARG J 137 -2.99 -47.90 -19.62
N TYR J 138 -4.06 -47.13 -19.63
CA TYR J 138 -4.17 -46.01 -18.69
C TYR J 138 -4.28 -46.49 -17.24
N VAL J 139 -5.07 -47.53 -17.00
CA VAL J 139 -5.15 -48.10 -15.66
C VAL J 139 -3.82 -48.74 -15.26
N ASN J 140 -3.08 -49.27 -16.23
CA ASN J 140 -1.74 -49.78 -15.93
C ASN J 140 -0.79 -48.65 -15.53
N ASN J 141 -0.86 -47.52 -16.24
CA ASN J 141 0.02 -46.40 -15.94
C ASN J 141 -0.33 -45.74 -14.62
N ILE J 142 -1.60 -45.80 -14.20
CA ILE J 142 -1.93 -45.26 -12.89
C ILE J 142 -1.69 -46.31 -11.80
N ALA J 143 -1.63 -47.60 -12.18
CA ALA J 143 -1.49 -48.66 -11.20
C ALA J 143 -0.07 -48.73 -10.65
N ASN J 144 0.93 -48.57 -11.50
CA ASN J 144 2.33 -48.68 -11.07
C ASN J 144 2.87 -47.38 -10.48
N ALA J 145 2.03 -46.35 -10.36
CA ALA J 145 2.40 -45.07 -9.76
C ALA J 145 3.55 -44.40 -10.50
N ARG J 146 3.40 -44.30 -11.82
CA ARG J 146 4.40 -43.62 -12.65
C ARG J 146 4.41 -42.11 -12.43
N PHE J 147 3.36 -41.55 -11.83
CA PHE J 147 3.25 -40.11 -11.63
C PHE J 147 4.02 -39.61 -10.42
N LEU J 148 4.67 -40.50 -9.67
CA LEU J 148 5.44 -40.06 -8.51
C LEU J 148 6.70 -39.30 -8.93
N TRP J 149 7.19 -39.56 -10.16
CA TRP J 149 8.36 -38.90 -10.75
C TRP J 149 9.56 -39.15 -9.84
N ARG J 150 10.19 -38.13 -9.27
CA ARG J 150 11.38 -38.34 -8.44
C ARG J 150 11.06 -38.91 -7.07
N ASN J 151 9.80 -38.88 -6.65
CA ASN J 151 9.43 -39.44 -5.36
C ASN J 151 9.36 -40.96 -5.39
N ARG J 152 9.33 -41.57 -6.57
CA ARG J 152 9.28 -43.03 -6.65
C ARG J 152 10.61 -43.66 -6.29
N LYS J 153 11.72 -42.96 -6.50
CA LYS J 153 13.03 -43.51 -6.20
C LYS J 153 13.24 -43.58 -4.69
N GLY J 154 13.72 -44.73 -4.22
CA GLY J 154 14.03 -44.91 -2.82
C GLY J 154 12.84 -45.21 -1.93
N ALA J 155 11.64 -45.35 -2.49
CA ALA J 155 10.48 -45.64 -1.67
C ALA J 155 10.50 -47.10 -1.22
N GLU J 156 9.84 -47.36 -0.09
CA GLU J 156 9.76 -48.70 0.48
C GLU J 156 8.46 -49.41 0.10
N ILE J 157 7.32 -48.81 0.45
CA ILE J 157 6.02 -49.36 0.14
C ILE J 157 5.20 -48.31 -0.60
N ILE J 158 4.66 -48.68 -1.76
CA ILE J 158 3.83 -47.80 -2.56
C ILE J 158 2.52 -48.53 -2.81
N GLU J 159 1.43 -48.02 -2.23
CA GLU J 159 0.10 -48.56 -2.46
C GLU J 159 -0.80 -47.47 -3.01
N THR J 160 -1.64 -47.84 -3.98
CA THR J 160 -2.51 -46.90 -4.66
C THR J 160 -3.95 -47.38 -4.53
N ILE J 161 -4.84 -46.49 -4.10
CA ILE J 161 -6.24 -46.80 -3.89
C ILE J 161 -7.07 -45.96 -4.85
N VAL J 162 -7.92 -46.61 -5.64
CA VAL J 162 -8.78 -45.96 -6.61
C VAL J 162 -10.22 -46.06 -6.13
N THR J 163 -10.87 -44.90 -5.97
CA THR J 163 -12.27 -44.84 -5.54
C THR J 163 -13.10 -44.32 -6.70
N ILE J 164 -14.11 -45.09 -7.10
CA ILE J 164 -14.99 -44.75 -8.21
C ILE J 164 -16.43 -44.80 -7.71
N GLU J 165 -17.12 -43.66 -7.80
CA GLU J 165 -18.54 -43.55 -7.44
C GLU J 165 -18.81 -44.01 -6.01
N ASP J 166 -17.94 -43.58 -5.09
CA ASP J 166 -18.00 -43.95 -3.66
C ASP J 166 -18.01 -45.46 -3.46
N LYS J 167 -17.20 -46.16 -4.26
CA LYS J 167 -17.03 -47.61 -4.14
C LYS J 167 -15.52 -47.88 -4.16
N GLU J 168 -14.94 -48.08 -2.98
CA GLU J 168 -13.49 -48.25 -2.89
C GLU J 168 -13.07 -49.61 -3.43
N TYR J 169 -12.11 -49.60 -4.34
CA TYR J 169 -11.54 -50.79 -4.94
C TYR J 169 -10.37 -51.30 -4.10
N PRO J 170 -10.01 -52.58 -4.23
CA PRO J 170 -8.83 -53.08 -3.51
C PRO J 170 -7.55 -52.36 -3.93
N SER J 171 -6.67 -52.17 -2.96
CA SER J 171 -5.47 -51.37 -3.18
C SER J 171 -4.47 -52.13 -4.06
N PHE J 172 -3.62 -51.35 -4.72
CA PHE J 172 -2.57 -51.91 -5.57
C PHE J 172 -1.28 -52.09 -4.78
N ASN J 173 -0.27 -52.65 -5.45
CA ASN J 173 1.05 -52.89 -4.89
C ASN J 173 2.12 -52.44 -5.87
N SER J 174 2.02 -51.18 -6.30
CA SER J 174 2.77 -50.57 -7.40
C SER J 174 4.26 -50.91 -7.46
N LYS J 175 4.87 -51.21 -6.30
CA LYS J 175 6.25 -51.68 -6.29
C LYS J 175 6.38 -53.02 -7.01
N SER J 176 5.33 -53.84 -7.01
CA SER J 176 5.39 -55.14 -7.68
C SER J 176 5.35 -55.00 -9.19
N PHE J 177 4.72 -53.95 -9.70
CA PHE J 177 4.57 -53.78 -11.14
C PHE J 177 5.89 -53.37 -11.79
N ASN J 178 6.01 -53.68 -13.08
CA ASN J 178 7.17 -53.30 -13.87
C ASN J 178 6.82 -52.10 -14.74
N LEU J 179 7.75 -51.14 -14.82
CA LEU J 179 7.49 -49.90 -15.53
C LEU J 179 7.66 -50.01 -17.04
N ASP J 180 8.13 -51.14 -17.55
CA ASP J 180 8.37 -51.30 -18.98
C ASP J 180 7.38 -52.22 -19.66
N THR J 181 6.59 -52.99 -18.91
CA THR J 181 5.60 -53.90 -19.48
C THR J 181 4.21 -53.51 -19.02
N PHE J 182 3.23 -53.69 -19.91
CA PHE J 182 1.83 -53.41 -19.62
C PHE J 182 1.12 -54.74 -19.47
N VAL J 183 0.97 -55.19 -18.24
CA VAL J 183 0.37 -56.49 -17.97
C VAL J 183 -1.14 -56.41 -18.16
N GLU J 184 -1.73 -57.52 -18.61
CA GLU J 184 -3.18 -57.66 -18.71
C GLU J 184 -3.56 -58.98 -18.06
N ASP J 185 -3.64 -58.98 -16.74
CA ASP J 185 -4.21 -60.10 -15.99
C ASP J 185 -5.05 -59.70 -14.79
N ASN J 186 -4.89 -58.50 -14.25
CA ASN J 186 -5.47 -58.15 -12.96
C ASN J 186 -6.97 -57.93 -13.09
N ALA J 187 -7.72 -58.46 -12.11
CA ALA J 187 -9.17 -58.30 -12.10
C ALA J 187 -9.57 -56.85 -11.86
N THR J 188 -8.87 -56.17 -10.94
CA THR J 188 -9.20 -54.78 -10.65
C THR J 188 -8.92 -53.87 -11.84
N ILE J 189 -7.80 -54.11 -12.54
CA ILE J 189 -7.47 -53.30 -13.71
C ILE J 189 -8.51 -53.49 -14.80
N ASN J 190 -8.95 -54.73 -15.03
CA ASN J 190 -10.00 -54.98 -16.02
C ASN J 190 -11.31 -54.35 -15.60
N GLU J 191 -11.64 -54.41 -14.30
CA GLU J 191 -12.88 -53.84 -13.80
C GLU J 191 -12.93 -52.33 -14.01
N ILE J 192 -11.82 -51.64 -13.71
CA ILE J 192 -11.78 -50.19 -13.91
C ILE J 192 -11.74 -49.84 -15.40
N ALA J 193 -10.97 -50.62 -16.19
CA ALA J 193 -10.82 -50.33 -17.61
C ALA J 193 -12.13 -50.55 -18.36
N GLN J 194 -12.98 -51.45 -17.89
CA GLN J 194 -14.28 -51.63 -18.53
C GLN J 194 -15.13 -50.37 -18.42
N GLN J 195 -15.16 -49.76 -17.23
CA GLN J 195 -15.90 -48.51 -17.05
C GLN J 195 -15.27 -47.38 -17.85
N ILE J 196 -13.93 -47.33 -17.87
CA ILE J 196 -13.26 -46.25 -18.61
C ILE J 196 -13.55 -46.37 -20.10
N ALA J 197 -13.50 -47.60 -20.64
CA ALA J 197 -13.81 -47.80 -22.05
C ALA J 197 -15.28 -47.54 -22.35
N ASP J 198 -16.18 -47.86 -21.42
CA ASP J 198 -17.58 -47.55 -21.61
C ASP J 198 -17.80 -46.04 -21.69
N THR J 199 -17.13 -45.29 -20.83
CA THR J 199 -17.26 -43.83 -20.88
C THR J 199 -16.62 -43.26 -22.13
N PHE J 200 -15.52 -43.86 -22.58
CA PHE J 200 -14.88 -43.42 -23.83
C PHE J 200 -15.79 -43.66 -25.02
N ALA J 201 -16.46 -44.82 -25.07
CA ALA J 201 -17.29 -45.15 -26.22
C ALA J 201 -18.54 -44.29 -26.28
N GLY J 202 -19.22 -44.14 -25.15
CA GLY J 202 -20.43 -43.33 -25.12
C GLY J 202 -21.60 -43.98 -24.43
N LYS J 203 -21.38 -45.17 -23.85
CA LYS J 203 -22.45 -45.83 -23.10
C LYS J 203 -22.79 -45.07 -21.82
N ARG J 204 -21.87 -44.25 -21.32
CA ARG J 204 -22.11 -43.36 -20.19
C ARG J 204 -21.88 -41.92 -20.66
N GLU J 205 -21.99 -40.98 -19.72
CA GLU J 205 -21.79 -39.57 -20.01
C GLU J 205 -20.56 -38.99 -19.33
N TYR J 206 -20.25 -39.45 -18.12
CA TYR J 206 -19.10 -38.96 -17.37
C TYR J 206 -18.73 -40.02 -16.34
N LEU J 207 -17.52 -39.90 -15.81
CA LEU J 207 -17.06 -40.79 -14.76
C LEU J 207 -15.92 -40.11 -14.01
N ASN J 208 -16.01 -40.11 -12.68
CA ASN J 208 -15.03 -39.45 -11.83
C ASN J 208 -14.19 -40.49 -11.10
N ILE J 209 -12.88 -40.40 -11.23
CA ILE J 209 -11.94 -41.25 -10.54
C ILE J 209 -11.29 -40.44 -9.43
N TYR J 210 -11.02 -41.08 -8.30
CA TYR J 210 -10.39 -40.43 -7.16
C TYR J 210 -9.27 -41.33 -6.65
N VAL J 211 -8.05 -40.80 -6.67
CA VAL J 211 -6.85 -41.57 -6.38
C VAL J 211 -6.26 -41.10 -5.06
N THR J 212 -5.60 -42.02 -4.36
CA THR J 212 -4.95 -41.69 -3.08
C THR J 212 -3.76 -42.63 -2.92
N CYS J 213 -2.55 -42.08 -3.01
CA CYS J 213 -1.32 -42.85 -2.87
C CYS J 213 -0.81 -42.79 -1.43
N PHE J 214 0.10 -43.71 -1.12
CA PHE J 214 0.72 -43.77 0.19
C PHE J 214 2.15 -44.26 -0.01
N VAL J 215 3.11 -43.34 0.06
CA VAL J 215 4.50 -43.63 -0.26
C VAL J 215 5.31 -43.49 1.02
N LYS J 216 5.97 -44.58 1.41
CA LYS J 216 6.81 -44.60 2.62
C LYS J 216 8.26 -44.41 2.21
N ILE J 217 8.81 -43.24 2.52
CA ILE J 217 10.19 -42.92 2.19
C ILE J 217 11.09 -42.82 3.42
N GLY J 218 10.54 -42.79 4.62
CA GLY J 218 11.30 -42.65 5.84
C GLY J 218 10.95 -41.36 6.57
N CYS J 219 11.51 -41.26 7.77
CA CYS J 219 11.24 -40.12 8.64
C CYS J 219 12.12 -38.94 8.25
N ALA J 220 11.52 -37.75 8.16
CA ALA J 220 12.19 -36.49 7.87
C ALA J 220 12.92 -36.52 6.52
N MET J 221 12.41 -37.31 5.57
CA MET J 221 13.01 -37.36 4.25
C MET J 221 12.55 -36.15 3.43
N GLU J 222 13.08 -36.03 2.21
CA GLU J 222 12.81 -34.89 1.35
C GLU J 222 11.90 -35.33 0.21
N VAL J 223 10.83 -34.56 0.00
CA VAL J 223 9.90 -34.81 -1.08
C VAL J 223 10.17 -33.80 -2.20
N TYR J 224 9.64 -34.07 -3.38
CA TYR J 224 9.93 -33.29 -4.58
C TYR J 224 8.63 -32.86 -5.25
N PRO J 225 8.08 -31.73 -4.84
CA PRO J 225 6.90 -31.19 -5.53
C PRO J 225 7.27 -30.57 -6.86
N SER J 226 6.24 -30.19 -7.61
CA SER J 226 6.46 -29.55 -8.91
C SER J 226 7.05 -28.16 -8.72
N GLN J 227 7.93 -27.79 -9.63
CA GLN J 227 8.65 -26.51 -9.55
C GLN J 227 8.03 -25.50 -10.50
N GLU J 228 7.81 -24.29 -10.00
CA GLU J 228 7.22 -23.23 -10.81
C GLU J 228 8.19 -22.78 -11.90
N MET J 229 7.64 -22.02 -12.84
CA MET J 229 8.36 -21.58 -14.03
C MET J 229 8.70 -20.10 -13.90
N THR J 230 9.97 -19.76 -14.10
CA THR J 230 10.46 -18.40 -14.00
C THR J 230 10.71 -17.83 -15.38
N PHE J 231 10.18 -16.63 -15.64
CA PHE J 231 10.30 -16.00 -16.94
C PHE J 231 11.31 -14.86 -16.94
N ASP J 232 11.15 -13.89 -16.05
CA ASP J 232 12.04 -12.74 -16.01
C ASP J 232 13.26 -13.05 -15.15
N ASP J 233 14.38 -12.42 -15.50
CA ASP J 233 15.64 -12.60 -14.80
C ASP J 233 15.79 -11.70 -13.58
N ASP J 234 14.69 -11.09 -13.12
CA ASP J 234 14.75 -10.31 -11.89
C ASP J 234 15.07 -11.19 -10.68
N ASP J 235 14.43 -12.36 -10.60
CA ASP J 235 14.71 -13.32 -9.56
C ASP J 235 14.99 -14.67 -10.20
N LYS J 236 16.00 -15.38 -9.69
CA LYS J 236 16.42 -16.66 -10.26
C LYS J 236 16.33 -17.80 -9.27
N GLY J 237 15.73 -17.58 -8.09
CA GLY J 237 15.64 -18.63 -7.11
C GLY J 237 14.62 -19.70 -7.46
N LYS J 238 14.73 -20.83 -6.77
CA LYS J 238 13.79 -21.91 -6.97
C LYS J 238 12.40 -21.53 -6.45
N LYS J 239 11.37 -21.87 -7.21
CA LYS J 239 9.99 -21.62 -6.83
C LYS J 239 9.22 -22.93 -6.97
N LEU J 240 8.67 -23.40 -5.85
CA LEU J 240 7.90 -24.64 -5.84
C LEU J 240 6.41 -24.35 -5.84
N PHE J 241 5.65 -25.24 -6.47
CA PHE J 241 4.22 -25.02 -6.63
C PHE J 241 3.50 -25.20 -5.31
N LYS J 242 2.62 -24.27 -4.99
CA LYS J 242 1.80 -24.32 -3.78
C LYS J 242 0.34 -24.43 -4.18
N PHE J 243 -0.38 -25.36 -3.55
CA PHE J 243 -1.80 -25.58 -3.81
C PHE J 243 -2.54 -25.41 -2.50
N GLU J 244 -3.26 -24.29 -2.36
CA GLU J 244 -4.01 -23.95 -1.14
C GLU J 244 -3.11 -23.96 0.09
N GLY J 245 -1.90 -23.42 -0.05
CA GLY J 245 -0.92 -23.38 1.02
C GLY J 245 0.01 -24.58 1.05
N SER J 246 -0.52 -25.77 0.82
CA SER J 246 0.29 -26.98 0.83
C SER J 246 1.02 -27.16 -0.49
N ALA J 247 2.05 -27.98 -0.46
CA ALA J 247 2.78 -28.32 -1.68
C ALA J 247 1.93 -29.22 -2.57
N GLY J 248 2.22 -29.18 -3.86
CA GLY J 248 1.45 -29.96 -4.80
C GLY J 248 2.18 -30.15 -6.10
N MET J 249 1.52 -30.83 -7.03
CA MET J 249 2.04 -31.13 -8.35
C MET J 249 1.09 -30.60 -9.41
N HIS J 250 1.66 -30.16 -10.53
CA HIS J 250 0.86 -29.59 -11.60
C HIS J 250 -0.01 -30.66 -12.26
N SER J 251 -1.15 -30.23 -12.81
CA SER J 251 -2.05 -31.15 -13.51
C SER J 251 -1.39 -31.72 -14.75
N GLN J 252 -0.64 -30.89 -15.49
CA GLN J 252 0.07 -31.38 -16.67
C GLN J 252 1.21 -32.32 -16.32
N LYS J 253 1.75 -32.21 -15.11
CA LYS J 253 2.80 -33.14 -14.70
C LYS J 253 2.23 -34.53 -14.46
N ILE J 254 1.05 -34.62 -13.85
CA ILE J 254 0.40 -35.91 -13.65
C ILE J 254 -0.05 -36.50 -14.98
N ASN J 255 -0.59 -35.66 -15.86
CA ASN J 255 -1.15 -36.15 -17.12
C ASN J 255 -0.07 -36.67 -18.08
N ASN J 256 1.15 -36.12 -17.99
CA ASN J 256 2.22 -36.60 -18.85
C ASN J 256 2.63 -38.02 -18.50
N ALA J 257 2.55 -38.38 -17.22
CA ALA J 257 2.88 -39.74 -16.82
C ALA J 257 1.78 -40.73 -17.21
N LEU J 258 0.52 -40.29 -17.20
CA LEU J 258 -0.59 -41.20 -17.48
C LEU J 258 -0.63 -41.60 -18.94
N ARG J 259 -0.32 -40.67 -19.85
CA ARG J 259 -0.38 -40.94 -21.27
C ARG J 259 0.95 -41.44 -21.85
N THR J 260 1.82 -42.00 -21.00
CA THR J 260 3.06 -42.61 -21.45
C THR J 260 2.78 -44.08 -21.79
N ILE J 261 2.13 -44.28 -22.94
CA ILE J 261 1.68 -45.60 -23.36
C ILE J 261 2.09 -45.96 -24.78
N ASP J 262 2.77 -45.07 -25.49
CA ASP J 262 3.11 -45.30 -26.90
C ASP J 262 4.21 -46.36 -26.98
N THR J 263 3.83 -47.58 -27.36
CA THR J 263 4.78 -48.65 -27.65
C THR J 263 4.69 -49.10 -29.10
N TRP J 264 4.15 -48.26 -29.97
CA TRP J 264 3.92 -48.62 -31.37
C TRP J 264 4.79 -47.82 -32.32
N TYR J 265 5.75 -47.05 -31.81
CA TYR J 265 6.67 -46.32 -32.68
C TYR J 265 7.59 -47.31 -33.40
N PRO J 266 8.06 -46.98 -34.61
CA PRO J 266 8.85 -47.96 -35.37
C PRO J 266 10.30 -48.07 -34.92
N ASP J 267 10.50 -48.15 -33.61
CA ASP J 267 11.81 -48.51 -33.07
C ASP J 267 11.70 -49.29 -31.77
N TYR J 268 10.50 -49.79 -31.42
CA TYR J 268 10.29 -50.44 -30.14
C TYR J 268 11.05 -51.75 -30.01
N THR J 269 11.42 -52.37 -31.13
CA THR J 269 12.19 -53.61 -31.07
C THR J 269 13.59 -53.38 -30.50
N THR J 270 14.12 -52.17 -30.64
CA THR J 270 15.47 -51.85 -30.16
C THR J 270 15.47 -51.25 -28.76
N TYR J 271 14.80 -50.11 -28.59
CA TYR J 271 14.86 -49.39 -27.31
C TYR J 271 14.02 -50.08 -26.24
N GLU J 272 12.81 -50.51 -26.60
CA GLU J 272 11.92 -51.30 -25.75
C GLU J 272 11.58 -50.59 -24.45
N PHE J 273 10.89 -49.44 -24.59
CA PHE J 273 10.24 -48.78 -23.46
C PHE J 273 9.15 -47.87 -24.01
N PRO J 274 8.06 -47.68 -23.28
CA PRO J 274 7.01 -46.75 -23.75
C PRO J 274 7.46 -45.31 -23.69
N ILE J 275 6.84 -44.49 -24.53
CA ILE J 275 7.11 -43.06 -24.59
C ILE J 275 5.78 -42.32 -24.48
N PRO J 276 5.79 -41.08 -24.01
CA PRO J 276 4.54 -40.31 -23.95
C PRO J 276 3.99 -40.02 -25.34
N VAL J 277 2.66 -39.96 -25.41
CA VAL J 277 1.99 -39.74 -26.69
C VAL J 277 2.13 -38.28 -27.08
N GLU J 278 2.76 -38.03 -28.24
CA GLU J 278 3.00 -36.68 -28.71
C GLU J 278 3.10 -36.76 -30.23
N ASN J 279 2.81 -35.64 -30.89
CA ASN J 279 2.59 -35.61 -32.33
C ASN J 279 3.79 -36.16 -33.10
N TYR J 280 4.99 -35.70 -32.77
CA TYR J 280 6.20 -36.13 -33.46
C TYR J 280 6.94 -37.23 -32.70
N GLY J 281 6.36 -37.76 -31.64
CA GLY J 281 7.02 -38.80 -30.86
C GLY J 281 8.29 -38.36 -30.17
N ALA J 282 8.27 -37.17 -29.58
CA ALA J 282 9.45 -36.59 -28.95
C ALA J 282 9.44 -36.91 -27.46
N ALA J 283 10.59 -37.35 -26.95
CA ALA J 283 10.75 -37.67 -25.54
C ALA J 283 12.00 -36.94 -25.04
N ARG J 284 11.80 -35.86 -24.29
CA ARG J 284 12.92 -35.06 -23.81
C ARG J 284 13.73 -35.77 -22.74
N SER J 285 13.14 -36.74 -22.04
CA SER J 285 13.90 -37.51 -21.07
C SER J 285 14.87 -38.48 -21.73
N ILE J 286 14.69 -38.75 -23.03
CA ILE J 286 15.59 -39.59 -23.79
C ILE J 286 16.43 -38.78 -24.76
N GLY J 287 15.83 -37.80 -25.42
CA GLY J 287 16.54 -36.96 -26.36
C GLY J 287 16.55 -37.45 -27.79
N ILE J 288 15.67 -38.38 -28.15
CA ILE J 288 15.61 -38.93 -29.50
C ILE J 288 14.17 -38.84 -29.99
N PRO J 289 13.90 -38.11 -31.07
CA PRO J 289 12.55 -38.14 -31.66
C PRO J 289 12.26 -39.51 -32.26
N PHE J 290 11.00 -39.95 -32.14
CA PHE J 290 10.64 -41.29 -32.55
C PHE J 290 9.67 -41.34 -33.72
N ARG J 291 8.94 -40.26 -34.00
CA ARG J 291 8.07 -40.17 -35.16
C ARG J 291 8.32 -38.87 -35.92
N PRO J 292 9.49 -38.74 -36.55
CA PRO J 292 9.78 -37.53 -37.34
C PRO J 292 9.44 -37.66 -38.83
N ASP J 293 8.67 -38.67 -39.21
CA ASP J 293 8.55 -39.08 -40.60
C ASP J 293 7.14 -39.64 -40.80
N THR J 294 6.97 -40.46 -41.84
CA THR J 294 5.65 -40.93 -42.29
C THR J 294 4.88 -41.72 -41.24
N LYS J 295 5.46 -41.96 -40.07
CA LYS J 295 4.73 -42.53 -38.94
C LYS J 295 4.40 -41.49 -37.87
N SER J 296 4.40 -40.20 -38.23
CA SER J 296 3.96 -39.17 -37.32
C SER J 296 2.44 -39.06 -37.36
N PHE J 297 1.90 -38.18 -36.51
CA PHE J 297 0.44 -38.03 -36.44
C PHE J 297 -0.14 -37.37 -37.68
N TYR J 298 0.55 -36.36 -38.21
CA TYR J 298 0.01 -35.59 -39.33
C TYR J 298 -0.12 -36.47 -40.58
N LYS J 299 0.93 -37.21 -40.92
CA LYS J 299 0.88 -38.07 -42.09
C LYS J 299 -0.12 -39.20 -41.91
N LEU J 300 -0.19 -39.77 -40.70
CA LEU J 300 -1.12 -40.86 -40.45
C LEU J 300 -2.58 -40.40 -40.59
N ILE J 301 -2.91 -39.22 -40.04
CA ILE J 301 -4.28 -38.76 -40.15
C ILE J 301 -4.57 -38.14 -41.52
N ASP J 302 -3.53 -37.78 -42.28
CA ASP J 302 -3.76 -37.40 -43.67
C ASP J 302 -4.08 -38.62 -44.52
N ARG J 303 -3.37 -39.73 -44.29
CA ARG J 303 -3.67 -40.96 -45.00
C ARG J 303 -5.01 -41.55 -44.57
N MET J 304 -5.39 -41.38 -43.30
CA MET J 304 -6.58 -42.04 -42.77
C MET J 304 -7.85 -41.47 -43.38
N ILE J 305 -7.91 -40.17 -43.61
CA ILE J 305 -9.14 -39.49 -44.01
C ILE J 305 -9.07 -38.96 -45.44
N LEU J 306 -8.01 -38.21 -45.76
CA LEU J 306 -7.90 -37.61 -47.09
C LEU J 306 -7.69 -38.64 -48.18
N LYS J 307 -7.19 -39.83 -47.84
CA LYS J 307 -7.06 -40.93 -48.78
C LYS J 307 -7.95 -42.13 -48.44
N ASN J 308 -8.47 -42.21 -47.22
CA ASN J 308 -9.40 -43.24 -46.76
C ASN J 308 -8.80 -44.64 -46.83
N GLU J 309 -7.48 -44.76 -46.89
CA GLU J 309 -6.84 -46.06 -46.91
C GLU J 309 -6.87 -46.69 -45.52
N ASP J 310 -7.03 -48.01 -45.49
CA ASP J 310 -7.09 -48.72 -44.22
C ASP J 310 -5.73 -48.71 -43.53
N LEU J 311 -5.76 -48.74 -42.20
CA LEU J 311 -4.57 -48.63 -41.39
C LEU J 311 -4.44 -49.84 -40.47
N PRO J 312 -3.22 -50.22 -40.10
CA PRO J 312 -3.04 -51.27 -39.09
C PRO J 312 -3.55 -50.82 -37.73
N ILE J 313 -3.86 -51.81 -36.89
CA ILE J 313 -4.44 -51.52 -35.58
C ILE J 313 -3.47 -50.74 -34.68
N GLU J 314 -2.16 -50.84 -34.94
CA GLU J 314 -1.19 -50.05 -34.17
C GLU J 314 -1.33 -48.56 -34.49
N ASP J 315 -1.41 -48.24 -35.79
CA ASP J 315 -1.61 -46.85 -36.18
C ASP J 315 -2.98 -46.34 -35.76
N LYS J 316 -4.00 -47.19 -35.76
CA LYS J 316 -5.30 -46.80 -35.25
C LYS J 316 -5.22 -46.48 -33.76
N HIS J 317 -4.51 -47.32 -33.00
CA HIS J 317 -4.34 -47.06 -31.56
C HIS J 317 -3.63 -45.73 -31.33
N TYR J 318 -2.57 -45.47 -32.09
CA TYR J 318 -1.82 -44.24 -31.90
C TYR J 318 -2.65 -43.02 -32.30
N VAL J 319 -3.32 -43.07 -33.44
CA VAL J 319 -4.07 -41.92 -33.92
C VAL J 319 -5.33 -41.69 -33.10
N MET J 320 -5.84 -42.70 -32.39
CA MET J 320 -6.95 -42.49 -31.49
C MET J 320 -6.52 -42.13 -30.08
N ALA J 321 -5.26 -42.41 -29.73
CA ALA J 321 -4.74 -41.96 -28.44
C ALA J 321 -4.45 -40.47 -28.43
N ILE J 322 -4.17 -39.89 -29.60
CA ILE J 322 -3.92 -38.45 -29.68
C ILE J 322 -5.19 -37.67 -29.38
N LEU J 323 -6.33 -38.14 -29.90
CA LEU J 323 -7.59 -37.43 -29.73
C LEU J 323 -8.01 -37.37 -28.27
N ILE J 324 -7.60 -38.35 -27.46
CA ILE J 324 -7.85 -38.29 -26.02
C ILE J 324 -7.01 -37.18 -25.40
N ARG J 325 -5.77 -37.00 -25.88
CA ARG J 325 -4.93 -35.90 -25.38
C ARG J 325 -5.47 -34.55 -25.84
N GLY J 326 -6.03 -34.49 -27.03
CA GLY J 326 -6.55 -33.25 -27.54
C GLY J 326 -5.48 -32.37 -28.17
N GLY J 327 -5.87 -31.14 -28.47
CA GLY J 327 -5.03 -30.16 -29.10
C GLY J 327 -5.73 -29.54 -30.28
N MET J 328 -4.98 -28.77 -31.06
CA MET J 328 -5.49 -28.18 -32.29
C MET J 328 -4.61 -28.60 -33.45
N PHE J 329 -5.24 -28.92 -34.58
CA PHE J 329 -4.54 -29.29 -35.82
C PHE J 329 -5.22 -28.53 -36.95
N SER J 330 -4.75 -27.32 -37.21
CA SER J 330 -5.30 -26.44 -38.23
C SER J 330 -4.25 -26.18 -39.29
N LYS J 331 -4.64 -26.31 -40.56
CA LYS J 331 -3.74 -26.14 -41.68
C LYS J 331 -4.03 -24.84 -42.39
N LYS J 332 -2.98 -24.04 -42.61
CA LYS J 332 -3.11 -22.82 -43.39
C LYS J 332 -3.19 -23.16 -44.87
N GLN J 333 -4.24 -22.68 -45.53
CA GLN J 333 -4.43 -22.96 -46.95
C GLN J 333 -3.60 -21.99 -47.80
N GLU J 334 -3.81 -22.04 -49.11
CA GLU J 334 -3.04 -21.23 -50.04
C GLU J 334 -3.58 -19.80 -50.11
N LEU K 12 -42.79 4.87 -49.82
CA LEU K 12 -41.58 4.19 -49.38
C LEU K 12 -40.86 3.54 -50.56
N LYS K 13 -39.69 4.07 -50.89
CA LYS K 13 -38.91 3.56 -52.02
C LYS K 13 -37.61 2.89 -51.61
N SER K 14 -37.07 3.18 -50.44
CA SER K 14 -35.83 2.59 -49.98
C SER K 14 -35.77 2.65 -48.46
N ARG K 15 -34.73 2.01 -47.91
CA ARG K 15 -34.53 2.05 -46.47
C ARG K 15 -34.00 3.42 -46.05
N PRO K 16 -34.28 3.84 -44.82
CA PRO K 16 -33.75 5.10 -44.33
C PRO K 16 -32.24 5.07 -44.20
N GLU K 17 -31.63 6.25 -44.31
CA GLU K 17 -30.18 6.36 -44.29
C GLU K 17 -29.59 6.25 -42.89
N ASN K 18 -30.40 6.30 -41.84
CA ASN K 18 -29.92 6.20 -40.47
C ASN K 18 -30.82 5.32 -39.63
N LEU K 19 -31.25 4.19 -40.18
CA LEU K 19 -32.10 3.28 -39.44
C LEU K 19 -31.26 2.42 -38.51
N SER K 20 -31.66 2.35 -37.24
CA SER K 20 -30.93 1.59 -36.24
C SER K 20 -31.87 1.13 -35.14
N PHE K 21 -31.45 0.10 -34.41
CA PHE K 21 -32.26 -0.48 -33.34
C PHE K 21 -31.39 -0.73 -32.13
N ALA K 22 -32.03 -0.72 -30.96
CA ALA K 22 -31.38 -1.13 -29.72
C ALA K 22 -31.66 -2.62 -29.49
N ARG K 23 -31.35 -3.12 -28.30
CA ARG K 23 -31.64 -4.50 -27.94
C ARG K 23 -32.69 -4.53 -26.85
N CYS K 24 -33.63 -5.47 -26.98
CA CYS K 24 -34.74 -5.60 -26.05
C CYS K 24 -34.48 -6.62 -24.95
N LEU K 25 -33.29 -7.21 -24.91
CA LEU K 25 -32.91 -8.20 -23.89
C LEU K 25 -31.54 -7.82 -23.36
N ASN K 26 -31.52 -6.98 -22.33
CA ASN K 26 -30.25 -6.53 -21.74
C ASN K 26 -29.78 -7.58 -20.75
N THR K 27 -28.63 -8.20 -21.04
CA THR K 27 -28.04 -9.20 -20.17
C THR K 27 -26.78 -8.64 -19.52
N THR K 28 -26.62 -8.91 -18.24
CA THR K 28 -25.47 -8.42 -17.48
C THR K 28 -24.41 -9.52 -17.36
N GLU K 29 -23.25 -9.12 -16.87
CA GLU K 29 -22.15 -10.06 -16.68
C GLU K 29 -22.48 -11.06 -15.58
N ALA K 30 -22.04 -12.30 -15.77
CA ALA K 30 -22.22 -13.33 -14.76
C ALA K 30 -21.06 -13.33 -13.77
N LYS K 31 -21.32 -13.86 -12.59
CA LYS K 31 -20.31 -13.99 -11.55
C LYS K 31 -20.25 -15.44 -11.09
N PHE K 32 -19.05 -15.88 -10.72
CA PHE K 32 -18.80 -17.27 -10.37
C PHE K 32 -18.63 -17.40 -8.87
N TRP K 33 -19.34 -18.36 -8.29
CA TRP K 33 -19.20 -18.72 -6.88
C TRP K 33 -19.11 -20.24 -6.76
N GLN K 34 -18.47 -20.70 -5.70
CA GLN K 34 -18.35 -22.12 -5.42
C GLN K 34 -18.93 -22.42 -4.04
N THR K 35 -19.62 -23.55 -3.93
CA THR K 35 -20.26 -23.96 -2.69
C THR K 35 -20.44 -25.47 -2.70
N ASP K 36 -21.17 -25.98 -1.72
CA ASP K 36 -21.49 -27.40 -1.63
C ASP K 36 -22.97 -27.61 -1.95
N PHE K 37 -23.28 -28.78 -2.54
CA PHE K 37 -24.63 -29.02 -3.01
C PHE K 37 -25.61 -29.23 -1.88
N LEU K 38 -25.15 -29.74 -0.74
CA LEU K 38 -26.04 -29.93 0.40
C LEU K 38 -26.29 -28.64 1.18
N LYS K 39 -25.51 -27.59 0.94
CA LYS K 39 -25.65 -26.33 1.64
C LYS K 39 -25.71 -25.16 0.67
N ARG K 40 -26.26 -25.39 -0.52
CA ARG K 40 -26.23 -24.37 -1.57
C ARG K 40 -27.16 -23.20 -1.27
N HIS K 41 -28.10 -23.34 -0.35
CA HIS K 41 -28.98 -22.24 0.04
C HIS K 41 -28.47 -21.48 1.25
N THR K 42 -27.31 -21.82 1.79
CA THR K 42 -26.81 -21.23 3.03
C THR K 42 -25.55 -20.41 2.87
N PHE K 43 -24.61 -20.83 2.01
CA PHE K 43 -23.34 -20.13 1.93
C PHE K 43 -22.77 -20.25 0.52
N LYS K 44 -21.88 -19.32 0.19
CA LYS K 44 -21.18 -19.32 -1.08
C LYS K 44 -19.78 -18.75 -0.87
N LEU K 45 -18.88 -19.08 -1.79
CA LEU K 45 -17.50 -18.65 -1.68
C LEU K 45 -17.01 -18.10 -3.01
N PRO K 46 -16.10 -17.12 -2.98
CA PRO K 46 -15.58 -16.57 -4.23
C PRO K 46 -14.69 -17.56 -4.97
N LEU K 47 -14.62 -17.40 -6.28
CA LEU K 47 -13.81 -18.25 -7.16
C LEU K 47 -12.83 -17.36 -7.90
N LEU K 48 -11.54 -17.48 -7.59
CA LEU K 48 -10.51 -16.62 -8.13
C LEU K 48 -9.82 -17.26 -9.31
N ILE K 49 -9.17 -16.42 -10.12
CA ILE K 49 -8.43 -16.86 -11.30
C ILE K 49 -6.95 -16.88 -10.96
N THR K 50 -6.30 -18.02 -11.21
CA THR K 50 -4.90 -18.20 -10.90
C THR K 50 -4.05 -18.17 -12.16
N ASP K 51 -2.82 -17.69 -12.02
CA ASP K 51 -1.86 -17.70 -13.11
C ASP K 51 -1.23 -19.09 -13.23
N LYS K 52 -0.65 -19.37 -14.39
CA LYS K 52 -0.06 -20.67 -14.64
C LYS K 52 0.97 -20.52 -15.75
N ALA K 53 2.08 -21.24 -15.61
CA ALA K 53 3.10 -21.26 -16.64
C ALA K 53 3.48 -22.71 -16.94
N VAL K 54 3.63 -23.02 -18.21
CA VAL K 54 3.82 -24.39 -18.65
C VAL K 54 5.02 -24.49 -19.57
N LEU K 55 5.64 -25.66 -19.61
CA LEU K 55 6.79 -25.94 -20.47
C LEU K 55 6.39 -27.06 -21.43
N ALA K 56 5.97 -26.68 -22.63
CA ALA K 56 5.52 -27.63 -23.63
C ALA K 56 6.65 -27.93 -24.60
N SER K 57 6.32 -28.70 -25.64
CA SER K 57 7.25 -29.00 -26.72
C SER K 57 6.73 -28.39 -28.02
N LYS K 58 7.62 -28.28 -28.99
CA LYS K 58 7.28 -27.72 -30.30
C LYS K 58 6.48 -28.76 -31.07
N GLY K 59 5.19 -28.81 -30.81
CA GLY K 59 4.29 -29.76 -31.42
C GLY K 59 3.53 -29.27 -32.62
N HIS K 60 3.70 -28.01 -33.00
CA HIS K 60 3.01 -27.48 -34.18
C HIS K 60 3.63 -28.03 -35.45
N GLU K 61 2.87 -27.93 -36.54
CA GLU K 61 3.35 -28.40 -37.84
C GLU K 61 4.37 -27.42 -38.39
N MET K 62 5.53 -27.94 -38.81
CA MET K 62 6.65 -27.13 -39.26
C MET K 62 7.14 -27.64 -40.60
N PRO K 63 7.79 -26.79 -41.39
CA PRO K 63 8.47 -27.27 -42.58
C PRO K 63 9.60 -28.22 -42.20
N PRO K 64 9.95 -29.15 -43.09
CA PRO K 64 10.96 -30.17 -42.72
C PRO K 64 12.32 -29.61 -42.36
N ASP K 65 12.73 -28.48 -42.96
CA ASP K 65 14.04 -27.91 -42.64
C ASP K 65 14.11 -27.44 -41.19
N LYS K 66 13.07 -26.75 -40.71
CA LYS K 66 13.04 -26.34 -39.31
C LYS K 66 12.78 -27.53 -38.39
N LEU K 67 11.98 -28.49 -38.85
CA LEU K 67 11.70 -29.69 -38.06
C LEU K 67 12.95 -30.50 -37.80
N GLU K 68 13.87 -30.54 -38.77
CA GLU K 68 15.11 -31.28 -38.60
C GLU K 68 16.05 -30.64 -37.59
N LYS K 69 15.83 -29.39 -37.19
CA LYS K 69 16.75 -28.68 -36.32
C LYS K 69 16.18 -28.25 -34.99
N GLU K 70 14.85 -28.16 -34.84
CA GLU K 70 14.28 -27.80 -33.54
C GLU K 70 13.08 -28.66 -33.21
N ILE K 71 13.19 -29.97 -33.44
CA ILE K 71 12.12 -30.88 -33.06
C ILE K 71 12.10 -31.09 -31.54
N MET K 72 13.28 -31.12 -30.92
CA MET K 72 13.42 -31.42 -29.49
C MET K 72 13.67 -30.16 -28.67
N ASP K 73 13.03 -29.04 -29.04
CA ASP K 73 13.26 -27.87 -28.19
C ASP K 73 12.11 -27.67 -27.23
N PRO K 74 12.38 -27.20 -26.02
CA PRO K 74 11.30 -26.83 -25.09
C PRO K 74 10.62 -25.54 -25.54
N ASN K 75 9.51 -25.22 -24.89
CA ASN K 75 8.72 -24.04 -25.24
C ASN K 75 8.02 -23.53 -23.99
N PRO K 76 8.50 -22.44 -23.39
CA PRO K 76 7.79 -21.84 -22.27
C PRO K 76 6.57 -21.06 -22.73
N GLN K 77 5.47 -21.23 -22.00
CA GLN K 77 4.21 -20.55 -22.30
C GLN K 77 3.54 -20.11 -21.01
N LYS K 78 2.72 -19.07 -21.13
CA LYS K 78 1.97 -18.52 -20.01
C LYS K 78 0.47 -18.70 -20.26
N SER K 79 -0.29 -18.83 -19.18
CA SER K 79 -1.73 -19.06 -19.26
C SER K 79 -2.36 -18.74 -17.92
N GLN K 80 -3.68 -18.86 -17.86
CA GLN K 80 -4.42 -18.72 -16.63
C GLN K 80 -5.42 -19.86 -16.51
N SER K 81 -5.76 -20.21 -15.27
CA SER K 81 -6.69 -21.29 -15.02
C SER K 81 -7.54 -20.96 -13.80
N CYS K 82 -8.77 -21.47 -13.80
CA CYS K 82 -9.72 -21.27 -12.71
C CYS K 82 -10.30 -22.63 -12.34
N THR K 83 -10.00 -23.09 -11.13
CA THR K 83 -10.45 -24.39 -10.66
C THR K 83 -11.12 -24.24 -9.29
N LEU K 84 -11.95 -25.22 -8.96
CA LEU K 84 -12.61 -25.25 -7.66
C LEU K 84 -11.63 -25.66 -6.58
N SER K 85 -12.05 -25.48 -5.33
CA SER K 85 -11.23 -25.89 -4.19
C SER K 85 -11.42 -27.38 -3.94
N THR K 86 -10.74 -27.89 -2.91
CA THR K 86 -10.78 -29.30 -2.59
C THR K 86 -11.97 -29.70 -1.72
N GLU K 87 -12.79 -28.73 -1.31
CA GLU K 87 -13.94 -29.03 -0.46
C GLU K 87 -15.26 -28.50 -1.02
N CYS K 88 -15.27 -27.96 -2.24
CA CYS K 88 -16.50 -27.48 -2.86
C CYS K 88 -16.62 -28.11 -4.24
N ASP K 89 -17.80 -28.66 -4.52
CA ASP K 89 -18.03 -29.37 -5.78
C ASP K 89 -19.11 -28.73 -6.65
N THR K 90 -19.73 -27.65 -6.20
CA THR K 90 -20.84 -27.03 -6.92
C THR K 90 -20.44 -25.65 -7.40
N LEU K 91 -20.70 -25.38 -8.68
CA LEU K 91 -20.43 -24.08 -9.28
C LEU K 91 -21.74 -23.31 -9.38
N ARG K 92 -21.72 -22.05 -8.93
CA ARG K 92 -22.91 -21.20 -8.88
C ARG K 92 -22.71 -20.02 -9.81
N ILE K 93 -23.72 -19.74 -10.63
CA ILE K 93 -23.67 -18.65 -11.61
C ILE K 93 -24.89 -17.76 -11.41
N ASP K 94 -24.66 -16.47 -11.22
CA ASP K 94 -25.72 -15.49 -11.00
C ASP K 94 -25.67 -14.43 -12.08
N PHE K 95 -26.82 -14.14 -12.69
CA PHE K 95 -26.91 -13.04 -13.65
C PHE K 95 -28.36 -12.58 -13.73
N GLY K 96 -28.62 -11.64 -14.63
CA GLY K 96 -29.94 -11.06 -14.75
C GLY K 96 -30.22 -10.54 -16.15
N ILE K 97 -31.51 -10.41 -16.45
CA ILE K 97 -32.00 -9.95 -17.75
C ILE K 97 -33.01 -8.83 -17.51
N LYS K 98 -32.95 -7.81 -18.36
CA LYS K 98 -33.94 -6.73 -18.38
C LYS K 98 -34.63 -6.74 -19.73
N VAL K 99 -35.96 -6.71 -19.71
CA VAL K 99 -36.79 -6.80 -20.90
C VAL K 99 -37.50 -5.46 -21.11
N LEU K 100 -37.42 -4.94 -22.33
CA LEU K 100 -37.97 -3.66 -22.75
C LEU K 100 -38.91 -3.87 -23.93
N PRO K 101 -39.91 -2.99 -24.10
CA PRO K 101 -40.84 -3.14 -25.22
C PRO K 101 -40.16 -3.00 -26.57
N VAL K 102 -40.64 -3.76 -27.55
CA VAL K 102 -40.02 -3.77 -28.87
C VAL K 102 -40.31 -2.47 -29.60
N LYS K 103 -41.54 -1.95 -29.49
CA LYS K 103 -41.91 -0.74 -30.21
C LYS K 103 -41.14 0.48 -29.71
N GLU K 104 -40.92 0.57 -28.40
CA GLU K 104 -40.15 1.67 -27.83
C GLU K 104 -38.67 1.31 -27.72
N SER K 105 -38.10 0.87 -28.84
CA SER K 105 -36.68 0.54 -28.89
C SER K 105 -36.03 0.94 -30.19
N MET K 106 -36.76 1.57 -31.12
CA MET K 106 -36.19 2.00 -32.39
C MET K 106 -35.41 3.28 -32.15
N TYR K 107 -34.09 3.21 -32.30
CA TYR K 107 -33.22 4.30 -31.86
C TYR K 107 -33.25 5.48 -32.83
N SER K 108 -32.84 5.26 -34.06
CA SER K 108 -32.72 6.33 -35.04
C SER K 108 -33.39 5.93 -36.35
N CYS K 109 -34.01 6.91 -37.01
CA CYS K 109 -34.62 6.70 -38.32
C CYS K 109 -34.86 8.07 -38.94
N SER K 110 -34.55 8.19 -40.24
CA SER K 110 -34.75 9.47 -40.92
C SER K 110 -36.21 9.66 -41.33
N ASP K 111 -36.71 8.79 -42.21
CA ASP K 111 -38.05 8.97 -42.76
C ASP K 111 -39.11 8.63 -41.73
N TYR K 112 -40.14 9.49 -41.62
CA TYR K 112 -41.23 9.25 -40.69
C TYR K 112 -42.18 8.17 -41.18
N ASN K 113 -42.39 8.09 -42.49
CA ASN K 113 -43.29 7.08 -43.05
C ASN K 113 -42.76 5.68 -42.81
N TYR K 114 -41.44 5.50 -42.85
CA TYR K 114 -40.85 4.21 -42.52
C TYR K 114 -41.12 3.84 -41.07
N ARG K 115 -41.03 4.82 -40.16
CA ARG K 115 -41.35 4.56 -38.76
C ARG K 115 -42.80 4.16 -38.59
N THR K 116 -43.72 4.84 -39.29
CA THR K 116 -45.13 4.49 -39.20
C THR K 116 -45.39 3.09 -39.75
N ALA K 117 -44.73 2.74 -40.86
CA ALA K 117 -44.89 1.41 -41.43
C ALA K 117 -44.35 0.32 -40.50
N ILE K 118 -43.20 0.58 -39.88
CA ILE K 118 -42.63 -0.38 -38.94
C ILE K 118 -43.57 -0.57 -37.75
N TYR K 119 -44.12 0.54 -37.23
CA TYR K 119 -45.06 0.45 -36.11
C TYR K 119 -46.31 -0.33 -36.51
N GLN K 120 -46.80 -0.11 -37.73
CA GLN K 120 -48.00 -0.82 -38.19
C GLN K 120 -47.74 -2.32 -38.33
N LYS K 121 -46.58 -2.69 -38.88
CA LYS K 121 -46.26 -4.10 -39.02
C LYS K 121 -46.05 -4.77 -37.66
N ILE K 122 -45.43 -4.05 -36.71
CA ILE K 122 -45.24 -4.58 -35.37
C ILE K 122 -46.60 -4.78 -34.69
N ASP K 123 -47.52 -3.82 -34.87
CA ASP K 123 -48.86 -3.98 -34.30
C ASP K 123 -49.61 -5.13 -34.94
N GLU K 124 -49.44 -5.33 -36.25
CA GLU K 124 -50.05 -6.49 -36.91
C GLU K 124 -49.51 -7.79 -36.34
N TYR K 125 -48.20 -7.87 -36.11
CA TYR K 125 -47.62 -9.09 -35.54
C TYR K 125 -48.08 -9.29 -34.10
N ILE K 126 -48.25 -8.21 -33.34
CA ILE K 126 -48.73 -8.32 -31.97
C ILE K 126 -50.16 -8.85 -31.95
N ALA K 127 -51.02 -8.30 -32.81
CA ALA K 127 -52.39 -8.77 -32.87
C ALA K 127 -52.50 -10.17 -33.46
N GLU K 128 -51.53 -10.60 -34.26
CA GLU K 128 -51.57 -11.90 -34.90
C GLU K 128 -51.05 -13.01 -34.00
N ASP K 129 -49.86 -12.83 -33.42
CA ASP K 129 -49.22 -13.86 -32.62
C ASP K 129 -49.15 -13.54 -31.13
N GLY K 130 -48.81 -12.31 -30.77
CA GLY K 130 -48.73 -11.94 -29.37
C GLY K 130 -47.40 -12.22 -28.71
N PHE K 131 -46.33 -12.44 -29.49
CA PHE K 131 -44.96 -12.63 -28.99
C PHE K 131 -44.85 -13.84 -28.07
N LEU K 132 -45.69 -14.85 -28.26
CA LEU K 132 -45.67 -16.00 -27.37
C LEU K 132 -44.62 -17.02 -27.78
N THR K 133 -44.44 -17.22 -29.09
CA THR K 133 -43.50 -18.23 -29.58
C THR K 133 -42.06 -17.88 -29.22
N LEU K 134 -41.66 -16.63 -29.49
CA LEU K 134 -40.29 -16.22 -29.19
C LEU K 134 -40.02 -16.18 -27.70
N ALA K 135 -41.00 -15.76 -26.90
CA ALA K 135 -40.86 -15.78 -25.45
C ALA K 135 -40.71 -17.20 -24.93
N LYS K 136 -41.51 -18.13 -25.47
CA LYS K 136 -41.40 -19.53 -25.07
C LYS K 136 -40.04 -20.11 -25.45
N ARG K 137 -39.54 -19.76 -26.63
CA ARG K 137 -38.22 -20.27 -27.04
C ARG K 137 -37.10 -19.68 -26.18
N TYR K 138 -37.21 -18.39 -25.82
CA TYR K 138 -36.20 -17.78 -24.97
C TYR K 138 -36.19 -18.39 -23.58
N VAL K 139 -37.36 -18.63 -22.99
CA VAL K 139 -37.36 -19.25 -21.67
C VAL K 139 -37.02 -20.73 -21.76
N ASN K 140 -37.21 -21.35 -22.93
CA ASN K 140 -36.68 -22.70 -23.14
C ASN K 140 -35.16 -22.71 -23.12
N ASN K 141 -34.55 -21.75 -23.84
CA ASN K 141 -33.09 -21.65 -23.84
C ASN K 141 -32.55 -21.30 -22.46
N ILE K 142 -33.32 -20.56 -21.67
CA ILE K 142 -32.97 -20.37 -20.27
C ILE K 142 -33.07 -21.68 -19.50
N ALA K 143 -34.13 -22.45 -19.76
CA ALA K 143 -34.45 -23.62 -18.95
C ALA K 143 -33.42 -24.73 -19.10
N ASN K 144 -32.98 -25.02 -20.32
CA ASN K 144 -32.08 -26.15 -20.55
C ASN K 144 -30.63 -25.83 -20.25
N ALA K 145 -30.34 -24.61 -19.75
CA ALA K 145 -29.00 -24.19 -19.33
C ALA K 145 -27.99 -24.31 -20.48
N ARG K 146 -28.34 -23.75 -21.62
CA ARG K 146 -27.42 -23.69 -22.75
C ARG K 146 -26.27 -22.71 -22.49
N PHE K 147 -26.45 -21.75 -21.58
CA PHE K 147 -25.47 -20.71 -21.34
C PHE K 147 -24.24 -21.21 -20.59
N LEU K 148 -24.24 -22.46 -20.11
CA LEU K 148 -23.08 -22.99 -19.42
C LEU K 148 -21.91 -23.22 -20.37
N TRP K 149 -22.20 -23.45 -21.65
CA TRP K 149 -21.21 -23.70 -22.70
C TRP K 149 -20.39 -24.91 -22.32
N ARG K 150 -19.07 -24.80 -22.15
CA ARG K 150 -18.24 -25.96 -21.87
C ARG K 150 -18.42 -26.51 -20.46
N ASN K 151 -19.09 -25.76 -19.57
CA ASN K 151 -19.36 -26.27 -18.22
C ASN K 151 -20.51 -27.26 -18.18
N ARG K 152 -21.26 -27.41 -19.27
CA ARG K 152 -22.37 -28.34 -19.29
C ARG K 152 -21.91 -29.78 -19.38
N LYS K 153 -20.75 -30.02 -20.00
CA LYS K 153 -20.26 -31.37 -20.19
C LYS K 153 -19.78 -31.97 -18.87
N GLY K 154 -20.14 -33.23 -18.63
CA GLY K 154 -19.70 -33.94 -17.44
C GLY K 154 -20.23 -33.41 -16.14
N ALA K 155 -21.53 -33.09 -16.08
CA ALA K 155 -22.15 -32.55 -14.88
C ALA K 155 -23.17 -33.54 -14.34
N GLU K 156 -23.17 -33.73 -13.02
CA GLU K 156 -24.09 -34.67 -12.40
C GLU K 156 -25.49 -34.07 -12.27
N ILE K 157 -25.61 -32.99 -11.51
CA ILE K 157 -26.90 -32.32 -11.31
C ILE K 157 -26.75 -30.86 -11.74
N ILE K 158 -27.63 -30.43 -12.64
CA ILE K 158 -27.71 -29.03 -13.04
C ILE K 158 -29.11 -28.55 -12.71
N GLU K 159 -29.19 -27.47 -11.93
CA GLU K 159 -30.48 -26.89 -11.56
C GLU K 159 -30.45 -25.39 -11.81
N THR K 160 -31.61 -24.84 -12.14
CA THR K 160 -31.74 -23.44 -12.51
C THR K 160 -33.02 -22.89 -11.92
N ILE K 161 -32.92 -21.77 -11.20
CA ILE K 161 -34.08 -21.09 -10.64
C ILE K 161 -34.16 -19.69 -11.23
N VAL K 162 -35.37 -19.16 -11.29
CA VAL K 162 -35.63 -17.84 -11.86
C VAL K 162 -36.46 -17.04 -10.85
N THR K 163 -35.99 -15.84 -10.52
CA THR K 163 -36.65 -14.98 -9.56
C THR K 163 -37.09 -13.69 -10.25
N ILE K 164 -38.37 -13.38 -10.14
CA ILE K 164 -38.93 -12.12 -10.63
C ILE K 164 -39.49 -11.37 -9.42
N GLU K 165 -39.02 -10.14 -9.22
CA GLU K 165 -39.34 -9.32 -8.05
C GLU K 165 -39.03 -10.09 -6.76
N ASP K 166 -40.06 -10.70 -6.17
CA ASP K 166 -39.88 -11.56 -5.01
C ASP K 166 -40.50 -12.94 -5.19
N LYS K 167 -41.15 -13.20 -6.31
CA LYS K 167 -41.78 -14.50 -6.56
C LYS K 167 -40.71 -15.47 -7.03
N GLU K 168 -40.33 -16.41 -6.17
CA GLU K 168 -39.30 -17.39 -6.49
C GLU K 168 -39.98 -18.64 -7.04
N TYR K 169 -39.77 -18.92 -8.31
CA TYR K 169 -40.42 -20.03 -8.99
C TYR K 169 -39.73 -21.35 -8.62
N PRO K 170 -40.45 -22.47 -8.72
CA PRO K 170 -39.83 -23.77 -8.42
C PRO K 170 -38.68 -24.08 -9.36
N SER K 171 -37.72 -24.84 -8.84
CA SER K 171 -36.47 -25.10 -9.54
C SER K 171 -36.69 -25.96 -10.78
N PHE K 172 -35.77 -25.84 -11.73
CA PHE K 172 -35.79 -26.59 -12.97
C PHE K 172 -34.89 -27.82 -12.83
N ASN K 173 -34.85 -28.62 -13.91
CA ASN K 173 -33.90 -29.72 -14.04
C ASN K 173 -33.49 -29.73 -15.52
N SER K 174 -32.40 -29.02 -15.83
CA SER K 174 -31.99 -28.83 -17.21
C SER K 174 -31.42 -30.09 -17.85
N LYS K 175 -31.08 -31.11 -17.06
CA LYS K 175 -30.58 -32.35 -17.64
C LYS K 175 -31.67 -33.06 -18.43
N SER K 176 -32.92 -32.99 -17.97
CA SER K 176 -34.00 -33.66 -18.66
C SER K 176 -34.39 -32.96 -19.95
N PHE K 177 -34.13 -31.66 -20.05
CA PHE K 177 -34.51 -30.89 -21.23
C PHE K 177 -33.53 -31.18 -22.36
N ASN K 178 -34.06 -31.65 -23.49
CA ASN K 178 -33.24 -31.86 -24.67
C ASN K 178 -32.82 -30.53 -25.28
N LEU K 179 -31.65 -30.52 -25.92
CA LEU K 179 -31.10 -29.32 -26.51
C LEU K 179 -31.48 -29.14 -27.97
N ASP K 180 -32.36 -30.01 -28.50
CA ASP K 180 -32.77 -29.93 -29.90
C ASP K 180 -34.24 -29.61 -30.09
N THR K 181 -35.08 -29.83 -29.09
CA THR K 181 -36.52 -29.58 -29.20
C THR K 181 -36.94 -28.54 -28.18
N PHE K 182 -38.00 -27.81 -28.51
CA PHE K 182 -38.56 -26.79 -27.65
C PHE K 182 -39.93 -27.25 -27.14
N VAL K 183 -40.10 -27.26 -25.82
CA VAL K 183 -41.35 -27.69 -25.22
C VAL K 183 -42.30 -26.50 -25.12
N GLU K 184 -43.60 -26.82 -25.06
CA GLU K 184 -44.63 -25.79 -24.94
C GLU K 184 -45.65 -26.11 -23.86
N ASP K 185 -45.37 -27.07 -22.99
CA ASP K 185 -46.36 -27.56 -22.03
C ASP K 185 -45.91 -27.45 -20.58
N ASN K 186 -44.71 -26.97 -20.31
CA ASN K 186 -44.28 -26.79 -18.92
C ASN K 186 -45.02 -25.61 -18.30
N ALA K 187 -45.47 -25.80 -17.06
CA ALA K 187 -46.29 -24.79 -16.40
C ALA K 187 -45.48 -23.54 -16.09
N THR K 188 -44.32 -23.71 -15.46
CA THR K 188 -43.50 -22.56 -15.10
C THR K 188 -42.95 -21.84 -16.33
N ILE K 189 -42.57 -22.61 -17.35
CA ILE K 189 -42.06 -22.03 -18.59
C ILE K 189 -43.12 -21.17 -19.25
N ASN K 190 -44.35 -21.69 -19.35
CA ASN K 190 -45.42 -20.92 -19.97
C ASN K 190 -45.80 -19.71 -19.12
N GLU K 191 -45.78 -19.87 -17.79
CA GLU K 191 -46.14 -18.76 -16.91
C GLU K 191 -45.14 -17.61 -17.04
N ILE K 192 -43.84 -17.92 -17.08
CA ILE K 192 -42.84 -16.87 -17.24
C ILE K 192 -42.89 -16.28 -18.64
N ALA K 193 -43.08 -17.13 -19.65
CA ALA K 193 -43.18 -16.65 -21.02
C ALA K 193 -44.38 -15.74 -21.23
N GLN K 194 -45.44 -15.92 -20.44
CA GLN K 194 -46.58 -15.00 -20.52
C GLN K 194 -46.17 -13.59 -20.14
N GLN K 195 -45.46 -13.44 -19.02
CA GLN K 195 -44.97 -12.12 -18.61
C GLN K 195 -43.99 -11.55 -19.62
N ILE K 196 -43.10 -12.41 -20.15
CA ILE K 196 -42.12 -11.93 -21.13
C ILE K 196 -42.81 -11.44 -22.40
N ALA K 197 -43.82 -12.18 -22.87
CA ALA K 197 -44.57 -11.76 -24.04
C ALA K 197 -45.35 -10.48 -23.79
N ASP K 198 -45.93 -10.34 -22.59
CA ASP K 198 -46.65 -9.11 -22.26
C ASP K 198 -45.70 -7.91 -22.25
N THR K 199 -44.49 -8.09 -21.72
CA THR K 199 -43.51 -7.01 -21.74
C THR K 199 -43.07 -6.69 -23.16
N PHE K 200 -42.88 -7.72 -23.99
CA PHE K 200 -42.45 -7.51 -25.37
C PHE K 200 -43.52 -6.78 -26.18
N ALA K 201 -44.79 -7.13 -25.98
CA ALA K 201 -45.86 -6.52 -26.78
C ALA K 201 -46.06 -5.05 -26.43
N GLY K 202 -45.92 -4.70 -25.15
CA GLY K 202 -46.08 -3.33 -24.74
C GLY K 202 -47.10 -3.14 -23.64
N LYS K 203 -47.72 -4.24 -23.20
CA LYS K 203 -48.69 -4.16 -22.10
C LYS K 203 -48.01 -3.76 -20.79
N ARG K 204 -46.74 -4.13 -20.63
CA ARG K 204 -45.90 -3.64 -19.55
C ARG K 204 -44.88 -2.66 -20.12
N GLU K 205 -43.98 -2.18 -19.27
CA GLU K 205 -42.97 -1.23 -19.70
C GLU K 205 -41.54 -1.66 -19.41
N TYR K 206 -41.33 -2.59 -18.49
CA TYR K 206 -40.00 -3.15 -18.19
C TYR K 206 -40.19 -4.40 -17.36
N LEU K 207 -39.24 -5.33 -17.49
CA LEU K 207 -39.26 -6.55 -16.69
C LEU K 207 -37.84 -6.88 -16.24
N ASN K 208 -37.72 -7.35 -15.00
CA ASN K 208 -36.44 -7.74 -14.43
C ASN K 208 -36.51 -9.21 -14.01
N ILE K 209 -35.53 -9.99 -14.46
CA ILE K 209 -35.47 -11.42 -14.17
C ILE K 209 -34.07 -11.73 -13.68
N TYR K 210 -33.97 -12.51 -12.60
CA TYR K 210 -32.68 -12.90 -12.03
C TYR K 210 -32.55 -14.41 -12.07
N VAL K 211 -31.42 -14.89 -12.60
CA VAL K 211 -31.19 -16.31 -12.83
C VAL K 211 -29.99 -16.75 -12.00
N THR K 212 -30.17 -17.85 -11.26
CA THR K 212 -29.12 -18.47 -10.46
C THR K 212 -29.06 -19.95 -10.83
N CYS K 213 -27.88 -20.43 -11.18
CA CYS K 213 -27.68 -21.80 -11.65
C CYS K 213 -26.67 -22.53 -10.77
N PHE K 214 -26.98 -23.77 -10.43
CA PHE K 214 -26.10 -24.65 -9.67
C PHE K 214 -25.70 -25.82 -10.54
N VAL K 215 -24.40 -26.05 -10.66
CA VAL K 215 -23.85 -27.13 -11.46
C VAL K 215 -22.95 -27.99 -10.58
N LYS K 216 -23.17 -29.29 -10.58
CA LYS K 216 -22.37 -30.23 -9.80
C LYS K 216 -21.40 -30.96 -10.73
N ILE K 217 -20.11 -30.82 -10.46
CA ILE K 217 -19.09 -31.46 -11.29
C ILE K 217 -18.07 -32.26 -10.49
N GLY K 218 -17.96 -32.07 -9.19
CA GLY K 218 -16.98 -32.78 -8.38
C GLY K 218 -15.96 -31.84 -7.77
N CYS K 219 -15.25 -32.37 -6.79
CA CYS K 219 -14.27 -31.59 -6.05
C CYS K 219 -13.04 -31.30 -6.91
N ALA K 220 -12.53 -30.08 -6.78
CA ALA K 220 -11.27 -29.63 -7.42
C ALA K 220 -11.32 -29.75 -8.94
N MET K 221 -12.51 -29.68 -9.52
CA MET K 221 -12.64 -29.78 -10.98
C MET K 221 -12.32 -28.42 -11.61
N GLU K 222 -12.54 -28.31 -12.92
CA GLU K 222 -12.18 -27.13 -13.67
C GLU K 222 -13.44 -26.41 -14.17
N VAL K 223 -13.41 -25.08 -14.11
CA VAL K 223 -14.46 -24.25 -14.69
C VAL K 223 -13.85 -23.48 -15.85
N TYR K 224 -14.72 -23.00 -16.73
CA TYR K 224 -14.31 -22.38 -17.99
C TYR K 224 -14.98 -21.03 -18.15
N PRO K 225 -14.42 -19.98 -17.55
CA PRO K 225 -14.94 -18.63 -17.78
C PRO K 225 -14.54 -18.12 -19.16
N SER K 226 -15.08 -16.96 -19.51
CA SER K 226 -14.82 -16.38 -20.82
C SER K 226 -13.36 -15.93 -20.93
N GLN K 227 -12.82 -16.01 -22.14
CA GLN K 227 -11.45 -15.66 -22.42
C GLN K 227 -11.39 -14.32 -23.12
N GLU K 228 -10.57 -13.41 -22.61
CA GLU K 228 -10.44 -12.08 -23.19
C GLU K 228 -9.77 -12.14 -24.55
N MET K 229 -10.12 -11.18 -25.40
CA MET K 229 -9.53 -11.06 -26.73
C MET K 229 -8.38 -10.06 -26.68
N THR K 230 -7.23 -10.48 -27.19
CA THR K 230 -6.02 -9.66 -27.19
C THR K 230 -5.55 -9.42 -28.61
N PHE K 231 -5.01 -8.24 -28.84
CA PHE K 231 -4.52 -7.83 -30.16
C PHE K 231 -3.01 -7.95 -30.20
N ASP K 232 -2.41 -7.45 -31.29
CA ASP K 232 -0.97 -7.60 -31.49
C ASP K 232 -0.16 -6.81 -30.46
N ASP K 233 -0.62 -5.61 -30.11
CA ASP K 233 0.14 -4.76 -29.19
C ASP K 233 0.10 -5.30 -27.77
N ASP K 234 -0.93 -6.06 -27.42
CA ASP K 234 -1.06 -6.57 -26.06
C ASP K 234 -0.05 -7.69 -25.81
N ASP K 235 0.06 -8.07 -24.53
CA ASP K 235 0.97 -9.14 -24.14
C ASP K 235 0.49 -10.47 -24.70
N LYS K 236 1.45 -11.37 -24.94
CA LYS K 236 1.16 -12.66 -25.56
C LYS K 236 0.77 -13.67 -24.49
N GLY K 237 -0.37 -14.32 -24.67
CA GLY K 237 -0.81 -15.34 -23.75
C GLY K 237 -2.29 -15.36 -23.49
N LYS K 238 -2.77 -16.40 -22.80
CA LYS K 238 -4.19 -16.53 -22.49
C LYS K 238 -4.54 -15.64 -21.30
N LYS K 239 -5.64 -14.90 -21.43
CA LYS K 239 -6.15 -14.06 -20.36
C LYS K 239 -7.62 -14.37 -20.13
N LEU K 240 -7.99 -14.64 -18.89
CA LEU K 240 -9.37 -14.94 -18.52
C LEU K 240 -10.08 -13.68 -18.06
N PHE K 241 -11.41 -13.74 -18.07
CA PHE K 241 -12.25 -12.58 -17.74
C PHE K 241 -12.46 -12.51 -16.23
N LYS K 242 -12.09 -11.38 -15.64
CA LYS K 242 -12.27 -11.13 -14.23
C LYS K 242 -13.38 -10.10 -14.04
N PHE K 243 -14.34 -10.41 -13.17
CA PHE K 243 -15.45 -9.52 -12.87
C PHE K 243 -15.51 -9.31 -11.36
N GLU K 244 -15.15 -8.11 -10.92
CA GLU K 244 -15.12 -7.75 -9.49
C GLU K 244 -14.23 -8.70 -8.69
N GLY K 245 -13.11 -9.08 -9.28
CA GLY K 245 -12.18 -10.01 -8.64
C GLY K 245 -12.41 -11.47 -8.97
N SER K 246 -13.66 -11.91 -8.88
CA SER K 246 -14.01 -13.28 -9.20
C SER K 246 -14.12 -13.47 -10.71
N ALA K 247 -14.13 -14.74 -11.12
CA ALA K 247 -14.28 -15.06 -12.53
C ALA K 247 -15.72 -14.85 -12.97
N GLY K 248 -15.92 -14.80 -14.28
CA GLY K 248 -17.26 -14.58 -14.81
C GLY K 248 -17.28 -14.77 -16.31
N MET K 249 -18.46 -14.52 -16.89
CA MET K 249 -18.69 -14.68 -18.31
C MET K 249 -19.13 -13.35 -18.91
N HIS K 250 -18.83 -13.17 -20.20
CA HIS K 250 -19.23 -11.98 -20.91
C HIS K 250 -20.74 -11.94 -21.11
N SER K 251 -21.28 -10.71 -21.23
CA SER K 251 -22.70 -10.56 -21.49
C SER K 251 -23.10 -11.11 -22.84
N GLN K 252 -22.30 -10.83 -23.87
CA GLN K 252 -22.63 -11.30 -25.22
C GLN K 252 -22.41 -12.80 -25.39
N LYS K 253 -21.57 -13.41 -24.55
CA LYS K 253 -21.44 -14.86 -24.56
C LYS K 253 -22.73 -15.52 -24.08
N ILE K 254 -23.34 -14.96 -23.03
CA ILE K 254 -24.61 -15.49 -22.55
C ILE K 254 -25.73 -15.18 -23.54
N ASN K 255 -25.70 -13.99 -24.14
CA ASN K 255 -26.75 -13.60 -25.08
C ASN K 255 -26.73 -14.45 -26.35
N ASN K 256 -25.57 -14.98 -26.72
CA ASN K 256 -25.51 -15.87 -27.88
C ASN K 256 -26.21 -17.19 -27.61
N ALA K 257 -26.18 -17.67 -26.37
CA ALA K 257 -26.86 -18.90 -26.03
C ALA K 257 -28.37 -18.72 -25.91
N LEU K 258 -28.82 -17.56 -25.47
CA LEU K 258 -30.25 -17.34 -25.30
C LEU K 258 -30.99 -17.28 -26.62
N ARG K 259 -30.40 -16.63 -27.63
CA ARG K 259 -31.07 -16.44 -28.91
C ARG K 259 -30.76 -17.55 -29.91
N THR K 260 -30.45 -18.75 -29.44
CA THR K 260 -30.30 -19.91 -30.33
C THR K 260 -31.66 -20.58 -30.51
N ILE K 261 -32.53 -19.88 -31.24
CA ILE K 261 -33.91 -20.28 -31.41
C ILE K 261 -34.31 -20.45 -32.87
N ASP K 262 -33.42 -20.12 -33.82
CA ASP K 262 -33.79 -20.11 -35.23
C ASP K 262 -33.86 -21.54 -35.75
N THR K 263 -35.08 -22.00 -36.03
CA THR K 263 -35.32 -23.31 -36.64
C THR K 263 -36.11 -23.18 -37.94
N TRP K 264 -36.13 -22.01 -38.54
CA TRP K 264 -36.96 -21.75 -39.72
C TRP K 264 -36.14 -21.47 -40.96
N TYR K 265 -34.84 -21.72 -40.93
CA TYR K 265 -33.99 -21.50 -42.09
C TYR K 265 -34.25 -22.59 -43.13
N PRO K 266 -33.94 -22.32 -44.40
CA PRO K 266 -34.02 -23.38 -45.41
C PRO K 266 -32.99 -24.47 -45.14
N ASP K 267 -33.31 -25.67 -45.64
CA ASP K 267 -32.53 -26.89 -45.39
C ASP K 267 -32.44 -27.20 -43.90
N TYR K 268 -33.53 -26.94 -43.18
CA TYR K 268 -33.56 -27.22 -41.75
C TYR K 268 -33.73 -28.72 -41.48
N THR K 269 -34.53 -29.41 -42.31
CA THR K 269 -34.78 -30.82 -42.08
C THR K 269 -33.53 -31.66 -42.30
N THR K 270 -32.59 -31.19 -43.13
CA THR K 270 -31.37 -31.94 -43.38
C THR K 270 -30.47 -31.97 -42.15
N TYR K 271 -30.36 -30.85 -41.44
CA TYR K 271 -29.45 -30.73 -40.32
C TYR K 271 -30.12 -30.90 -38.97
N GLU K 272 -31.30 -30.30 -38.79
CA GLU K 272 -32.18 -30.54 -37.64
C GLU K 272 -31.53 -30.13 -36.31
N PHE K 273 -31.19 -28.84 -36.22
CA PHE K 273 -30.81 -28.24 -34.94
C PHE K 273 -30.99 -26.73 -35.05
N PRO K 274 -31.29 -26.04 -33.95
CA PRO K 274 -31.39 -24.59 -33.99
C PRO K 274 -30.04 -23.92 -34.14
N ILE K 275 -30.08 -22.68 -34.63
CA ILE K 275 -28.88 -21.87 -34.79
C ILE K 275 -29.13 -20.51 -34.15
N PRO K 276 -28.11 -19.78 -33.70
CA PRO K 276 -28.33 -18.41 -33.21
C PRO K 276 -28.83 -17.50 -34.32
N VAL K 277 -29.65 -16.52 -33.93
CA VAL K 277 -30.32 -15.63 -34.87
C VAL K 277 -29.28 -14.62 -35.37
N GLU K 278 -28.77 -14.84 -36.57
CA GLU K 278 -27.81 -13.95 -37.20
C GLU K 278 -28.46 -13.23 -38.38
N ASN K 279 -27.74 -12.23 -38.90
CA ASN K 279 -28.24 -11.50 -40.07
C ASN K 279 -28.28 -12.38 -41.31
N TYR K 280 -27.18 -13.06 -41.61
CA TYR K 280 -27.09 -13.95 -42.75
C TYR K 280 -27.28 -15.42 -42.38
N GLY K 281 -27.63 -15.70 -41.14
CA GLY K 281 -27.85 -17.08 -40.72
C GLY K 281 -26.58 -17.88 -40.58
N ALA K 282 -25.43 -17.24 -40.42
CA ALA K 282 -24.17 -17.96 -40.27
C ALA K 282 -24.12 -18.66 -38.93
N ALA K 283 -23.55 -19.86 -38.92
CA ALA K 283 -23.39 -20.67 -37.71
C ALA K 283 -21.97 -21.18 -37.67
N ARG K 284 -21.21 -20.74 -36.65
CA ARG K 284 -19.82 -21.13 -36.54
C ARG K 284 -19.63 -22.52 -35.95
N SER K 285 -20.69 -23.12 -35.40
CA SER K 285 -20.58 -24.48 -34.87
C SER K 285 -20.32 -25.48 -35.99
N ILE K 286 -21.00 -25.34 -37.12
CA ILE K 286 -20.80 -26.23 -38.26
C ILE K 286 -20.14 -25.54 -39.44
N GLY K 287 -20.00 -24.22 -39.41
CA GLY K 287 -19.34 -23.50 -40.49
C GLY K 287 -20.06 -23.52 -41.82
N ILE K 288 -21.38 -23.35 -41.82
CA ILE K 288 -22.16 -23.30 -43.05
C ILE K 288 -23.14 -22.14 -42.98
N PRO K 289 -23.12 -21.20 -43.92
CA PRO K 289 -24.16 -20.17 -43.96
C PRO K 289 -25.51 -20.78 -44.32
N PHE K 290 -26.57 -20.21 -43.75
CA PHE K 290 -27.89 -20.76 -43.90
C PHE K 290 -28.92 -19.81 -44.49
N ARG K 291 -28.66 -18.51 -44.53
CA ARG K 291 -29.52 -17.52 -45.18
C ARG K 291 -28.66 -16.62 -46.06
N PRO K 292 -28.08 -17.17 -47.14
CA PRO K 292 -27.16 -16.36 -47.95
C PRO K 292 -27.83 -15.23 -48.71
N ASP K 293 -28.80 -15.55 -49.58
CA ASP K 293 -29.44 -14.53 -50.40
C ASP K 293 -30.95 -14.44 -50.21
N THR K 294 -31.67 -15.55 -50.36
CA THR K 294 -33.12 -15.48 -50.47
C THR K 294 -33.80 -15.21 -49.12
N LYS K 295 -33.34 -15.88 -48.06
CA LYS K 295 -33.93 -15.72 -46.74
C LYS K 295 -33.10 -14.84 -45.83
N SER K 296 -32.23 -14.01 -46.40
CA SER K 296 -31.48 -13.04 -45.62
C SER K 296 -32.43 -11.98 -45.04
N PHE K 297 -32.03 -11.40 -43.91
CA PHE K 297 -32.86 -10.40 -43.25
C PHE K 297 -33.02 -9.16 -44.11
N TYR K 298 -31.96 -8.76 -44.82
CA TYR K 298 -32.04 -7.57 -45.66
C TYR K 298 -33.04 -7.76 -46.79
N LYS K 299 -33.04 -8.93 -47.43
CA LYS K 299 -34.00 -9.20 -48.49
C LYS K 299 -35.40 -9.43 -47.94
N LEU K 300 -35.52 -10.01 -46.74
CA LEU K 300 -36.83 -10.29 -46.18
C LEU K 300 -37.55 -9.02 -45.76
N ILE K 301 -36.84 -8.10 -45.11
CA ILE K 301 -37.48 -6.87 -44.66
C ILE K 301 -37.70 -5.89 -45.80
N ASP K 302 -37.03 -6.08 -46.94
CA ASP K 302 -37.31 -5.25 -48.11
C ASP K 302 -38.61 -5.64 -48.78
N ARG K 303 -39.08 -6.86 -48.56
CA ARG K 303 -40.39 -7.28 -49.05
C ARG K 303 -41.49 -7.02 -48.04
N MET K 304 -41.16 -6.97 -46.75
CA MET K 304 -42.17 -6.71 -45.73
C MET K 304 -42.64 -5.26 -45.76
N ILE K 305 -41.74 -4.33 -46.06
CA ILE K 305 -42.02 -2.90 -45.94
C ILE K 305 -42.19 -2.25 -47.32
N LEU K 306 -41.17 -2.35 -48.16
CA LEU K 306 -41.17 -1.61 -49.43
C LEU K 306 -42.22 -2.16 -50.38
N LYS K 307 -42.25 -3.48 -50.58
CA LYS K 307 -43.23 -4.09 -51.47
C LYS K 307 -44.57 -4.32 -50.79
N ASN K 308 -44.61 -4.26 -49.46
CA ASN K 308 -45.83 -4.50 -48.66
C ASN K 308 -46.45 -5.85 -48.99
N GLU K 309 -45.59 -6.85 -49.21
CA GLU K 309 -46.03 -8.20 -49.53
C GLU K 309 -46.09 -9.03 -48.24
N ASP K 310 -47.21 -9.73 -48.03
CA ASP K 310 -47.35 -10.55 -46.85
C ASP K 310 -46.41 -11.75 -46.91
N LEU K 311 -45.89 -12.14 -45.76
CA LEU K 311 -44.95 -13.24 -45.62
C LEU K 311 -45.55 -14.37 -44.79
N PRO K 312 -45.03 -15.59 -44.91
CA PRO K 312 -45.41 -16.64 -43.97
C PRO K 312 -44.98 -16.29 -42.56
N ILE K 313 -45.65 -16.90 -41.59
CA ILE K 313 -45.45 -16.58 -40.18
C ILE K 313 -44.03 -16.90 -39.72
N GLU K 314 -43.34 -17.83 -40.39
CA GLU K 314 -41.97 -18.15 -40.03
C GLU K 314 -41.04 -16.97 -40.31
N ASP K 315 -41.23 -16.31 -41.46
CA ASP K 315 -40.42 -15.14 -41.78
C ASP K 315 -40.71 -14.00 -40.80
N LYS K 316 -41.96 -13.83 -40.39
CA LYS K 316 -42.28 -12.83 -39.38
C LYS K 316 -41.60 -13.17 -38.05
N HIS K 317 -41.58 -14.44 -37.68
CA HIS K 317 -40.87 -14.87 -36.47
C HIS K 317 -39.40 -14.51 -36.54
N TYR K 318 -38.76 -14.83 -37.67
CA TYR K 318 -37.33 -14.54 -37.82
C TYR K 318 -37.05 -13.05 -37.82
N VAL K 319 -37.90 -12.27 -38.50
CA VAL K 319 -37.70 -10.82 -38.56
C VAL K 319 -37.85 -10.19 -37.18
N MET K 320 -38.88 -10.61 -36.43
CA MET K 320 -39.04 -10.08 -35.08
C MET K 320 -37.92 -10.52 -34.15
N ALA K 321 -37.41 -11.74 -34.33
CA ALA K 321 -36.27 -12.20 -33.54
C ALA K 321 -35.03 -11.36 -33.83
N ILE K 322 -34.81 -11.01 -35.10
CA ILE K 322 -33.69 -10.14 -35.45
C ILE K 322 -33.88 -8.75 -34.83
N LEU K 323 -35.10 -8.20 -34.96
CA LEU K 323 -35.39 -6.87 -34.43
C LEU K 323 -35.30 -6.81 -32.91
N ILE K 324 -35.47 -7.95 -32.23
CA ILE K 324 -35.21 -7.98 -30.79
C ILE K 324 -33.73 -7.70 -30.51
N ARG K 325 -32.85 -8.32 -31.30
CA ARG K 325 -31.41 -8.12 -31.10
C ARG K 325 -30.99 -6.71 -31.49
N GLY K 326 -31.42 -6.24 -32.65
CA GLY K 326 -31.08 -4.91 -33.12
C GLY K 326 -29.75 -4.87 -33.83
N GLY K 327 -29.49 -3.73 -34.47
CA GLY K 327 -28.24 -3.56 -35.19
C GLY K 327 -28.26 -2.31 -36.04
N MET K 328 -27.35 -2.28 -37.01
CA MET K 328 -27.15 -1.14 -37.91
C MET K 328 -27.75 -1.48 -39.28
N PHE K 329 -29.02 -1.18 -39.45
CA PHE K 329 -29.71 -1.44 -40.72
C PHE K 329 -29.80 -0.16 -41.55
N SER K 330 -28.63 0.35 -41.92
CA SER K 330 -28.54 1.62 -42.63
C SER K 330 -28.55 1.38 -44.15
N LYS K 331 -28.27 2.43 -44.91
CA LYS K 331 -28.28 2.36 -46.37
C LYS K 331 -27.16 3.25 -46.90
N LYS K 332 -26.65 2.91 -48.08
CA LYS K 332 -25.50 3.60 -48.65
C LYS K 332 -25.94 4.84 -49.45
N GLN K 333 -26.74 5.68 -48.80
CA GLN K 333 -27.03 7.06 -49.24
C GLN K 333 -27.60 7.10 -50.66
N GLU K 334 -28.76 6.48 -50.82
CA GLU K 334 -29.42 6.45 -52.13
C GLU K 334 -30.02 7.81 -52.46
#